data_6V35
#
_entry.id   6V35
#
_cell.length_a   1.00
_cell.length_b   1.00
_cell.length_c   1.00
_cell.angle_alpha   90.00
_cell.angle_beta   90.00
_cell.angle_gamma   90.00
#
_symmetry.space_group_name_H-M   'P 1'
#
loop_
_entity.id
_entity.type
_entity.pdbx_description
1 polymer 'Calcium-activated potassium channel subunit alpha-1'
2 polymer 'Calcium-activated potassium channel subunit beta-4'
3 non-polymer '(1R)-2-{[(S)-{[(2S)-2,3-dihydroxypropyl]oxy}(hydroxy)phosphoryl]oxy}-1-[(hexadecanoyloxy)methyl]ethyl (9Z)-octadec-9-enoate'
4 non-polymer CHOLESTEROL
5 non-polymer 2-acetamido-2-deoxy-beta-D-glucopyranose
#
loop_
_entity_poly.entity_id
_entity_poly.type
_entity_poly.pdbx_seq_one_letter_code
_entity_poly.pdbx_strand_id
1 'polypeptide(L)'
;MDALIIPVTMEVPCDSRGQRMWWAFLASSMVTFFGGLFIILLWRTLKYLWTVCCHCGGKTKEAQKINNGSSQADGTLKPV
DEKEEAVAAEVGWMTSVKDWAGVMISAQTLTGRVLVVLVFALSIGALVIYFIDSSNPIESCQNFYKDFTLQIDMAFNVFF
LLYFGLRFIAANDKLWFWLEVNSVVDFFTVPPVFVSVYLNRSWLGLRFLRALRLIQFSEILQFLNILKTSNSIKLVNLLS
IFISTWLTAAGFIHLVENSGDPWENFQNNQALTYWECVYLLMVTMSTVGYGDVYAKTTLGRLFMVFFILGGLAMFASYVP
EIIELIGNRKKYGGSYSAVSGRKHIVVCGHITLESVSNFLKDFLHKDRDDVNVEIVFLHNISPNLELEALFKRHFTQVEF
YQGSVLNPHDLARVKIESADACLILANKYCADPDAEDASNIMRVISIKNYHPKIRIITQMLQYHNKAHLLNIPSWNWKEG
DDAICLAELKLGFIAQSCLAQGLSTMLANLFSMRSFIKIEEDTWQKYYLEGVSNEMYTEYLSSAFVGLSFPTVCELCFVK
LKLLMIAIEYKSANRESRILINPGNHLKIQEGTLGFFIASDAKEVKRAFFYCKACHDDITDPKRIKKCGCKRLEDEQPST
LSPKKKQRNGGMRNSPNTSPKLMRHDPLLIPGNDQIDNMDSNVKKYDSTGMFHWCAPKEIEKVILTRSEAAMTVLSGHVV
VCIFGDVSSALIGLRNLVMPLRASNFHYHELKHIVFVGSIEYLKREWETLHNFPKVSILPGTPLSRADLRAVNINLCDMC
VILSANQNNIDDTSLQDKECILASLNIKSMQFDDSIGVLQANSQGFTPPGMDRSSPDNSPVHGMLRQPSITTGVNIPIIT
ELVNDTNVQFLDQDDDDDPDTELYLTQPFACGTAFAVSVLDSLMSATYFNDNILTLIRTLVTGGATPELEALIAEENALR
GGYSTPQTLANRDRCRVAQLALLDGPFADLGDGGCYGDLFCKALKTYNMLCFGIYRLRDAHLSTPSQCTKRYVITNPPYE
FELVPTDLIFCLMQFDSNSLEVLFQ
;
A,B,C,D
2 'polypeptide(L)'
;MAKLRVAYEYTEAEDKSIRLGLFLIISGVVSLFIFGFCWLSPALQDLQATEANCTVLSVQQIGEVFECTFTCGADCRGTS
QYPCVQVYVNNSESNSRALLHSDEHQLLTNPKCSYIPPCKRENQKNLESVMNWQQYWKDEIGSQPFTCYFNQHQRPDDVL
LHRTHDEIVLLHCFLWPLVTFVVGVLIVVLTICAKSLAVKAEAMKKRKFSSNSLEVLFQ
;
E,F,G,H
#
# COMPACT_ATOMS: atom_id res chain seq x y z
N GLN A 19 63.72 -6.23 18.28
CA GLN A 19 62.90 -5.12 18.79
C GLN A 19 61.49 -5.20 18.21
N ARG A 20 60.67 -4.21 18.55
CA ARG A 20 59.29 -4.18 18.09
C ARG A 20 59.22 -3.82 16.61
N MET A 21 59.23 -4.84 15.76
CA MET A 21 59.24 -4.66 14.31
C MET A 21 57.87 -4.93 13.72
N TRP A 22 56.82 -4.54 14.43
CA TRP A 22 55.44 -4.65 13.95
C TRP A 22 55.20 -3.80 12.73
N TRP A 23 55.98 -2.74 12.57
CA TRP A 23 55.73 -1.73 11.56
C TRP A 23 56.04 -2.22 10.16
N ALA A 24 56.98 -3.16 10.04
CA ALA A 24 57.45 -3.59 8.74
C ALA A 24 56.40 -4.40 7.99
N PHE A 25 55.49 -5.05 8.72
CA PHE A 25 54.43 -5.82 8.10
C PHE A 25 53.46 -4.91 7.36
N LEU A 26 52.95 -3.91 8.07
CA LEU A 26 52.03 -2.94 7.47
C LEU A 26 52.73 -2.14 6.39
N ALA A 27 54.02 -1.83 6.60
CA ALA A 27 54.80 -1.13 5.59
C ALA A 27 54.93 -1.98 4.32
N SER A 28 55.15 -3.29 4.48
CA SER A 28 55.27 -4.18 3.34
C SER A 28 53.96 -4.29 2.59
N SER A 29 52.85 -4.41 3.31
CA SER A 29 51.56 -4.53 2.67
C SER A 29 51.16 -3.25 1.93
N MET A 30 51.43 -2.10 2.53
CA MET A 30 51.02 -0.85 1.89
C MET A 30 51.94 -0.49 0.73
N VAL A 31 53.25 -0.77 0.84
CA VAL A 31 54.14 -0.58 -0.29
C VAL A 31 53.82 -1.57 -1.40
N THR A 32 53.33 -2.76 -1.04
CA THR A 32 52.82 -3.67 -2.05
C THR A 32 51.55 -3.12 -2.69
N PHE A 33 50.79 -2.30 -1.95
CA PHE A 33 49.56 -1.78 -2.52
C PHE A 33 49.82 -0.61 -3.45
N PHE A 34 50.35 0.49 -2.92
CA PHE A 34 50.47 1.69 -3.72
C PHE A 34 51.68 1.65 -4.65
N GLY A 35 52.67 0.79 -4.36
CA GLY A 35 53.68 0.52 -5.36
C GLY A 35 53.08 -0.23 -6.53
N GLY A 36 52.34 -1.30 -6.25
CA GLY A 36 51.72 -2.07 -7.31
C GLY A 36 50.59 -1.34 -8.00
N LEU A 37 49.98 -0.36 -7.33
CA LEU A 37 48.95 0.45 -7.97
C LEU A 37 49.57 1.43 -8.96
N PHE A 38 50.70 2.03 -8.60
CA PHE A 38 51.34 3.00 -9.48
C PHE A 38 51.93 2.33 -10.71
N ILE A 39 52.38 1.08 -10.57
CA ILE A 39 52.92 0.34 -11.71
C ILE A 39 51.83 0.11 -12.75
N ILE A 40 50.61 -0.19 -12.30
CA ILE A 40 49.49 -0.37 -13.23
C ILE A 40 49.13 0.95 -13.90
N LEU A 41 49.23 2.06 -13.16
CA LEU A 41 48.92 3.36 -13.75
C LEU A 41 50.00 3.81 -14.72
N LEU A 42 51.27 3.64 -14.36
CA LEU A 42 52.34 4.11 -15.22
C LEU A 42 52.52 3.21 -16.43
N TRP A 43 52.23 1.92 -16.32
CA TRP A 43 52.22 1.07 -17.49
C TRP A 43 51.06 1.42 -18.41
N ARG A 44 49.95 1.89 -17.85
CA ARG A 44 48.90 2.46 -18.67
C ARG A 44 49.13 3.92 -18.98
N THR A 45 50.20 4.52 -18.44
CA THR A 45 50.59 5.84 -18.90
C THR A 45 51.55 5.74 -20.09
N LEU A 46 52.59 4.93 -19.95
CA LEU A 46 53.62 4.85 -20.97
C LEU A 46 53.13 4.15 -22.24
N LYS A 47 52.16 3.25 -22.10
CA LYS A 47 51.54 2.64 -23.27
C LYS A 47 50.75 3.67 -24.07
N TYR A 48 50.17 4.66 -23.38
CA TYR A 48 49.48 5.75 -24.06
C TYR A 48 50.31 7.02 -24.12
N LEU A 49 51.59 6.95 -23.81
CA LEU A 49 52.52 8.05 -24.05
C LEU A 49 53.50 7.75 -25.17
N TRP A 50 53.93 6.50 -25.30
CA TRP A 50 54.74 6.08 -26.43
C TRP A 50 53.94 6.10 -27.73
N THR A 51 52.62 6.01 -27.65
CA THR A 51 51.78 6.14 -28.83
C THR A 51 51.73 7.58 -29.32
N VAL A 52 51.94 8.54 -28.40
CA VAL A 52 51.84 9.96 -28.76
C VAL A 52 53.00 10.38 -29.66
N CYS A 53 54.22 10.02 -29.28
CA CYS A 53 55.39 10.39 -30.06
C CYS A 53 55.47 9.58 -31.36
N TRP A 93 54.26 -13.84 -26.20
CA TRP A 93 53.25 -14.89 -26.07
C TRP A 93 52.36 -14.58 -24.86
N MET A 94 51.64 -13.47 -24.96
CA MET A 94 50.65 -13.06 -23.96
C MET A 94 49.26 -13.59 -24.29
N THR A 95 49.15 -14.47 -25.28
CA THR A 95 47.85 -14.94 -25.75
C THR A 95 47.32 -16.11 -24.93
N SER A 96 48.05 -17.21 -24.88
CA SER A 96 47.58 -18.41 -24.18
C SER A 96 47.76 -18.30 -22.68
N VAL A 97 48.46 -17.27 -22.20
CA VAL A 97 48.70 -17.12 -20.77
C VAL A 97 47.43 -16.78 -20.01
N LYS A 98 46.41 -16.25 -20.70
CA LYS A 98 45.08 -16.09 -20.14
C LYS A 98 44.21 -17.33 -20.36
N ASP A 99 44.81 -18.46 -20.73
CA ASP A 99 44.07 -19.66 -21.04
C ASP A 99 44.58 -20.89 -20.29
N TRP A 100 45.88 -20.93 -20.01
CA TRP A 100 46.43 -21.89 -19.03
C TRP A 100 45.61 -21.82 -17.74
N ALA A 101 45.60 -20.66 -17.08
CA ALA A 101 44.89 -20.53 -15.79
C ALA A 101 43.61 -19.70 -15.92
N GLY A 102 43.48 -18.91 -17.00
CA GLY A 102 42.30 -18.02 -17.10
C GLY A 102 41.02 -18.84 -17.13
N VAL A 103 41.00 -19.91 -17.92
CA VAL A 103 39.82 -20.81 -17.95
C VAL A 103 39.70 -21.47 -16.58
N MET A 104 40.83 -21.85 -15.99
CA MET A 104 40.81 -22.58 -14.68
C MET A 104 40.16 -21.69 -13.61
N ILE A 105 40.48 -20.39 -13.62
CA ILE A 105 39.91 -19.45 -12.61
C ILE A 105 38.38 -19.43 -12.75
N SER A 106 37.87 -19.53 -13.98
CA SER A 106 36.41 -19.43 -14.23
C SER A 106 35.66 -20.50 -13.42
N ALA A 107 34.55 -20.12 -12.81
CA ALA A 107 33.75 -21.06 -11.97
C ALA A 107 33.18 -22.19 -12.83
N GLN A 108 33.00 -21.95 -14.13
CA GLN A 108 32.37 -22.99 -15.00
C GLN A 108 33.22 -24.27 -14.96
N THR A 109 34.54 -24.14 -14.98
CA THR A 109 35.44 -25.32 -14.89
C THR A 109 35.25 -26.02 -13.54
N LEU A 110 35.19 -27.35 -13.53
CA LEU A 110 35.02 -28.10 -12.27
C LEU A 110 36.29 -27.99 -11.43
N THR A 111 37.44 -28.39 -11.99
CA THR A 111 38.72 -28.09 -11.34
C THR A 111 38.74 -26.67 -10.79
N GLY A 112 38.12 -25.73 -11.51
CA GLY A 112 38.04 -24.37 -11.01
C GLY A 112 37.17 -24.23 -9.79
N ARG A 113 36.02 -24.92 -9.79
CA ARG A 113 35.13 -24.91 -8.64
C ARG A 113 35.79 -25.57 -7.42
N VAL A 114 36.49 -26.69 -7.64
CA VAL A 114 37.20 -27.35 -6.55
C VAL A 114 38.33 -26.47 -6.04
N LEU A 115 38.97 -25.70 -6.93
CA LEU A 115 40.00 -24.76 -6.51
C LEU A 115 39.42 -23.65 -5.64
N VAL A 116 38.25 -23.13 -6.01
CA VAL A 116 37.58 -22.12 -5.21
C VAL A 116 37.17 -22.66 -3.85
N VAL A 117 36.66 -23.90 -3.82
CA VAL A 117 36.26 -24.51 -2.56
C VAL A 117 37.48 -24.76 -1.66
N LEU A 118 38.60 -25.17 -2.25
CA LEU A 118 39.81 -25.42 -1.46
C LEU A 118 40.40 -24.12 -0.93
N VAL A 119 40.39 -23.06 -1.73
CA VAL A 119 40.96 -21.80 -1.23
C VAL A 119 40.03 -21.19 -0.17
N PHE A 120 38.72 -21.46 -0.26
CA PHE A 120 37.82 -21.00 0.77
C PHE A 120 38.00 -21.78 2.07
N ALA A 121 38.20 -23.09 1.96
CA ALA A 121 38.41 -23.90 3.16
C ALA A 121 39.73 -23.56 3.82
N LEU A 122 40.77 -23.30 3.04
CA LEU A 122 42.03 -22.88 3.65
C LEU A 122 41.95 -21.46 4.19
N SER A 123 41.04 -20.64 3.65
CA SER A 123 40.80 -19.33 4.25
C SER A 123 40.16 -19.47 5.61
N ILE A 124 39.21 -20.40 5.74
CA ILE A 124 38.63 -20.71 7.05
C ILE A 124 39.70 -21.22 8.01
N GLY A 125 40.61 -22.05 7.50
CA GLY A 125 41.70 -22.54 8.34
C GLY A 125 42.63 -21.44 8.79
N ALA A 126 42.92 -20.47 7.92
CA ALA A 126 43.72 -19.32 8.30
C ALA A 126 43.01 -18.47 9.34
N LEU A 127 41.68 -18.37 9.23
CA LEU A 127 40.91 -17.65 10.24
C LEU A 127 40.96 -18.36 11.58
N VAL A 128 40.95 -19.69 11.56
CA VAL A 128 41.08 -20.45 12.80
C VAL A 128 42.47 -20.28 13.40
N ILE A 129 43.49 -20.16 12.55
CA ILE A 129 44.84 -19.86 13.02
C ILE A 129 44.89 -18.48 13.66
N TYR A 130 44.15 -17.53 13.10
CA TYR A 130 44.02 -16.22 13.74
C TYR A 130 43.33 -16.31 15.08
N PHE A 131 42.29 -17.14 15.18
CA PHE A 131 41.58 -17.31 16.45
C PHE A 131 42.47 -17.94 17.50
N ILE A 132 43.36 -18.82 17.07
CA ILE A 132 44.33 -19.41 18.01
C ILE A 132 45.34 -18.36 18.43
N ASP A 133 45.86 -17.60 17.48
CA ASP A 133 46.91 -16.61 17.76
C ASP A 133 46.39 -15.40 18.53
N SER A 134 45.08 -15.20 18.60
CA SER A 134 44.54 -14.11 19.38
C SER A 134 44.62 -14.34 20.90
N SER A 135 45.04 -15.53 21.34
CA SER A 135 45.21 -15.82 22.76
C SER A 135 46.67 -15.68 23.19
N ASN A 136 47.38 -14.72 22.62
CA ASN A 136 48.81 -14.55 22.80
C ASN A 136 49.13 -13.08 23.02
N PRO A 137 50.36 -12.72 23.43
CA PRO A 137 50.74 -11.29 23.42
C PRO A 137 50.97 -10.71 22.03
N ILE A 138 51.50 -9.49 21.98
CA ILE A 138 51.57 -8.72 20.74
C ILE A 138 52.49 -9.40 19.73
N GLU A 139 53.67 -9.82 20.17
CA GLU A 139 54.57 -10.56 19.30
C GLU A 139 55.49 -11.42 20.15
N SER A 140 56.13 -12.39 19.49
CA SER A 140 57.10 -13.27 20.13
C SER A 140 58.04 -13.81 19.08
N CYS A 141 59.24 -14.17 19.52
CA CYS A 141 60.30 -14.64 18.63
C CYS A 141 60.28 -16.16 18.54
N GLN A 142 60.35 -16.68 17.31
CA GLN A 142 60.32 -18.11 17.05
C GLN A 142 61.52 -18.48 16.19
N ASN A 143 61.76 -19.78 16.04
CA ASN A 143 62.62 -20.28 14.97
C ASN A 143 61.87 -21.24 14.06
N PHE A 144 61.34 -22.33 14.61
CA PHE A 144 60.74 -23.38 13.81
C PHE A 144 59.42 -23.88 14.36
N TYR A 145 59.16 -23.75 15.65
CA TYR A 145 57.96 -24.28 16.30
C TYR A 145 57.79 -23.62 17.66
N LYS A 146 56.60 -23.11 17.91
CA LYS A 146 56.16 -22.80 19.26
C LYS A 146 54.81 -23.41 19.56
N ASP A 147 53.91 -23.41 18.58
CA ASP A 147 52.64 -24.12 18.66
C ASP A 147 52.32 -24.73 17.29
N PHE A 148 53.37 -25.12 16.55
CA PHE A 148 53.34 -25.31 15.10
C PHE A 148 52.71 -24.11 14.40
N THR A 149 53.21 -22.93 14.78
CA THR A 149 52.45 -21.71 14.59
C THR A 149 52.49 -21.25 13.14
N LEU A 150 53.67 -20.88 12.65
CA LEU A 150 53.81 -20.36 11.30
C LEU A 150 54.04 -21.47 10.28
N GLN A 151 54.23 -22.71 10.74
CA GLN A 151 54.62 -23.80 9.85
C GLN A 151 53.49 -24.16 8.89
N ILE A 152 52.25 -24.03 9.33
CA ILE A 152 51.12 -24.35 8.47
C ILE A 152 50.62 -23.06 7.84
N ASP A 153 50.90 -21.94 8.51
CA ASP A 153 50.46 -20.64 8.02
C ASP A 153 51.22 -20.26 6.76
N MET A 154 52.51 -20.58 6.71
CA MET A 154 53.31 -20.33 5.51
C MET A 154 52.80 -21.15 4.34
N ALA A 155 52.38 -22.38 4.57
CA ALA A 155 51.84 -23.21 3.50
C ALA A 155 50.52 -22.67 2.97
N PHE A 156 49.62 -22.27 3.89
CA PHE A 156 48.34 -21.69 3.50
C PHE A 156 48.54 -20.40 2.71
N ASN A 157 49.51 -19.59 3.11
CA ASN A 157 49.70 -18.31 2.46
C ASN A 157 50.47 -18.44 1.15
N VAL A 158 51.31 -19.45 1.01
CA VAL A 158 51.92 -19.75 -0.28
C VAL A 158 50.85 -20.21 -1.27
N PHE A 159 49.91 -21.04 -0.80
CA PHE A 159 48.80 -21.42 -1.67
C PHE A 159 47.92 -20.22 -2.01
N PHE A 160 47.75 -19.29 -1.07
CA PHE A 160 46.99 -18.07 -1.35
C PHE A 160 47.70 -17.21 -2.37
N LEU A 161 49.02 -17.08 -2.25
CA LEU A 161 49.84 -16.36 -3.21
C LEU A 161 49.71 -16.95 -4.61
N LEU A 162 49.76 -18.28 -4.70
CA LEU A 162 49.55 -18.94 -5.98
C LEU A 162 48.13 -18.73 -6.49
N TYR A 163 47.16 -18.59 -5.60
CA TYR A 163 45.78 -18.46 -6.05
C TYR A 163 45.49 -17.07 -6.58
N PHE A 164 46.04 -16.02 -5.96
CA PHE A 164 45.84 -14.73 -6.63
C PHE A 164 46.97 -14.44 -7.59
N GLY A 165 47.88 -15.39 -7.79
CA GLY A 165 48.82 -15.27 -8.89
C GLY A 165 48.18 -15.61 -10.22
N LEU A 166 47.55 -16.78 -10.30
CA LEU A 166 47.08 -17.25 -11.60
C LEU A 166 45.79 -16.55 -12.03
N ARG A 167 45.13 -15.87 -11.10
CA ARG A 167 44.00 -15.04 -11.50
C ARG A 167 44.39 -13.58 -11.67
N PHE A 168 45.62 -13.22 -11.32
CA PHE A 168 46.12 -11.89 -11.68
C PHE A 168 46.37 -11.81 -13.17
N ILE A 169 46.83 -12.92 -13.76
CA ILE A 169 47.02 -12.96 -15.20
C ILE A 169 45.68 -13.15 -15.90
N ALA A 170 44.64 -13.56 -15.17
CA ALA A 170 43.30 -13.71 -15.72
C ALA A 170 42.53 -12.39 -15.74
N ALA A 171 43.19 -11.28 -15.46
CA ALA A 171 42.55 -9.97 -15.42
C ALA A 171 42.39 -9.44 -16.84
N ASN A 172 41.14 -9.32 -17.28
CA ASN A 172 40.89 -8.58 -18.50
C ASN A 172 41.21 -7.11 -18.33
N ASP A 173 41.01 -6.59 -17.12
CA ASP A 173 41.48 -5.26 -16.74
C ASP A 173 42.42 -5.44 -15.56
N LYS A 174 43.69 -5.11 -15.78
CA LYS A 174 44.71 -5.27 -14.75
C LYS A 174 44.47 -4.34 -13.57
N LEU A 175 43.77 -3.22 -13.78
CA LEU A 175 43.44 -2.32 -12.69
C LEU A 175 42.19 -2.75 -11.95
N TRP A 176 41.19 -3.27 -12.65
CA TRP A 176 39.93 -3.66 -12.02
C TRP A 176 40.14 -4.83 -11.07
N PHE A 177 41.02 -5.78 -11.43
CA PHE A 177 41.32 -6.87 -10.52
C PHE A 177 42.08 -6.38 -9.31
N TRP A 178 42.88 -5.34 -9.48
CA TRP A 178 43.70 -4.84 -8.38
C TRP A 178 42.85 -4.18 -7.30
N LEU A 179 41.66 -3.68 -7.64
CA LEU A 179 40.85 -2.97 -6.68
C LEU A 179 39.55 -3.68 -6.33
N GLU A 180 39.31 -4.87 -6.86
CA GLU A 180 38.26 -5.72 -6.31
C GLU A 180 38.69 -6.16 -4.93
N VAL A 181 37.79 -6.07 -3.96
CA VAL A 181 38.08 -6.56 -2.61
C VAL A 181 37.74 -8.06 -2.65
N ASN A 182 38.62 -8.81 -3.29
CA ASN A 182 38.73 -10.24 -3.13
C ASN A 182 40.17 -10.68 -3.13
N SER A 183 41.08 -9.83 -3.58
CA SER A 183 42.51 -9.96 -3.33
C SER A 183 43.01 -8.91 -2.36
N VAL A 184 42.21 -7.89 -2.06
CA VAL A 184 42.55 -6.95 -1.01
C VAL A 184 42.54 -7.65 0.34
N VAL A 185 41.57 -8.55 0.55
CA VAL A 185 41.61 -9.49 1.66
C VAL A 185 42.83 -10.39 1.57
N ASP A 186 43.16 -10.86 0.37
CA ASP A 186 44.31 -11.73 0.16
C ASP A 186 45.61 -10.95 0.05
N PHE A 187 45.62 -9.71 0.48
CA PHE A 187 46.67 -8.77 0.14
C PHE A 187 47.22 -8.01 1.32
N PHE A 188 46.44 -7.77 2.37
CA PHE A 188 46.97 -7.30 3.64
C PHE A 188 47.47 -8.43 4.51
N THR A 189 47.32 -9.68 4.07
CA THR A 189 47.69 -10.84 4.86
C THR A 189 49.01 -11.45 4.42
N VAL A 190 49.16 -11.71 3.13
CA VAL A 190 50.27 -12.52 2.61
C VAL A 190 51.63 -11.82 2.71
N PRO A 191 51.81 -10.54 2.36
CA PRO A 191 53.13 -9.92 2.58
C PRO A 191 53.53 -9.79 4.05
N PRO A 192 52.60 -9.55 5.01
CA PRO A 192 53.05 -9.69 6.40
C PRO A 192 53.42 -11.10 6.80
N VAL A 193 52.86 -12.13 6.17
CA VAL A 193 53.30 -13.50 6.46
C VAL A 193 54.70 -13.73 5.92
N PHE A 194 54.99 -13.16 4.75
CA PHE A 194 56.34 -13.28 4.20
C PHE A 194 57.36 -12.52 5.04
N VAL A 195 56.98 -11.36 5.56
CA VAL A 195 57.86 -10.64 6.48
C VAL A 195 58.02 -11.42 7.78
N SER A 196 56.96 -12.09 8.22
CA SER A 196 57.01 -12.86 9.45
C SER A 196 57.94 -14.06 9.34
N VAL A 197 57.94 -14.71 8.17
CA VAL A 197 58.86 -15.84 8.00
C VAL A 197 60.26 -15.34 7.66
N TYR A 198 60.39 -14.13 7.13
CA TYR A 198 61.71 -13.53 6.93
C TYR A 198 62.33 -13.09 8.25
N LEU A 199 61.51 -12.83 9.26
CA LEU A 199 62.00 -12.36 10.54
C LEU A 199 61.82 -13.35 11.67
N ASN A 200 61.12 -14.47 11.42
CA ASN A 200 60.91 -15.58 12.37
C ASN A 200 60.18 -15.12 13.63
N ARG A 201 59.35 -14.08 13.51
CA ARG A 201 58.50 -13.62 14.59
C ARG A 201 57.11 -13.43 14.02
N SER A 202 56.10 -13.50 14.88
CA SER A 202 54.72 -13.35 14.43
C SER A 202 54.20 -11.97 14.76
N TRP A 203 53.09 -11.61 14.10
CA TRP A 203 52.40 -10.39 14.47
C TRP A 203 50.91 -10.57 14.19
N LEU A 204 50.10 -10.19 15.17
CA LEU A 204 48.66 -10.37 15.11
C LEU A 204 48.03 -9.10 14.52
N GLY A 205 48.41 -8.82 13.29
CA GLY A 205 48.02 -7.56 12.70
C GLY A 205 46.68 -7.64 11.99
N LEU A 206 46.68 -7.32 10.70
CA LEU A 206 45.46 -7.34 9.90
C LEU A 206 45.19 -8.74 9.36
N ARG A 207 45.26 -9.74 10.24
CA ARG A 207 45.00 -11.10 9.83
C ARG A 207 43.53 -11.44 9.95
N PHE A 208 42.78 -10.63 10.70
CA PHE A 208 41.34 -10.80 10.82
C PHE A 208 40.60 -10.47 9.54
N LEU A 209 41.26 -9.80 8.58
CA LEU A 209 40.64 -9.49 7.30
C LEU A 209 40.38 -10.75 6.48
N ARG A 210 41.01 -11.87 6.82
CA ARG A 210 40.71 -13.15 6.20
C ARG A 210 39.26 -13.57 6.41
N ALA A 211 38.65 -13.13 7.51
CA ALA A 211 37.24 -13.38 7.76
C ALA A 211 36.34 -12.66 6.78
N LEU A 212 36.82 -11.62 6.12
CA LEU A 212 36.00 -10.95 5.11
C LEU A 212 35.81 -11.80 3.87
N ARG A 213 36.62 -12.84 3.67
CA ARG A 213 36.45 -13.74 2.55
C ARG A 213 35.29 -14.73 2.79
N LEU A 214 34.63 -14.67 3.94
CA LEU A 214 33.41 -15.45 4.16
C LEU A 214 32.23 -14.98 3.32
N ILE A 215 32.36 -13.89 2.57
CA ILE A 215 31.31 -13.42 1.69
C ILE A 215 31.04 -14.39 0.54
N GLN A 216 31.99 -15.27 0.22
CA GLN A 216 31.84 -16.25 -0.84
C GLN A 216 31.21 -17.55 -0.37
N PHE A 217 30.61 -17.55 0.82
CA PHE A 217 30.12 -18.79 1.40
C PHE A 217 28.90 -19.31 0.66
N SER A 218 28.01 -18.40 0.23
CA SER A 218 26.86 -18.81 -0.56
C SER A 218 27.29 -19.26 -1.94
N GLU A 219 28.36 -18.68 -2.48
CA GLU A 219 28.84 -19.08 -3.80
C GLU A 219 29.44 -20.47 -3.76
N ILE A 220 30.21 -20.79 -2.72
CA ILE A 220 30.78 -22.12 -2.66
C ILE A 220 29.73 -23.13 -2.23
N LEU A 221 28.74 -22.71 -1.43
CA LEU A 221 27.70 -23.62 -0.99
C LEU A 221 26.70 -23.91 -2.10
N GLN A 222 26.63 -23.02 -3.10
CA GLN A 222 25.86 -23.32 -4.30
C GLN A 222 26.54 -24.39 -5.13
N PHE A 223 27.88 -24.48 -5.06
CA PHE A 223 28.61 -25.44 -5.87
C PHE A 223 28.38 -26.87 -5.39
N LEU A 224 28.13 -27.06 -4.11
CA LEU A 224 27.94 -28.38 -3.55
C LEU A 224 26.49 -28.85 -3.62
N ASN A 225 25.65 -28.13 -4.38
CA ASN A 225 24.24 -28.45 -4.61
C ASN A 225 23.44 -28.50 -3.31
N ILE A 226 23.84 -27.71 -2.32
CA ILE A 226 23.13 -27.65 -1.06
C ILE A 226 21.99 -26.65 -1.13
N LEU A 227 22.23 -25.52 -1.80
CA LEU A 227 21.24 -24.48 -1.96
C LEU A 227 20.76 -24.46 -3.41
N LYS A 228 19.45 -24.55 -3.60
CA LYS A 228 18.85 -24.53 -4.93
C LYS A 228 17.65 -23.60 -4.95
N THR A 229 17.66 -22.58 -4.10
CA THR A 229 16.52 -21.70 -3.92
C THR A 229 17.03 -20.28 -3.79
N SER A 230 16.39 -19.35 -4.50
CA SER A 230 16.87 -17.97 -4.53
C SER A 230 16.66 -17.28 -3.20
N ASN A 231 15.61 -17.66 -2.47
CA ASN A 231 15.47 -17.20 -1.10
C ASN A 231 16.60 -17.71 -0.23
N SER A 232 17.02 -18.96 -0.45
CA SER A 232 18.12 -19.51 0.33
C SER A 232 19.44 -18.85 -0.02
N ILE A 233 19.66 -18.57 -1.31
CA ILE A 233 20.87 -17.87 -1.74
C ILE A 233 20.92 -16.47 -1.15
N LYS A 234 19.80 -15.76 -1.19
CA LYS A 234 19.77 -14.39 -0.66
C LYS A 234 19.92 -14.39 0.86
N LEU A 235 19.34 -15.40 1.53
CA LEU A 235 19.45 -15.49 2.98
C LEU A 235 20.87 -15.78 3.41
N VAL A 236 21.55 -16.71 2.72
CA VAL A 236 22.91 -17.03 3.09
C VAL A 236 23.84 -15.88 2.71
N ASN A 237 23.51 -15.12 1.67
CA ASN A 237 24.27 -13.90 1.38
C ASN A 237 24.15 -12.87 2.49
N LEU A 238 22.94 -12.69 3.02
CA LEU A 238 22.74 -11.73 4.11
C LEU A 238 23.45 -12.18 5.39
N LEU A 239 23.31 -13.46 5.74
CA LEU A 239 23.97 -13.95 6.94
C LEU A 239 25.49 -13.95 6.79
N SER A 240 25.98 -14.16 5.57
CA SER A 240 27.41 -14.17 5.35
C SER A 240 27.98 -12.76 5.43
N ILE A 241 27.30 -11.77 4.84
CA ILE A 241 27.82 -10.41 4.94
C ILE A 241 27.70 -9.90 6.37
N PHE A 242 26.68 -10.35 7.11
CA PHE A 242 26.54 -9.95 8.51
C PHE A 242 27.65 -10.53 9.37
N ILE A 243 27.90 -11.83 9.27
CA ILE A 243 28.92 -12.48 10.09
C ILE A 243 30.31 -12.00 9.69
N SER A 244 30.54 -11.78 8.40
CA SER A 244 31.85 -11.32 7.95
C SER A 244 32.13 -9.91 8.40
N THR A 245 31.15 -9.00 8.28
CA THR A 245 31.31 -7.64 8.77
C THR A 245 31.51 -7.61 10.27
N TRP A 246 30.78 -8.46 10.99
CA TRP A 246 30.86 -8.48 12.44
C TRP A 246 32.20 -8.99 12.94
N LEU A 247 32.70 -10.08 12.35
CA LEU A 247 34.00 -10.60 12.77
C LEU A 247 35.13 -9.69 12.33
N THR A 248 34.99 -9.03 11.18
CA THR A 248 36.04 -8.12 10.71
C THR A 248 36.14 -6.90 11.62
N ALA A 249 35.01 -6.30 11.95
CA ALA A 249 35.02 -5.14 12.83
C ALA A 249 35.46 -5.53 14.23
N ALA A 250 35.12 -6.75 14.68
CA ALA A 250 35.59 -7.22 15.97
C ALA A 250 37.11 -7.39 15.98
N GLY A 251 37.68 -7.91 14.89
CA GLY A 251 39.12 -7.97 14.79
C GLY A 251 39.79 -6.60 14.78
N PHE A 252 39.14 -5.62 14.14
CA PHE A 252 39.67 -4.27 14.09
C PHE A 252 39.74 -3.65 15.49
N ILE A 253 38.62 -3.66 16.20
CA ILE A 253 38.63 -3.01 17.51
C ILE A 253 39.35 -3.88 18.55
N HIS A 254 39.52 -5.17 18.28
CA HIS A 254 40.45 -5.98 19.06
C HIS A 254 41.87 -5.48 18.89
N LEU A 255 42.27 -5.22 17.65
CA LEU A 255 43.61 -4.73 17.35
C LEU A 255 43.84 -3.35 17.96
N VAL A 256 42.81 -2.52 17.98
CA VAL A 256 42.93 -1.21 18.60
C VAL A 256 43.08 -1.34 20.11
N GLU A 257 42.24 -2.16 20.74
CA GLU A 257 42.22 -2.20 22.19
C GLU A 257 43.35 -3.02 22.80
N ASN A 258 43.96 -3.93 22.04
CA ASN A 258 45.15 -4.61 22.57
C ASN A 258 46.30 -3.62 22.73
N SER A 259 46.49 -2.76 21.74
CA SER A 259 47.40 -1.66 21.88
C SER A 259 46.72 -0.54 22.67
N GLY A 260 47.45 0.56 22.86
CA GLY A 260 46.91 1.71 23.53
C GLY A 260 46.78 2.90 22.60
N ASP A 261 46.28 3.99 23.16
CA ASP A 261 46.36 5.26 22.50
C ASP A 261 47.82 5.66 22.39
N PRO A 262 48.35 5.90 21.19
CA PRO A 262 49.80 6.10 21.06
C PRO A 262 50.27 7.42 21.63
N TRP A 263 49.42 8.44 21.68
CA TRP A 263 49.77 9.65 22.40
C TRP A 263 49.76 9.44 23.91
N GLU A 264 49.09 8.40 24.39
CA GLU A 264 49.21 7.96 25.76
C GLU A 264 50.34 6.95 25.94
N ASN A 265 51.20 6.81 24.92
CA ASN A 265 52.39 5.96 24.93
C ASN A 265 52.03 4.50 25.18
N PHE A 266 50.89 4.08 24.62
CA PHE A 266 50.41 2.69 24.64
C PHE A 266 50.24 2.18 26.07
N GLN A 267 49.80 3.06 26.97
CA GLN A 267 49.67 2.70 28.37
C GLN A 267 48.25 2.38 28.78
N ASN A 268 47.26 2.89 28.07
CA ASN A 268 45.87 2.56 28.38
C ASN A 268 45.37 1.38 27.58
N ASN A 269 46.12 0.29 27.58
CA ASN A 269 45.70 -0.90 26.88
C ASN A 269 44.62 -1.64 27.65
N GLN A 270 43.64 -2.15 26.94
CA GLN A 270 42.56 -2.91 27.53
C GLN A 270 42.72 -4.35 27.04
N ALA A 271 43.16 -5.22 27.93
CA ALA A 271 43.48 -6.60 27.56
C ALA A 271 42.19 -7.37 27.32
N LEU A 272 41.62 -7.17 26.14
CA LEU A 272 40.44 -7.90 25.74
C LEU A 272 40.81 -9.14 24.95
N THR A 273 40.10 -10.22 25.20
CA THR A 273 40.13 -11.35 24.30
C THR A 273 39.43 -10.94 23.02
N TYR A 274 39.76 -11.63 21.92
CA TYR A 274 39.02 -11.45 20.68
C TYR A 274 37.54 -11.76 20.87
N TRP A 275 37.23 -12.79 21.66
CA TRP A 275 35.85 -13.19 21.79
C TRP A 275 35.08 -12.32 22.77
N GLU A 276 35.78 -11.74 23.78
CA GLU A 276 35.21 -10.66 24.57
C GLU A 276 34.81 -9.51 23.67
N CYS A 277 35.64 -9.23 22.67
CA CYS A 277 35.37 -8.14 21.74
C CYS A 277 34.20 -8.48 20.81
N VAL A 278 34.09 -9.75 20.44
CA VAL A 278 32.96 -10.24 19.66
C VAL A 278 31.65 -10.07 20.45
N TYR A 279 31.70 -10.40 21.73
CA TYR A 279 30.57 -10.16 22.63
C TYR A 279 30.23 -8.69 22.73
N LEU A 280 31.27 -7.84 22.76
CA LEU A 280 31.07 -6.39 22.79
C LEU A 280 30.32 -5.90 21.56
N LEU A 281 30.69 -6.39 20.39
CA LEU A 281 29.99 -5.92 19.19
C LEU A 281 28.60 -6.50 19.05
N MET A 282 28.35 -7.70 19.56
CA MET A 282 26.98 -8.21 19.51
C MET A 282 26.09 -7.47 20.50
N VAL A 283 26.63 -7.11 21.67
CA VAL A 283 25.88 -6.30 22.60
C VAL A 283 25.68 -4.89 22.05
N THR A 284 26.62 -4.39 21.25
CA THR A 284 26.52 -3.04 20.73
C THR A 284 25.51 -2.94 19.60
N MET A 285 25.65 -3.78 18.57
CA MET A 285 24.81 -3.66 17.37
C MET A 285 23.34 -3.89 17.64
N SER A 286 23.00 -4.66 18.67
CA SER A 286 21.63 -4.90 19.03
C SER A 286 21.08 -3.83 19.97
N THR A 287 21.87 -2.77 20.22
CA THR A 287 21.53 -1.65 21.09
C THR A 287 21.12 -2.11 22.49
N VAL A 288 21.79 -3.13 22.98
CA VAL A 288 21.53 -3.59 24.34
C VAL A 288 22.43 -2.81 25.28
N GLY A 289 23.74 -2.89 25.06
CA GLY A 289 24.69 -2.03 25.76
C GLY A 289 24.81 -2.25 27.26
N TYR A 290 25.35 -3.38 27.71
CA TYR A 290 25.41 -3.65 29.13
C TYR A 290 26.38 -2.71 29.85
N GLY A 291 27.50 -2.40 29.22
CA GLY A 291 28.48 -1.57 29.86
C GLY A 291 29.45 -2.32 30.76
N ASP A 292 29.32 -3.64 30.85
CA ASP A 292 30.33 -4.43 31.53
C ASP A 292 31.64 -4.44 30.75
N VAL A 293 31.53 -4.52 29.43
CA VAL A 293 32.68 -4.44 28.54
C VAL A 293 32.45 -3.25 27.62
N TYR A 294 33.46 -2.40 27.49
CA TYR A 294 33.37 -1.22 26.64
C TYR A 294 34.79 -0.78 26.31
N ALA A 295 34.90 0.03 25.26
CA ALA A 295 36.21 0.51 24.82
C ALA A 295 36.66 1.64 25.73
N LYS A 296 37.86 1.51 26.30
CA LYS A 296 38.39 2.54 27.18
C LYS A 296 39.46 3.40 26.52
N THR A 297 39.73 3.19 25.24
CA THR A 297 40.71 4.01 24.53
C THR A 297 39.99 4.99 23.64
N THR A 298 40.64 6.14 23.42
CA THR A 298 40.05 7.22 22.62
C THR A 298 39.87 6.80 21.17
N LEU A 299 40.88 6.14 20.60
CA LEU A 299 40.73 5.57 19.26
C LEU A 299 39.69 4.47 19.25
N GLY A 300 39.56 3.74 20.34
CA GLY A 300 38.53 2.72 20.43
C GLY A 300 37.13 3.31 20.49
N ARG A 301 36.95 4.37 21.27
CA ARG A 301 35.67 5.07 21.31
C ARG A 301 35.32 5.65 19.95
N LEU A 302 36.34 6.16 19.24
CA LEU A 302 36.12 6.70 17.91
C LEU A 302 35.66 5.64 16.93
N PHE A 303 36.29 4.46 16.96
CA PHE A 303 35.82 3.41 16.08
C PHE A 303 34.46 2.88 16.49
N MET A 304 34.14 2.89 17.79
CA MET A 304 32.81 2.44 18.18
C MET A 304 31.74 3.42 17.72
N VAL A 305 32.05 4.72 17.70
CA VAL A 305 31.13 5.71 17.13
C VAL A 305 30.93 5.45 15.65
N PHE A 306 32.04 5.26 14.92
CA PHE A 306 31.95 5.02 13.49
C PHE A 306 31.23 3.72 13.18
N PHE A 307 31.38 2.71 14.02
CA PHE A 307 30.75 1.44 13.72
C PHE A 307 29.29 1.40 14.16
N ILE A 308 28.90 2.20 15.16
CA ILE A 308 27.48 2.35 15.44
C ILE A 308 26.79 3.07 14.29
N LEU A 309 27.44 4.09 13.74
CA LEU A 309 26.87 4.77 12.59
C LEU A 309 26.85 3.87 11.35
N GLY A 310 27.89 3.06 11.16
CA GLY A 310 27.89 2.15 10.04
C GLY A 310 26.91 1.01 10.19
N GLY A 311 26.70 0.55 11.42
CA GLY A 311 25.74 -0.51 11.66
C GLY A 311 24.32 -0.02 11.49
N LEU A 312 24.03 1.19 11.94
CA LEU A 312 22.71 1.74 11.67
C LEU A 312 22.55 2.18 10.23
N ALA A 313 23.66 2.38 9.51
CA ALA A 313 23.57 2.66 8.08
C ALA A 313 23.12 1.42 7.32
N MET A 314 23.89 0.34 7.40
CA MET A 314 23.56 -0.86 6.66
C MET A 314 22.50 -1.72 7.34
N PHE A 315 21.88 -1.25 8.42
CA PHE A 315 20.63 -1.86 8.84
C PHE A 315 19.42 -1.11 8.32
N ALA A 316 19.54 0.19 8.10
CA ALA A 316 18.44 0.96 7.56
C ALA A 316 18.47 1.07 6.05
N SER A 317 19.54 0.62 5.41
CA SER A 317 19.68 0.80 3.98
C SER A 317 20.02 -0.47 3.23
N TYR A 318 20.63 -1.45 3.88
CA TYR A 318 21.05 -2.66 3.18
C TYR A 318 20.05 -3.79 3.36
N VAL A 319 19.83 -4.21 4.60
CA VAL A 319 18.88 -5.29 4.88
C VAL A 319 17.39 -4.97 4.80
N PRO A 320 16.85 -3.80 5.21
CA PRO A 320 15.41 -3.79 5.56
C PRO A 320 14.47 -3.81 4.36
N GLU A 321 15.00 -3.70 3.15
CA GLU A 321 14.25 -3.98 1.94
C GLU A 321 14.59 -5.34 1.39
N ILE A 322 15.59 -6.01 1.94
CA ILE A 322 15.89 -7.38 1.61
C ILE A 322 15.38 -8.33 2.69
N ILE A 323 15.31 -7.88 3.94
CA ILE A 323 14.55 -8.60 4.96
C ILE A 323 13.10 -8.72 4.54
N GLU A 324 12.52 -7.63 4.07
CA GLU A 324 11.12 -7.63 3.69
C GLU A 324 10.87 -8.26 2.33
N LEU A 325 11.90 -8.76 1.65
CA LEU A 325 11.66 -9.70 0.57
C LEU A 325 11.47 -11.11 1.08
N ILE A 326 11.78 -11.37 2.34
CA ILE A 326 11.70 -12.70 2.91
C ILE A 326 10.63 -12.64 4.00
N GLY A 327 9.60 -11.84 3.75
CA GLY A 327 8.56 -11.68 4.74
C GLY A 327 7.15 -11.86 4.20
N ASN A 328 7.02 -12.07 2.89
CA ASN A 328 5.71 -12.15 2.27
C ASN A 328 5.13 -13.54 2.47
N ARG A 329 3.95 -13.60 3.07
CA ARG A 329 3.21 -14.85 3.22
C ARG A 329 1.77 -14.65 2.79
N LYS A 330 1.20 -15.68 2.21
CA LYS A 330 -0.19 -15.68 1.79
C LYS A 330 -1.01 -16.50 2.78
N LYS A 331 -2.14 -15.94 3.20
CA LYS A 331 -2.88 -16.47 4.34
C LYS A 331 -3.97 -17.45 3.96
N TYR A 332 -4.04 -17.86 2.70
CA TYR A 332 -4.98 -18.91 2.30
C TYR A 332 -4.25 -19.87 1.37
N GLY A 333 -3.67 -20.88 1.95
CA GLY A 333 -2.98 -21.90 1.19
C GLY A 333 -2.98 -23.16 2.01
N GLY A 334 -2.00 -24.01 1.75
CA GLY A 334 -1.93 -25.25 2.50
C GLY A 334 -3.01 -26.21 2.05
N SER A 335 -3.35 -27.14 2.93
CA SER A 335 -4.33 -28.17 2.61
C SER A 335 -5.25 -28.35 3.80
N TYR A 336 -6.16 -29.30 3.67
CA TYR A 336 -7.14 -29.58 4.69
C TYR A 336 -6.69 -30.74 5.56
N SER A 337 -6.74 -30.55 6.87
CA SER A 337 -6.44 -31.62 7.82
C SER A 337 -7.59 -32.60 7.86
N ALA A 338 -7.37 -33.81 7.37
CA ALA A 338 -8.41 -34.83 7.36
C ALA A 338 -8.59 -35.36 8.77
N VAL A 339 -9.51 -34.77 9.52
CA VAL A 339 -9.86 -35.24 10.85
C VAL A 339 -10.80 -36.43 10.69
N SER A 340 -10.47 -37.54 11.36
CA SER A 340 -11.28 -38.74 11.24
C SER A 340 -12.61 -38.57 11.96
N GLY A 341 -13.69 -38.99 11.29
CA GLY A 341 -15.02 -38.80 11.78
C GLY A 341 -15.71 -37.55 11.28
N ARG A 342 -14.95 -36.56 10.83
CA ARG A 342 -15.50 -35.32 10.31
C ARG A 342 -15.62 -35.45 8.81
N LYS A 343 -16.83 -35.72 8.32
CA LYS A 343 -17.08 -35.68 6.90
C LYS A 343 -17.09 -34.23 6.46
N HIS A 344 -16.15 -33.83 5.60
CA HIS A 344 -16.11 -32.43 5.21
C HIS A 344 -16.72 -32.24 3.83
N ILE A 345 -17.38 -31.11 3.62
CA ILE A 345 -17.94 -30.72 2.33
C ILE A 345 -17.02 -29.68 1.72
N VAL A 346 -16.66 -29.88 0.46
CA VAL A 346 -16.02 -28.84 -0.32
C VAL A 346 -17.11 -28.03 -1.00
N VAL A 347 -17.12 -26.73 -0.74
CA VAL A 347 -18.05 -25.81 -1.40
C VAL A 347 -17.25 -24.94 -2.35
N CYS A 348 -17.64 -24.98 -3.62
CA CYS A 348 -16.94 -24.21 -4.69
C CYS A 348 -17.97 -23.32 -5.38
N GLY A 349 -17.66 -22.91 -6.62
CA GLY A 349 -18.59 -22.03 -7.36
C GLY A 349 -18.42 -20.59 -6.95
N HIS A 350 -19.32 -19.72 -7.39
CA HIS A 350 -19.26 -18.30 -6.97
C HIS A 350 -19.42 -18.25 -5.46
N ILE A 351 -18.51 -17.58 -4.76
CA ILE A 351 -18.57 -17.49 -3.28
C ILE A 351 -18.55 -16.01 -2.90
N THR A 352 -19.55 -15.56 -2.14
CA THR A 352 -19.64 -14.14 -1.73
C THR A 352 -20.40 -14.08 -0.41
N LEU A 353 -20.40 -12.92 0.24
CA LEU A 353 -21.04 -12.84 1.58
C LEU A 353 -22.50 -13.25 1.43
N GLU A 354 -23.14 -12.79 0.36
CA GLU A 354 -24.58 -13.09 0.11
C GLU A 354 -24.78 -14.59 -0.07
N SER A 355 -24.18 -15.19 -1.10
CA SER A 355 -24.42 -16.62 -1.39
C SER A 355 -23.97 -17.50 -0.22
N VAL A 356 -22.78 -17.24 0.30
CA VAL A 356 -22.23 -18.07 1.41
C VAL A 356 -23.08 -17.93 2.66
N SER A 357 -23.55 -16.72 2.98
CA SER A 357 -24.25 -16.52 4.27
C SER A 357 -25.49 -17.41 4.38
N ASN A 358 -26.33 -17.44 3.34
CA ASN A 358 -27.60 -18.21 3.50
C ASN A 358 -27.26 -19.69 3.73
N PHE A 359 -26.32 -20.21 2.93
CA PHE A 359 -25.99 -21.66 3.04
C PHE A 359 -25.42 -21.93 4.42
N LEU A 360 -24.52 -21.06 4.90
CA LEU A 360 -23.87 -21.30 6.20
C LEU A 360 -24.96 -21.28 7.28
N LYS A 361 -25.88 -20.33 7.18
CA LYS A 361 -26.92 -20.19 8.24
C LYS A 361 -27.75 -21.48 8.28
N ASP A 362 -28.20 -21.98 7.12
CA ASP A 362 -29.06 -23.18 7.19
C ASP A 362 -28.23 -24.39 7.64
N PHE A 363 -27.02 -24.55 7.08
CA PHE A 363 -26.16 -25.72 7.41
C PHE A 363 -25.72 -25.68 8.87
N LEU A 364 -25.38 -24.50 9.38
CA LEU A 364 -24.84 -24.40 10.76
C LEU A 364 -25.92 -23.99 11.75
N HIS A 365 -27.19 -24.10 11.34
CA HIS A 365 -28.33 -23.72 12.23
C HIS A 365 -28.26 -24.58 13.49
N LYS A 366 -28.61 -24.00 14.65
CA LYS A 366 -28.51 -24.72 15.94
C LYS A 366 -29.42 -25.95 15.90
N ASP A 367 -30.59 -25.82 15.28
CA ASP A 367 -31.58 -26.95 15.23
C ASP A 367 -30.99 -28.12 14.45
N ARG A 368 -29.94 -27.88 13.65
CA ARG A 368 -29.28 -28.97 12.88
C ARG A 368 -28.69 -29.96 13.89
N ASP A 369 -28.53 -29.55 15.15
CA ASP A 369 -28.03 -30.44 16.23
C ASP A 369 -26.62 -30.97 15.93
N ASP A 370 -26.40 -32.28 16.06
CA ASP A 370 -25.01 -32.80 15.90
C ASP A 370 -24.76 -33.27 14.48
N VAL A 371 -23.99 -32.50 13.71
CA VAL A 371 -23.58 -32.96 12.35
C VAL A 371 -22.07 -32.76 12.27
N ASN A 372 -21.30 -33.83 12.09
CA ASN A 372 -19.83 -33.70 11.97
C ASN A 372 -19.48 -33.42 10.51
N VAL A 373 -19.93 -32.27 10.00
CA VAL A 373 -19.57 -31.87 8.60
C VAL A 373 -18.85 -30.53 8.66
N GLU A 374 -17.66 -30.44 8.09
CA GLU A 374 -16.90 -29.18 8.07
C GLU A 374 -16.95 -28.61 6.66
N ILE A 375 -17.41 -27.37 6.51
CA ILE A 375 -17.56 -26.79 5.14
C ILE A 375 -16.22 -26.20 4.74
N VAL A 376 -15.63 -26.70 3.66
CA VAL A 376 -14.33 -26.16 3.16
C VAL A 376 -14.64 -25.42 1.86
N PHE A 377 -14.26 -24.14 1.76
CA PHE A 377 -14.63 -23.34 0.57
C PHE A 377 -13.39 -23.14 -0.30
N LEU A 378 -13.47 -23.51 -1.58
CA LEU A 378 -12.34 -23.25 -2.50
C LEU A 378 -12.78 -22.21 -3.54
N HIS A 379 -12.16 -21.04 -3.54
CA HIS A 379 -12.49 -19.99 -4.53
C HIS A 379 -11.20 -19.26 -4.93
N ASN A 380 -11.06 -18.92 -6.22
CA ASN A 380 -9.85 -18.21 -6.69
C ASN A 380 -9.77 -16.84 -6.03
N ILE A 381 -10.89 -16.12 -5.94
CA ILE A 381 -10.89 -14.73 -5.38
C ILE A 381 -10.66 -14.78 -3.87
N SER A 382 -9.79 -13.92 -3.35
CA SER A 382 -9.55 -13.85 -1.89
C SER A 382 -10.78 -13.25 -1.19
N PRO A 383 -11.14 -13.71 0.01
CA PRO A 383 -12.33 -13.21 0.71
C PRO A 383 -12.22 -11.73 1.09
N ASN A 384 -13.33 -10.98 0.99
CA ASN A 384 -13.34 -9.55 1.39
C ASN A 384 -13.49 -9.46 2.91
N LEU A 385 -13.46 -8.24 3.47
CA LEU A 385 -13.46 -8.13 4.92
C LEU A 385 -14.73 -8.66 5.55
N GLU A 386 -15.86 -8.53 4.86
CA GLU A 386 -17.10 -9.13 5.37
C GLU A 386 -17.01 -10.65 5.36
N LEU A 387 -16.41 -11.21 4.31
CA LEU A 387 -16.15 -12.64 4.29
C LEU A 387 -15.16 -13.05 5.35
N GLU A 388 -14.17 -12.21 5.64
CA GLU A 388 -13.21 -12.59 6.68
C GLU A 388 -13.86 -12.58 8.05
N ALA A 389 -14.77 -11.64 8.29
CA ALA A 389 -15.54 -11.66 9.53
C ALA A 389 -16.44 -12.88 9.60
N LEU A 390 -17.12 -13.22 8.51
CA LEU A 390 -18.02 -14.36 8.51
C LEU A 390 -17.29 -15.69 8.65
N PHE A 391 -16.10 -15.79 8.08
CA PHE A 391 -15.29 -16.98 8.28
C PHE A 391 -14.68 -17.01 9.67
N LYS A 392 -14.44 -15.85 10.27
CA LYS A 392 -13.99 -15.79 11.65
C LYS A 392 -15.15 -15.75 12.63
N ARG A 393 -16.36 -16.08 12.18
CA ARG A 393 -17.43 -16.45 13.10
C ARG A 393 -17.55 -17.96 13.27
N HIS A 394 -16.76 -18.75 12.54
CA HIS A 394 -16.86 -20.21 12.62
C HIS A 394 -15.45 -20.77 12.48
N PHE A 395 -14.94 -21.38 13.54
CA PHE A 395 -13.52 -21.72 13.63
C PHE A 395 -13.26 -23.17 13.24
N THR A 396 -13.86 -24.10 14.00
CA THR A 396 -13.73 -25.52 13.77
C THR A 396 -14.73 -26.03 12.77
N GLN A 397 -15.30 -25.14 11.97
CA GLN A 397 -16.51 -25.46 11.24
C GLN A 397 -16.39 -25.06 9.78
N VAL A 398 -15.63 -24.01 9.51
CA VAL A 398 -15.51 -23.43 8.18
C VAL A 398 -14.05 -23.10 7.91
N GLU A 399 -13.50 -23.62 6.82
CA GLU A 399 -12.18 -23.24 6.37
C GLU A 399 -12.23 -22.77 4.93
N PHE A 400 -11.54 -21.68 4.64
CA PHE A 400 -11.41 -21.18 3.29
C PHE A 400 -10.04 -21.54 2.75
N TYR A 401 -9.98 -21.83 1.46
CA TYR A 401 -8.72 -22.07 0.77
C TYR A 401 -8.78 -21.36 -0.57
N GLN A 402 -7.66 -20.83 -1.00
CA GLN A 402 -7.60 -20.13 -2.27
C GLN A 402 -7.15 -21.09 -3.35
N GLY A 403 -7.88 -21.09 -4.46
CA GLY A 403 -7.59 -22.00 -5.55
C GLY A 403 -8.86 -22.31 -6.31
N SER A 404 -8.67 -22.89 -7.49
CA SER A 404 -9.78 -23.28 -8.34
C SER A 404 -10.12 -24.74 -8.13
N VAL A 405 -11.24 -25.16 -8.71
CA VAL A 405 -11.54 -26.56 -8.85
C VAL A 405 -11.25 -27.04 -10.27
N LEU A 406 -10.55 -26.21 -11.05
CA LEU A 406 -10.20 -26.63 -12.42
C LEU A 406 -8.72 -27.07 -12.41
N ASN A 407 -8.10 -27.06 -11.24
CA ASN A 407 -6.70 -27.55 -11.11
C ASN A 407 -6.72 -28.78 -10.21
N PRO A 408 -6.14 -29.92 -10.63
CA PRO A 408 -6.20 -31.15 -9.84
C PRO A 408 -5.55 -30.99 -8.47
N HIS A 409 -4.44 -30.24 -8.41
CA HIS A 409 -3.71 -30.07 -7.13
C HIS A 409 -4.62 -29.40 -6.11
N ASP A 410 -5.39 -28.39 -6.52
CA ASP A 410 -6.31 -27.68 -5.60
C ASP A 410 -7.37 -28.65 -5.09
N LEU A 411 -7.87 -29.53 -5.96
CA LEU A 411 -8.86 -30.55 -5.53
C LEU A 411 -8.19 -31.45 -4.48
N ALA A 412 -6.94 -31.82 -4.71
CA ALA A 412 -6.22 -32.65 -3.72
C ALA A 412 -6.05 -31.86 -2.41
N ARG A 413 -5.74 -30.58 -2.51
CA ARG A 413 -5.54 -29.73 -1.31
C ARG A 413 -6.82 -29.69 -0.48
N VAL A 414 -7.97 -29.60 -1.15
CA VAL A 414 -9.28 -29.55 -0.42
C VAL A 414 -9.72 -30.99 -0.10
N LYS A 415 -8.92 -31.98 -0.48
CA LYS A 415 -9.24 -33.40 -0.16
C LYS A 415 -10.61 -33.75 -0.73
N ILE A 416 -10.84 -33.40 -2.00
CA ILE A 416 -12.18 -33.65 -2.63
C ILE A 416 -12.48 -35.14 -2.63
N GLU A 417 -11.47 -35.99 -2.87
CA GLU A 417 -11.74 -37.45 -2.98
C GLU A 417 -12.37 -37.96 -1.69
N SER A 418 -11.84 -37.55 -0.54
CA SER A 418 -12.38 -37.99 0.77
C SER A 418 -13.62 -37.15 1.15
N ALA A 419 -13.86 -36.05 0.46
CA ALA A 419 -14.99 -35.15 0.82
C ALA A 419 -16.32 -35.87 0.62
N ASP A 420 -17.25 -35.71 1.56
CA ASP A 420 -18.57 -36.40 1.48
C ASP A 420 -19.33 -35.94 0.24
N ALA A 421 -19.35 -34.63 -0.02
CA ALA A 421 -20.05 -34.09 -1.21
C ALA A 421 -19.48 -32.73 -1.59
N CYS A 422 -19.70 -32.30 -2.83
CA CYS A 422 -19.24 -30.94 -3.24
C CYS A 422 -20.46 -30.13 -3.71
N LEU A 423 -20.64 -28.94 -3.15
CA LEU A 423 -21.80 -28.09 -3.53
C LEU A 423 -21.28 -26.91 -4.36
N ILE A 424 -21.82 -26.74 -5.57
CA ILE A 424 -21.34 -25.66 -6.47
C ILE A 424 -22.41 -24.56 -6.46
N LEU A 425 -22.01 -23.34 -6.08
CA LEU A 425 -22.98 -22.22 -5.97
C LEU A 425 -22.77 -21.27 -7.14
N ALA A 426 -23.83 -20.92 -7.85
CA ALA A 426 -23.70 -20.06 -9.05
C ALA A 426 -24.13 -18.65 -8.69
N ASN A 427 -23.38 -17.63 -9.14
CA ASN A 427 -23.85 -16.25 -8.87
C ASN A 427 -25.21 -16.10 -9.55
N LYS A 428 -26.23 -15.71 -8.80
CA LYS A 428 -27.59 -15.54 -9.38
C LYS A 428 -27.53 -14.41 -10.39
N TYR A 429 -26.79 -13.35 -10.08
CA TYR A 429 -26.74 -12.18 -10.99
C TYR A 429 -25.46 -12.25 -11.81
N CYS A 430 -25.60 -12.33 -13.13
CA CYS A 430 -24.41 -12.35 -14.03
C CYS A 430 -24.82 -11.75 -15.38
N ALA A 431 -23.86 -11.28 -16.16
CA ALA A 431 -24.17 -10.65 -17.47
C ALA A 431 -24.82 -11.68 -18.39
N ASP A 432 -24.27 -12.90 -18.45
CA ASP A 432 -24.89 -13.97 -19.28
C ASP A 432 -25.21 -15.17 -18.39
N PRO A 433 -26.48 -15.62 -18.31
CA PRO A 433 -26.82 -16.81 -17.53
C PRO A 433 -26.14 -18.06 -18.11
N ASP A 434 -26.15 -18.20 -19.44
CA ASP A 434 -25.61 -19.44 -20.07
C ASP A 434 -24.12 -19.58 -19.74
N ALA A 435 -23.38 -18.48 -19.77
CA ALA A 435 -21.91 -18.56 -19.55
C ALA A 435 -21.65 -19.13 -18.15
N GLU A 436 -22.37 -18.65 -17.15
CA GLU A 436 -22.12 -19.11 -15.76
C GLU A 436 -22.49 -20.58 -15.69
N ASP A 437 -23.65 -20.94 -16.22
CA ASP A 437 -24.10 -22.33 -16.25
C ASP A 437 -23.05 -23.24 -16.87
N ALA A 438 -22.40 -22.77 -17.95
CA ALA A 438 -21.35 -23.58 -18.56
C ALA A 438 -20.11 -23.65 -17.68
N SER A 439 -19.85 -22.61 -16.89
CA SER A 439 -18.74 -22.65 -15.95
C SER A 439 -19.01 -23.66 -14.84
N ASN A 440 -20.24 -23.70 -14.34
CA ASN A 440 -20.56 -24.68 -13.31
C ASN A 440 -20.53 -26.09 -13.86
N ILE A 441 -20.94 -26.27 -15.12
CA ILE A 441 -20.84 -27.57 -15.75
C ILE A 441 -19.39 -27.98 -15.93
N MET A 442 -18.53 -27.00 -16.25
CA MET A 442 -17.09 -27.25 -16.31
C MET A 442 -16.53 -27.70 -14.96
N ARG A 443 -17.01 -27.08 -13.88
CA ARG A 443 -16.55 -27.46 -12.55
C ARG A 443 -17.02 -28.86 -12.19
N VAL A 444 -18.26 -29.21 -12.56
CA VAL A 444 -18.76 -30.57 -12.38
C VAL A 444 -17.89 -31.57 -13.13
N ILE A 445 -17.53 -31.25 -14.38
CA ILE A 445 -16.73 -32.15 -15.21
C ILE A 445 -15.35 -32.35 -14.59
N SER A 446 -14.77 -31.28 -14.05
CA SER A 446 -13.47 -31.39 -13.42
C SER A 446 -13.50 -32.26 -12.17
N ILE A 447 -14.52 -32.07 -11.33
CA ILE A 447 -14.58 -32.83 -10.09
C ILE A 447 -14.90 -34.30 -10.37
N LYS A 448 -15.84 -34.56 -11.28
CA LYS A 448 -16.15 -35.95 -11.62
C LYS A 448 -15.03 -36.61 -12.41
N ASN A 449 -14.16 -35.84 -13.05
CA ASN A 449 -13.00 -36.46 -13.68
C ASN A 449 -11.93 -36.77 -12.65
N TYR A 450 -11.82 -35.97 -11.60
CA TYR A 450 -10.89 -36.30 -10.53
C TYR A 450 -11.34 -37.54 -9.78
N HIS A 451 -12.53 -37.50 -9.22
CA HIS A 451 -13.05 -38.60 -8.42
C HIS A 451 -14.51 -38.83 -8.79
N PRO A 452 -14.81 -39.92 -9.51
CA PRO A 452 -16.17 -40.07 -10.05
C PRO A 452 -17.20 -40.43 -9.00
N LYS A 453 -16.82 -41.22 -8.00
CA LYS A 453 -17.78 -41.67 -6.98
C LYS A 453 -17.95 -40.55 -5.95
N ILE A 454 -18.71 -39.54 -6.34
CA ILE A 454 -18.95 -38.40 -5.46
C ILE A 454 -20.34 -37.87 -5.72
N ARG A 455 -20.97 -37.31 -4.68
CA ARG A 455 -22.21 -36.58 -4.89
C ARG A 455 -21.88 -35.13 -5.17
N ILE A 456 -22.54 -34.56 -6.16
CA ILE A 456 -22.38 -33.15 -6.48
C ILE A 456 -23.76 -32.51 -6.55
N ILE A 457 -23.98 -31.49 -5.74
CA ILE A 457 -25.19 -30.70 -5.79
C ILE A 457 -24.82 -29.34 -6.37
N THR A 458 -25.45 -28.96 -7.46
CA THR A 458 -25.07 -27.75 -8.16
C THR A 458 -26.29 -26.86 -8.39
N GLN A 459 -26.02 -25.62 -8.73
CA GLN A 459 -27.04 -24.65 -9.07
C GLN A 459 -26.96 -24.33 -10.55
N MET A 460 -28.11 -24.27 -11.20
CA MET A 460 -28.18 -23.99 -12.63
C MET A 460 -29.07 -22.78 -12.83
N LEU A 461 -28.55 -21.78 -13.54
CA LEU A 461 -29.32 -20.56 -13.74
C LEU A 461 -30.40 -20.74 -14.79
N GLN A 462 -30.19 -21.62 -15.75
CA GLN A 462 -31.16 -21.85 -16.81
C GLN A 462 -31.59 -23.30 -16.83
N TYR A 463 -32.84 -23.53 -17.23
CA TYR A 463 -33.35 -24.88 -17.28
C TYR A 463 -32.80 -25.66 -18.46
N HIS A 464 -32.52 -24.96 -19.56
CA HIS A 464 -32.03 -25.64 -20.77
C HIS A 464 -30.59 -26.15 -20.56
N ASN A 465 -29.81 -25.44 -19.74
CA ASN A 465 -28.38 -25.82 -19.53
C ASN A 465 -28.27 -27.09 -18.70
N LYS A 466 -29.36 -27.52 -18.05
CA LYS A 466 -29.32 -28.70 -17.16
C LYS A 466 -28.97 -29.97 -17.95
N ALA A 467 -29.31 -30.04 -19.23
CA ALA A 467 -29.09 -31.26 -20.05
C ALA A 467 -27.61 -31.62 -20.16
N HIS A 468 -26.73 -30.62 -20.13
CA HIS A 468 -25.27 -30.88 -20.31
C HIS A 468 -24.78 -31.80 -19.19
N LEU A 469 -25.29 -31.62 -17.97
CA LEU A 469 -24.89 -32.49 -16.83
C LEU A 469 -25.27 -33.93 -17.15
N LEU A 470 -26.46 -34.14 -17.70
CA LEU A 470 -26.92 -35.50 -18.07
C LEU A 470 -25.97 -36.05 -19.13
N ASN A 471 -25.54 -35.21 -20.06
CA ASN A 471 -24.57 -35.64 -21.11
C ASN A 471 -23.27 -36.13 -20.46
N ILE A 472 -22.80 -35.46 -19.40
CA ILE A 472 -21.58 -35.96 -18.70
C ILE A 472 -21.84 -37.40 -18.24
N PRO A 473 -20.94 -38.38 -18.53
CA PRO A 473 -21.18 -39.78 -18.18
C PRO A 473 -21.22 -40.12 -16.69
N SER A 474 -20.29 -39.56 -15.90
CA SER A 474 -20.20 -39.90 -14.46
C SER A 474 -21.44 -39.45 -13.68
N TRP A 475 -22.03 -38.30 -14.04
CA TRP A 475 -23.16 -37.76 -13.23
C TRP A 475 -24.27 -38.80 -13.16
N ASN A 476 -24.74 -39.10 -11.94
CA ASN A 476 -25.86 -40.07 -11.77
C ASN A 476 -26.91 -39.46 -10.85
N TRP A 477 -28.14 -39.25 -11.35
CA TRP A 477 -29.23 -38.70 -10.51
C TRP A 477 -29.58 -39.69 -9.41
N LYS A 478 -29.65 -40.99 -9.74
CA LYS A 478 -30.00 -42.04 -8.74
C LYS A 478 -28.87 -42.14 -7.71
N GLU A 479 -27.66 -41.76 -8.08
CA GLU A 479 -26.49 -41.86 -7.16
C GLU A 479 -26.54 -40.71 -6.16
N GLY A 480 -27.53 -39.81 -6.31
CA GLY A 480 -27.65 -38.65 -5.41
C GLY A 480 -27.08 -37.39 -6.00
N ASP A 481 -26.44 -37.47 -7.17
CA ASP A 481 -25.98 -36.23 -7.83
C ASP A 481 -27.26 -35.45 -8.18
N ASP A 482 -27.33 -34.17 -7.80
CA ASP A 482 -28.57 -33.40 -8.03
C ASP A 482 -28.23 -32.01 -8.54
N ALA A 483 -29.00 -31.49 -9.50
CA ALA A 483 -28.78 -30.10 -9.96
C ALA A 483 -30.01 -29.29 -9.58
N ILE A 484 -29.83 -28.18 -8.86
CA ILE A 484 -30.99 -27.36 -8.42
C ILE A 484 -31.07 -26.19 -9.38
N CYS A 485 -32.19 -26.07 -10.12
CA CYS A 485 -32.30 -24.99 -11.13
C CYS A 485 -32.97 -23.79 -10.46
N LEU A 486 -32.22 -22.72 -10.23
CA LEU A 486 -32.79 -21.58 -9.50
C LEU A 486 -33.93 -21.00 -10.31
N ALA A 487 -33.74 -20.81 -11.62
CA ALA A 487 -34.78 -20.15 -12.42
C ALA A 487 -36.05 -20.99 -12.39
N GLU A 488 -35.92 -22.30 -12.59
CA GLU A 488 -37.13 -23.16 -12.64
C GLU A 488 -37.81 -23.16 -11.26
N LEU A 489 -37.04 -23.37 -10.20
CA LEU A 489 -37.70 -23.51 -8.88
C LEU A 489 -38.38 -22.21 -8.48
N LYS A 490 -37.68 -21.08 -8.65
CA LYS A 490 -38.27 -19.79 -8.20
C LYS A 490 -39.53 -19.51 -9.00
N LEU A 491 -39.45 -19.68 -10.33
CA LEU A 491 -40.62 -19.32 -11.16
C LEU A 491 -41.77 -20.26 -10.83
N GLY A 492 -41.47 -21.55 -10.66
CA GLY A 492 -42.51 -22.54 -10.33
C GLY A 492 -43.16 -22.24 -8.98
N PHE A 493 -42.36 -21.86 -7.99
CA PHE A 493 -42.91 -21.54 -6.65
C PHE A 493 -43.84 -20.34 -6.83
N ILE A 494 -43.43 -19.37 -7.64
CA ILE A 494 -44.31 -18.19 -7.93
C ILE A 494 -45.55 -18.67 -8.68
N ALA A 495 -45.36 -19.57 -9.66
CA ALA A 495 -46.48 -20.09 -10.48
C ALA A 495 -47.45 -20.86 -9.61
N GLN A 496 -47.00 -21.96 -9.00
CA GLN A 496 -47.87 -22.73 -8.14
C GLN A 496 -48.59 -21.85 -7.14
N SER A 497 -47.95 -20.76 -6.70
CA SER A 497 -48.61 -19.85 -5.79
C SER A 497 -49.67 -19.01 -6.47
N CYS A 498 -49.59 -18.86 -7.79
CA CYS A 498 -50.68 -18.21 -8.51
C CYS A 498 -51.96 -19.04 -8.45
N LEU A 499 -51.82 -20.35 -8.32
CA LEU A 499 -52.98 -21.20 -8.13
C LEU A 499 -53.49 -21.11 -6.71
N ALA A 500 -52.59 -21.26 -5.74
CA ALA A 500 -52.93 -21.22 -4.32
C ALA A 500 -52.04 -20.19 -3.66
N GLN A 501 -52.61 -19.02 -3.36
CA GLN A 501 -51.93 -17.91 -2.73
C GLN A 501 -51.32 -18.29 -1.39
N GLY A 502 -49.99 -18.28 -1.31
CA GLY A 502 -49.32 -18.60 -0.07
C GLY A 502 -48.64 -19.94 -0.03
N LEU A 503 -48.61 -20.68 -1.13
CA LEU A 503 -47.96 -21.98 -1.14
C LEU A 503 -46.46 -21.86 -1.01
N SER A 504 -45.88 -20.76 -1.51
CA SER A 504 -44.43 -20.59 -1.50
C SER A 504 -43.89 -20.51 -0.08
N THR A 505 -44.62 -19.84 0.81
CA THR A 505 -44.21 -19.76 2.20
C THR A 505 -44.30 -21.11 2.88
N MET A 506 -45.34 -21.88 2.56
CA MET A 506 -45.51 -23.20 3.14
C MET A 506 -44.40 -24.13 2.70
N LEU A 507 -44.10 -24.15 1.41
CA LEU A 507 -43.03 -25.00 0.91
C LEU A 507 -41.67 -24.56 1.40
N ALA A 508 -41.47 -23.24 1.59
CA ALA A 508 -40.19 -22.76 2.09
C ALA A 508 -40.02 -23.11 3.56
N ASN A 509 -41.10 -23.13 4.34
CA ASN A 509 -40.95 -23.45 5.74
C ASN A 509 -40.82 -24.95 6.00
N LEU A 510 -41.04 -25.79 5.00
CA LEU A 510 -40.89 -27.22 5.21
C LEU A 510 -39.43 -27.60 5.32
N PHE A 511 -38.66 -27.39 4.24
CA PHE A 511 -37.30 -27.90 4.23
C PHE A 511 -36.35 -27.05 5.06
N SER A 512 -36.64 -25.77 5.25
CA SER A 512 -35.71 -24.90 5.94
C SER A 512 -35.76 -25.15 7.44
N MET A 513 -34.59 -25.32 8.05
CA MET A 513 -34.51 -25.47 9.50
C MET A 513 -34.72 -24.11 10.13
N ARG A 514 -35.87 -23.92 10.77
CA ARG A 514 -36.23 -22.64 11.36
C ARG A 514 -36.54 -22.82 12.83
N SER A 515 -36.06 -21.87 13.64
CA SER A 515 -36.07 -21.99 15.09
C SER A 515 -37.47 -21.80 15.63
N PHE A 516 -37.96 -22.78 16.40
CA PHE A 516 -39.25 -22.67 17.05
C PHE A 516 -39.15 -21.72 18.23
N ILE A 517 -40.05 -20.74 18.27
CA ILE A 517 -40.08 -19.75 19.34
C ILE A 517 -41.44 -19.86 20.02
N LYS A 518 -41.43 -19.95 21.34
CA LYS A 518 -42.66 -20.02 22.10
C LYS A 518 -43.33 -18.65 22.15
N ILE A 519 -44.55 -18.57 21.64
CA ILE A 519 -45.35 -17.35 21.67
C ILE A 519 -46.61 -17.64 22.47
N GLU A 520 -46.88 -16.82 23.48
CA GLU A 520 -48.01 -17.02 24.37
C GLU A 520 -49.22 -16.18 23.99
N GLU A 521 -49.01 -14.93 23.59
CA GLU A 521 -50.10 -14.01 23.35
C GLU A 521 -50.86 -14.39 22.09
N ASP A 522 -52.16 -14.05 22.08
CA ASP A 522 -53.02 -14.41 20.97
C ASP A 522 -52.77 -13.43 19.83
N THR A 523 -51.74 -13.74 19.05
CA THR A 523 -51.43 -13.04 17.81
C THR A 523 -51.46 -14.05 16.67
N TRP A 524 -51.26 -13.55 15.45
CA TRP A 524 -51.20 -14.45 14.31
C TRP A 524 -49.91 -15.24 14.29
N GLN A 525 -48.86 -14.70 14.92
CA GLN A 525 -47.56 -15.38 14.93
C GLN A 525 -47.60 -16.64 15.79
N LYS A 526 -48.45 -16.65 16.82
CA LYS A 526 -48.58 -17.83 17.66
C LYS A 526 -49.15 -19.00 16.88
N TYR A 527 -50.19 -18.75 16.10
CA TYR A 527 -50.76 -19.80 15.27
C TYR A 527 -49.89 -20.08 14.06
N TYR A 528 -49.05 -19.13 13.67
CA TYR A 528 -48.16 -19.33 12.54
C TYR A 528 -47.01 -20.27 12.91
N LEU A 529 -46.41 -20.06 14.08
CA LEU A 529 -45.28 -20.89 14.49
C LEU A 529 -45.67 -22.30 14.89
N GLU A 530 -46.96 -22.60 14.95
CA GLU A 530 -47.40 -23.98 15.19
C GLU A 530 -47.07 -24.90 14.02
N GLY A 531 -46.85 -24.35 12.83
CA GLY A 531 -46.56 -25.17 11.68
C GLY A 531 -45.22 -24.91 11.04
N VAL A 532 -44.45 -23.99 11.62
CA VAL A 532 -43.13 -23.67 11.07
C VAL A 532 -42.16 -24.81 11.33
N SER A 533 -42.20 -25.37 12.54
CA SER A 533 -41.24 -26.40 12.93
C SER A 533 -41.48 -27.75 12.27
N ASN A 534 -42.47 -27.88 11.40
CA ASN A 534 -42.62 -29.08 10.61
C ASN A 534 -41.55 -29.14 9.52
N GLU A 535 -41.15 -30.35 9.15
CA GLU A 535 -40.21 -30.56 8.08
C GLU A 535 -40.70 -31.70 7.20
N MET A 536 -39.94 -31.96 6.14
CA MET A 536 -40.25 -33.03 5.21
C MET A 536 -39.33 -34.21 5.48
N TYR A 537 -39.88 -35.41 5.40
CA TYR A 537 -39.09 -36.60 5.70
C TYR A 537 -39.46 -37.72 4.74
N THR A 538 -38.45 -38.49 4.36
CA THR A 538 -38.57 -39.58 3.40
C THR A 538 -38.42 -40.89 4.15
N GLU A 539 -39.27 -41.85 3.83
CA GLU A 539 -39.37 -43.03 4.69
C GLU A 539 -40.07 -44.16 3.98
N TYR A 540 -39.52 -45.37 4.10
CA TYR A 540 -40.19 -46.56 3.63
C TYR A 540 -41.39 -46.87 4.50
N LEU A 541 -42.47 -47.31 3.86
CA LEU A 541 -43.67 -47.69 4.59
C LEU A 541 -43.45 -49.03 5.28
N SER A 542 -44.33 -49.32 6.23
CA SER A 542 -44.26 -50.59 6.93
C SER A 542 -44.74 -51.73 6.03
N SER A 543 -44.48 -52.94 6.48
CA SER A 543 -44.91 -54.13 5.75
C SER A 543 -46.39 -54.43 5.91
N ALA A 544 -47.06 -53.74 6.83
CA ALA A 544 -48.49 -53.94 7.02
C ALA A 544 -49.34 -53.08 6.10
N PHE A 545 -48.73 -52.42 5.12
CA PHE A 545 -49.44 -51.55 4.19
C PHE A 545 -49.47 -52.15 2.79
N VAL A 546 -49.13 -53.43 2.66
CA VAL A 546 -49.00 -54.06 1.36
C VAL A 546 -50.37 -54.23 0.72
N GLY A 547 -50.54 -53.65 -0.47
CA GLY A 547 -51.79 -53.78 -1.19
C GLY A 547 -52.92 -52.94 -0.64
N LEU A 548 -52.66 -52.04 0.29
CA LEU A 548 -53.69 -51.17 0.80
C LEU A 548 -53.78 -49.92 -0.07
N SER A 549 -54.96 -49.33 -0.10
CA SER A 549 -55.16 -48.13 -0.90
C SER A 549 -54.51 -46.93 -0.22
N PHE A 550 -53.94 -46.05 -1.05
CA PHE A 550 -53.33 -44.81 -0.58
C PHE A 550 -54.20 -43.94 0.34
N PRO A 551 -55.51 -43.73 0.11
CA PRO A 551 -56.28 -42.97 1.11
C PRO A 551 -56.41 -43.69 2.44
N THR A 552 -56.52 -45.01 2.42
CA THR A 552 -56.58 -45.76 3.67
C THR A 552 -55.28 -45.66 4.44
N VAL A 553 -54.14 -45.70 3.72
CA VAL A 553 -52.85 -45.60 4.38
C VAL A 553 -52.64 -44.20 4.93
N CYS A 554 -53.09 -43.18 4.19
CA CYS A 554 -53.01 -41.82 4.71
C CYS A 554 -53.92 -41.61 5.91
N GLU A 555 -55.09 -42.26 5.92
CA GLU A 555 -55.98 -42.19 7.07
C GLU A 555 -55.36 -42.85 8.28
N LEU A 556 -54.70 -44.00 8.09
CA LEU A 556 -54.08 -44.67 9.23
C LEU A 556 -52.84 -43.93 9.71
N CYS A 557 -52.13 -43.24 8.81
CA CYS A 557 -50.96 -42.49 9.23
C CYS A 557 -51.36 -41.21 9.95
N PHE A 558 -52.43 -40.56 9.51
CA PHE A 558 -52.81 -39.30 10.13
C PHE A 558 -53.64 -39.51 11.38
N VAL A 559 -54.44 -40.57 11.42
CA VAL A 559 -55.30 -40.80 12.59
C VAL A 559 -54.49 -41.42 13.73
N LYS A 560 -53.83 -42.53 13.46
CA LYS A 560 -53.27 -43.30 14.56
C LYS A 560 -51.91 -42.77 14.98
N LEU A 561 -51.11 -42.27 14.04
CA LEU A 561 -49.78 -41.80 14.40
C LEU A 561 -49.44 -40.46 13.77
N LYS A 562 -50.46 -39.66 13.44
CA LYS A 562 -50.41 -38.22 13.14
C LYS A 562 -49.33 -37.82 12.12
N LEU A 563 -49.18 -38.62 11.07
CA LEU A 563 -48.26 -38.27 9.99
C LEU A 563 -49.03 -37.99 8.71
N LEU A 564 -48.59 -36.96 8.00
CA LEU A 564 -49.30 -36.41 6.84
C LEU A 564 -48.55 -36.83 5.59
N MET A 565 -48.90 -37.99 5.05
CA MET A 565 -48.18 -38.54 3.91
C MET A 565 -48.68 -37.92 2.62
N ILE A 566 -47.74 -37.55 1.76
CA ILE A 566 -48.03 -36.80 0.54
C ILE A 566 -47.87 -37.68 -0.69
N ALA A 567 -46.71 -38.30 -0.86
CA ALA A 567 -46.41 -38.97 -2.12
C ALA A 567 -45.75 -40.30 -1.81
N ILE A 568 -45.22 -40.93 -2.87
CA ILE A 568 -44.89 -42.34 -2.82
C ILE A 568 -43.93 -42.63 -3.97
N GLU A 569 -43.20 -43.73 -3.88
CA GLU A 569 -42.49 -44.27 -5.02
C GLU A 569 -43.37 -45.27 -5.74
N TYR A 570 -43.11 -45.45 -7.04
CA TYR A 570 -43.91 -46.41 -7.81
C TYR A 570 -43.07 -46.85 -9.01
N LYS A 571 -42.56 -48.07 -8.95
CA LYS A 571 -41.83 -48.63 -10.08
C LYS A 571 -42.21 -50.10 -10.27
N SER A 572 -42.55 -50.46 -11.51
CA SER A 572 -42.77 -51.86 -11.85
C SER A 572 -42.41 -52.03 -13.34
N ALA A 573 -41.14 -52.38 -13.59
CA ALA A 573 -40.57 -52.79 -14.88
C ALA A 573 -40.56 -51.71 -15.96
N ASN A 574 -41.15 -50.56 -15.67
CA ASN A 574 -41.28 -49.43 -16.58
C ASN A 574 -40.10 -48.50 -16.32
N ARG A 575 -40.22 -47.24 -16.76
CA ARG A 575 -39.32 -46.17 -16.34
C ARG A 575 -39.27 -46.01 -14.81
N GLU A 576 -38.26 -45.31 -14.33
CA GLU A 576 -37.91 -45.30 -12.91
C GLU A 576 -39.01 -44.67 -12.06
N SER A 577 -38.86 -44.83 -10.75
CA SER A 577 -39.92 -44.66 -9.78
C SER A 577 -40.32 -43.19 -9.71
N ARG A 578 -41.45 -42.87 -10.31
CA ARG A 578 -41.96 -41.52 -10.31
C ARG A 578 -42.48 -41.16 -8.92
N ILE A 579 -42.61 -39.86 -8.68
CA ILE A 579 -43.11 -39.37 -7.41
C ILE A 579 -44.57 -39.00 -7.65
N LEU A 580 -45.47 -39.81 -7.12
CA LEU A 580 -46.89 -39.63 -7.37
C LEU A 580 -47.50 -38.84 -6.23
N ILE A 581 -47.73 -37.55 -6.47
CA ILE A 581 -48.40 -36.70 -5.50
C ILE A 581 -49.85 -37.13 -5.43
N ASN A 582 -50.25 -37.67 -4.27
CA ASN A 582 -51.62 -38.06 -3.91
C ASN A 582 -52.29 -38.95 -4.94
N PRO A 583 -51.92 -40.23 -5.04
CA PRO A 583 -52.65 -41.13 -5.94
C PRO A 583 -54.06 -41.40 -5.43
N GLY A 584 -54.89 -41.93 -6.31
CA GLY A 584 -56.22 -42.33 -5.95
C GLY A 584 -56.23 -43.67 -5.24
N ASN A 585 -57.44 -44.15 -4.98
CA ASN A 585 -57.63 -45.55 -4.50
C ASN A 585 -57.30 -46.49 -5.65
N HIS A 586 -57.10 -45.93 -6.84
CA HIS A 586 -56.74 -46.75 -8.03
C HIS A 586 -55.38 -47.41 -7.80
N LEU A 587 -54.44 -46.72 -7.17
CA LEU A 587 -53.07 -47.26 -7.02
C LEU A 587 -52.86 -47.80 -5.60
N LYS A 588 -52.52 -49.08 -5.48
CA LYS A 588 -52.22 -49.68 -4.14
C LYS A 588 -50.77 -49.40 -3.75
N ILE A 589 -50.44 -49.58 -2.47
CA ILE A 589 -49.05 -49.29 -1.99
C ILE A 589 -48.20 -50.55 -2.12
N GLN A 590 -47.06 -50.44 -2.83
CA GLN A 590 -46.12 -51.58 -2.97
C GLN A 590 -45.30 -51.75 -1.70
N GLU A 591 -44.67 -52.90 -1.50
CA GLU A 591 -43.88 -53.18 -0.28
C GLU A 591 -42.70 -52.22 -0.16
N GLY A 592 -42.02 -51.92 -1.28
CA GLY A 592 -40.79 -51.10 -1.23
C GLY A 592 -41.06 -49.61 -1.39
N THR A 593 -42.33 -49.19 -1.46
CA THR A 593 -42.63 -47.76 -1.73
C THR A 593 -42.04 -46.87 -0.64
N LEU A 594 -41.44 -45.74 -1.04
CA LEU A 594 -40.90 -44.78 -0.06
C LEU A 594 -41.94 -43.69 0.13
N GLY A 595 -42.37 -43.46 1.36
CA GLY A 595 -43.45 -42.48 1.63
C GLY A 595 -42.89 -41.15 2.09
N PHE A 596 -43.33 -40.06 1.44
CA PHE A 596 -42.89 -38.72 1.81
C PHE A 596 -43.96 -38.12 2.70
N PHE A 597 -43.58 -37.72 3.91
CA PHE A 597 -44.56 -37.08 4.79
C PHE A 597 -43.97 -35.90 5.54
N ILE A 598 -44.88 -35.08 6.06
CA ILE A 598 -44.53 -33.90 6.83
C ILE A 598 -44.63 -34.28 8.31
N ALA A 599 -43.49 -34.49 8.93
CA ALA A 599 -43.42 -34.78 10.34
C ALA A 599 -42.93 -33.56 11.10
N SER A 600 -42.65 -33.74 12.38
CA SER A 600 -42.01 -32.69 13.15
C SER A 600 -40.91 -33.23 14.05
N ASP A 601 -40.56 -34.51 13.94
CA ASP A 601 -39.53 -35.12 14.77
C ASP A 601 -39.03 -36.38 14.08
N ALA A 602 -37.84 -36.82 14.49
CA ALA A 602 -37.29 -38.06 13.95
C ALA A 602 -37.98 -39.29 14.52
N LYS A 603 -38.56 -39.18 15.73
CA LYS A 603 -39.30 -40.31 16.27
C LYS A 603 -40.59 -40.55 15.49
N GLU A 604 -41.05 -39.56 14.74
CA GLU A 604 -42.18 -39.77 13.83
C GLU A 604 -41.75 -40.59 12.63
N VAL A 605 -40.61 -40.22 12.01
CA VAL A 605 -40.18 -40.90 10.80
C VAL A 605 -39.64 -42.29 11.12
N LYS A 606 -39.24 -42.55 12.36
CA LYS A 606 -38.81 -43.89 12.73
C LYS A 606 -39.95 -44.88 12.71
N ARG A 607 -41.16 -44.47 13.12
CA ARG A 607 -42.23 -45.43 13.35
C ARG A 607 -43.10 -45.67 12.11
N ALA A 608 -42.53 -45.49 10.92
CA ALA A 608 -43.16 -46.01 9.72
C ALA A 608 -42.38 -47.16 9.08
N PHE A 609 -41.15 -47.41 9.54
CA PHE A 609 -40.55 -48.73 9.32
C PHE A 609 -41.41 -49.80 9.94
N PHE A 610 -41.61 -49.70 11.24
CA PHE A 610 -42.31 -50.69 12.04
C PHE A 610 -43.72 -50.17 12.32
N TYR A 611 -44.71 -50.95 11.92
CA TYR A 611 -46.10 -50.69 12.28
C TYR A 611 -46.86 -52.01 12.10
N CYS A 612 -47.31 -52.57 13.22
CA CYS A 612 -48.01 -53.85 13.19
C CYS A 612 -49.45 -53.62 13.60
N LYS A 613 -50.37 -53.87 12.65
CA LYS A 613 -51.79 -53.64 12.92
C LYS A 613 -52.33 -54.63 13.94
N ALA A 614 -51.75 -55.83 13.99
CA ALA A 614 -52.10 -56.80 15.01
C ALA A 614 -51.55 -56.42 16.38
N CYS A 615 -50.55 -55.54 16.44
CA CYS A 615 -49.99 -55.08 17.69
C CYS A 615 -50.42 -53.66 18.06
N HIS A 616 -50.73 -52.82 17.08
CA HIS A 616 -50.98 -51.40 17.31
C HIS A 616 -52.36 -51.00 16.85
N ASP A 617 -53.36 -51.88 17.05
CA ASP A 617 -54.70 -51.58 16.59
C ASP A 617 -55.36 -50.52 17.47
N ASP A 618 -55.54 -50.83 18.75
CA ASP A 618 -56.05 -49.86 19.71
C ASP A 618 -54.91 -48.91 20.08
N ILE A 619 -55.20 -47.61 20.06
CA ILE A 619 -54.14 -46.61 20.10
C ILE A 619 -54.72 -45.29 20.62
N THR A 620 -53.91 -44.56 21.38
CA THR A 620 -54.29 -43.25 21.90
C THR A 620 -53.19 -42.21 21.83
N ASP A 621 -51.95 -42.57 21.51
CA ASP A 621 -50.81 -41.68 21.63
C ASP A 621 -49.66 -42.27 20.81
N PRO A 622 -48.58 -41.51 20.57
CA PRO A 622 -47.39 -42.12 19.95
C PRO A 622 -46.65 -43.11 20.83
N LYS A 623 -47.03 -43.28 22.10
CA LYS A 623 -46.37 -44.25 22.95
C LYS A 623 -46.89 -45.66 22.73
N ARG A 624 -47.99 -45.84 21.99
CA ARG A 624 -48.45 -47.19 21.67
C ARG A 624 -47.55 -47.88 20.65
N ILE A 625 -46.81 -47.10 19.85
CA ILE A 625 -46.05 -47.68 18.75
C ILE A 625 -44.66 -48.04 19.27
N LYS A 626 -44.42 -49.33 19.44
CA LYS A 626 -43.17 -49.88 19.95
C LYS A 626 -42.51 -50.67 18.82
N LYS A 627 -41.17 -50.83 18.95
CA LYS A 627 -40.32 -51.46 17.94
C LYS A 627 -40.80 -52.85 17.55
N CYS A 628 -40.87 -53.75 18.54
CA CYS A 628 -41.21 -55.14 18.30
C CYS A 628 -42.70 -55.36 18.61
N GLY A 629 -43.11 -56.62 18.58
CA GLY A 629 -44.50 -56.96 18.85
C GLY A 629 -44.99 -58.06 17.94
N CYS A 630 -44.45 -58.12 16.72
CA CYS A 630 -44.81 -59.18 15.79
C CYS A 630 -43.57 -59.73 15.10
N LYS A 631 -43.77 -60.54 14.07
CA LYS A 631 -42.67 -61.18 13.37
C LYS A 631 -42.67 -60.83 11.89
N SER A 681 -61.50 -35.39 -36.02
CA SER A 681 -61.08 -34.57 -34.89
C SER A 681 -59.58 -34.76 -34.60
N ASN A 682 -58.76 -34.40 -35.59
CA ASN A 682 -57.31 -34.46 -35.45
C ASN A 682 -56.76 -33.11 -34.96
N VAL A 683 -57.28 -32.68 -33.82
CA VAL A 683 -57.05 -31.34 -33.31
C VAL A 683 -55.84 -31.39 -32.39
N LYS A 684 -54.84 -30.57 -32.67
CA LYS A 684 -53.65 -30.45 -31.82
C LYS A 684 -54.05 -29.83 -30.50
N LYS A 685 -53.98 -30.62 -29.43
CA LYS A 685 -54.37 -30.14 -28.11
C LYS A 685 -53.22 -30.14 -27.12
N TYR A 686 -52.54 -31.27 -26.94
CA TYR A 686 -51.50 -31.37 -25.94
C TYR A 686 -50.17 -31.63 -26.63
N ASP A 687 -49.12 -31.71 -25.82
CA ASP A 687 -47.77 -31.87 -26.36
C ASP A 687 -47.52 -33.33 -26.74
N SER A 688 -46.26 -33.65 -27.00
CA SER A 688 -45.89 -35.02 -27.35
C SER A 688 -46.04 -35.96 -26.16
N THR A 689 -45.88 -35.45 -24.95
CA THR A 689 -45.97 -36.29 -23.77
C THR A 689 -47.35 -36.28 -23.13
N GLY A 690 -48.26 -35.42 -23.59
CA GLY A 690 -49.56 -35.33 -22.98
C GLY A 690 -49.54 -34.70 -21.61
N MET A 691 -48.53 -33.88 -21.33
CA MET A 691 -48.33 -33.35 -19.99
C MET A 691 -48.58 -31.86 -19.90
N PHE A 692 -48.80 -31.18 -21.01
CA PHE A 692 -49.02 -29.74 -21.01
C PHE A 692 -50.01 -29.38 -22.10
N HIS A 693 -50.73 -28.28 -21.87
CA HIS A 693 -51.60 -27.73 -22.89
C HIS A 693 -50.74 -27.12 -23.98
N TRP A 694 -51.03 -27.45 -25.23
CA TRP A 694 -50.22 -27.03 -26.35
C TRP A 694 -51.06 -26.23 -27.32
N CYS A 695 -50.42 -25.36 -28.08
CA CYS A 695 -51.12 -24.61 -29.10
C CYS A 695 -50.35 -24.66 -30.41
N ALA A 696 -50.87 -23.97 -31.42
CA ALA A 696 -50.17 -23.82 -32.67
C ALA A 696 -49.12 -22.74 -32.47
N PRO A 697 -47.95 -22.87 -33.08
CA PRO A 697 -46.96 -21.81 -32.99
C PRO A 697 -47.40 -20.59 -33.80
N LYS A 698 -47.82 -19.56 -33.08
CA LYS A 698 -48.43 -18.39 -33.69
C LYS A 698 -47.39 -17.28 -33.87
N GLU A 699 -47.83 -16.12 -34.32
CA GLU A 699 -46.98 -14.95 -34.47
C GLU A 699 -47.13 -14.06 -33.24
N ILE A 700 -46.09 -13.27 -32.95
CA ILE A 700 -46.10 -12.42 -31.77
C ILE A 700 -47.08 -11.26 -31.91
N GLU A 701 -47.45 -10.90 -33.14
CA GLU A 701 -48.48 -9.90 -33.32
C GLU A 701 -49.87 -10.45 -33.04
N LYS A 702 -50.04 -11.77 -33.05
CA LYS A 702 -51.34 -12.33 -32.74
C LYS A 702 -51.61 -12.30 -31.25
N VAL A 703 -50.57 -12.21 -30.43
CA VAL A 703 -50.75 -12.12 -28.99
C VAL A 703 -50.46 -10.73 -28.44
N ILE A 704 -49.99 -9.81 -29.28
CA ILE A 704 -49.76 -8.45 -28.84
C ILE A 704 -51.11 -7.76 -28.72
N LEU A 705 -51.16 -6.70 -27.91
CA LEU A 705 -52.34 -5.86 -27.77
C LEU A 705 -51.94 -4.51 -27.20
N THR A 706 -52.63 -3.47 -27.65
CA THR A 706 -52.35 -2.14 -27.14
C THR A 706 -53.06 -1.92 -25.81
N ARG A 707 -53.00 -0.67 -25.34
CA ARG A 707 -53.65 -0.32 -24.08
C ARG A 707 -55.17 -0.34 -24.22
N SER A 708 -55.68 0.39 -25.21
CA SER A 708 -57.12 0.46 -25.39
C SER A 708 -57.68 -0.83 -25.95
N GLU A 709 -56.86 -1.61 -26.65
CA GLU A 709 -57.30 -2.93 -27.09
C GLU A 709 -57.51 -3.86 -25.92
N ALA A 710 -56.66 -3.76 -24.90
CA ALA A 710 -56.90 -4.49 -23.66
C ALA A 710 -58.08 -3.90 -22.90
N ALA A 711 -58.31 -2.59 -23.05
CA ALA A 711 -59.47 -1.98 -22.42
C ALA A 711 -60.77 -2.43 -23.06
N MET A 712 -60.72 -2.86 -24.33
CA MET A 712 -61.91 -3.42 -24.96
C MET A 712 -62.22 -4.81 -24.39
N THR A 713 -61.19 -5.53 -23.94
CA THR A 713 -61.32 -6.93 -23.56
C THR A 713 -61.34 -7.05 -22.05
N VAL A 714 -62.52 -7.32 -21.48
CA VAL A 714 -62.57 -7.72 -20.09
C VAL A 714 -62.05 -9.15 -19.98
N LEU A 715 -61.09 -9.35 -19.10
CA LEU A 715 -60.36 -10.61 -19.03
C LEU A 715 -60.08 -11.00 -17.59
N SER A 716 -61.09 -10.86 -16.72
CA SER A 716 -60.92 -11.05 -15.29
C SER A 716 -60.60 -12.50 -14.94
N GLY A 717 -60.18 -12.70 -13.69
CA GLY A 717 -59.75 -14.00 -13.23
C GLY A 717 -58.43 -14.47 -13.81
N HIS A 718 -57.51 -13.55 -14.06
CA HIS A 718 -56.32 -13.83 -14.84
C HIS A 718 -55.06 -13.49 -14.06
N VAL A 719 -53.92 -13.88 -14.63
CA VAL A 719 -52.62 -13.60 -14.06
C VAL A 719 -51.94 -12.57 -14.94
N VAL A 720 -51.40 -11.52 -14.32
CA VAL A 720 -50.51 -10.60 -15.00
C VAL A 720 -49.12 -10.78 -14.43
N VAL A 721 -48.11 -10.57 -15.26
CA VAL A 721 -46.72 -10.68 -14.85
C VAL A 721 -46.02 -9.38 -15.20
N CYS A 722 -45.57 -8.67 -14.18
CA CYS A 722 -44.86 -7.41 -14.36
C CYS A 722 -43.38 -7.75 -14.53
N ILE A 723 -42.85 -7.50 -15.72
CA ILE A 723 -41.47 -7.84 -16.01
C ILE A 723 -40.70 -6.55 -16.25
N PHE A 724 -39.41 -6.56 -15.89
CA PHE A 724 -38.55 -5.37 -16.00
C PHE A 724 -37.33 -5.76 -16.81
N GLY A 725 -37.47 -5.76 -18.13
CA GLY A 725 -36.43 -6.27 -18.99
C GLY A 725 -36.04 -5.26 -20.05
N ASP A 726 -34.81 -5.38 -20.50
CA ASP A 726 -34.26 -4.54 -21.54
C ASP A 726 -33.75 -5.43 -22.66
N VAL A 727 -33.10 -4.82 -23.65
CA VAL A 727 -32.37 -5.62 -24.62
C VAL A 727 -31.11 -6.18 -23.97
N SER A 728 -30.45 -5.38 -23.14
CA SER A 728 -29.18 -5.78 -22.56
C SER A 728 -29.33 -6.73 -21.38
N SER A 729 -30.48 -6.71 -20.71
CA SER A 729 -30.64 -7.46 -19.48
C SER A 729 -30.76 -8.96 -19.77
N ALA A 730 -30.40 -9.75 -18.78
CA ALA A 730 -30.31 -11.19 -18.95
C ALA A 730 -31.68 -11.82 -19.00
N LEU A 731 -31.78 -12.94 -19.70
CA LEU A 731 -33.01 -13.69 -19.75
C LEU A 731 -33.29 -14.36 -18.43
N ILE A 732 -34.57 -14.54 -18.11
CA ILE A 732 -34.95 -15.31 -16.93
C ILE A 732 -35.31 -16.71 -17.39
N GLY A 733 -36.22 -16.78 -18.34
CA GLY A 733 -36.89 -17.99 -18.71
C GLY A 733 -38.26 -17.94 -18.08
N LEU A 734 -39.24 -17.48 -18.83
CA LEU A 734 -40.63 -17.49 -18.38
C LEU A 734 -41.34 -18.75 -18.80
N ARG A 735 -40.66 -19.58 -19.58
CA ARG A 735 -41.09 -20.94 -19.86
C ARG A 735 -41.27 -21.73 -18.59
N ASN A 736 -40.43 -21.51 -17.58
CA ASN A 736 -40.56 -22.17 -16.30
C ASN A 736 -41.69 -21.59 -15.46
N LEU A 737 -42.30 -20.49 -15.90
CA LEU A 737 -43.49 -19.95 -15.25
C LEU A 737 -44.77 -20.43 -15.90
N VAL A 738 -44.83 -20.38 -17.22
CA VAL A 738 -46.05 -20.73 -17.92
C VAL A 738 -46.30 -22.23 -17.94
N MET A 739 -45.26 -23.07 -18.07
CA MET A 739 -45.45 -24.52 -18.13
C MET A 739 -46.11 -25.12 -16.88
N PRO A 740 -45.70 -24.83 -15.64
CA PRO A 740 -46.46 -25.42 -14.53
C PRO A 740 -47.79 -24.73 -14.31
N LEU A 741 -48.02 -23.59 -14.93
CA LEU A 741 -49.29 -22.92 -14.78
C LEU A 741 -50.28 -23.39 -15.84
N ARG A 742 -49.78 -24.06 -16.88
CA ARG A 742 -50.61 -24.78 -17.84
C ARG A 742 -50.04 -26.18 -18.01
N ALA A 743 -50.45 -27.07 -17.10
CA ALA A 743 -49.76 -28.35 -16.94
C ALA A 743 -50.65 -29.53 -17.32
N SER A 744 -51.64 -29.30 -18.18
CA SER A 744 -52.63 -30.28 -18.64
C SER A 744 -53.41 -30.96 -17.53
N ASN A 745 -53.37 -30.38 -16.34
CA ASN A 745 -54.07 -30.88 -15.18
C ASN A 745 -55.28 -30.00 -14.90
N PHE A 746 -55.43 -28.96 -15.69
CA PHE A 746 -56.55 -28.05 -15.61
C PHE A 746 -57.35 -28.18 -16.89
N HIS A 747 -58.63 -27.87 -16.81
CA HIS A 747 -59.41 -27.86 -18.03
C HIS A 747 -59.15 -26.58 -18.80
N TYR A 748 -59.57 -26.57 -20.07
CA TYR A 748 -59.21 -25.46 -20.94
C TYR A 748 -59.99 -24.20 -20.58
N HIS A 749 -61.14 -24.34 -19.95
CA HIS A 749 -61.81 -23.19 -19.35
C HIS A 749 -61.27 -22.85 -17.98
N GLU A 750 -60.51 -23.75 -17.37
CA GLU A 750 -59.94 -23.54 -16.05
C GLU A 750 -58.61 -22.80 -16.11
N LEU A 751 -57.99 -22.75 -17.29
CA LEU A 751 -56.68 -22.14 -17.45
C LEU A 751 -56.73 -20.63 -17.24
N LYS A 752 -55.68 -20.10 -16.64
CA LYS A 752 -55.58 -18.68 -16.38
C LYS A 752 -54.83 -17.99 -17.52
N HIS A 753 -55.29 -16.80 -17.86
CA HIS A 753 -54.82 -16.09 -19.03
C HIS A 753 -53.67 -15.17 -18.62
N ILE A 754 -52.46 -15.55 -18.98
CA ILE A 754 -51.27 -14.78 -18.59
C ILE A 754 -51.14 -13.58 -19.51
N VAL A 755 -51.03 -12.39 -18.93
CA VAL A 755 -50.82 -11.16 -19.67
C VAL A 755 -49.51 -10.57 -19.18
N PHE A 756 -48.48 -10.62 -20.01
CA PHE A 756 -47.22 -10.01 -19.61
C PHE A 756 -47.28 -8.50 -19.78
N VAL A 757 -46.70 -7.79 -18.82
CA VAL A 757 -46.59 -6.34 -18.87
C VAL A 757 -45.12 -6.00 -18.75
N GLY A 758 -44.56 -5.38 -19.76
CA GLY A 758 -43.17 -5.00 -19.73
C GLY A 758 -42.73 -4.50 -21.08
N SER A 759 -41.42 -4.46 -21.25
CA SER A 759 -40.86 -3.99 -22.51
C SER A 759 -40.96 -5.09 -23.55
N ILE A 760 -41.44 -4.73 -24.74
CA ILE A 760 -41.55 -5.70 -25.81
C ILE A 760 -40.18 -6.10 -26.34
N GLU A 761 -39.19 -5.22 -26.20
CA GLU A 761 -37.84 -5.53 -26.65
C GLU A 761 -37.20 -6.63 -25.82
N TYR A 762 -37.66 -6.82 -24.59
CA TYR A 762 -37.27 -7.97 -23.80
C TYR A 762 -38.07 -9.21 -24.15
N LEU A 763 -39.36 -9.08 -24.39
CA LEU A 763 -40.20 -10.25 -24.58
C LEU A 763 -40.07 -10.85 -25.96
N LYS A 764 -39.64 -10.07 -26.95
CA LYS A 764 -39.39 -10.63 -28.28
C LYS A 764 -38.23 -11.61 -28.24
N ARG A 765 -37.26 -11.35 -27.38
CA ARG A 765 -36.09 -12.21 -27.28
C ARG A 765 -36.43 -13.52 -26.59
N GLU A 766 -37.50 -13.56 -25.79
CA GLU A 766 -37.81 -14.69 -24.95
C GLU A 766 -39.00 -15.50 -25.44
N TRP A 767 -39.89 -14.86 -26.21
CA TRP A 767 -41.16 -15.41 -26.63
C TRP A 767 -41.02 -16.62 -27.54
N GLU A 768 -39.85 -16.85 -28.13
CA GLU A 768 -39.58 -18.03 -28.93
C GLU A 768 -39.55 -19.33 -28.12
N THR A 769 -39.70 -19.27 -26.80
CA THR A 769 -39.90 -20.46 -25.99
C THR A 769 -41.28 -20.50 -25.36
N LEU A 770 -42.12 -19.50 -25.61
CA LEU A 770 -43.44 -19.44 -25.01
C LEU A 770 -44.53 -19.42 -26.07
N HIS A 771 -44.17 -19.74 -27.31
CA HIS A 771 -45.10 -19.51 -28.40
C HIS A 771 -45.86 -20.78 -28.75
N ASN A 772 -45.94 -21.71 -27.80
CA ASN A 772 -46.70 -22.93 -28.02
C ASN A 772 -47.78 -23.11 -26.96
N PHE A 773 -48.30 -22.02 -26.44
CA PHE A 773 -49.18 -22.06 -25.27
C PHE A 773 -50.51 -21.41 -25.61
N PRO A 774 -51.62 -21.92 -25.05
CA PRO A 774 -52.93 -21.63 -25.66
C PRO A 774 -53.43 -20.22 -25.46
N LYS A 775 -53.16 -19.58 -24.32
CA LYS A 775 -53.71 -18.25 -24.13
C LYS A 775 -52.73 -17.40 -23.34
N VAL A 776 -52.06 -16.51 -24.06
CA VAL A 776 -51.09 -15.62 -23.44
C VAL A 776 -51.12 -14.29 -24.16
N SER A 777 -51.08 -13.20 -23.41
CA SER A 777 -51.12 -11.88 -24.00
C SER A 777 -49.88 -11.09 -23.62
N ILE A 778 -49.57 -10.08 -24.43
CA ILE A 778 -48.48 -9.17 -24.13
C ILE A 778 -49.04 -7.75 -24.11
N LEU A 779 -48.81 -7.04 -23.02
CA LEU A 779 -49.11 -5.61 -23.00
C LEU A 779 -47.79 -4.85 -22.96
N PRO A 780 -47.30 -4.36 -24.08
CA PRO A 780 -46.01 -3.67 -24.09
C PRO A 780 -46.08 -2.32 -23.39
N GLY A 781 -45.38 -2.20 -22.28
CA GLY A 781 -45.41 -0.98 -21.50
C GLY A 781 -44.43 -0.99 -20.35
N THR A 782 -44.87 -0.45 -19.21
CA THR A 782 -44.04 -0.38 -18.04
C THR A 782 -44.94 -0.75 -16.86
N PRO A 783 -44.48 -1.57 -15.93
CA PRO A 783 -45.28 -1.83 -14.74
C PRO A 783 -45.43 -0.62 -13.84
N LEU A 784 -44.51 0.34 -13.95
CA LEU A 784 -44.64 1.58 -13.19
C LEU A 784 -45.72 2.46 -13.79
N SER A 785 -46.01 2.26 -15.08
CA SER A 785 -47.07 3.01 -15.73
C SER A 785 -48.43 2.56 -15.23
N ARG A 786 -49.09 3.43 -14.46
CA ARG A 786 -50.33 3.05 -13.80
C ARG A 786 -51.48 2.92 -14.80
N ALA A 787 -51.38 3.58 -15.95
CA ALA A 787 -52.42 3.45 -16.96
C ALA A 787 -52.41 2.06 -17.58
N ASP A 788 -51.23 1.46 -17.71
CA ASP A 788 -51.14 0.11 -18.25
C ASP A 788 -51.73 -0.91 -17.30
N LEU A 789 -51.50 -0.73 -16.00
CA LEU A 789 -52.13 -1.61 -15.03
C LEU A 789 -53.62 -1.30 -14.90
N ARG A 790 -54.02 -0.08 -15.22
CA ARG A 790 -55.43 0.27 -15.18
C ARG A 790 -56.18 -0.42 -16.29
N ALA A 791 -55.61 -0.44 -17.50
CA ALA A 791 -56.23 -1.16 -18.61
C ALA A 791 -55.68 -2.56 -18.74
N VAL A 792 -55.59 -3.30 -17.63
CA VAL A 792 -55.31 -4.73 -17.72
C VAL A 792 -56.24 -5.42 -16.73
N ASN A 793 -57.09 -4.62 -16.08
CA ASN A 793 -57.99 -5.03 -15.00
C ASN A 793 -57.21 -5.67 -13.85
N ILE A 794 -56.35 -4.86 -13.24
CA ILE A 794 -55.51 -5.35 -12.14
C ILE A 794 -56.34 -5.60 -10.89
N ASN A 795 -57.45 -4.89 -10.72
CA ASN A 795 -58.21 -5.01 -9.48
C ASN A 795 -59.04 -6.29 -9.47
N LEU A 796 -59.53 -6.72 -10.62
CA LEU A 796 -60.28 -7.96 -10.62
C LEU A 796 -59.54 -9.05 -11.38
N CYS A 797 -58.22 -9.04 -11.28
CA CYS A 797 -57.42 -10.14 -11.79
C CYS A 797 -57.40 -11.25 -10.74
N ASP A 798 -56.63 -12.29 -11.01
CA ASP A 798 -56.43 -13.32 -10.00
C ASP A 798 -55.16 -13.11 -9.21
N MET A 799 -54.03 -12.86 -9.89
CA MET A 799 -52.80 -12.53 -9.17
C MET A 799 -51.86 -11.76 -10.07
N CYS A 800 -51.20 -10.76 -9.50
CA CYS A 800 -50.10 -10.07 -10.14
C CYS A 800 -48.77 -10.65 -9.69
N VAL A 801 -47.81 -10.69 -10.61
CA VAL A 801 -46.49 -11.24 -10.35
C VAL A 801 -45.47 -10.20 -10.77
N ILE A 802 -44.59 -9.84 -9.84
CA ILE A 802 -43.54 -8.86 -10.11
C ILE A 802 -42.20 -9.58 -10.09
N LEU A 803 -41.48 -9.50 -11.19
CA LEU A 803 -40.21 -10.19 -11.34
C LEU A 803 -39.08 -9.21 -11.58
N SER A 804 -37.92 -9.53 -11.04
CA SER A 804 -36.72 -8.71 -11.17
C SER A 804 -35.86 -9.33 -12.26
N ALA A 805 -35.94 -8.78 -13.47
CA ALA A 805 -35.08 -9.28 -14.52
C ALA A 805 -33.75 -8.54 -14.59
N ASN A 806 -33.73 -7.26 -14.21
CA ASN A 806 -32.53 -6.45 -14.33
C ASN A 806 -31.56 -6.79 -13.21
N GLN A 807 -30.96 -7.96 -13.27
CA GLN A 807 -30.12 -8.49 -12.22
C GLN A 807 -28.68 -8.30 -12.64
N ASN A 808 -28.17 -7.09 -12.46
CA ASN A 808 -26.81 -6.77 -12.86
C ASN A 808 -26.06 -5.90 -11.86
N ASN A 809 -26.61 -5.60 -10.70
CA ASN A 809 -25.96 -4.68 -9.78
C ASN A 809 -24.77 -5.36 -9.11
N ILE A 810 -23.61 -4.72 -9.21
CA ILE A 810 -22.42 -5.14 -8.48
C ILE A 810 -22.36 -4.45 -7.13
N ASP A 811 -22.53 -3.13 -7.12
CA ASP A 811 -22.59 -2.38 -5.87
C ASP A 811 -23.97 -2.55 -5.23
N ASP A 812 -24.08 -2.03 -4.00
CA ASP A 812 -25.26 -1.76 -3.16
C ASP A 812 -26.39 -2.77 -3.30
N THR A 813 -26.09 -4.05 -3.02
CA THR A 813 -26.99 -5.15 -3.34
C THR A 813 -28.26 -5.15 -2.51
N SER A 814 -28.30 -4.38 -1.43
CA SER A 814 -29.54 -4.16 -0.70
C SER A 814 -30.50 -3.26 -1.45
N LEU A 815 -30.02 -2.54 -2.45
CA LEU A 815 -30.80 -1.65 -3.27
C LEU A 815 -31.11 -2.26 -4.62
N GLN A 816 -30.83 -3.56 -4.79
CA GLN A 816 -30.86 -4.20 -6.11
C GLN A 816 -32.28 -4.31 -6.64
N ASP A 817 -33.20 -4.78 -5.82
CA ASP A 817 -34.59 -4.94 -6.25
C ASP A 817 -35.39 -3.69 -5.96
N LYS A 818 -34.93 -2.59 -6.57
CA LYS A 818 -35.53 -1.30 -6.32
C LYS A 818 -36.81 -1.11 -7.10
N GLU A 819 -36.87 -1.55 -8.36
CA GLU A 819 -38.14 -1.49 -9.06
C GLU A 819 -38.90 -2.79 -8.94
N CYS A 820 -38.99 -3.33 -7.74
CA CYS A 820 -39.97 -4.36 -7.45
C CYS A 820 -40.86 -3.96 -6.29
N ILE A 821 -40.27 -3.53 -5.18
CA ILE A 821 -41.08 -3.11 -4.05
C ILE A 821 -41.73 -1.78 -4.36
N LEU A 822 -41.09 -0.98 -5.21
CA LEU A 822 -41.68 0.29 -5.62
C LEU A 822 -42.87 0.05 -6.53
N ALA A 823 -42.77 -0.91 -7.44
CA ALA A 823 -43.90 -1.25 -8.29
C ALA A 823 -45.03 -1.89 -7.50
N SER A 824 -44.70 -2.67 -6.47
CA SER A 824 -45.72 -3.26 -5.63
C SER A 824 -46.46 -2.20 -4.83
N LEU A 825 -45.73 -1.21 -4.31
CA LEU A 825 -46.39 -0.11 -3.61
C LEU A 825 -47.23 0.73 -4.56
N ASN A 826 -46.76 0.91 -5.78
CA ASN A 826 -47.54 1.57 -6.82
C ASN A 826 -48.84 0.84 -7.10
N ILE A 827 -48.83 -0.49 -7.13
CA ILE A 827 -50.04 -1.27 -7.28
C ILE A 827 -50.95 -1.13 -6.07
N LYS A 828 -50.39 -1.29 -4.87
CA LYS A 828 -51.20 -1.32 -3.65
C LYS A 828 -51.84 0.02 -3.34
N SER A 829 -51.23 1.13 -3.75
CA SER A 829 -51.87 2.42 -3.57
C SER A 829 -52.58 2.86 -4.85
N MET A 830 -53.64 2.15 -5.18
CA MET A 830 -54.49 2.48 -6.31
C MET A 830 -55.95 2.43 -5.87
N GLN A 831 -56.76 3.30 -6.44
CA GLN A 831 -58.17 3.36 -6.15
C GLN A 831 -58.95 2.98 -7.40
N PHE A 832 -60.17 2.49 -7.21
CA PHE A 832 -60.99 2.00 -8.31
C PHE A 832 -62.44 2.36 -8.07
N ASP A 833 -63.28 2.06 -9.07
CA ASP A 833 -64.72 2.29 -8.99
C ASP A 833 -65.44 1.00 -9.34
N ASP A 834 -66.57 0.78 -8.68
CA ASP A 834 -67.33 -0.45 -8.86
C ASP A 834 -68.07 -0.47 -10.21
N THR A 871 -62.78 0.41 -5.52
CA THR A 871 -62.24 0.37 -4.16
C THR A 871 -60.73 0.62 -4.18
N THR A 872 -60.13 0.64 -3.00
CA THR A 872 -58.70 0.81 -2.87
C THR A 872 -58.01 -0.52 -3.08
N GLY A 873 -56.98 -0.54 -3.92
CA GLY A 873 -56.33 -1.77 -4.30
C GLY A 873 -55.31 -2.31 -3.34
N VAL A 874 -55.61 -2.29 -2.04
CA VAL A 874 -54.76 -2.98 -1.07
C VAL A 874 -55.08 -4.46 -1.02
N ASN A 875 -56.21 -4.87 -1.59
CA ASN A 875 -56.65 -6.26 -1.56
C ASN A 875 -56.18 -7.04 -2.78
N ILE A 876 -55.33 -6.46 -3.61
CA ILE A 876 -54.92 -7.12 -4.84
C ILE A 876 -53.90 -8.20 -4.50
N PRO A 877 -54.08 -9.43 -4.95
CA PRO A 877 -53.10 -10.48 -4.67
C PRO A 877 -51.85 -10.29 -5.50
N ILE A 878 -50.75 -9.89 -4.87
CA ILE A 878 -49.49 -9.72 -5.58
C ILE A 878 -48.45 -10.62 -4.94
N ILE A 879 -47.50 -11.07 -5.77
CA ILE A 879 -46.30 -11.75 -5.31
C ILE A 879 -45.13 -11.13 -6.02
N THR A 880 -44.19 -10.61 -5.26
CA THR A 880 -43.04 -9.92 -5.82
C THR A 880 -41.76 -10.66 -5.45
N GLU A 881 -40.96 -10.98 -6.45
CA GLU A 881 -39.67 -11.59 -6.22
C GLU A 881 -38.74 -10.60 -5.56
N LEU A 882 -38.17 -10.98 -4.43
CA LEU A 882 -37.16 -10.16 -3.77
C LEU A 882 -35.89 -10.96 -3.62
N VAL A 883 -34.78 -10.23 -3.47
CA VAL A 883 -33.46 -10.83 -3.47
C VAL A 883 -32.76 -10.68 -2.15
N ASN A 884 -33.32 -9.93 -1.21
CA ASN A 884 -32.63 -9.66 0.04
C ASN A 884 -33.58 -9.87 1.21
N ASP A 885 -33.05 -10.48 2.26
CA ASP A 885 -33.86 -10.79 3.43
C ASP A 885 -34.17 -9.56 4.25
N THR A 886 -33.26 -8.58 4.25
CA THR A 886 -33.45 -7.33 4.97
C THR A 886 -34.24 -6.33 4.18
N ASN A 887 -34.95 -6.79 3.16
CA ASN A 887 -35.61 -5.93 2.20
C ASN A 887 -37.08 -6.30 2.09
N VAL A 888 -37.50 -7.37 2.76
CA VAL A 888 -38.81 -7.95 2.52
C VAL A 888 -39.91 -7.28 3.33
N GLN A 889 -39.54 -6.56 4.39
CA GLN A 889 -40.52 -5.92 5.24
C GLN A 889 -40.95 -4.57 4.72
N PHE A 890 -40.47 -4.17 3.55
CA PHE A 890 -40.89 -2.90 2.99
C PHE A 890 -42.24 -3.01 2.31
N LEU A 891 -42.71 -4.23 2.05
CA LEU A 891 -43.88 -4.43 1.20
C LEU A 891 -45.17 -4.16 1.95
N ASP A 892 -45.44 -4.94 2.98
CA ASP A 892 -46.66 -4.83 3.76
C ASP A 892 -46.25 -4.33 5.14
N GLN A 893 -46.46 -3.04 5.37
CA GLN A 893 -46.29 -2.50 6.70
C GLN A 893 -47.51 -1.66 7.04
N ASP A 894 -48.19 -2.04 8.12
CA ASP A 894 -49.17 -1.21 8.80
C ASP A 894 -48.88 -1.29 10.29
N ASP A 895 -48.26 -2.40 10.68
CA ASP A 895 -47.85 -2.66 12.05
C ASP A 895 -46.35 -2.90 12.07
N ASP A 896 -45.64 -2.09 12.83
CA ASP A 896 -44.20 -2.29 13.01
C ASP A 896 -43.96 -3.52 13.86
N ASP A 897 -43.48 -4.59 13.23
CA ASP A 897 -43.15 -5.79 13.97
C ASP A 897 -41.86 -5.59 14.75
N ASP A 898 -40.77 -5.39 14.04
CA ASP A 898 -39.42 -5.23 14.55
C ASP A 898 -38.62 -4.83 13.32
N PRO A 899 -37.71 -3.85 13.41
CA PRO A 899 -36.79 -3.61 12.29
C PRO A 899 -35.92 -4.81 11.95
N ASP A 900 -35.39 -5.50 12.95
CA ASP A 900 -34.69 -6.76 12.72
C ASP A 900 -35.61 -7.94 13.04
N THR A 901 -36.56 -8.15 12.15
CA THR A 901 -37.42 -9.32 12.20
C THR A 901 -36.75 -10.43 11.39
N GLU A 902 -36.91 -11.67 11.86
CA GLU A 902 -36.47 -12.80 11.07
C GLU A 902 -37.30 -12.92 9.80
N LEU A 903 -36.73 -13.60 8.80
CA LEU A 903 -37.34 -13.67 7.49
C LEU A 903 -38.65 -14.44 7.52
N TYR A 904 -38.71 -15.52 8.28
CA TYR A 904 -39.96 -16.26 8.34
C TYR A 904 -40.98 -15.61 9.26
N LEU A 905 -40.54 -14.76 10.18
CA LEU A 905 -41.47 -14.16 11.12
C LEU A 905 -42.16 -12.92 10.59
N THR A 906 -41.71 -12.37 9.47
CA THR A 906 -42.28 -11.11 9.04
C THR A 906 -43.62 -11.34 8.35
N GLN A 907 -44.39 -10.26 8.23
CA GLN A 907 -45.73 -10.37 7.67
C GLN A 907 -45.77 -10.66 6.17
N PRO A 908 -45.03 -9.99 5.28
CA PRO A 908 -45.22 -10.28 3.85
C PRO A 908 -44.71 -11.64 3.42
N PHE A 909 -43.76 -12.21 4.15
CA PHE A 909 -43.34 -13.57 3.86
C PHE A 909 -44.40 -14.55 4.30
N ALA A 910 -44.89 -14.40 5.53
CA ALA A 910 -45.87 -15.33 6.09
C ALA A 910 -47.21 -15.24 5.38
N CYS A 911 -47.53 -14.12 4.76
CA CYS A 911 -48.75 -14.04 3.99
C CYS A 911 -48.60 -14.62 2.60
N GLY A 912 -47.37 -14.93 2.19
CA GLY A 912 -47.13 -15.47 0.87
C GLY A 912 -47.06 -14.43 -0.24
N THR A 913 -47.17 -13.15 0.09
CA THR A 913 -47.13 -12.09 -0.90
C THR A 913 -45.72 -11.60 -1.17
N ALA A 914 -44.71 -12.37 -0.79
CA ALA A 914 -43.33 -11.91 -0.93
C ALA A 914 -42.45 -13.15 -1.02
N PHE A 915 -42.06 -13.51 -2.23
CA PHE A 915 -41.18 -14.65 -2.42
C PHE A 915 -39.73 -14.17 -2.38
N ALA A 916 -39.04 -14.48 -1.28
CA ALA A 916 -37.61 -14.26 -1.25
C ALA A 916 -36.92 -15.30 -2.13
N VAL A 917 -35.72 -14.95 -2.60
CA VAL A 917 -34.94 -15.86 -3.41
C VAL A 917 -33.92 -16.61 -2.58
N SER A 918 -33.76 -16.26 -1.30
CA SER A 918 -32.87 -16.96 -0.39
C SER A 918 -33.36 -18.37 -0.06
N VAL A 919 -34.64 -18.62 -0.34
CA VAL A 919 -35.24 -19.95 -0.25
C VAL A 919 -34.46 -20.98 -1.07
N LEU A 920 -33.94 -20.55 -2.22
CA LEU A 920 -33.20 -21.47 -3.09
C LEU A 920 -31.87 -21.88 -2.48
N ASP A 921 -31.16 -20.93 -1.87
CA ASP A 921 -29.94 -21.32 -1.17
C ASP A 921 -30.24 -22.08 0.11
N SER A 922 -31.44 -21.94 0.65
CA SER A 922 -31.83 -22.81 1.75
C SER A 922 -32.09 -24.23 1.27
N LEU A 923 -32.47 -24.39 0.00
CA LEU A 923 -32.73 -25.72 -0.55
C LEU A 923 -31.50 -26.61 -0.60
N MET A 924 -30.30 -26.02 -0.68
CA MET A 924 -29.12 -26.84 -0.89
C MET A 924 -28.75 -27.66 0.34
N SER A 925 -29.00 -27.12 1.53
CA SER A 925 -28.76 -27.88 2.75
C SER A 925 -29.73 -29.06 2.85
N ALA A 926 -31.00 -28.82 2.57
CA ALA A 926 -31.98 -29.90 2.62
C ALA A 926 -31.74 -30.93 1.54
N THR A 927 -31.21 -30.50 0.39
CA THR A 927 -30.79 -31.44 -0.64
C THR A 927 -29.58 -32.25 -0.20
N TYR A 928 -28.70 -31.64 0.59
CA TYR A 928 -27.57 -32.36 1.13
C TYR A 928 -28.00 -33.43 2.14
N PHE A 929 -28.96 -33.13 3.00
CA PHE A 929 -29.28 -34.11 4.04
C PHE A 929 -30.27 -35.15 3.54
N ASN A 930 -31.16 -34.79 2.62
CA ASN A 930 -32.02 -35.77 1.98
C ASN A 930 -31.97 -35.55 0.47
N ASP A 931 -31.73 -36.62 -0.26
CA ASP A 931 -31.65 -36.56 -1.72
C ASP A 931 -33.01 -36.49 -2.39
N ASN A 932 -34.08 -36.52 -1.63
CA ASN A 932 -35.41 -36.66 -2.18
C ASN A 932 -36.29 -35.44 -1.93
N ILE A 933 -35.79 -34.45 -1.17
CA ILE A 933 -36.52 -33.21 -1.03
C ILE A 933 -36.61 -32.50 -2.37
N LEU A 934 -35.50 -32.47 -3.11
CA LEU A 934 -35.48 -31.82 -4.41
C LEU A 934 -36.36 -32.55 -5.40
N THR A 935 -36.37 -33.88 -5.36
CA THR A 935 -37.20 -34.66 -6.26
C THR A 935 -38.67 -34.45 -5.97
N LEU A 936 -39.03 -34.43 -4.68
CA LEU A 936 -40.42 -34.19 -4.28
C LEU A 936 -40.88 -32.80 -4.68
N ILE A 937 -40.07 -31.79 -4.40
CA ILE A 937 -40.44 -30.41 -4.72
C ILE A 937 -40.50 -30.20 -6.24
N ARG A 938 -39.58 -30.83 -6.97
CA ARG A 938 -39.55 -30.67 -8.41
C ARG A 938 -40.72 -31.36 -9.08
N THR A 939 -41.18 -32.50 -8.55
CA THR A 939 -42.39 -33.10 -9.09
C THR A 939 -43.63 -32.39 -8.63
N LEU A 940 -43.59 -31.74 -7.46
CA LEU A 940 -44.76 -31.05 -6.95
C LEU A 940 -45.00 -29.75 -7.69
N VAL A 941 -43.93 -29.07 -8.07
CA VAL A 941 -43.99 -27.67 -8.45
C VAL A 941 -43.98 -27.49 -9.96
N THR A 942 -43.13 -28.23 -10.67
CA THR A 942 -43.16 -28.17 -12.13
C THR A 942 -44.44 -28.79 -12.68
N GLY A 943 -45.06 -29.70 -11.94
CA GLY A 943 -46.29 -30.31 -12.38
C GLY A 943 -46.02 -31.36 -13.42
N GLY A 944 -45.17 -32.33 -13.09
CA GLY A 944 -44.77 -33.33 -14.04
C GLY A 944 -43.43 -33.01 -14.66
N ALA A 945 -42.41 -33.73 -14.25
CA ALA A 945 -41.04 -33.51 -14.67
C ALA A 945 -40.38 -34.82 -15.05
N THR A 946 -41.05 -35.56 -15.92
CA THR A 946 -40.54 -36.85 -16.36
C THR A 946 -39.25 -36.67 -17.15
N PRO A 947 -38.29 -37.61 -17.04
CA PRO A 947 -37.04 -37.46 -17.79
C PRO A 947 -37.21 -37.60 -19.29
N GLU A 948 -38.28 -38.24 -19.75
CA GLU A 948 -38.58 -38.22 -21.18
C GLU A 948 -38.89 -36.81 -21.67
N LEU A 949 -39.54 -36.00 -20.83
CA LEU A 949 -39.78 -34.60 -21.17
C LEU A 949 -38.48 -33.82 -21.22
N GLU A 950 -37.59 -34.08 -20.26
CA GLU A 950 -36.28 -33.45 -20.25
C GLU A 950 -35.46 -33.84 -21.48
N ALA A 951 -35.61 -35.08 -21.93
CA ALA A 951 -34.88 -35.53 -23.10
C ALA A 951 -35.45 -34.92 -24.38
N LEU A 952 -36.78 -34.78 -24.44
CA LEU A 952 -37.38 -34.19 -25.64
C LEU A 952 -37.12 -32.69 -25.73
N ILE A 953 -37.08 -32.01 -24.59
CA ILE A 953 -36.66 -30.61 -24.61
C ILE A 953 -35.16 -30.51 -24.90
N ALA A 954 -34.40 -31.52 -24.46
CA ALA A 954 -32.94 -31.47 -24.54
C ALA A 954 -32.42 -31.50 -25.97
N GLU A 955 -33.22 -31.92 -26.94
CA GLU A 955 -32.74 -32.03 -28.30
C GLU A 955 -33.14 -30.86 -29.20
N GLU A 956 -34.19 -30.13 -28.86
CA GLU A 956 -34.57 -29.00 -29.70
C GLU A 956 -34.97 -27.75 -28.94
N ASN A 957 -35.09 -27.81 -27.61
CA ASN A 957 -35.49 -26.68 -26.74
C ASN A 957 -36.84 -26.13 -27.17
N ALA A 958 -37.76 -27.03 -27.50
CA ALA A 958 -39.08 -26.64 -27.97
C ALA A 958 -40.07 -27.73 -27.60
N LEU A 959 -41.12 -27.36 -26.88
CA LEU A 959 -42.15 -28.31 -26.47
C LEU A 959 -43.03 -28.60 -27.67
N ARG A 960 -42.65 -29.61 -28.44
CA ARG A 960 -43.40 -29.96 -29.63
C ARG A 960 -44.68 -30.68 -29.27
N GLY A 961 -45.65 -30.61 -30.17
CA GLY A 961 -46.95 -31.18 -29.92
C GLY A 961 -47.08 -32.61 -30.41
N GLY A 962 -48.11 -33.29 -29.92
CA GLY A 962 -48.37 -34.64 -30.32
C GLY A 962 -49.86 -34.90 -30.44
N TYR A 963 -50.19 -36.07 -30.96
CA TYR A 963 -51.57 -36.48 -31.03
C TYR A 963 -52.03 -37.04 -29.69
N SER A 964 -53.32 -37.31 -29.59
CA SER A 964 -53.91 -37.80 -28.35
C SER A 964 -54.23 -39.28 -28.49
N THR A 965 -53.65 -40.09 -27.61
CA THR A 965 -53.92 -41.52 -27.51
C THR A 965 -54.54 -41.78 -26.14
N PRO A 966 -55.12 -42.96 -25.90
CA PRO A 966 -55.50 -43.29 -24.51
C PRO A 966 -54.31 -43.42 -23.58
N GLN A 967 -53.13 -43.75 -24.10
CA GLN A 967 -51.92 -43.67 -23.29
C GLN A 967 -51.60 -42.21 -22.96
N THR A 968 -51.88 -41.30 -23.88
CA THR A 968 -51.57 -39.89 -23.70
C THR A 968 -52.45 -39.26 -22.63
N LEU A 969 -53.77 -39.47 -22.72
CA LEU A 969 -54.69 -38.88 -21.76
C LEU A 969 -54.59 -39.51 -20.38
N ALA A 970 -54.06 -40.73 -20.29
CA ALA A 970 -53.82 -41.32 -18.99
C ALA A 970 -52.66 -40.66 -18.27
N ASN A 971 -51.80 -39.95 -19.00
CA ASN A 971 -50.63 -39.34 -18.39
C ASN A 971 -51.02 -38.14 -17.55
N ARG A 972 -52.11 -37.46 -17.89
CA ARG A 972 -52.54 -36.30 -17.12
C ARG A 972 -53.52 -36.68 -16.00
N ASP A 973 -53.14 -37.69 -15.23
CA ASP A 973 -53.94 -38.15 -14.10
C ASP A 973 -53.39 -37.63 -12.78
N ARG A 974 -52.39 -36.75 -12.83
CA ARG A 974 -51.79 -36.18 -11.64
C ARG A 974 -52.76 -35.26 -10.93
N CYS A 975 -52.49 -34.96 -9.67
CA CYS A 975 -53.36 -34.06 -8.92
C CYS A 975 -52.70 -32.69 -8.85
N ARG A 976 -53.54 -31.68 -8.69
CA ARG A 976 -53.12 -30.30 -8.74
C ARG A 976 -53.13 -29.70 -7.35
N VAL A 977 -52.84 -28.41 -7.28
CA VAL A 977 -52.83 -27.66 -6.04
C VAL A 977 -53.93 -26.61 -6.12
N ALA A 978 -54.78 -26.55 -5.11
CA ALA A 978 -55.86 -25.58 -5.10
C ALA A 978 -56.22 -25.23 -3.67
N GLN A 979 -57.01 -24.19 -3.53
CA GLN A 979 -57.58 -23.77 -2.26
C GLN A 979 -59.08 -24.00 -2.26
N LEU A 980 -59.63 -24.09 -1.05
CA LEU A 980 -61.06 -24.46 -0.88
C LEU A 980 -61.70 -23.47 0.10
N ALA A 981 -62.79 -22.83 -0.32
CA ALA A 981 -63.51 -21.92 0.61
C ALA A 981 -64.45 -22.76 1.47
N LEU A 982 -64.27 -22.70 2.78
CA LEU A 982 -65.12 -23.48 3.72
C LEU A 982 -66.56 -22.99 3.64
N LEU A 983 -66.79 -21.68 3.51
CA LEU A 983 -68.17 -21.14 3.58
C LEU A 983 -69.09 -21.72 2.50
N ASP A 984 -68.64 -21.80 1.25
CA ASP A 984 -69.54 -22.28 0.16
C ASP A 984 -69.30 -23.76 -0.09
N GLY A 985 -68.34 -24.37 0.61
CA GLY A 985 -67.98 -25.78 0.36
C GLY A 985 -68.93 -26.78 0.99
N PRO A 986 -68.87 -28.07 0.60
CA PRO A 986 -69.70 -29.11 1.22
C PRO A 986 -69.26 -29.24 2.69
N PHE A 987 -68.04 -28.80 3.00
CA PHE A 987 -67.49 -28.89 4.38
C PHE A 987 -67.89 -27.65 5.18
N ALA A 988 -68.80 -26.84 4.62
CA ALA A 988 -69.26 -25.61 5.30
C ALA A 988 -69.87 -25.97 6.66
N ASP A 989 -70.58 -27.09 6.75
CA ASP A 989 -71.15 -27.55 8.04
C ASP A 989 -69.98 -27.73 9.02
N LEU A 990 -68.87 -28.28 8.55
CA LEU A 990 -67.66 -28.42 9.40
C LEU A 990 -66.91 -27.08 9.40
N GLY A 991 -67.41 -26.11 8.63
CA GLY A 991 -66.76 -24.79 8.54
C GLY A 991 -66.69 -24.09 9.87
N ASP A 992 -67.73 -24.19 10.71
CA ASP A 992 -67.71 -23.43 11.97
C ASP A 992 -67.28 -24.35 13.12
N GLY A 993 -66.08 -24.13 13.69
CA GLY A 993 -65.65 -24.91 14.86
C GLY A 993 -65.23 -26.32 14.50
N GLY A 994 -65.17 -26.66 13.21
CA GLY A 994 -64.85 -28.03 12.80
C GLY A 994 -63.42 -28.41 13.16
N CYS A 995 -63.22 -29.63 13.66
CA CYS A 995 -61.83 -30.10 13.91
C CYS A 995 -61.13 -30.27 12.57
N TYR A 996 -59.86 -29.89 12.50
CA TYR A 996 -59.12 -29.98 11.21
C TYR A 996 -59.06 -31.45 10.80
N GLY A 997 -58.89 -32.35 11.78
CA GLY A 997 -58.77 -33.79 11.46
C GLY A 997 -60.02 -34.30 10.78
N ASP A 998 -61.20 -33.89 11.27
CA ASP A 998 -62.48 -34.36 10.67
C ASP A 998 -62.52 -33.89 9.22
N LEU A 999 -62.14 -32.62 8.97
CA LEU A 999 -62.20 -32.05 7.61
C LEU A 999 -61.24 -32.85 6.71
N PHE A 1000 -60.05 -33.14 7.22
CA PHE A 1000 -59.05 -33.86 6.39
C PHE A 1000 -59.61 -35.25 6.04
N CYS A 1001 -60.15 -35.94 7.04
CA CYS A 1001 -60.62 -37.32 6.80
C CYS A 1001 -61.77 -37.29 5.79
N LYS A 1002 -62.72 -36.37 5.98
CA LYS A 1002 -63.90 -36.37 5.09
C LYS A 1002 -63.43 -36.11 3.66
N ALA A 1003 -62.53 -35.13 3.48
CA ALA A 1003 -62.10 -34.79 2.11
C ALA A 1003 -61.37 -35.97 1.47
N LEU A 1004 -60.45 -36.58 2.21
CA LEU A 1004 -59.64 -37.67 1.60
C LEU A 1004 -60.58 -38.80 1.22
N LYS A 1005 -61.52 -39.15 2.11
CA LYS A 1005 -62.46 -40.26 1.85
C LYS A 1005 -63.42 -39.93 0.71
N THR A 1006 -63.96 -38.71 0.65
CA THR A 1006 -65.03 -38.44 -0.34
C THR A 1006 -64.48 -37.92 -1.68
N TYR A 1007 -63.68 -36.86 -1.66
CA TYR A 1007 -63.19 -36.26 -2.93
C TYR A 1007 -61.74 -36.65 -3.19
N ASN A 1008 -61.15 -37.46 -2.31
CA ASN A 1008 -59.73 -37.87 -2.46
C ASN A 1008 -58.86 -36.62 -2.53
N MET A 1009 -59.15 -35.61 -1.71
CA MET A 1009 -58.29 -34.39 -1.68
C MET A 1009 -57.48 -34.42 -0.38
N LEU A 1010 -56.16 -34.38 -0.50
CA LEU A 1010 -55.29 -34.38 0.71
C LEU A 1010 -55.37 -32.99 1.34
N CYS A 1011 -56.03 -32.86 2.50
CA CYS A 1011 -56.01 -31.58 3.17
C CYS A 1011 -54.58 -31.25 3.61
N PHE A 1012 -54.13 -30.08 3.24
CA PHE A 1012 -52.71 -29.82 3.07
C PHE A 1012 -52.20 -28.73 3.99
N GLY A 1013 -53.07 -27.86 4.50
CA GLY A 1013 -52.68 -26.77 5.36
C GLY A 1013 -53.72 -25.68 5.28
N ILE A 1014 -53.89 -24.91 6.36
CA ILE A 1014 -54.97 -23.94 6.44
C ILE A 1014 -54.40 -22.55 6.21
N TYR A 1015 -55.00 -21.83 5.27
CA TYR A 1015 -54.57 -20.48 4.92
C TYR A 1015 -55.48 -19.49 5.64
N ARG A 1016 -55.16 -19.24 6.90
CA ARG A 1016 -56.04 -18.53 7.82
C ARG A 1016 -55.85 -17.03 7.74
N LEU A 1017 -56.96 -16.31 7.86
CA LEU A 1017 -56.95 -14.86 7.83
C LEU A 1017 -56.23 -14.31 9.07
N ARG A 1018 -55.64 -13.12 8.92
CA ARG A 1018 -54.76 -12.60 9.95
C ARG A 1018 -55.54 -12.14 11.17
N ASP A 1019 -56.53 -11.28 10.97
CA ASP A 1019 -57.35 -10.79 12.07
C ASP A 1019 -58.60 -11.64 12.27
N ALA A 1020 -58.42 -12.96 12.34
CA ALA A 1020 -59.53 -13.85 12.60
C ALA A 1020 -59.63 -14.20 14.07
N HIS A 1021 -58.49 -14.33 14.75
CA HIS A 1021 -58.48 -14.60 16.18
C HIS A 1021 -58.95 -13.41 17.00
N LEU A 1022 -58.91 -12.21 16.43
CA LEU A 1022 -59.45 -11.05 17.12
C LEU A 1022 -60.98 -11.09 17.12
N SER A 1023 -61.56 -10.23 17.96
CA SER A 1023 -63.00 -10.10 18.03
C SER A 1023 -63.54 -8.94 17.22
N THR A 1024 -62.77 -7.88 17.07
CA THR A 1024 -63.24 -6.72 16.32
C THR A 1024 -63.23 -7.03 14.83
N PRO A 1025 -64.35 -6.81 14.12
CA PRO A 1025 -64.37 -7.06 12.67
C PRO A 1025 -63.54 -6.02 11.94
N SER A 1026 -62.54 -6.48 11.20
CA SER A 1026 -61.62 -5.60 10.49
C SER A 1026 -61.80 -5.77 8.98
N GLN A 1027 -61.03 -4.99 8.24
CA GLN A 1027 -61.06 -5.00 6.78
C GLN A 1027 -59.84 -5.66 6.19
N CYS A 1028 -58.97 -6.23 7.03
CA CYS A 1028 -57.72 -6.80 6.56
C CYS A 1028 -57.98 -8.15 5.90
N THR A 1029 -57.81 -8.21 4.58
CA THR A 1029 -57.99 -9.44 3.85
C THR A 1029 -56.71 -10.25 3.71
N LYS A 1030 -55.62 -9.82 4.35
CA LYS A 1030 -54.37 -10.54 4.30
C LYS A 1030 -54.46 -11.81 5.13
N ARG A 1031 -54.04 -12.92 4.56
CA ARG A 1031 -54.13 -14.19 5.26
C ARG A 1031 -52.75 -14.82 5.34
N TYR A 1032 -52.50 -15.52 6.44
CA TYR A 1032 -51.23 -16.19 6.65
C TYR A 1032 -51.40 -17.70 6.55
N VAL A 1033 -50.29 -18.41 6.68
CA VAL A 1033 -50.20 -19.81 6.30
C VAL A 1033 -49.98 -20.66 7.54
N ILE A 1034 -50.77 -21.71 7.70
CA ILE A 1034 -50.63 -22.65 8.80
C ILE A 1034 -50.45 -24.04 8.19
N THR A 1035 -49.35 -24.68 8.50
CA THR A 1035 -48.95 -25.94 7.87
C THR A 1035 -49.14 -27.09 8.85
N ASN A 1036 -49.90 -28.11 8.43
CA ASN A 1036 -50.14 -29.37 9.13
C ASN A 1036 -50.64 -29.16 10.55
N PRO A 1037 -51.89 -28.75 10.74
CA PRO A 1037 -52.36 -28.48 12.09
C PRO A 1037 -52.82 -29.75 12.78
N PRO A 1038 -52.83 -29.76 14.11
CA PRO A 1038 -53.30 -30.94 14.85
C PRO A 1038 -54.81 -30.99 15.04
N TYR A 1039 -55.26 -31.96 15.85
CA TYR A 1039 -56.68 -32.18 16.08
C TYR A 1039 -57.32 -31.06 16.88
N GLU A 1040 -56.63 -30.57 17.91
CA GLU A 1040 -57.20 -29.53 18.76
C GLU A 1040 -57.26 -28.17 18.07
N PHE A 1041 -56.70 -28.05 16.88
CA PHE A 1041 -56.73 -26.79 16.16
C PHE A 1041 -58.11 -26.55 15.58
N GLU A 1042 -58.73 -25.44 15.99
CA GLU A 1042 -60.09 -25.08 15.61
C GLU A 1042 -60.14 -24.61 14.17
N LEU A 1043 -61.31 -24.14 13.75
CA LEU A 1043 -61.51 -23.78 12.35
C LEU A 1043 -62.63 -22.76 12.25
N VAL A 1044 -62.29 -21.54 11.83
CA VAL A 1044 -63.29 -20.50 11.56
C VAL A 1044 -63.81 -20.74 10.16
N PRO A 1045 -65.00 -20.24 9.78
CA PRO A 1045 -65.48 -20.49 8.42
C PRO A 1045 -64.82 -19.64 7.36
N THR A 1046 -64.04 -18.64 7.74
CA THR A 1046 -63.42 -17.75 6.77
C THR A 1046 -62.00 -18.19 6.42
N ASP A 1047 -61.83 -19.43 6.00
CA ASP A 1047 -60.50 -19.95 5.70
C ASP A 1047 -60.45 -20.50 4.28
N LEU A 1048 -59.22 -20.73 3.81
CA LEU A 1048 -58.93 -21.17 2.46
C LEU A 1048 -57.91 -22.30 2.49
N ILE A 1049 -58.25 -23.35 3.24
CA ILE A 1049 -57.41 -24.54 3.45
C ILE A 1049 -56.87 -25.11 2.14
N PHE A 1050 -55.56 -25.34 2.11
CA PHE A 1050 -54.91 -25.93 0.95
C PHE A 1050 -55.31 -27.39 0.80
N CYS A 1051 -55.24 -27.88 -0.44
CA CYS A 1051 -55.64 -29.24 -0.72
C CYS A 1051 -54.95 -29.69 -1.99
N LEU A 1052 -55.09 -30.98 -2.29
CA LEU A 1052 -54.55 -31.58 -3.51
C LEU A 1052 -55.71 -32.25 -4.23
N MET A 1053 -56.38 -31.49 -5.08
CA MET A 1053 -57.56 -32.01 -5.76
C MET A 1053 -57.17 -32.97 -6.87
N GLN A 1054 -57.87 -34.10 -6.91
CA GLN A 1054 -57.70 -35.05 -8.01
C GLN A 1054 -58.31 -34.49 -9.29
N PHE A 1055 -58.10 -35.20 -10.38
CA PHE A 1055 -58.58 -34.76 -11.69
C PHE A 1055 -59.72 -35.67 -12.13
N ASP A 1056 -60.92 -35.13 -12.19
CA ASP A 1056 -62.07 -35.87 -12.67
C ASP A 1056 -62.02 -36.02 -14.19
N TYR B 8 35.39 7.05 -24.23
CA TYR B 8 35.38 8.39 -23.65
C TYR B 8 34.87 8.36 -22.20
N GLU B 9 34.08 7.33 -21.89
CA GLU B 9 33.51 7.22 -20.56
C GLU B 9 34.54 6.69 -19.58
N TYR B 10 34.43 7.12 -18.33
CA TYR B 10 35.21 6.52 -17.24
C TYR B 10 34.81 5.07 -17.06
N THR B 11 35.74 4.16 -17.29
CA THR B 11 35.43 2.76 -17.03
C THR B 11 35.44 2.50 -15.53
N GLU B 12 34.90 1.35 -15.14
CA GLU B 12 34.75 1.05 -13.72
C GLU B 12 36.07 0.79 -13.02
N ALA B 13 37.08 0.34 -13.76
CA ALA B 13 38.43 0.31 -13.19
C ALA B 13 38.95 1.73 -12.98
N GLU B 14 38.67 2.62 -13.93
CA GLU B 14 39.06 4.02 -13.78
C GLU B 14 38.23 4.70 -12.70
N ASP B 15 36.95 4.35 -12.60
CA ASP B 15 36.06 5.06 -11.68
C ASP B 15 36.34 4.69 -10.24
N LYS B 16 36.64 3.41 -9.98
CA LYS B 16 36.93 2.99 -8.62
C LYS B 16 38.27 3.54 -8.15
N SER B 17 39.20 3.74 -9.07
CA SER B 17 40.45 4.39 -8.73
C SER B 17 40.21 5.84 -8.34
N ILE B 18 39.24 6.50 -8.97
CA ILE B 18 38.88 7.85 -8.57
C ILE B 18 38.20 7.82 -7.20
N ARG B 19 37.32 6.84 -6.98
CA ARG B 19 36.67 6.69 -5.69
C ARG B 19 37.65 6.32 -4.59
N LEU B 20 38.68 5.53 -4.92
CA LEU B 20 39.72 5.25 -3.95
C LEU B 20 40.62 6.46 -3.75
N GLY B 21 40.87 7.21 -4.81
CA GLY B 21 41.74 8.38 -4.71
C GLY B 21 41.12 9.50 -3.89
N LEU B 22 39.81 9.69 -4.03
CA LEU B 22 39.13 10.67 -3.20
C LEU B 22 39.03 10.21 -1.76
N PHE B 23 38.98 8.89 -1.55
CA PHE B 23 38.87 8.35 -0.19
C PHE B 23 40.14 8.60 0.61
N LEU B 24 41.28 8.72 -0.07
CA LEU B 24 42.52 9.03 0.61
C LEU B 24 42.75 10.52 0.77
N ILE B 25 42.23 11.32 -0.16
CA ILE B 25 42.30 12.77 -0.01
C ILE B 25 41.45 13.22 1.17
N ILE B 26 40.29 12.61 1.35
CA ILE B 26 39.44 12.92 2.49
C ILE B 26 40.08 12.42 3.78
N SER B 27 40.51 11.16 3.80
CA SER B 27 41.12 10.61 5.01
C SER B 27 42.50 11.20 5.29
N GLY B 28 43.17 11.76 4.28
CA GLY B 28 44.38 12.51 4.54
C GLY B 28 44.11 13.79 5.28
N VAL B 29 42.93 14.37 5.10
CA VAL B 29 42.55 15.55 5.86
C VAL B 29 42.09 15.16 7.26
N VAL B 30 41.29 14.10 7.37
CA VAL B 30 40.66 13.72 8.63
C VAL B 30 41.69 13.23 9.63
N SER B 31 42.61 12.37 9.19
CA SER B 31 43.70 11.92 10.03
C SER B 31 44.61 13.05 10.46
N LEU B 32 44.84 14.04 9.60
CA LEU B 32 45.43 15.29 10.00
C LEU B 32 44.53 16.08 10.94
N PHE B 33 43.22 16.09 10.70
CA PHE B 33 42.30 16.80 11.56
C PHE B 33 42.10 16.15 12.91
N ILE B 34 42.10 14.81 12.98
CA ILE B 34 42.02 14.14 14.27
C ILE B 34 43.23 14.41 15.13
N PHE B 35 44.43 14.17 14.61
CA PHE B 35 45.67 14.26 15.38
C PHE B 35 46.02 15.68 15.79
N GLY B 36 45.33 16.69 15.25
CA GLY B 36 45.63 18.07 15.64
C GLY B 36 45.24 18.39 17.07
N PHE B 37 44.22 17.71 17.60
CA PHE B 37 43.82 17.89 18.99
C PHE B 37 43.71 16.58 19.74
N CYS B 38 44.26 15.51 19.20
CA CYS B 38 44.15 14.22 19.84
C CYS B 38 45.56 13.70 20.05
N TRP B 39 46.49 14.31 19.34
CA TRP B 39 47.91 13.99 19.42
C TRP B 39 48.77 15.20 19.74
N LEU B 40 48.52 16.34 19.13
CA LEU B 40 49.27 17.57 19.33
C LEU B 40 48.90 18.32 20.60
N SER B 41 47.62 18.31 20.94
CA SER B 41 47.16 18.93 22.20
C SER B 41 47.78 18.32 23.45
N PRO B 42 48.01 16.99 23.57
CA PRO B 42 48.89 16.55 24.65
C PRO B 42 50.37 16.78 24.37
N ALA B 43 50.74 16.97 23.10
CA ALA B 43 52.17 17.09 22.78
C ALA B 43 52.71 18.47 23.11
N LEU B 44 52.04 19.53 22.63
CA LEU B 44 52.56 20.87 22.81
C LEU B 44 52.45 21.36 24.24
N GLN B 45 51.59 20.76 25.05
CA GLN B 45 51.61 21.05 26.49
C GLN B 45 52.86 20.46 27.12
N ASP B 46 53.31 19.30 26.64
CA ASP B 46 54.57 18.75 27.09
C ASP B 46 55.77 19.52 26.57
N LEU B 47 55.65 20.14 25.40
CA LEU B 47 56.73 20.96 24.88
C LEU B 47 56.71 22.37 25.44
N GLN B 48 55.77 22.68 26.33
CA GLN B 48 55.72 24.01 26.93
C GLN B 48 56.77 24.15 28.03
N ALA B 49 57.03 23.07 28.77
CA ALA B 49 58.05 23.09 29.81
C ALA B 49 59.44 23.20 29.21
N THR B 50 60.21 24.18 29.68
CA THR B 50 61.48 24.49 29.05
C THR B 50 62.63 23.80 29.76
N GLU B 51 63.78 23.73 29.08
CA GLU B 51 64.98 23.18 29.70
C GLU B 51 65.56 24.16 30.70
N ALA B 52 65.60 23.76 31.96
CA ALA B 52 66.31 24.51 32.97
C ALA B 52 67.65 23.84 33.22
N ASN B 53 68.45 24.45 34.09
CA ASN B 53 69.72 23.85 34.48
C ASN B 53 69.83 23.92 35.99
N CYS B 54 69.26 22.93 36.67
CA CYS B 54 68.96 23.04 38.09
C CYS B 54 69.88 22.16 38.93
N THR B 55 69.98 22.49 40.22
CA THR B 55 70.88 21.82 41.14
C THR B 55 70.09 21.06 42.20
N VAL B 56 70.68 19.97 42.67
CA VAL B 56 70.03 19.11 43.66
C VAL B 56 70.05 19.80 45.02
N LEU B 57 68.87 20.05 45.57
CA LEU B 57 68.79 20.65 46.90
C LEU B 57 68.94 19.61 47.99
N SER B 58 68.02 18.65 48.05
CA SER B 58 68.02 17.69 49.15
C SER B 58 67.35 16.39 48.71
N VAL B 59 67.87 15.27 49.21
CA VAL B 59 67.34 13.94 48.92
C VAL B 59 67.06 13.26 50.25
N GLN B 60 65.78 12.99 50.53
CA GLN B 60 65.41 12.34 51.78
C GLN B 60 64.42 11.21 51.54
N GLN B 61 63.95 10.60 52.62
CA GLN B 61 62.87 9.63 52.58
C GLN B 61 61.77 10.09 53.51
N ILE B 62 60.65 9.36 53.50
CA ILE B 62 59.48 9.70 54.29
C ILE B 62 59.12 8.60 55.27
N GLY B 63 59.12 7.36 54.82
CA GLY B 63 58.66 6.24 55.61
C GLY B 63 57.27 5.76 55.23
N GLU B 64 56.54 6.54 54.44
CA GLU B 64 55.24 6.11 53.94
C GLU B 64 55.42 5.12 52.81
N VAL B 65 54.85 3.93 52.96
CA VAL B 65 54.90 2.96 51.89
C VAL B 65 53.87 3.33 50.81
N PHE B 66 54.11 2.80 49.62
CA PHE B 66 53.17 2.94 48.51
C PHE B 66 53.09 1.61 47.80
N GLU B 67 51.87 1.21 47.45
CA GLU B 67 51.61 -0.14 46.98
C GLU B 67 51.77 -0.20 45.47
N CYS B 68 52.84 -0.83 45.00
CA CYS B 68 53.04 -1.05 43.58
C CYS B 68 52.27 -2.31 43.16
N THR B 69 52.49 -2.76 41.93
CA THR B 69 51.80 -3.95 41.43
C THR B 69 52.75 -4.70 40.51
N PHE B 70 53.29 -5.81 40.98
CA PHE B 70 54.13 -6.65 40.14
C PHE B 70 53.27 -7.69 39.43
N THR B 71 53.93 -8.55 38.67
CA THR B 71 53.23 -9.62 37.96
C THR B 71 54.17 -10.78 37.76
N CYS B 72 53.58 -11.95 37.50
CA CYS B 72 54.30 -13.14 37.11
C CYS B 72 54.46 -13.28 35.61
N GLY B 73 53.54 -12.71 34.85
CA GLY B 73 53.55 -12.80 33.40
C GLY B 73 52.25 -13.38 32.87
N ALA B 74 51.72 -14.39 33.56
CA ALA B 74 50.47 -15.01 33.16
C ALA B 74 49.31 -14.44 33.97
N ASP B 75 49.16 -13.11 33.87
CA ASP B 75 48.08 -12.33 34.46
C ASP B 75 48.03 -12.50 35.99
N CYS B 76 49.12 -12.09 36.64
CA CYS B 76 49.19 -12.08 38.08
C CYS B 76 49.04 -10.65 38.59
N ARG B 77 48.30 -10.50 39.67
CA ARG B 77 47.98 -9.20 40.25
C ARG B 77 48.66 -9.02 41.60
N GLY B 78 49.92 -9.45 41.70
CA GLY B 78 50.65 -9.31 42.94
C GLY B 78 50.99 -7.86 43.21
N THR B 79 50.70 -7.40 44.43
CA THR B 79 50.90 -6.02 44.82
C THR B 79 51.88 -5.97 45.98
N SER B 80 53.10 -5.55 45.72
CA SER B 80 54.10 -5.32 46.75
C SER B 80 54.11 -3.84 47.10
N GLN B 81 55.09 -3.41 47.89
CA GLN B 81 55.17 -2.03 48.33
C GLN B 81 56.60 -1.54 48.25
N TYR B 82 56.74 -0.23 48.13
CA TYR B 82 58.05 0.41 47.99
C TYR B 82 58.09 1.67 48.83
N PRO B 83 59.23 2.00 49.42
CA PRO B 83 59.37 3.25 50.17
C PRO B 83 59.48 4.42 49.21
N CYS B 84 59.29 5.62 49.76
CA CYS B 84 59.25 6.84 48.98
C CYS B 84 60.49 7.68 49.21
N VAL B 85 60.90 8.38 48.16
CA VAL B 85 62.05 9.28 48.19
C VAL B 85 61.64 10.60 47.56
N GLN B 86 61.78 11.69 48.32
CA GLN B 86 61.50 13.03 47.82
C GLN B 86 62.83 13.71 47.53
N VAL B 87 63.11 13.92 46.25
CA VAL B 87 64.31 14.62 45.82
C VAL B 87 63.90 16.05 45.50
N TYR B 88 64.12 16.96 46.44
CA TYR B 88 63.93 18.37 46.18
C TYR B 88 65.15 18.94 45.47
N VAL B 89 64.92 19.78 44.47
CA VAL B 89 66.01 20.41 43.74
C VAL B 89 65.83 21.91 43.77
N ASN B 90 66.93 22.61 43.53
CA ASN B 90 66.95 24.05 43.45
C ASN B 90 66.96 24.45 41.99
N ASN B 91 65.89 25.09 41.54
CA ASN B 91 65.79 25.48 40.16
C ASN B 91 66.74 26.65 39.87
N SER B 92 67.09 26.80 38.59
CA SER B 92 67.84 27.96 38.15
C SER B 92 66.94 29.11 37.75
N GLU B 93 65.85 28.80 37.03
CA GLU B 93 65.01 29.83 36.45
C GLU B 93 63.92 30.28 37.43
N SER B 94 63.08 29.36 37.87
CA SER B 94 62.05 29.69 38.84
C SER B 94 62.53 29.58 40.28
N ASN B 95 63.82 29.25 40.48
CA ASN B 95 64.63 29.23 41.70
C ASN B 95 63.89 28.84 42.98
N SER B 96 63.14 27.76 42.93
CA SER B 96 62.30 27.36 44.04
C SER B 96 62.59 25.92 44.42
N ARG B 97 61.96 25.49 45.51
CA ARG B 97 62.11 24.14 46.04
C ARG B 97 61.04 23.26 45.42
N ALA B 98 61.46 22.30 44.60
CA ALA B 98 60.54 21.49 43.82
C ALA B 98 61.10 20.08 43.67
N LEU B 99 60.20 19.12 43.46
CA LEU B 99 60.58 17.72 43.37
C LEU B 99 61.11 17.39 41.98
N LEU B 100 61.79 16.26 41.88
CA LEU B 100 62.09 15.65 40.60
C LEU B 100 61.05 14.58 40.29
N HIS B 101 60.86 14.32 39.00
CA HIS B 101 59.95 13.29 38.54
C HIS B 101 60.55 12.68 37.28
N SER B 102 60.48 11.35 37.19
CA SER B 102 61.08 10.65 36.06
C SER B 102 60.34 10.95 34.77
N ASP B 103 59.01 10.97 34.83
CA ASP B 103 58.17 11.46 33.74
C ASP B 103 56.84 11.87 34.35
N GLU B 104 55.91 12.27 33.47
CA GLU B 104 54.56 12.58 33.94
C GLU B 104 53.84 11.33 34.42
N HIS B 105 54.19 10.17 33.87
CA HIS B 105 53.59 8.92 34.31
C HIS B 105 54.01 8.58 35.73
N GLN B 106 55.25 8.89 36.09
CA GLN B 106 55.64 8.79 37.49
C GLN B 106 55.00 9.92 38.29
N LEU B 107 54.74 11.05 37.66
CA LEU B 107 54.20 12.20 38.37
C LEU B 107 52.71 12.03 38.64
N LEU B 108 51.94 11.61 37.63
CA LEU B 108 50.50 11.58 37.78
C LEU B 108 50.03 10.45 38.69
N THR B 109 50.78 9.35 38.75
CA THR B 109 50.38 8.25 39.62
C THR B 109 50.75 8.53 41.07
N ASN B 110 52.00 8.90 41.32
CA ASN B 110 52.46 9.25 42.67
C ASN B 110 53.24 10.55 42.59
N PRO B 111 52.59 11.69 42.83
CA PRO B 111 53.35 12.95 42.89
C PRO B 111 54.17 13.08 44.15
N LYS B 112 53.84 12.35 45.21
CA LYS B 112 54.59 12.47 46.45
C LYS B 112 55.95 11.81 46.39
N CYS B 113 56.20 10.97 45.41
CA CYS B 113 57.50 10.33 45.26
C CYS B 113 58.20 10.84 44.01
N SER B 114 59.52 10.72 44.01
CA SER B 114 60.32 11.12 42.86
C SER B 114 60.59 9.96 41.90
N TYR B 115 60.61 8.74 42.40
CA TYR B 115 61.06 7.61 41.59
C TYR B 115 60.25 6.38 41.97
N ILE B 116 59.32 5.99 41.11
CA ILE B 116 58.62 4.71 41.24
C ILE B 116 59.53 3.63 40.66
N PRO B 117 59.99 2.68 41.47
CA PRO B 117 60.79 1.60 40.92
C PRO B 117 59.92 0.63 40.16
N PRO B 118 60.49 -0.17 39.25
CA PRO B 118 59.72 -1.26 38.65
C PRO B 118 59.39 -2.31 39.70
N CYS B 119 58.09 -2.57 39.87
CA CYS B 119 57.62 -3.34 41.01
C CYS B 119 57.97 -4.81 40.85
N LYS B 120 58.60 -5.37 41.87
CA LYS B 120 58.97 -6.77 41.91
C LYS B 120 58.20 -7.48 43.01
N ARG B 121 58.40 -8.79 43.10
CA ARG B 121 57.62 -9.61 44.01
C ARG B 121 57.97 -9.35 45.46
N GLU B 122 59.23 -9.58 45.82
CA GLU B 122 59.67 -9.40 47.20
C GLU B 122 59.80 -7.91 47.50
N ASN B 123 59.46 -7.55 48.74
CA ASN B 123 59.60 -6.16 49.16
C ASN B 123 61.06 -5.75 49.24
N GLN B 124 61.95 -6.69 49.56
CA GLN B 124 63.37 -6.41 49.61
C GLN B 124 63.92 -6.12 48.23
N LYS B 125 63.38 -6.78 47.19
CA LYS B 125 63.76 -6.46 45.83
C LYS B 125 63.36 -5.04 45.46
N ASN B 126 62.16 -4.63 45.85
CA ASN B 126 61.73 -3.25 45.62
C ASN B 126 62.44 -2.28 46.56
N LEU B 127 62.89 -2.76 47.72
CA LEU B 127 63.64 -1.89 48.63
C LEU B 127 64.99 -1.54 48.07
N GLU B 128 65.70 -2.53 47.52
CA GLU B 128 67.06 -2.29 47.04
C GLU B 128 67.06 -1.44 45.77
N SER B 129 66.00 -1.52 44.96
CA SER B 129 65.89 -0.67 43.79
C SER B 129 65.68 0.79 44.16
N VAL B 130 65.13 1.05 45.34
CA VAL B 130 65.01 2.42 45.82
C VAL B 130 66.36 2.96 46.21
N MET B 131 67.08 2.24 47.07
CA MET B 131 68.33 2.75 47.63
C MET B 131 69.45 2.76 46.58
N ASN B 132 69.39 1.87 45.60
CA ASN B 132 70.32 1.94 44.48
C ASN B 132 70.08 3.19 43.66
N TRP B 133 68.81 3.53 43.44
CA TRP B 133 68.50 4.81 42.83
C TRP B 133 68.82 5.96 43.76
N GLN B 134 68.65 5.75 45.06
CA GLN B 134 68.94 6.82 46.02
C GLN B 134 70.43 7.08 46.13
N GLN B 135 71.26 6.02 46.00
CA GLN B 135 72.70 6.18 46.07
C GLN B 135 73.24 7.01 44.92
N TYR B 136 72.60 6.93 43.74
CA TYR B 136 72.94 7.80 42.62
C TYR B 136 72.63 9.27 42.91
N TRP B 137 71.76 9.55 43.87
CA TRP B 137 71.41 10.92 44.19
C TRP B 137 71.86 11.35 45.58
N LYS B 138 72.51 10.47 46.34
CA LYS B 138 73.15 10.87 47.59
C LYS B 138 74.63 11.13 47.43
N ASP B 139 75.23 10.75 46.31
CA ASP B 139 76.64 11.05 46.07
C ASP B 139 76.84 12.26 45.17
N GLU B 140 75.89 12.52 44.27
CA GLU B 140 76.01 13.58 43.27
C GLU B 140 74.97 14.64 43.60
N ILE B 141 75.34 15.54 44.51
CA ILE B 141 74.44 16.55 45.05
C ILE B 141 75.06 17.92 44.80
N GLY B 142 74.31 18.80 44.14
CA GLY B 142 74.83 20.13 43.83
C GLY B 142 75.78 20.21 42.65
N SER B 143 76.83 19.37 42.67
CA SER B 143 77.74 19.25 41.54
C SER B 143 77.02 18.67 40.33
N GLN B 144 77.60 18.94 39.15
CA GLN B 144 77.04 18.71 37.82
C GLN B 144 75.53 19.04 37.70
N PRO B 145 75.18 20.34 37.65
CA PRO B 145 73.77 20.73 37.45
C PRO B 145 73.23 20.23 36.12
N PHE B 146 72.09 19.55 36.17
CA PHE B 146 71.60 18.81 35.02
C PHE B 146 70.47 19.55 34.31
N THR B 147 70.23 19.17 33.06
CA THR B 147 69.08 19.66 32.33
C THR B 147 67.80 19.09 32.94
N CYS B 148 66.80 19.95 33.13
CA CYS B 148 65.60 19.55 33.85
C CYS B 148 64.43 20.39 33.34
N TYR B 149 63.31 19.74 33.10
CA TYR B 149 62.16 20.37 32.48
C TYR B 149 61.20 20.89 33.53
N PHE B 150 60.82 22.16 33.42
CA PHE B 150 59.90 22.78 34.37
C PHE B 150 58.91 23.66 33.63
N ASN B 151 57.67 23.66 34.10
CA ASN B 151 56.61 24.50 33.56
C ASN B 151 56.17 25.49 34.63
N GLN B 152 56.10 26.77 34.27
CA GLN B 152 55.65 27.81 35.18
C GLN B 152 54.16 28.10 35.02
N HIS B 153 53.43 27.22 34.32
CA HIS B 153 52.00 27.39 34.12
C HIS B 153 51.18 26.33 34.86
N GLN B 154 51.47 25.06 34.61
CA GLN B 154 50.65 23.97 35.16
C GLN B 154 51.13 23.53 36.53
N ARG B 155 52.36 23.05 36.63
CA ARG B 155 52.89 22.52 37.88
C ARG B 155 53.89 23.50 38.47
N PRO B 156 53.51 24.28 39.49
CA PRO B 156 54.44 25.28 40.03
C PRO B 156 55.57 24.71 40.85
N ASP B 157 55.51 23.42 41.22
CA ASP B 157 56.52 22.86 42.11
C ASP B 157 56.92 21.44 41.72
N ASP B 158 56.86 21.12 40.43
CA ASP B 158 57.21 19.78 39.96
C ASP B 158 58.11 19.90 38.74
N VAL B 159 59.26 19.24 38.80
CA VAL B 159 60.26 19.30 37.74
C VAL B 159 60.39 17.91 37.14
N LEU B 160 60.37 17.82 35.82
CA LEU B 160 60.53 16.54 35.15
C LEU B 160 61.99 16.30 34.79
N LEU B 161 62.31 15.02 34.62
CA LEU B 161 63.64 14.60 34.16
C LEU B 161 63.68 14.35 32.67
N HIS B 162 62.54 14.09 32.04
CA HIS B 162 62.50 13.74 30.64
C HIS B 162 61.28 14.42 30.02
N ARG B 163 60.95 14.05 28.79
CA ARG B 163 59.71 14.45 28.18
C ARG B 163 58.85 13.20 28.00
N THR B 164 57.56 13.42 27.73
CA THR B 164 56.70 12.29 27.39
C THR B 164 56.96 11.85 25.96
N HIS B 165 57.48 12.75 25.14
CA HIS B 165 57.67 12.46 23.72
C HIS B 165 59.05 12.89 23.24
N ASP B 166 59.26 12.89 21.93
CA ASP B 166 60.55 13.19 21.34
C ASP B 166 60.39 14.47 20.53
N GLU B 167 61.45 14.87 19.83
CA GLU B 167 61.30 15.89 18.79
C GLU B 167 60.49 15.36 17.61
N ILE B 168 60.49 14.04 17.43
CA ILE B 168 59.87 13.41 16.26
C ILE B 168 58.36 13.32 16.38
N VAL B 169 57.81 13.71 17.54
CA VAL B 169 56.37 13.65 17.74
C VAL B 169 55.65 14.72 16.93
N LEU B 170 56.36 15.78 16.52
CA LEU B 170 55.78 16.76 15.62
C LEU B 170 55.80 16.26 14.18
N LEU B 171 56.66 15.28 13.89
CA LEU B 171 56.84 14.86 12.51
C LEU B 171 55.70 13.99 12.04
N HIS B 172 55.48 12.86 12.72
CA HIS B 172 54.61 11.81 12.19
C HIS B 172 53.13 12.17 12.24
N CYS B 173 52.74 13.18 13.01
CA CYS B 173 51.37 13.65 12.96
C CYS B 173 51.10 14.58 11.79
N PHE B 174 52.13 15.28 11.30
CA PHE B 174 51.99 16.07 10.10
C PHE B 174 52.43 15.32 8.84
N LEU B 175 53.28 14.31 8.98
CA LEU B 175 53.85 13.68 7.80
C LEU B 175 52.84 12.74 7.14
N TRP B 176 52.45 11.69 7.85
CA TRP B 176 51.74 10.57 7.25
C TRP B 176 50.31 10.81 6.80
N PRO B 177 49.51 11.70 7.41
CA PRO B 177 48.30 12.12 6.68
C PRO B 177 48.62 12.91 5.42
N LEU B 178 49.68 13.72 5.43
CA LEU B 178 50.05 14.40 4.19
C LEU B 178 50.68 13.46 3.19
N VAL B 179 51.35 12.40 3.67
CA VAL B 179 51.78 11.34 2.77
C VAL B 179 50.57 10.65 2.17
N THR B 180 49.55 10.39 2.99
CA THR B 180 48.29 9.84 2.51
C THR B 180 47.58 10.84 1.59
N PHE B 181 47.76 12.14 1.84
CA PHE B 181 47.12 13.14 1.01
C PHE B 181 47.73 13.22 -0.38
N VAL B 182 49.07 13.20 -0.46
CA VAL B 182 49.73 13.34 -1.76
C VAL B 182 49.51 12.10 -2.61
N VAL B 183 49.61 10.91 -2.00
CA VAL B 183 49.35 9.67 -2.71
C VAL B 183 47.91 9.60 -3.19
N GLY B 184 46.98 10.12 -2.38
CA GLY B 184 45.61 10.23 -2.81
C GLY B 184 45.41 11.19 -3.97
N VAL B 185 46.26 12.20 -4.07
CA VAL B 185 46.22 13.08 -5.24
C VAL B 185 46.83 12.39 -6.45
N LEU B 186 47.96 11.69 -6.25
CA LEU B 186 48.65 11.03 -7.35
C LEU B 186 47.85 9.89 -7.95
N ILE B 187 46.91 9.31 -7.21
CA ILE B 187 45.99 8.35 -7.81
C ILE B 187 45.03 9.06 -8.74
N VAL B 188 44.50 10.21 -8.30
CA VAL B 188 43.50 10.92 -9.09
C VAL B 188 44.14 11.58 -10.31
N VAL B 189 45.33 12.16 -10.14
CA VAL B 189 45.99 12.86 -11.24
C VAL B 189 46.43 11.88 -12.32
N LEU B 190 47.05 10.77 -11.92
CA LEU B 190 47.49 9.78 -12.90
C LEU B 190 46.32 9.01 -13.51
N THR B 191 45.15 9.02 -12.90
CA THR B 191 43.99 8.42 -13.56
C THR B 191 43.48 9.33 -14.67
N ILE B 192 43.42 10.64 -14.39
CA ILE B 192 42.92 11.59 -15.38
C ILE B 192 43.90 11.73 -16.53
N CYS B 193 45.20 11.79 -16.22
CA CYS B 193 46.22 12.00 -17.26
C CYS B 193 46.35 10.79 -18.16
N ALA B 194 46.32 9.58 -17.60
CA ALA B 194 46.42 8.39 -18.43
C ALA B 194 45.15 8.17 -19.24
N LYS B 195 44.00 8.56 -18.70
CA LYS B 195 42.77 8.51 -19.49
C LYS B 195 42.80 9.52 -20.62
N SER B 196 43.30 10.73 -20.34
CA SER B 196 43.41 11.75 -21.38
C SER B 196 44.45 11.37 -22.42
N LEU B 197 45.43 10.54 -22.06
CA LEU B 197 46.31 9.97 -23.07
C LEU B 197 45.68 8.75 -23.74
N ALA B 198 44.65 8.18 -23.14
CA ALA B 198 43.95 7.04 -23.73
C ALA B 198 42.70 7.44 -24.50
N VAL B 199 42.31 8.71 -24.47
CA VAL B 199 41.16 9.18 -25.22
C VAL B 199 41.55 10.13 -26.35
N LYS B 200 42.70 10.79 -26.25
CA LYS B 200 43.15 11.71 -27.28
C LYS B 200 44.13 11.08 -28.26
N ALA B 201 45.07 10.27 -27.78
CA ALA B 201 46.04 9.62 -28.66
C ALA B 201 45.46 8.45 -29.43
N GLU B 202 44.26 7.98 -29.06
CA GLU B 202 43.58 6.96 -29.84
C GLU B 202 43.09 7.48 -31.19
N ALA B 203 42.75 8.77 -31.26
CA ALA B 203 42.20 9.37 -32.45
C ALA B 203 43.27 9.99 -33.35
N MET B 204 44.46 9.41 -33.38
CA MET B 204 45.55 9.90 -34.24
C MET B 204 45.54 9.19 -35.59
N LYS B 205 44.35 8.79 -36.04
CA LYS B 205 44.20 8.06 -37.30
C LYS B 205 43.86 9.00 -38.45
N GLN C 19 38.37 38.68 38.33
CA GLN C 19 37.43 37.74 38.92
C GLN C 19 36.66 36.99 37.84
N ARG C 20 35.73 36.13 38.26
CA ARG C 20 34.95 35.33 37.34
C ARG C 20 33.93 36.19 36.61
N MET C 21 34.33 36.73 35.46
CA MET C 21 33.49 37.63 34.68
C MET C 21 32.88 36.93 33.48
N TRP C 22 32.51 35.65 33.65
CA TRP C 22 31.84 34.88 32.62
C TRP C 22 30.48 35.46 32.27
N TRP C 23 29.87 36.17 33.22
CA TRP C 23 28.49 36.60 33.10
C TRP C 23 28.32 37.70 32.07
N ALA C 24 29.37 38.52 31.88
CA ALA C 24 29.25 39.69 31.03
C ALA C 24 29.12 39.33 29.57
N PHE C 25 29.64 38.16 29.17
CA PHE C 25 29.53 37.71 27.79
C PHE C 25 28.09 37.41 27.43
N LEU C 26 27.44 36.58 28.23
CA LEU C 26 26.04 36.24 28.03
C LEU C 26 25.15 37.45 28.19
N ALA C 27 25.51 38.33 29.14
CA ALA C 27 24.77 39.57 29.32
C ALA C 27 24.87 40.46 28.08
N SER C 28 26.06 40.52 27.48
CA SER C 28 26.27 41.32 26.28
C SER C 28 25.48 40.77 25.11
N SER C 29 25.49 39.44 24.95
CA SER C 29 24.77 38.83 23.84
C SER C 29 23.26 38.98 24.00
N MET C 30 22.75 38.82 25.21
CA MET C 30 21.30 38.90 25.38
C MET C 30 20.80 40.34 25.34
N VAL C 31 21.58 41.29 25.88
CA VAL C 31 21.23 42.70 25.73
C VAL C 31 21.35 43.14 24.27
N THR C 32 22.27 42.53 23.51
CA THR C 32 22.29 42.75 22.07
C THR C 32 21.06 42.14 21.41
N PHE C 33 20.49 41.09 22.01
CA PHE C 33 19.32 40.48 21.38
C PHE C 33 18.06 41.27 21.66
N PHE C 34 17.66 41.35 22.93
CA PHE C 34 16.37 41.96 23.23
C PHE C 34 16.42 43.47 23.22
N GLY C 35 17.61 44.06 23.35
CA GLY C 35 17.74 45.47 23.06
C GLY C 35 17.52 45.75 21.58
N GLY C 36 18.21 44.98 20.72
CA GLY C 36 18.05 45.16 19.29
C GLY C 36 16.71 44.70 18.77
N LEU C 37 16.04 43.80 19.50
CA LEU C 37 14.70 43.40 19.11
C LEU C 37 13.68 44.49 19.41
N PHE C 38 13.83 45.16 20.55
CA PHE C 38 12.88 46.21 20.91
C PHE C 38 13.04 47.43 20.03
N ILE C 39 14.26 47.70 19.56
CA ILE C 39 14.50 48.82 18.66
C ILE C 39 13.75 48.62 17.34
N ILE C 40 13.73 47.39 16.84
CA ILE C 40 13.00 47.08 15.62
C ILE C 40 11.50 47.21 15.85
N LEU C 41 11.02 46.84 17.04
CA LEU C 41 9.60 46.96 17.33
C LEU C 41 9.19 48.41 17.54
N LEU C 42 9.99 49.18 18.27
CA LEU C 42 9.62 50.56 18.55
C LEU C 42 9.81 51.46 17.34
N TRP C 43 10.76 51.15 16.47
CA TRP C 43 10.86 51.87 15.20
C TRP C 43 9.69 51.52 14.29
N ARG C 44 9.17 50.31 14.39
CA ARG C 44 7.92 49.99 13.72
C ARG C 44 6.70 50.37 14.56
N THR C 45 6.91 50.87 15.77
CA THR C 45 5.81 51.48 16.51
C THR C 45 5.67 52.95 16.17
N LEU C 46 6.78 53.69 16.26
CA LEU C 46 6.74 55.14 16.08
C LEU C 46 6.49 55.52 14.63
N LYS C 47 6.90 54.67 13.68
CA LYS C 47 6.55 54.92 12.28
C LYS C 47 5.06 54.79 12.05
N TYR C 48 4.39 53.92 12.81
CA TYR C 48 2.95 53.80 12.72
C TYR C 48 2.23 54.48 13.88
N LEU C 49 2.94 55.31 14.65
CA LEU C 49 2.32 56.18 15.63
C LEU C 49 2.38 57.64 15.23
N TRP C 50 3.47 58.06 14.59
CA TRP C 50 3.56 59.40 14.02
C TRP C 50 2.61 59.57 12.85
N THR C 51 2.21 58.49 12.20
CA THR C 51 1.21 58.56 11.14
C THR C 51 -0.18 58.83 11.71
N VAL C 52 -0.41 58.43 12.97
CA VAL C 52 -1.72 58.57 13.58
C VAL C 52 -2.05 60.04 13.84
N CYS C 53 -1.12 60.77 14.45
CA CYS C 53 -1.33 62.17 14.77
C CYS C 53 -1.29 63.03 13.51
N TRP C 93 19.12 58.82 1.58
CA TRP C 93 19.63 57.95 0.53
C TRP C 93 19.62 56.50 1.03
N MET C 94 18.42 55.99 1.31
CA MET C 94 18.21 54.61 1.69
C MET C 94 17.93 53.72 0.49
N THR C 95 18.09 54.24 -0.72
CA THR C 95 17.73 53.51 -1.93
C THR C 95 18.85 52.59 -2.40
N SER C 96 20.02 53.13 -2.70
CA SER C 96 21.10 52.32 -3.24
C SER C 96 21.82 51.52 -2.17
N VAL C 97 21.52 51.78 -0.89
CA VAL C 97 22.19 51.09 0.20
C VAL C 97 21.79 49.61 0.27
N LYS C 98 20.66 49.24 -0.33
CA LYS C 98 20.29 47.86 -0.53
C LYS C 98 20.81 47.31 -1.85
N ASP C 99 21.75 48.01 -2.49
CA ASP C 99 22.27 47.62 -3.78
C ASP C 99 23.78 47.54 -3.84
N TRP C 100 24.45 48.39 -3.05
CA TRP C 100 25.90 48.22 -2.77
C TRP C 100 26.15 46.77 -2.35
N ALA C 101 25.55 46.37 -1.22
CA ALA C 101 25.80 45.00 -0.69
C ALA C 101 24.59 44.08 -0.88
N GLY C 102 23.40 44.65 -1.11
CA GLY C 102 22.20 43.79 -1.20
C GLY C 102 22.33 42.80 -2.34
N VAL C 103 22.78 43.28 -3.50
CA VAL C 103 23.02 42.37 -4.66
C VAL C 103 24.16 41.42 -4.28
N MET C 104 25.18 41.93 -3.60
CA MET C 104 26.38 41.10 -3.26
C MET C 104 25.95 39.94 -2.36
N ILE C 105 25.05 40.19 -1.41
CA ILE C 105 24.57 39.12 -0.48
C ILE C 105 23.90 38.02 -1.30
N SER C 106 23.18 38.38 -2.36
CA SER C 106 22.43 37.38 -3.16
C SER C 106 23.37 36.29 -3.68
N ALA C 107 22.94 35.03 -3.62
CA ALA C 107 23.77 33.89 -4.07
C ALA C 107 24.03 33.98 -5.57
N GLN C 108 23.15 34.64 -6.32
CA GLN C 108 23.28 34.69 -7.80
C GLN C 108 24.64 35.31 -8.16
N THR C 109 25.03 36.37 -7.44
CA THR C 109 26.35 37.01 -7.70
C THR C 109 27.48 36.02 -7.38
N LEU C 110 28.51 35.98 -8.23
CA LEU C 110 29.65 35.05 -8.00
C LEU C 110 30.46 35.54 -6.80
N THR C 111 30.94 36.78 -6.82
CA THR C 111 31.51 37.39 -5.63
C THR C 111 30.68 37.05 -4.40
N GLY C 112 29.35 37.03 -4.56
CA GLY C 112 28.49 36.66 -3.44
C GLY C 112 28.64 35.20 -3.04
N ARG C 113 28.73 34.31 -4.02
CA ARG C 113 28.95 32.90 -3.73
C ARG C 113 30.30 32.66 -3.08
N VAL C 114 31.34 33.34 -3.56
CA VAL C 114 32.67 33.22 -2.95
C VAL C 114 32.66 33.79 -1.54
N LEU C 115 31.88 34.85 -1.30
CA LEU C 115 31.74 35.40 0.03
C LEU C 115 31.06 34.41 0.99
N VAL C 116 30.02 33.71 0.51
CA VAL C 116 29.36 32.70 1.30
C VAL C 116 30.30 31.53 1.61
N VAL C 117 31.08 31.11 0.62
CA VAL C 117 32.02 30.01 0.82
C VAL C 117 33.11 30.41 1.81
N LEU C 118 33.58 31.66 1.74
CA LEU C 118 34.63 32.11 2.65
C LEU C 118 34.10 32.26 4.07
N VAL C 119 32.87 32.75 4.24
CA VAL C 119 32.36 32.88 5.60
C VAL C 119 32.02 31.51 6.17
N PHE C 120 31.69 30.53 5.31
CA PHE C 120 31.47 29.18 5.81
C PHE C 120 32.78 28.52 6.21
N ALA C 121 33.84 28.74 5.42
CA ALA C 121 35.14 28.16 5.76
C ALA C 121 35.71 28.78 7.03
N LEU C 122 35.53 30.09 7.21
CA LEU C 122 35.97 30.69 8.45
C LEU C 122 35.08 30.31 9.63
N SER C 123 33.84 29.93 9.36
CA SER C 123 33.01 29.38 10.43
C SER C 123 33.52 28.02 10.88
N ILE C 124 33.95 27.19 9.91
CA ILE C 124 34.60 25.92 10.24
C ILE C 124 35.88 26.17 11.04
N GLY C 125 36.64 27.19 10.66
CA GLY C 125 37.85 27.54 11.40
C GLY C 125 37.57 27.99 12.82
N ALA C 126 36.50 28.76 13.01
CA ALA C 126 36.09 29.15 14.36
C ALA C 126 35.64 27.95 15.17
N LEU C 127 35.01 26.97 14.52
CA LEU C 127 34.63 25.75 15.21
C LEU C 127 35.86 24.95 15.62
N VAL C 128 36.89 24.96 14.79
CA VAL C 128 38.14 24.28 15.15
C VAL C 128 38.83 25.00 16.30
N ILE C 129 38.72 26.34 16.33
CA ILE C 129 39.23 27.11 17.47
C ILE C 129 38.47 26.74 18.74
N TYR C 130 37.17 26.51 18.63
CA TYR C 130 36.40 26.03 19.77
C TYR C 130 36.86 24.64 20.21
N PHE C 131 37.16 23.77 19.25
CA PHE C 131 37.62 22.43 19.59
C PHE C 131 38.98 22.47 20.27
N ILE C 132 39.82 23.43 19.90
CA ILE C 132 41.09 23.61 20.58
C ILE C 132 40.87 24.14 21.99
N ASP C 133 40.01 25.15 22.12
CA ASP C 133 39.78 25.78 23.41
C ASP C 133 39.00 24.91 24.38
N SER C 134 38.37 23.84 23.91
CA SER C 134 37.69 22.93 24.81
C SER C 134 38.64 22.06 25.64
N SER C 135 39.94 22.11 25.39
CA SER C 135 40.93 21.36 26.16
C SER C 135 41.58 22.23 27.21
N ASN C 136 40.82 23.14 27.80
CA ASN C 136 41.34 24.15 28.71
C ASN C 136 40.41 24.28 29.92
N PRO C 137 40.80 25.00 31.00
CA PRO C 137 39.83 25.30 32.06
C PRO C 137 38.78 26.33 31.66
N ILE C 138 38.01 26.79 32.66
CA ILE C 138 36.83 27.62 32.39
C ILE C 138 37.22 28.96 31.80
N GLU C 139 38.23 29.62 32.38
CA GLU C 139 38.72 30.87 31.84
C GLU C 139 40.18 31.06 32.27
N SER C 140 40.86 31.96 31.57
CA SER C 140 42.24 32.32 31.89
C SER C 140 42.52 33.71 31.36
N CYS C 141 43.48 34.38 31.99
CA CYS C 141 43.82 35.76 31.68
C CYS C 141 44.96 35.80 30.66
N GLN C 142 44.80 36.61 29.62
CA GLN C 142 45.78 36.76 28.56
C GLN C 142 46.12 38.23 28.37
N ASN C 143 47.16 38.50 27.59
CA ASN C 143 47.36 39.84 27.05
C ASN C 143 47.38 39.82 25.53
N PHE C 144 48.30 39.05 24.93
CA PHE C 144 48.51 39.08 23.49
C PHE C 144 48.66 37.70 22.88
N TYR C 145 49.09 36.69 23.64
CA TYR C 145 49.35 35.35 23.12
C TYR C 145 49.42 34.38 24.28
N LYS C 146 48.69 33.28 24.19
CA LYS C 146 48.93 32.10 25.00
C LYS C 146 49.04 30.86 24.14
N ASP C 147 48.22 30.75 23.10
CA ASP C 147 48.32 29.71 22.10
C ASP C 147 48.01 30.31 20.73
N PHE C 148 48.35 31.58 20.53
CA PHE C 148 47.80 32.46 19.49
C PHE C 148 46.28 32.41 19.52
N THR C 149 45.73 32.56 20.72
CA THR C 149 44.37 32.10 20.98
C THR C 149 43.32 33.03 20.40
N LEU C 150 43.26 34.25 20.90
CA LEU C 150 42.26 35.20 20.45
C LEU C 150 42.71 36.01 19.25
N GLN C 151 43.98 35.87 18.86
CA GLN C 151 44.56 36.73 17.83
C GLN C 151 43.93 36.44 16.46
N ILE C 152 43.56 35.19 16.20
CA ILE C 152 42.97 34.84 14.92
C ILE C 152 41.45 34.84 15.09
N ASP C 153 41.01 34.65 16.34
CA ASP C 153 39.59 34.61 16.64
C ASP C 153 38.97 35.99 16.46
N MET C 154 39.70 37.03 16.86
CA MET C 154 39.24 38.40 16.66
C MET C 154 39.09 38.73 15.18
N ALA C 155 40.02 38.24 14.35
CA ALA C 155 39.94 38.49 12.92
C ALA C 155 38.75 37.77 12.29
N PHE C 156 38.54 36.51 12.66
CA PHE C 156 37.40 35.75 12.16
C PHE C 156 36.09 36.40 12.57
N ASN C 157 36.03 36.91 13.80
CA ASN C 157 34.77 37.47 14.28
C ASN C 157 34.53 38.88 13.77
N VAL C 158 35.60 39.62 13.46
CA VAL C 158 35.42 40.90 12.77
C VAL C 158 34.89 40.67 11.36
N PHE C 159 35.40 39.65 10.68
CA PHE C 159 34.86 39.31 9.37
C PHE C 159 33.41 38.84 9.47
N PHE C 160 33.08 38.12 10.54
CA PHE C 160 31.70 37.70 10.77
C PHE C 160 30.78 38.89 11.00
N LEU C 161 31.26 39.86 11.80
CA LEU C 161 30.54 41.09 12.05
C LEU C 161 30.28 41.86 10.77
N LEU C 162 31.30 41.95 9.91
CA LEU C 162 31.12 42.58 8.61
C LEU C 162 30.15 41.79 7.74
N TYR C 163 30.11 40.47 7.91
CA TYR C 163 29.25 39.67 7.04
C TYR C 163 27.79 39.77 7.42
N PHE C 164 27.47 39.82 8.73
CA PHE C 164 26.06 40.08 9.01
C PHE C 164 25.80 41.57 9.15
N GLY C 165 26.81 42.40 8.89
CA GLY C 165 26.55 43.82 8.74
C GLY C 165 25.93 44.14 7.39
N LEU C 166 26.56 43.69 6.30
CA LEU C 166 26.10 44.13 4.99
C LEU C 166 24.86 43.39 4.54
N ARG C 167 24.51 42.29 5.21
CA ARG C 167 23.23 41.67 4.93
C ARG C 167 22.16 42.06 5.92
N PHE C 168 22.52 42.82 6.96
CA PHE C 168 21.49 43.44 7.79
C PHE C 168 20.80 44.56 7.05
N ILE C 169 21.56 45.28 6.22
CA ILE C 169 20.97 46.32 5.40
C ILE C 169 20.26 45.71 4.20
N ALA C 170 20.54 44.44 3.89
CA ALA C 170 19.87 43.72 2.82
C ALA C 170 18.53 43.15 3.23
N ALA C 171 18.06 43.49 4.43
CA ALA C 171 16.80 42.97 4.95
C ALA C 171 15.64 43.72 4.32
N ASN C 172 14.84 43.01 3.52
CA ASN C 172 13.57 43.58 3.09
C ASN C 172 12.62 43.72 4.27
N ASP C 173 12.71 42.82 5.25
CA ASP C 173 12.05 42.96 6.52
C ASP C 173 13.12 42.96 7.60
N LYS C 174 13.25 44.09 8.30
CA LYS C 174 14.26 44.26 9.33
C LYS C 174 14.02 43.33 10.51
N LEU C 175 12.77 42.93 10.73
CA LEU C 175 12.46 41.99 11.80
C LEU C 175 12.68 40.54 11.39
N TRP C 176 12.35 40.20 10.14
CA TRP C 176 12.48 38.82 9.69
C TRP C 176 13.94 38.39 9.64
N PHE C 177 14.84 39.29 9.26
CA PHE C 177 16.26 38.98 9.29
C PHE C 177 16.75 38.81 10.71
N TRP C 178 16.17 39.56 11.64
CA TRP C 178 16.61 39.51 13.03
C TRP C 178 16.30 38.18 13.69
N LEU C 179 15.29 37.46 13.22
CA LEU C 179 14.88 36.23 13.85
C LEU C 179 15.10 34.99 12.99
N GLU C 180 15.69 35.13 11.81
CA GLU C 180 16.22 33.97 11.13
C GLU C 180 17.40 33.44 11.90
N VAL C 181 17.45 32.13 12.11
CA VAL C 181 18.61 31.53 12.78
C VAL C 181 19.63 31.27 11.68
N ASN C 182 20.24 32.36 11.25
CA ASN C 182 21.49 32.35 10.49
C ASN C 182 22.39 33.47 10.94
N SER C 183 21.85 34.47 11.63
CA SER C 183 22.63 35.43 12.40
C SER C 183 22.47 35.23 13.88
N VAL C 184 21.51 34.42 14.31
CA VAL C 184 21.41 34.04 15.72
C VAL C 184 22.62 33.19 16.10
N VAL C 185 23.04 32.30 15.20
CA VAL C 185 24.33 31.63 15.33
C VAL C 185 25.46 32.65 15.30
N ASP C 186 25.38 33.65 14.43
CA ASP C 186 26.41 34.68 14.33
C ASP C 186 26.25 35.77 15.37
N PHE C 187 25.48 35.50 16.41
CA PHE C 187 24.98 36.54 17.29
C PHE C 187 25.17 36.26 18.76
N PHE C 188 25.19 34.99 19.17
CA PHE C 188 25.66 34.62 20.50
C PHE C 188 27.15 34.46 20.58
N THR C 189 27.86 34.62 19.47
CA THR C 189 29.29 34.42 19.41
C THR C 189 30.08 35.72 19.40
N VAL C 190 29.70 36.65 18.53
CA VAL C 190 30.51 37.83 18.23
C VAL C 190 30.54 38.85 19.38
N PRO C 191 29.43 39.21 20.05
CA PRO C 191 29.57 40.11 21.22
C PRO C 191 30.33 39.51 22.39
N PRO C 192 30.24 38.19 22.69
CA PRO C 192 31.22 37.67 23.68
C PRO C 192 32.65 37.71 23.23
N VAL C 193 32.93 37.65 21.93
CA VAL C 193 34.31 37.82 21.47
C VAL C 193 34.78 39.25 21.68
N PHE C 194 33.87 40.21 21.45
CA PHE C 194 34.23 41.61 21.69
C PHE C 194 34.42 41.89 23.17
N VAL C 195 33.62 41.27 24.03
CA VAL C 195 33.84 41.39 25.47
C VAL C 195 35.15 40.72 25.87
N SER C 196 35.48 39.61 25.20
CA SER C 196 36.70 38.88 25.52
C SER C 196 37.94 39.67 25.15
N VAL C 197 37.89 40.40 24.03
CA VAL C 197 39.04 41.21 23.67
C VAL C 197 39.03 42.53 24.44
N TYR C 198 37.87 42.97 24.94
CA TYR C 198 37.82 44.12 25.82
C TYR C 198 38.35 43.79 27.21
N LEU C 199 38.33 42.53 27.60
CA LEU C 199 38.77 42.12 28.92
C LEU C 199 40.02 41.27 28.91
N ASN C 200 40.51 40.88 27.72
CA ASN C 200 41.75 40.12 27.53
C ASN C 200 41.72 38.77 28.23
N ARG C 201 40.53 38.20 28.40
CA ARG C 201 40.37 36.86 28.93
C ARG C 201 39.39 36.12 28.03
N SER C 202 39.48 34.79 28.02
CA SER C 202 38.62 34.00 27.17
C SER C 202 37.49 33.38 27.98
N TRP C 203 36.46 32.92 27.26
CA TRP C 203 35.41 32.15 27.90
C TRP C 203 34.84 31.17 26.90
N LEU C 204 34.71 29.92 27.35
CA LEU C 204 34.27 28.82 26.50
C LEU C 204 32.75 28.70 26.61
N GLY C 205 32.07 29.76 26.21
CA GLY C 205 30.64 29.82 26.43
C GLY C 205 29.85 29.22 25.30
N LEU C 206 28.97 30.01 24.71
CA LEU C 206 28.13 29.56 23.60
C LEU C 206 28.87 29.67 22.28
N ARG C 207 30.11 29.18 22.23
CA ARG C 207 30.88 29.23 21.01
C ARG C 207 30.64 27.99 20.16
N PHE C 208 30.07 26.95 20.76
CA PHE C 208 29.70 25.74 20.03
C PHE C 208 28.53 25.97 19.08
N LEU C 209 27.80 27.07 19.24
CA LEU C 209 26.71 27.38 18.33
C LEU C 209 27.18 27.69 16.92
N ARG C 210 28.47 27.96 16.74
CA ARG C 210 29.07 28.11 15.42
C ARG C 210 28.93 26.84 14.58
N ALA C 211 28.89 25.67 15.24
CA ALA C 211 28.66 24.41 14.56
C ALA C 211 27.28 24.31 13.94
N LEU C 212 26.32 25.11 14.42
CA LEU C 212 24.99 25.10 13.83
C LEU C 212 24.98 25.71 12.44
N ARG C 213 26.02 26.46 12.07
CA ARG C 213 26.12 27.02 10.73
C ARG C 213 26.55 25.97 9.71
N LEU C 214 26.81 24.73 10.13
CA LEU C 214 27.06 23.64 9.19
C LEU C 214 25.83 23.24 8.39
N ILE C 215 24.66 23.81 8.67
CA ILE C 215 23.45 23.53 7.90
C ILE C 215 23.56 24.03 6.47
N GLN C 216 24.47 24.97 6.18
CA GLN C 216 24.66 25.51 4.85
C GLN C 216 25.67 24.71 4.03
N PHE C 217 26.01 23.50 4.48
CA PHE C 217 27.07 22.75 3.82
C PHE C 217 26.64 22.26 2.45
N SER C 218 25.39 21.82 2.32
CA SER C 218 24.89 21.42 1.02
C SER C 218 24.73 22.61 0.09
N GLU C 219 24.43 23.79 0.65
CA GLU C 219 24.29 24.98 -0.18
C GLU C 219 25.63 25.43 -0.73
N ILE C 220 26.68 25.38 0.09
CA ILE C 220 27.98 25.78 -0.43
C ILE C 220 28.57 24.69 -1.29
N LEU C 221 28.25 23.43 -1.02
CA LEU C 221 28.77 22.34 -1.82
C LEU C 221 28.07 22.24 -3.16
N GLN C 222 26.86 22.79 -3.27
CA GLN C 222 26.22 22.94 -4.57
C GLN C 222 26.93 23.99 -5.42
N PHE C 223 27.54 24.99 -4.77
CA PHE C 223 28.20 26.06 -5.52
C PHE C 223 29.45 25.59 -6.22
N LEU C 224 30.13 24.59 -5.66
CA LEU C 224 31.37 24.08 -6.23
C LEU C 224 31.13 23.00 -7.26
N ASN C 225 29.88 22.82 -7.71
CA ASN C 225 29.48 21.84 -8.72
C ASN C 225 29.84 20.42 -8.35
N ILE C 226 29.84 20.13 -7.05
CA ILE C 226 30.14 18.78 -6.58
C ILE C 226 28.88 17.94 -6.55
N LEU C 227 27.77 18.53 -6.16
CA LEU C 227 26.48 17.86 -6.09
C LEU C 227 25.59 18.39 -7.20
N LYS C 228 25.06 17.48 -8.02
CA LYS C 228 24.16 17.83 -9.11
C LYS C 228 22.96 16.90 -9.14
N THR C 229 22.58 16.38 -7.97
CA THR C 229 21.53 15.38 -7.87
C THR C 229 20.68 15.71 -6.66
N SER C 230 19.36 15.64 -6.83
CA SER C 230 18.44 16.04 -5.77
C SER C 230 18.48 15.06 -4.61
N ASN C 231 18.72 13.78 -4.90
CA ASN C 231 18.96 12.82 -3.85
C ASN C 231 20.22 13.16 -3.08
N SER C 232 21.25 13.62 -3.78
CA SER C 232 22.49 14.00 -3.12
C SER C 232 22.31 15.26 -2.28
N ILE C 233 21.54 16.22 -2.79
CA ILE C 233 21.27 17.45 -2.04
C ILE C 233 20.46 17.13 -0.78
N LYS C 234 19.45 16.28 -0.91
CA LYS C 234 18.63 15.91 0.25
C LYS C 234 19.43 15.11 1.26
N LEU C 235 20.31 14.23 0.77
CA LEU C 235 21.14 13.42 1.66
C LEU C 235 22.13 14.26 2.43
N VAL C 236 22.77 15.22 1.76
CA VAL C 236 23.73 16.06 2.46
C VAL C 236 23.01 17.03 3.39
N ASN C 237 21.77 17.42 3.06
CA ASN C 237 20.97 18.20 4.01
C ASN C 237 20.65 17.41 5.27
N LEU C 238 20.29 16.13 5.12
CA LEU C 238 20.01 15.30 6.29
C LEU C 238 21.24 15.07 7.13
N LEU C 239 22.37 14.75 6.50
CA LEU C 239 23.59 14.51 7.25
C LEU C 239 24.10 15.79 7.90
N SER C 240 23.86 16.93 7.25
CA SER C 240 24.31 18.20 7.80
C SER C 240 23.48 18.60 9.01
N ILE C 241 22.15 18.43 8.92
CA ILE C 241 21.34 18.78 10.08
C ILE C 241 21.57 17.80 11.22
N PHE C 242 21.90 16.54 10.90
CA PHE C 242 22.21 15.57 11.94
C PHE C 242 23.50 15.91 12.67
N ILE C 243 24.58 16.15 11.91
CA ILE C 243 25.87 16.45 12.51
C ILE C 243 25.84 17.78 13.23
N SER C 244 25.13 18.76 12.69
CA SER C 244 25.07 20.07 13.32
C SER C 244 24.27 20.01 14.62
N THR C 245 23.13 19.32 14.63
CA THR C 245 22.36 19.15 15.85
C THR C 245 23.15 18.38 16.90
N TRP C 246 23.87 17.36 16.46
CA TRP C 246 24.62 16.52 17.39
C TRP C 246 25.78 17.26 18.02
N LEU C 247 26.55 18.01 17.22
CA LEU C 247 27.66 18.78 17.79
C LEU C 247 27.17 19.94 18.63
N THR C 248 26.04 20.55 18.27
CA THR C 248 25.50 21.65 19.05
C THR C 248 25.03 21.18 20.41
N ALA C 249 24.27 20.08 20.44
CA ALA C 249 23.80 19.56 21.71
C ALA C 249 24.95 19.02 22.55
N ALA C 250 25.99 18.47 21.90
CA ALA C 250 27.18 18.05 22.63
C ALA C 250 27.89 19.22 23.27
N GLY C 251 27.98 20.35 22.55
CA GLY C 251 28.55 21.54 23.17
C GLY C 251 27.72 22.07 24.31
N PHE C 252 26.40 21.95 24.21
CA PHE C 252 25.51 22.41 25.29
C PHE C 252 25.74 21.61 26.56
N ILE C 253 25.66 20.28 26.46
CA ILE C 253 25.79 19.49 27.67
C ILE C 253 27.24 19.41 28.12
N HIS C 254 28.20 19.69 27.23
CA HIS C 254 29.57 19.95 27.66
C HIS C 254 29.64 21.17 28.56
N LEU C 255 28.99 22.25 28.14
CA LEU C 255 28.98 23.49 28.93
C LEU C 255 28.29 23.31 30.27
N VAL C 256 27.24 22.48 30.29
CA VAL C 256 26.56 22.20 31.54
C VAL C 256 27.45 21.37 32.47
N GLU C 257 28.08 20.32 31.94
CA GLU C 257 28.81 19.41 32.80
C GLU C 257 30.18 19.91 33.21
N ASN C 258 30.78 20.86 32.48
CA ASN C 258 32.01 21.46 32.96
C ASN C 258 31.75 22.26 34.23
N SER C 259 30.67 23.03 34.24
CA SER C 259 30.22 23.66 35.46
C SER C 259 29.48 22.65 36.31
N GLY C 260 28.98 23.09 37.45
CA GLY C 260 28.19 22.25 38.33
C GLY C 260 26.76 22.74 38.42
N ASP C 261 25.99 22.00 39.20
CA ASP C 261 24.69 22.48 39.62
C ASP C 261 24.90 23.69 40.52
N PRO C 262 24.33 24.86 40.17
CA PRO C 262 24.66 26.07 40.92
C PRO C 262 24.10 26.10 42.32
N TRP C 263 22.99 25.40 42.58
CA TRP C 263 22.52 25.23 43.94
C TRP C 263 23.41 24.29 44.73
N GLU C 264 24.20 23.46 44.06
CA GLU C 264 25.25 22.70 44.70
C GLU C 264 26.57 23.47 44.73
N ASN C 265 26.52 24.78 44.42
CA ASN C 265 27.66 25.69 44.48
C ASN C 265 28.78 25.27 43.55
N PHE C 266 28.40 24.71 42.40
CA PHE C 266 29.32 24.32 41.32
C PHE C 266 30.34 23.30 41.79
N GLN C 267 29.92 22.40 42.68
CA GLN C 267 30.83 21.43 43.27
C GLN C 267 30.74 20.06 42.63
N ASN C 268 29.60 19.71 42.02
CA ASN C 268 29.48 18.43 41.35
C ASN C 268 29.83 18.54 39.87
N ASN C 269 30.98 19.13 39.56
CA ASN C 269 31.39 19.23 38.18
C ASN C 269 31.94 17.90 37.68
N GLN C 270 31.61 17.57 36.45
CA GLN C 270 32.08 16.36 35.80
C GLN C 270 33.04 16.78 34.70
N ALA C 271 34.33 16.57 34.93
CA ALA C 271 35.35 17.05 33.99
C ALA C 271 35.34 16.18 32.74
N LEU C 272 34.39 16.47 31.86
CA LEU C 272 34.31 15.79 30.59
C LEU C 272 35.05 16.57 29.52
N THR C 273 35.74 15.84 28.65
CA THR C 273 36.20 16.44 27.42
C THR C 273 34.99 16.68 26.53
N TYR C 274 35.12 17.61 25.60
CA TYR C 274 34.10 17.80 24.58
C TYR C 274 33.86 16.53 23.79
N TRP C 275 34.93 15.79 23.49
CA TRP C 275 34.77 14.62 22.65
C TRP C 275 34.27 13.42 23.43
N GLU C 276 34.58 13.34 24.72
CA GLU C 276 33.89 12.41 25.62
C GLU C 276 32.39 12.65 25.59
N CYS C 277 32.01 13.92 25.54
CA CYS C 277 30.61 14.29 25.52
C CYS C 277 29.97 13.95 24.17
N VAL C 278 30.74 14.09 23.10
CA VAL C 278 30.31 13.68 21.76
C VAL C 278 30.06 12.18 21.72
N TYR C 279 30.97 11.41 22.33
CA TYR C 279 30.78 9.97 22.48
C TYR C 279 29.53 9.65 23.29
N LEU C 280 29.28 10.44 24.34
CA LEU C 280 28.08 10.27 25.16
C LEU C 280 26.82 10.44 24.34
N LEU C 281 26.77 11.46 23.50
CA LEU C 281 25.55 11.66 22.71
C LEU C 281 25.40 10.66 21.59
N MET C 282 26.50 10.15 21.03
CA MET C 282 26.33 9.09 20.03
C MET C 282 25.90 7.78 20.67
N VAL C 283 26.39 7.50 21.87
CA VAL C 283 25.91 6.32 22.59
C VAL C 283 24.46 6.50 23.02
N THR C 284 24.06 7.73 23.30
CA THR C 284 22.70 7.99 23.76
C THR C 284 21.68 7.89 22.63
N MET C 285 21.89 8.64 21.54
CA MET C 285 20.89 8.73 20.47
C MET C 285 20.64 7.40 19.78
N SER C 286 21.62 6.51 19.77
CA SER C 286 21.44 5.20 19.18
C SER C 286 20.84 4.20 20.16
N THR C 287 20.45 4.65 21.35
CA THR C 287 19.85 3.85 22.42
C THR C 287 20.73 2.66 22.80
N VAL C 288 22.04 2.88 22.79
CA VAL C 288 22.95 1.84 23.22
C VAL C 288 23.15 1.96 24.72
N GLY C 289 23.60 3.13 25.18
CA GLY C 289 23.65 3.44 26.59
C GLY C 289 24.58 2.61 27.44
N TYR C 290 25.89 2.74 27.27
CA TYR C 290 26.82 1.90 28.03
C TYR C 290 26.81 2.23 29.51
N GLY C 291 26.69 3.50 29.86
CA GLY C 291 26.73 3.87 31.25
C GLY C 291 28.12 4.07 31.81
N ASP C 292 29.16 3.91 30.98
CA ASP C 292 30.50 4.27 31.40
C ASP C 292 30.63 5.79 31.55
N VAL C 293 30.00 6.53 30.64
CA VAL C 293 29.96 7.98 30.69
C VAL C 293 28.50 8.37 30.75
N TYR C 294 28.15 9.24 31.70
CA TYR C 294 26.79 9.71 31.86
C TYR C 294 26.81 11.02 32.62
N ALA C 295 25.72 11.76 32.52
CA ALA C 295 25.63 13.06 33.19
C ALA C 295 25.36 12.86 34.66
N LYS C 296 26.20 13.44 35.52
CA LYS C 296 26.03 13.32 36.95
C LYS C 296 25.44 14.57 37.59
N THR C 297 25.09 15.58 36.81
CA THR C 297 24.49 16.78 37.35
C THR C 297 23.00 16.78 37.07
N THR C 298 22.25 17.42 37.96
CA THR C 298 20.79 17.47 37.85
C THR C 298 20.35 18.21 36.61
N LEU C 299 20.97 19.36 36.33
CA LEU C 299 20.71 20.07 35.08
C LEU C 299 21.16 19.26 33.89
N GLY C 300 22.23 18.48 34.05
CA GLY C 300 22.67 17.61 32.98
C GLY C 300 21.70 16.49 32.69
N ARG C 301 21.17 15.86 33.75
CA ARG C 301 20.15 14.83 33.57
C ARG C 301 18.90 15.39 32.94
N LEU C 302 18.55 16.64 33.30
CA LEU C 302 17.38 17.29 32.72
C LEU C 302 17.57 17.54 31.23
N PHE C 303 18.75 18.01 30.82
CA PHE C 303 18.97 18.20 29.40
C PHE C 303 19.06 16.86 28.67
N MET C 304 19.56 15.81 29.32
CA MET C 304 19.58 14.52 28.64
C MET C 304 18.18 13.97 28.43
N VAL C 305 17.27 14.22 29.39
CA VAL C 305 15.86 13.86 29.20
C VAL C 305 15.27 14.63 28.02
N PHE C 306 15.50 15.95 28.00
CA PHE C 306 14.96 16.76 26.92
C PHE C 306 15.55 16.38 25.57
N PHE C 307 16.81 15.98 25.55
CA PHE C 307 17.41 15.66 24.26
C PHE C 307 17.09 14.25 23.81
N ILE C 308 16.81 13.32 24.73
CA ILE C 308 16.28 12.03 24.30
C ILE C 308 14.89 12.20 23.70
N LEU C 309 14.07 13.06 24.32
CA LEU C 309 12.76 13.33 23.73
C LEU C 309 12.85 14.08 22.41
N GLY C 310 13.80 15.02 22.30
CA GLY C 310 13.97 15.71 21.04
C GLY C 310 14.56 14.84 19.95
N GLY C 311 15.44 13.91 20.33
CA GLY C 311 16.01 13.01 19.35
C GLY C 311 15.00 12.00 18.85
N LEU C 312 14.15 11.50 19.74
CA LEU C 312 13.08 10.64 19.29
C LEU C 312 11.98 11.41 18.59
N ALA C 313 11.90 12.72 18.80
CA ALA C 313 10.96 13.54 18.06
C ALA C 313 11.38 13.65 16.60
N MET C 314 12.57 14.20 16.36
CA MET C 314 13.01 14.39 14.99
C MET C 314 13.62 13.14 14.37
N PHE C 315 13.53 11.99 15.02
CA PHE C 315 13.73 10.75 14.30
C PHE C 315 12.43 10.12 13.85
N ALA C 316 11.35 10.36 14.58
CA ALA C 316 10.05 9.83 14.19
C ALA C 316 9.25 10.79 13.34
N SER C 317 9.70 12.03 13.19
CA SER C 317 8.93 13.03 12.49
C SER C 317 9.69 13.75 11.40
N TYR C 318 11.01 13.82 11.48
CA TYR C 318 11.78 14.58 10.51
C TYR C 318 12.38 13.68 9.44
N VAL C 319 13.22 12.74 9.84
CA VAL C 319 13.83 11.83 8.88
C VAL C 319 12.96 10.70 8.31
N PRO C 320 12.04 10.01 9.02
CA PRO C 320 11.65 8.68 8.54
C PRO C 320 10.72 8.69 7.34
N GLU C 321 10.25 9.85 6.92
CA GLU C 321 9.59 10.01 5.63
C GLU C 321 10.52 10.61 4.60
N ILE C 322 11.71 11.05 5.03
CA ILE C 322 12.74 11.49 4.12
C ILE C 322 13.80 10.43 3.94
N ILE C 323 14.03 9.59 4.96
CA ILE C 323 14.80 8.36 4.78
C ILE C 323 14.13 7.47 3.74
N GLU C 324 12.82 7.32 3.85
CA GLU C 324 12.10 6.47 2.92
C GLU C 324 11.84 7.11 1.58
N LEU C 325 12.30 8.33 1.35
CA LEU C 325 12.41 8.82 -0.02
C LEU C 325 13.70 8.35 -0.68
N ILE C 326 14.63 7.80 0.10
CA ILE C 326 15.92 7.38 -0.41
C ILE C 326 15.98 5.87 -0.22
N GLY C 327 14.84 5.22 -0.38
CA GLY C 327 14.80 3.79 -0.17
C GLY C 327 14.13 3.02 -1.30
N ASN C 328 13.60 3.73 -2.30
CA ASN C 328 12.86 3.09 -3.37
C ASN C 328 13.83 2.50 -4.40
N ARG C 329 13.72 1.19 -4.63
CA ARG C 329 14.49 0.53 -5.66
C ARG C 329 13.55 -0.33 -6.51
N LYS C 330 13.86 -0.43 -7.80
CA LYS C 330 13.13 -1.26 -8.73
C LYS C 330 13.93 -2.52 -9.01
N LYS C 331 13.26 -3.66 -8.96
CA LYS C 331 13.94 -4.95 -8.94
C LYS C 331 14.11 -5.57 -10.32
N TYR C 332 13.80 -4.84 -11.39
CA TYR C 332 14.06 -5.34 -12.74
C TYR C 332 14.64 -4.18 -13.54
N GLY C 333 15.95 -4.10 -13.53
CA GLY C 333 16.64 -3.08 -14.30
C GLY C 333 18.02 -3.60 -14.58
N GLY C 334 18.95 -2.67 -14.78
CA GLY C 334 20.31 -3.08 -15.06
C GLY C 334 20.43 -3.65 -16.46
N SER C 335 21.46 -4.46 -16.65
CA SER C 335 21.73 -5.03 -17.96
C SER C 335 22.09 -6.50 -17.79
N TYR C 336 22.43 -7.14 -18.90
CA TYR C 336 22.76 -8.55 -18.93
C TYR C 336 24.27 -8.73 -18.88
N SER C 337 24.74 -9.59 -17.99
CA SER C 337 26.14 -9.94 -17.91
C SER C 337 26.49 -10.87 -19.05
N ALA C 338 27.29 -10.39 -20.00
CA ALA C 338 27.68 -11.21 -21.14
C ALA C 338 28.72 -12.23 -20.69
N VAL C 339 28.25 -13.41 -20.30
CA VAL C 339 29.14 -14.52 -19.95
C VAL C 339 29.64 -15.15 -21.24
N SER C 340 30.95 -15.31 -21.36
CA SER C 340 31.52 -15.87 -22.57
C SER C 340 31.22 -17.36 -22.67
N GLY C 341 30.82 -17.79 -23.86
CA GLY C 341 30.40 -19.16 -24.09
C GLY C 341 28.91 -19.38 -23.95
N ARG C 342 28.21 -18.50 -23.25
CA ARG C 342 26.75 -18.61 -23.07
C ARG C 342 26.09 -17.76 -24.13
N LYS C 343 25.61 -18.41 -25.18
CA LYS C 343 24.78 -17.72 -26.16
C LYS C 343 23.43 -17.45 -25.55
N HIS C 344 23.06 -16.19 -25.37
CA HIS C 344 21.79 -15.91 -24.72
C HIS C 344 20.73 -15.53 -25.75
N ILE C 345 19.48 -15.92 -25.49
CA ILE C 345 18.34 -15.55 -26.32
C ILE C 345 17.58 -14.45 -25.61
N VAL C 346 17.28 -13.39 -26.34
CA VAL C 346 16.32 -12.40 -25.87
C VAL C 346 14.93 -12.83 -26.30
N VAL C 347 14.03 -13.00 -25.35
CA VAL C 347 12.64 -13.32 -25.64
C VAL C 347 11.81 -12.09 -25.29
N CYS C 348 11.07 -11.61 -26.29
CA CYS C 348 10.22 -10.40 -26.13
C CYS C 348 8.78 -10.77 -26.51
N GLY C 349 7.98 -9.77 -26.87
CA GLY C 349 6.58 -10.03 -27.23
C GLY C 349 5.72 -10.16 -26.00
N HIS C 350 4.46 -10.58 -26.18
CA HIS C 350 3.57 -10.79 -25.00
C HIS C 350 4.21 -11.87 -24.12
N ILE C 351 4.37 -11.57 -22.83
CA ILE C 351 4.99 -12.53 -21.89
C ILE C 351 4.02 -12.75 -20.73
N THR C 352 3.65 -14.01 -20.48
CA THR C 352 2.70 -14.32 -19.38
C THR C 352 3.01 -15.73 -18.90
N LEU C 353 2.40 -16.15 -17.78
CA LEU C 353 2.75 -17.47 -17.21
C LEU C 353 2.44 -18.54 -18.26
N GLU C 354 1.31 -18.37 -18.96
CA GLU C 354 0.87 -19.33 -19.99
C GLU C 354 1.89 -19.39 -21.13
N SER C 355 2.08 -18.28 -21.85
CA SER C 355 2.97 -18.29 -23.03
C SER C 355 4.41 -18.66 -22.64
N VAL C 356 4.91 -18.06 -21.57
CA VAL C 356 6.32 -18.31 -21.14
C VAL C 356 6.48 -19.76 -20.69
N SER C 357 5.50 -20.32 -19.97
CA SER C 357 5.71 -21.68 -19.39
C SER C 357 5.97 -22.71 -20.48
N ASN C 358 5.18 -22.73 -21.55
CA ASN C 358 5.37 -23.83 -22.54
C ASN C 358 6.77 -23.70 -23.15
N PHE C 359 7.16 -22.47 -23.51
CA PHE C 359 8.46 -22.28 -24.18
C PHE C 359 9.58 -22.69 -23.21
N LEU C 360 9.46 -22.28 -21.95
CA LEU C 360 10.54 -22.58 -20.98
C LEU C 360 10.62 -24.10 -20.82
N LYS C 361 9.47 -24.77 -20.75
CA LYS C 361 9.47 -26.23 -20.51
C LYS C 361 10.19 -26.91 -21.69
N ASP C 362 9.84 -26.54 -22.93
CA ASP C 362 10.49 -27.26 -24.06
C ASP C 362 11.97 -26.90 -24.12
N PHE C 363 12.31 -25.61 -23.98
CA PHE C 363 13.70 -25.15 -24.09
C PHE C 363 14.55 -25.71 -22.95
N LEU C 364 14.01 -25.74 -21.73
CA LEU C 364 14.81 -26.17 -20.55
C LEU C 364 14.54 -27.63 -20.22
N HIS C 365 13.95 -28.38 -21.15
CA HIS C 365 13.64 -29.82 -20.92
C HIS C 365 14.95 -30.56 -20.65
N LYS C 366 14.92 -31.54 -19.74
CA LYS C 366 16.16 -32.27 -19.34
C LYS C 366 16.75 -32.96 -20.58
N ASP C 367 15.90 -33.49 -21.44
CA ASP C 367 16.37 -34.25 -22.64
C ASP C 367 17.15 -33.30 -23.57
N ARG C 368 16.98 -31.99 -23.41
CA ARG C 368 17.71 -30.99 -24.23
C ARG C 368 19.20 -31.15 -23.94
N ASP C 369 19.55 -31.82 -22.83
CA ASP C 369 20.98 -32.09 -22.48
C ASP C 369 21.78 -30.80 -22.31
N ASP C 370 22.95 -30.70 -22.93
CA ASP C 370 23.83 -29.53 -22.68
C ASP C 370 23.61 -28.44 -23.73
N VAL C 371 22.92 -27.36 -23.35
CA VAL C 371 22.78 -26.19 -24.28
C VAL C 371 23.17 -24.96 -23.45
N ASN C 372 24.22 -24.25 -23.87
CA ASN C 372 24.64 -23.03 -23.15
C ASN C 372 23.83 -21.84 -23.70
N VAL C 373 22.50 -21.87 -23.51
CA VAL C 373 21.67 -20.73 -23.96
C VAL C 373 20.91 -20.20 -22.74
N GLU C 374 21.03 -18.90 -22.47
CA GLU C 374 20.31 -18.29 -21.32
C GLU C 374 19.16 -17.45 -21.87
N ILE C 375 17.94 -17.73 -21.42
CA ILE C 375 16.77 -17.00 -21.98
C ILE C 375 16.63 -15.68 -21.20
N VAL C 376 16.73 -14.55 -21.90
CA VAL C 376 16.55 -13.23 -21.24
C VAL C 376 15.22 -12.66 -21.73
N PHE C 377 14.33 -12.31 -20.81
CA PHE C 377 12.97 -11.84 -21.23
C PHE C 377 12.88 -10.33 -21.04
N LEU C 378 12.51 -9.61 -22.10
CA LEU C 378 12.30 -8.15 -21.96
C LEU C 378 10.81 -7.85 -22.17
N HIS C 379 10.13 -7.35 -21.13
CA HIS C 379 8.70 -7.00 -21.26
C HIS C 379 8.43 -5.74 -20.43
N ASN C 380 7.59 -4.83 -20.94
CA ASN C 380 7.27 -3.58 -20.21
C ASN C 380 6.54 -3.92 -18.91
N ILE C 381 5.59 -4.86 -18.96
CA ILE C 381 4.78 -5.20 -17.75
C ILE C 381 5.63 -5.96 -16.75
N SER C 382 5.55 -5.60 -15.47
CA SER C 382 6.29 -6.31 -14.40
C SER C 382 5.69 -7.70 -14.20
N PRO C 383 6.49 -8.74 -13.91
CA PRO C 383 5.98 -10.11 -13.75
C PRO C 383 5.05 -10.26 -12.55
N ASN C 384 3.98 -11.05 -12.68
CA ASN C 384 3.05 -11.31 -11.55
C ASN C 384 3.66 -12.37 -10.63
N LEU C 385 2.99 -12.68 -9.51
CA LEU C 385 3.60 -13.59 -8.55
C LEU C 385 3.84 -14.98 -9.11
N GLU C 386 2.96 -15.44 -10.01
CA GLU C 386 3.19 -16.72 -10.66
C GLU C 386 4.41 -16.65 -11.57
N LEU C 387 4.58 -15.54 -12.27
CA LEU C 387 5.80 -15.31 -13.04
C LEU C 387 7.02 -15.21 -12.16
N GLU C 388 6.88 -14.60 -10.98
CA GLU C 388 8.04 -14.49 -10.10
C GLU C 388 8.45 -15.85 -9.57
N ALA C 389 7.47 -16.71 -9.29
CA ALA C 389 7.80 -18.09 -8.91
C ALA C 389 8.46 -18.85 -10.06
N LEU C 390 7.92 -18.69 -11.27
CA LEU C 390 8.46 -19.41 -12.42
C LEU C 390 9.85 -18.92 -12.79
N PHE C 391 10.12 -17.63 -12.63
CA PHE C 391 11.47 -17.13 -12.86
C PHE C 391 12.40 -17.52 -11.72
N LYS C 392 11.87 -17.69 -10.51
CA LYS C 392 12.66 -18.19 -9.42
C LYS C 392 12.66 -19.71 -9.35
N ARG C 393 12.24 -20.39 -10.41
CA ARG C 393 12.56 -21.78 -10.59
C ARG C 393 13.78 -22.00 -11.48
N HIS C 394 14.36 -20.94 -12.03
CA HIS C 394 15.50 -21.06 -12.94
C HIS C 394 16.42 -19.87 -12.69
N PHE C 395 17.61 -20.13 -12.16
CA PHE C 395 18.47 -19.07 -11.63
C PHE C 395 19.52 -18.64 -12.64
N THR C 396 20.38 -19.57 -13.04
CA THR C 396 21.44 -19.33 -14.00
C THR C 396 20.96 -19.50 -15.43
N GLN C 397 19.66 -19.45 -15.65
CA GLN C 397 19.09 -19.95 -16.88
C GLN C 397 18.11 -18.95 -17.47
N VAL C 398 17.45 -18.17 -16.62
CA VAL C 398 16.39 -17.25 -17.02
C VAL C 398 16.57 -15.94 -16.27
N GLU C 399 16.66 -14.84 -17.00
CA GLU C 399 16.65 -13.52 -16.40
C GLU C 399 15.57 -12.67 -17.02
N PHE C 400 14.84 -11.95 -16.19
CA PHE C 400 13.84 -11.00 -16.65
C PHE C 400 14.39 -9.59 -16.54
N TYR C 401 14.01 -8.74 -17.49
CA TYR C 401 14.35 -7.33 -17.45
C TYR C 401 13.12 -6.55 -17.87
N GLN C 402 12.93 -5.39 -17.27
CA GLN C 402 11.79 -4.56 -17.57
C GLN C 402 12.20 -3.54 -18.63
N GLY C 403 11.37 -3.42 -19.65
CA GLY C 403 11.67 -2.53 -20.76
C GLY C 403 11.06 -3.05 -22.03
N SER C 404 11.01 -2.18 -23.03
CA SER C 404 10.48 -2.52 -24.34
C SER C 404 11.60 -2.91 -25.28
N VAL C 405 11.21 -3.44 -26.43
CA VAL C 405 12.13 -3.59 -27.54
C VAL C 405 11.92 -2.48 -28.57
N LEU C 406 11.17 -1.45 -28.19
CA LEU C 406 10.97 -0.32 -29.13
C LEU C 406 11.88 0.83 -28.69
N ASN C 407 12.69 0.58 -27.65
CA ASN C 407 13.67 1.60 -27.19
C ASN C 407 15.07 1.02 -27.42
N PRO C 408 15.99 1.74 -28.09
CA PRO C 408 17.31 1.20 -28.40
C PRO C 408 18.10 0.87 -27.13
N HIS C 409 17.97 1.69 -26.10
CA HIS C 409 18.73 1.47 -24.85
C HIS C 409 18.35 0.13 -24.24
N ASP C 410 17.06 -0.21 -24.26
CA ASP C 410 16.60 -1.50 -23.68
C ASP C 410 17.19 -2.66 -24.50
N LEU C 411 17.27 -2.52 -25.82
CA LEU C 411 17.90 -3.56 -26.66
C LEU C 411 19.37 -3.69 -26.24
N ALA C 412 20.05 -2.57 -26.01
CA ALA C 412 21.45 -2.61 -25.56
C ALA C 412 21.52 -3.29 -24.20
N ARG C 413 20.60 -2.98 -23.30
CA ARG C 413 20.59 -3.57 -21.93
C ARG C 413 20.46 -5.08 -22.02
N VAL C 414 19.62 -5.58 -22.93
CA VAL C 414 19.43 -7.05 -23.10
C VAL C 414 20.54 -7.60 -23.99
N LYS C 415 21.45 -6.74 -24.46
CA LYS C 415 22.59 -7.20 -25.30
C LYS C 415 22.07 -7.91 -26.53
N ILE C 416 21.09 -7.31 -27.21
CA ILE C 416 20.46 -7.96 -28.40
C ILE C 416 21.51 -8.20 -29.47
N GLU C 417 22.46 -7.27 -29.66
CA GLU C 417 23.44 -7.41 -30.77
C GLU C 417 24.23 -8.71 -30.59
N SER C 418 24.66 -9.01 -29.36
CA SER C 418 25.43 -10.24 -29.09
C SER C 418 24.50 -11.45 -28.94
N ALA C 419 23.19 -11.20 -28.80
CA ALA C 419 22.23 -12.31 -28.57
C ALA C 419 22.18 -13.23 -29.78
N ASP C 420 22.14 -14.56 -29.56
CA ASP C 420 22.15 -15.53 -30.68
C ASP C 420 20.89 -15.37 -31.53
N ALA C 421 19.73 -15.22 -30.89
CA ALA C 421 18.46 -15.03 -31.62
C ALA C 421 17.42 -14.33 -30.73
N CYS C 422 16.40 -13.74 -31.34
CA CYS C 422 15.31 -13.13 -30.53
C CYS C 422 13.99 -13.79 -30.91
N LEU C 423 13.25 -14.27 -29.91
CA LEU C 423 11.95 -14.94 -30.18
C LEU C 423 10.82 -14.02 -29.71
N ILE C 424 9.89 -13.70 -30.62
CA ILE C 424 8.78 -12.76 -30.27
C ILE C 424 7.52 -13.60 -30.09
N LEU C 425 6.90 -13.51 -28.92
CA LEU C 425 5.70 -14.34 -28.62
C LEU C 425 4.48 -13.44 -28.66
N ALA C 426 3.44 -13.84 -29.39
CA ALA C 426 2.24 -12.98 -29.53
C ALA C 426 1.13 -13.55 -28.64
N ASN C 427 0.40 -12.68 -27.93
CA ASN C 427 -0.73 -13.22 -27.13
C ASN C 427 -1.70 -13.85 -28.12
N LYS C 428 -2.04 -15.11 -27.91
CA LYS C 428 -2.96 -15.83 -28.82
C LYS C 428 -4.33 -15.14 -28.72
N TYR C 429 -4.72 -14.76 -27.51
CA TYR C 429 -6.06 -14.15 -27.32
C TYR C 429 -5.91 -12.63 -27.24
N CYS C 430 -6.54 -11.92 -28.18
CA CYS C 430 -6.51 -10.44 -28.18
C CYS C 430 -7.79 -9.93 -28.84
N ALA C 431 -8.16 -8.68 -28.56
CA ALA C 431 -9.41 -8.12 -29.12
C ALA C 431 -9.30 -8.05 -30.65
N ASP C 432 -8.16 -7.59 -31.17
CA ASP C 432 -7.96 -7.56 -32.64
C ASP C 432 -6.71 -8.37 -32.99
N PRO C 433 -6.82 -9.42 -33.85
CA PRO C 433 -5.63 -10.16 -34.26
C PRO C 433 -4.67 -9.28 -35.07
N ASP C 434 -5.20 -8.46 -35.98
CA ASP C 434 -4.33 -7.65 -36.87
C ASP C 434 -3.49 -6.69 -36.03
N ALA C 435 -4.08 -6.08 -35.01
CA ALA C 435 -3.34 -5.08 -34.22
C ALA C 435 -2.12 -5.73 -33.57
N GLU C 436 -2.29 -6.92 -33.00
CA GLU C 436 -1.16 -7.58 -32.32
C GLU C 436 -0.10 -7.92 -33.36
N ASP C 437 -0.54 -8.50 -34.48
CA ASP C 437 0.37 -8.84 -35.57
C ASP C 437 1.18 -7.63 -36.00
N ALA C 438 0.55 -6.46 -36.07
CA ALA C 438 1.30 -5.25 -36.44
C ALA C 438 2.25 -4.83 -35.34
N SER C 439 1.91 -5.12 -34.09
CA SER C 439 2.83 -4.83 -32.99
C SER C 439 4.07 -5.72 -33.06
N ASN C 440 3.86 -7.00 -33.38
CA ASN C 440 5.00 -7.90 -33.50
C ASN C 440 5.86 -7.54 -34.70
N ILE C 441 5.23 -7.07 -35.79
CA ILE C 441 5.99 -6.61 -36.94
C ILE C 441 6.77 -5.36 -36.59
N MET C 442 6.19 -4.48 -35.78
CA MET C 442 6.92 -3.32 -35.26
C MET C 442 8.12 -3.72 -34.43
N ARG C 443 7.98 -4.76 -33.62
CA ARG C 443 9.11 -5.23 -32.81
C ARG C 443 10.21 -5.83 -33.68
N VAL C 444 9.82 -6.56 -34.72
CA VAL C 444 10.78 -7.07 -35.70
C VAL C 444 11.53 -5.93 -36.36
N ILE C 445 10.81 -4.88 -36.76
CA ILE C 445 11.43 -3.74 -37.44
C ILE C 445 12.42 -3.03 -36.52
N SER C 446 12.06 -2.92 -35.24
CA SER C 446 12.96 -2.27 -34.28
C SER C 446 14.24 -3.08 -34.07
N ILE C 447 14.10 -4.40 -33.93
CA ILE C 447 15.28 -5.23 -33.66
C ILE C 447 16.17 -5.31 -34.90
N LYS C 448 15.57 -5.47 -36.08
CA LYS C 448 16.37 -5.52 -37.30
C LYS C 448 16.94 -4.16 -37.66
N ASN C 449 16.37 -3.06 -37.15
CA ASN C 449 16.99 -1.77 -37.35
C ASN C 449 18.15 -1.56 -36.39
N TYR C 450 18.07 -2.13 -35.20
CA TYR C 450 19.21 -2.06 -34.28
C TYR C 450 20.36 -2.88 -34.82
N HIS C 451 20.14 -4.17 -35.01
CA HIS C 451 21.19 -5.07 -35.46
C HIS C 451 20.65 -5.98 -36.54
N PRO C 452 21.03 -5.78 -37.81
CA PRO C 452 20.36 -6.52 -38.89
C PRO C 452 20.76 -7.97 -38.97
N LYS C 453 22.01 -8.30 -38.66
CA LYS C 453 22.48 -9.68 -38.77
C LYS C 453 22.04 -10.45 -37.54
N ILE C 454 20.75 -10.80 -37.51
CA ILE C 454 20.20 -11.53 -36.38
C ILE C 454 19.13 -12.47 -36.89
N ARG C 455 18.95 -13.60 -36.21
CA ARG C 455 17.80 -14.44 -36.48
C ARG C 455 16.65 -14.00 -35.59
N ILE C 456 15.46 -13.91 -36.17
CA ILE C 456 14.26 -13.58 -35.42
C ILE C 456 13.20 -14.62 -35.75
N ILE C 457 12.71 -15.29 -34.72
CA ILE C 457 11.58 -16.20 -34.84
C ILE C 457 10.39 -15.55 -34.17
N THR C 458 9.31 -15.37 -34.92
CA THR C 458 8.17 -14.64 -34.41
C THR C 458 6.89 -15.45 -34.60
N GLN C 459 5.86 -15.01 -33.90
CA GLN C 459 4.53 -15.61 -34.01
C GLN C 459 3.60 -14.63 -34.68
N MET C 460 2.79 -15.12 -35.61
CA MET C 460 1.85 -14.30 -36.35
C MET C 460 0.46 -14.87 -36.16
N LEU C 461 -0.46 -14.02 -35.72
CA LEU C 461 -1.81 -14.49 -35.47
C LEU C 461 -2.61 -14.69 -36.75
N GLN C 462 -2.29 -13.94 -37.79
CA GLN C 462 -3.01 -14.03 -39.05
C GLN C 462 -2.04 -14.35 -40.17
N TYR C 463 -2.54 -15.09 -41.16
CA TYR C 463 -1.69 -15.48 -42.28
C TYR C 463 -1.44 -14.31 -43.22
N HIS C 464 -2.42 -13.41 -43.34
CA HIS C 464 -2.28 -12.27 -44.27
C HIS C 464 -1.24 -11.27 -43.75
N ASN C 465 -1.08 -11.16 -42.42
CA ASN C 465 -0.14 -10.17 -41.83
C ASN C 465 1.31 -10.61 -42.06
N LYS C 466 1.53 -11.86 -42.46
CA LYS C 466 2.92 -12.39 -42.62
C LYS C 466 3.67 -11.63 -43.73
N ALA C 467 2.96 -11.11 -44.73
CA ALA C 467 3.61 -10.43 -45.87
C ALA C 467 4.41 -9.19 -45.45
N HIS C 468 3.98 -8.52 -44.37
CA HIS C 468 4.66 -7.27 -43.94
C HIS C 468 6.12 -7.58 -43.59
N LEU C 469 6.37 -8.74 -42.99
CA LEU C 469 7.75 -9.12 -42.61
C LEU C 469 8.59 -9.24 -43.88
N LEU C 470 8.02 -9.83 -44.94
CA LEU C 470 8.74 -9.96 -46.23
C LEU C 470 9.03 -8.56 -46.77
N ASN C 471 8.08 -7.63 -46.60
CA ASN C 471 8.29 -6.24 -47.05
C ASN C 471 9.48 -5.62 -46.31
N ILE C 472 9.65 -5.91 -45.02
CA ILE C 472 10.86 -5.38 -44.31
C ILE C 472 12.10 -5.88 -45.05
N PRO C 473 13.08 -5.00 -45.39
CA PRO C 473 14.26 -5.41 -46.16
C PRO C 473 15.24 -6.36 -45.47
N SER C 474 15.53 -6.11 -44.20
CA SER C 474 16.53 -6.95 -43.47
C SER C 474 16.08 -8.39 -43.31
N TRP C 475 14.78 -8.63 -43.10
CA TRP C 475 14.31 -10.01 -42.82
C TRP C 475 14.73 -10.94 -43.96
N ASN C 476 15.38 -12.06 -43.61
CA ASN C 476 15.78 -13.05 -44.65
C ASN C 476 15.34 -14.45 -44.22
N TRP C 477 14.47 -15.09 -45.00
CA TRP C 477 14.02 -16.47 -44.67
C TRP C 477 15.20 -17.43 -44.77
N LYS C 478 16.03 -17.29 -45.82
CA LYS C 478 17.20 -18.18 -46.01
C LYS C 478 18.22 -17.94 -44.90
N GLU C 479 18.20 -16.75 -44.30
CA GLU C 479 19.18 -16.41 -43.24
C GLU C 479 18.75 -17.07 -41.92
N GLY C 480 17.59 -17.74 -41.94
CA GLY C 480 17.07 -18.40 -40.72
C GLY C 480 16.01 -17.58 -40.03
N ASP C 481 15.76 -16.35 -40.49
CA ASP C 481 14.63 -15.57 -39.91
C ASP C 481 13.36 -16.35 -40.26
N ASP C 482 12.52 -16.65 -39.27
CA ASP C 482 11.32 -17.48 -39.53
C ASP C 482 10.11 -16.89 -38.82
N ALA C 483 8.94 -16.89 -39.47
CA ALA C 483 7.72 -16.43 -38.78
C ALA C 483 6.78 -17.64 -38.65
N ILE C 484 6.34 -17.94 -37.42
CA ILE C 484 5.46 -19.12 -37.20
C ILE C 484 4.03 -18.58 -37.11
N CYS C 485 3.17 -19.00 -38.03
CA CYS C 485 1.77 -18.45 -38.04
C CYS C 485 0.91 -19.40 -37.22
N LEU C 486 0.47 -18.94 -36.04
CA LEU C 486 -0.30 -19.85 -35.15
C LEU C 486 -1.60 -20.23 -35.86
N ALA C 487 -2.29 -19.27 -36.45
CA ALA C 487 -3.61 -19.59 -37.04
C ALA C 487 -3.42 -20.61 -38.17
N GLU C 488 -2.43 -20.39 -39.04
CA GLU C 488 -2.26 -21.30 -40.18
C GLU C 488 -1.86 -22.69 -39.67
N LEU C 489 -0.87 -22.75 -38.76
CA LEU C 489 -0.37 -24.09 -38.36
C LEU C 489 -1.47 -24.86 -37.64
N LYS C 490 -2.17 -24.22 -36.70
CA LYS C 490 -3.19 -24.94 -35.91
C LYS C 490 -4.29 -25.43 -36.85
N LEU C 491 -4.76 -24.55 -37.73
CA LEU C 491 -5.90 -24.95 -38.58
C LEU C 491 -5.45 -26.06 -39.54
N GLY C 492 -4.23 -25.93 -40.07
CA GLY C 492 -3.69 -26.97 -40.99
C GLY C 492 -3.53 -28.30 -40.29
N PHE C 493 -3.03 -28.29 -39.05
CA PHE C 493 -2.86 -29.55 -38.30
C PHE C 493 -4.24 -30.17 -38.12
N ILE C 494 -5.24 -29.35 -37.81
CA ILE C 494 -6.63 -29.84 -37.69
C ILE C 494 -7.10 -30.35 -39.06
N ALA C 495 -6.81 -29.60 -40.12
CA ALA C 495 -7.24 -29.96 -41.49
C ALA C 495 -6.58 -31.28 -41.90
N GLN C 496 -5.25 -31.30 -41.99
CA GLN C 496 -4.55 -32.53 -42.36
C GLN C 496 -5.05 -33.71 -41.55
N SER C 497 -5.43 -33.47 -40.30
CA SER C 497 -5.95 -34.56 -39.48
C SER C 497 -7.36 -34.96 -39.89
N CYS C 498 -8.09 -34.08 -40.57
CA CYS C 498 -9.36 -34.49 -41.16
C CYS C 498 -9.17 -35.53 -42.25
N LEU C 499 -8.04 -35.50 -42.92
CA LEU C 499 -7.73 -36.53 -43.89
C LEU C 499 -7.30 -37.81 -43.20
N ALA C 500 -6.36 -37.71 -42.26
CA ALA C 500 -5.84 -38.85 -41.53
C ALA C 500 -5.99 -38.56 -40.04
N GLN C 501 -6.99 -39.19 -39.42
CA GLN C 501 -7.29 -39.04 -38.00
C GLN C 501 -6.11 -39.41 -37.11
N GLY C 502 -5.56 -38.42 -36.42
CA GLY C 502 -4.45 -38.64 -35.52
C GLY C 502 -3.11 -38.15 -36.00
N LEU C 503 -3.05 -37.44 -37.13
CA LEU C 503 -1.78 -36.93 -37.62
C LEU C 503 -1.23 -35.83 -36.74
N SER C 504 -2.11 -35.07 -36.08
CA SER C 504 -1.68 -33.94 -35.27
C SER C 504 -0.85 -34.39 -34.08
N THR C 505 -1.22 -35.51 -33.46
CA THR C 505 -0.46 -36.05 -32.36
C THR C 505 0.90 -36.55 -32.82
N MET C 506 0.94 -37.17 -34.00
CA MET C 506 2.20 -37.67 -34.55
C MET C 506 3.15 -36.52 -34.85
N LEU C 507 2.65 -35.49 -35.53
CA LEU C 507 3.49 -34.34 -35.84
C LEU C 507 3.89 -33.58 -34.59
N ALA C 508 3.04 -33.54 -33.57
CA ALA C 508 3.40 -32.84 -32.34
C ALA C 508 4.45 -33.62 -31.56
N ASN C 509 4.43 -34.94 -31.62
CA ASN C 509 5.42 -35.71 -30.89
C ASN C 509 6.77 -35.77 -31.59
N LEU C 510 6.85 -35.32 -32.84
CA LEU C 510 8.13 -35.33 -33.52
C LEU C 510 9.06 -34.25 -32.97
N PHE C 511 8.67 -33.00 -33.14
CA PHE C 511 9.58 -31.92 -32.80
C PHE C 511 9.68 -31.68 -31.31
N SER C 512 8.66 -32.03 -30.54
CA SER C 512 8.68 -31.72 -29.11
C SER C 512 9.58 -32.68 -28.37
N MET C 513 10.46 -32.15 -27.53
CA MET C 513 11.31 -32.99 -26.70
C MET C 513 10.46 -33.55 -25.56
N ARG C 514 10.18 -34.83 -25.60
CA ARG C 514 9.32 -35.48 -24.63
C ARG C 514 10.05 -36.63 -23.97
N SER C 515 9.88 -36.76 -22.66
CA SER C 515 10.68 -37.67 -21.84
C SER C 515 10.26 -39.10 -22.08
N PHE C 516 11.21 -39.95 -22.45
CA PHE C 516 10.94 -41.37 -22.60
C PHE C 516 10.81 -42.03 -21.24
N ILE C 517 9.71 -42.75 -21.04
CA ILE C 517 9.43 -43.44 -19.79
C ILE C 517 9.33 -44.93 -20.09
N LYS C 518 10.04 -45.74 -19.33
CA LYS C 518 10.00 -47.19 -19.51
C LYS C 518 8.68 -47.73 -18.94
N ILE C 519 7.90 -48.37 -19.80
CA ILE C 519 6.65 -49.02 -19.41
C ILE C 519 6.78 -50.50 -19.72
N GLU C 520 6.52 -51.33 -18.71
CA GLU C 520 6.67 -52.78 -18.84
C GLU C 520 5.37 -53.48 -19.14
N GLU C 521 4.27 -53.07 -18.51
CA GLU C 521 3.00 -53.77 -18.61
C GLU C 521 2.40 -53.59 -20.00
N ASP C 522 1.63 -54.59 -20.42
CA ASP C 522 1.04 -54.60 -21.75
C ASP C 522 -0.18 -53.68 -21.73
N THR C 523 0.07 -52.39 -21.89
CA THR C 523 -0.95 -51.38 -22.08
C THR C 523 -0.72 -50.71 -23.42
N TRP C 524 -1.63 -49.79 -23.76
CA TRP C 524 -1.45 -49.04 -25.00
C TRP C 524 -0.34 -48.01 -24.87
N GLN C 525 -0.06 -47.58 -23.64
CA GLN C 525 0.98 -46.58 -23.42
C GLN C 525 2.36 -47.13 -23.68
N LYS C 526 2.55 -48.44 -23.47
CA LYS C 526 3.84 -49.06 -23.75
C LYS C 526 4.16 -49.03 -25.24
N TYR C 527 3.18 -49.36 -26.07
CA TYR C 527 3.39 -49.29 -27.51
C TYR C 527 3.36 -47.86 -28.00
N TYR C 528 2.73 -46.96 -27.25
CA TYR C 528 2.69 -45.56 -27.63
C TYR C 528 4.05 -44.90 -27.44
N LEU C 529 4.69 -45.15 -26.30
CA LEU C 529 5.97 -44.51 -26.00
C LEU C 529 7.12 -45.06 -26.82
N GLU C 530 6.90 -46.13 -27.60
CA GLU C 530 7.91 -46.63 -28.51
C GLU C 530 8.20 -45.65 -29.65
N GLY C 531 7.28 -44.73 -29.94
CA GLY C 531 7.48 -43.78 -31.02
C GLY C 531 7.48 -42.34 -30.59
N VAL C 532 7.32 -42.09 -29.29
CA VAL C 532 7.32 -40.72 -28.80
C VAL C 532 8.72 -40.13 -28.87
N SER C 533 9.73 -40.90 -28.49
CA SER C 533 11.10 -40.40 -28.42
C SER C 533 11.74 -40.18 -29.78
N ASN C 534 11.04 -40.41 -30.88
CA ASN C 534 11.55 -40.04 -32.19
C ASN C 534 11.47 -38.53 -32.37
N GLU C 535 12.41 -38.00 -33.15
CA GLU C 535 12.42 -36.58 -33.49
C GLU C 535 12.69 -36.43 -34.98
N MET C 536 12.67 -35.18 -35.42
CA MET C 536 12.94 -34.85 -36.81
C MET C 536 14.35 -34.31 -36.93
N TYR C 537 15.05 -34.68 -37.99
CA TYR C 537 16.43 -34.26 -38.17
C TYR C 537 16.70 -33.95 -39.63
N THR C 538 17.52 -32.93 -39.85
CA THR C 538 17.86 -32.43 -41.17
C THR C 538 19.30 -32.78 -41.45
N GLU C 539 19.58 -33.25 -42.66
CA GLU C 539 20.88 -33.86 -42.89
C GLU C 539 21.16 -33.97 -44.39
N TYR C 540 22.37 -33.62 -44.78
CA TYR C 540 22.82 -33.86 -46.15
C TYR C 540 23.02 -35.35 -46.37
N LEU C 541 22.64 -35.79 -47.56
CA LEU C 541 22.84 -37.18 -47.93
C LEU C 541 24.30 -37.45 -48.23
N SER C 542 24.65 -38.72 -48.27
CA SER C 542 26.01 -39.10 -48.58
C SER C 542 26.28 -38.93 -50.06
N SER C 543 27.56 -39.00 -50.42
CA SER C 543 27.96 -38.89 -51.82
C SER C 543 27.71 -40.15 -52.61
N ALA C 544 27.35 -41.25 -51.95
CA ALA C 544 27.05 -42.49 -52.65
C ALA C 544 25.60 -42.59 -53.09
N PHE C 545 24.84 -41.50 -52.99
CA PHE C 545 23.45 -41.47 -53.38
C PHE C 545 23.22 -40.63 -54.63
N VAL C 546 24.28 -40.29 -55.34
CA VAL C 546 24.20 -39.37 -56.47
C VAL C 546 23.50 -40.05 -57.63
N GLY C 547 22.40 -39.46 -58.09
CA GLY C 547 21.67 -39.99 -59.20
C GLY C 547 20.85 -41.21 -58.91
N LEU C 548 20.70 -41.58 -57.64
CA LEU C 548 19.86 -42.71 -57.29
C LEU C 548 18.42 -42.24 -57.10
N SER C 549 17.48 -43.14 -57.33
CA SER C 549 16.08 -42.80 -57.18
C SER C 549 15.72 -42.71 -55.70
N PHE C 550 14.84 -41.75 -55.39
CA PHE C 550 14.34 -41.55 -54.03
C PHE C 550 13.76 -42.80 -53.35
N PRO C 551 12.98 -43.69 -53.99
CA PRO C 551 12.58 -44.90 -53.28
C PRO C 551 13.72 -45.84 -52.97
N THR C 552 14.73 -45.91 -53.85
CA THR C 552 15.89 -46.74 -53.57
C THR C 552 16.68 -46.19 -52.40
N VAL C 553 16.81 -44.86 -52.32
CA VAL C 553 17.54 -44.25 -51.22
C VAL C 553 16.78 -44.43 -49.92
N CYS C 554 15.45 -44.32 -49.95
CA CYS C 554 14.67 -44.58 -48.76
C CYS C 554 14.74 -46.04 -48.33
N GLU C 555 14.80 -46.96 -49.29
CA GLU C 555 14.96 -48.37 -48.97
C GLU C 555 16.31 -48.64 -48.33
N LEU C 556 17.37 -48.00 -48.84
CA LEU C 556 18.68 -48.22 -48.26
C LEU C 556 18.82 -47.54 -46.90
N CYS C 557 18.13 -46.43 -46.68
CA CYS C 557 18.18 -45.78 -45.39
C CYS C 557 17.38 -46.54 -44.35
N PHE C 558 16.24 -47.09 -44.73
CA PHE C 558 15.41 -47.77 -43.76
C PHE C 558 15.86 -49.20 -43.51
N VAL C 559 16.39 -49.86 -44.53
CA VAL C 559 16.82 -51.25 -44.37
C VAL C 559 18.15 -51.32 -43.66
N LYS C 560 19.16 -50.64 -44.20
CA LYS C 560 20.51 -50.88 -43.72
C LYS C 560 20.83 -50.08 -42.48
N LEU C 561 20.29 -48.87 -42.37
CA LEU C 561 20.61 -48.05 -41.20
C LEU C 561 19.38 -47.38 -40.59
N LYS C 562 18.19 -47.98 -40.80
CA LYS C 562 16.94 -47.75 -40.06
C LYS C 562 16.55 -46.27 -39.92
N LEU C 563 16.73 -45.50 -40.99
CA LEU C 563 16.29 -44.12 -41.00
C LEU C 563 15.14 -43.92 -41.98
N LEU C 564 14.16 -43.14 -41.57
CA LEU C 564 12.90 -42.97 -42.29
C LEU C 564 12.90 -41.60 -42.96
N MET C 565 13.42 -41.55 -44.18
CA MET C 565 13.58 -40.28 -44.88
C MET C 565 12.27 -39.86 -45.53
N ILE C 566 11.92 -38.59 -45.37
CA ILE C 566 10.64 -38.07 -45.81
C ILE C 566 10.78 -37.18 -47.03
N ALA C 567 11.63 -36.17 -46.95
CA ALA C 567 11.67 -35.15 -47.99
C ALA C 567 13.12 -34.83 -48.31
N ILE C 568 13.31 -33.76 -49.10
CA ILE C 568 14.56 -33.53 -49.78
C ILE C 568 14.60 -32.07 -50.21
N GLU C 569 15.80 -31.56 -50.47
CA GLU C 569 15.94 -30.29 -51.17
C GLU C 569 16.04 -30.54 -52.66
N TYR C 570 15.65 -29.54 -53.45
CA TYR C 570 15.72 -29.68 -54.90
C TYR C 570 15.81 -28.29 -55.51
N LYS C 571 16.98 -27.92 -55.98
CA LYS C 571 17.17 -26.65 -56.68
C LYS C 571 18.08 -26.84 -57.88
N SER C 572 17.63 -26.33 -59.03
CA SER C 572 18.48 -26.29 -60.24
C SER C 572 18.03 -25.10 -61.07
N ALA C 573 18.67 -23.93 -60.83
CA ALA C 573 18.59 -22.69 -61.59
C ALA C 573 17.22 -22.02 -61.59
N ASN C 574 16.22 -22.66 -61.00
CA ASN C 574 14.86 -22.18 -60.91
C ASN C 574 14.69 -21.42 -59.60
N ARG C 575 13.45 -21.24 -59.15
CA ARG C 575 13.17 -20.79 -57.79
C ARG C 575 13.80 -21.70 -56.73
N GLU C 576 13.88 -21.20 -55.50
CA GLU C 576 14.69 -21.81 -54.45
C GLU C 576 14.19 -23.20 -54.07
N SER C 577 15.00 -23.89 -53.29
CA SER C 577 14.92 -25.34 -53.10
C SER C 577 13.66 -25.68 -52.34
N ARG C 578 12.67 -26.19 -53.08
CA ARG C 578 11.41 -26.59 -52.47
C ARG C 578 11.61 -27.85 -51.64
N ILE C 579 10.66 -28.10 -50.75
CA ILE C 579 10.69 -29.28 -49.91
C ILE C 579 9.73 -30.28 -50.54
N LEU C 580 10.27 -31.33 -51.14
CA LEU C 580 9.46 -32.27 -51.88
C LEU C 580 9.16 -33.46 -50.98
N ILE C 581 7.95 -33.48 -50.44
CA ILE C 581 7.48 -34.61 -49.65
C ILE C 581 7.30 -35.80 -50.57
N ASN C 582 8.13 -36.83 -50.39
CA ASN C 582 8.08 -38.13 -51.06
C ASN C 582 8.03 -38.01 -52.58
N PRO C 583 9.12 -37.67 -53.25
CA PRO C 583 9.11 -37.69 -54.72
C PRO C 583 9.03 -39.10 -55.26
N GLY C 584 8.70 -39.20 -56.53
CA GLY C 584 8.67 -40.48 -57.21
C GLY C 584 10.06 -40.93 -57.61
N ASN C 585 10.11 -42.05 -58.33
CA ASN C 585 11.35 -42.50 -58.99
C ASN C 585 11.66 -41.52 -60.13
N HIS C 586 10.71 -40.62 -60.41
CA HIS C 586 10.93 -39.61 -61.48
C HIS C 586 12.08 -38.68 -61.10
N LEU C 587 12.20 -38.34 -59.82
CA LEU C 587 13.24 -37.36 -59.40
C LEU C 587 14.43 -38.08 -58.75
N LYS C 588 15.62 -37.89 -59.30
CA LYS C 588 16.86 -38.49 -58.71
C LYS C 588 17.39 -37.59 -57.58
N ILE C 589 18.28 -38.12 -56.74
CA ILE C 589 18.82 -37.33 -55.60
C ILE C 589 20.07 -36.58 -56.04
N GLN C 590 20.08 -35.25 -55.86
CA GLN C 590 21.27 -34.43 -56.21
C GLN C 590 22.33 -34.58 -55.12
N GLU C 591 23.58 -34.22 -55.42
CA GLU C 591 24.70 -34.36 -54.44
C GLU C 591 24.45 -33.49 -53.20
N GLY C 592 23.94 -32.26 -53.38
CA GLY C 592 23.79 -31.33 -52.24
C GLY C 592 22.45 -31.44 -51.54
N THR C 593 21.59 -32.39 -51.95
CA THR C 593 20.22 -32.46 -51.37
C THR C 593 20.27 -32.67 -49.86
N LEU C 594 19.43 -31.95 -49.12
CA LEU C 594 19.36 -32.12 -47.65
C LEU C 594 18.19 -33.05 -47.37
N GLY C 595 18.44 -34.16 -46.67
CA GLY C 595 17.38 -35.16 -46.42
C GLY C 595 16.78 -35.00 -45.04
N PHE C 596 15.45 -34.94 -44.98
CA PHE C 596 14.74 -34.83 -43.72
C PHE C 596 14.29 -36.22 -43.31
N PHE C 597 14.70 -36.67 -42.13
CA PHE C 597 14.25 -37.97 -41.67
C PHE C 597 13.92 -37.97 -40.19
N ILE C 598 13.18 -39.02 -39.80
CA ILE C 598 12.76 -39.22 -38.42
C ILE C 598 13.73 -40.21 -37.80
N ALA C 599 14.65 -39.69 -36.99
CA ALA C 599 15.58 -40.53 -36.27
C ALA C 599 15.17 -40.61 -34.81
N SER C 600 16.04 -41.18 -33.99
CA SER C 600 15.85 -41.16 -32.55
C SER C 600 17.13 -40.85 -31.79
N ASP C 601 18.21 -40.51 -32.50
CA ASP C 601 19.49 -40.22 -31.86
C ASP C 601 20.34 -39.40 -32.82
N ALA C 602 21.34 -38.72 -32.27
CA ALA C 602 22.27 -37.96 -33.10
C ALA C 602 23.25 -38.87 -33.84
N LYS C 603 23.52 -40.05 -33.31
CA LYS C 603 24.39 -40.98 -34.05
C LYS C 603 23.70 -41.51 -35.30
N GLU C 604 22.38 -41.41 -35.37
CA GLU C 604 21.67 -41.72 -36.59
C GLU C 604 21.90 -40.64 -37.64
N VAL C 605 21.75 -39.37 -37.24
CA VAL C 605 21.85 -38.28 -38.20
C VAL C 605 23.30 -38.04 -38.61
N LYS C 606 24.27 -38.51 -37.80
CA LYS C 606 25.67 -38.40 -38.20
C LYS C 606 25.99 -39.30 -39.39
N ARG C 607 25.41 -40.50 -39.46
CA ARG C 607 25.86 -41.47 -40.44
C ARG C 607 25.11 -41.39 -41.77
N ALA C 608 24.61 -40.22 -42.11
CA ALA C 608 24.20 -39.97 -43.48
C ALA C 608 25.09 -38.96 -44.20
N PHE C 609 25.98 -38.27 -43.49
CA PHE C 609 27.14 -37.67 -44.14
C PHE C 609 27.95 -38.74 -44.85
N PHE C 610 28.43 -39.70 -44.08
CA PHE C 610 29.32 -40.75 -44.55
C PHE C 610 28.51 -42.02 -44.72
N TYR C 611 28.55 -42.56 -45.94
CA TYR C 611 27.97 -43.87 -46.24
C TYR C 611 28.63 -44.36 -47.52
N CYS C 612 29.44 -45.41 -47.42
CA CYS C 612 30.16 -45.94 -48.55
C CYS C 612 29.61 -47.32 -48.87
N LYS C 613 29.01 -47.46 -50.04
CA LYS C 613 28.40 -48.73 -50.43
C LYS C 613 29.47 -49.79 -50.66
N ALA C 614 30.65 -49.37 -51.11
CA ALA C 614 31.78 -50.29 -51.24
C ALA C 614 32.35 -50.70 -49.90
N CYS C 615 32.07 -49.95 -48.83
CA CYS C 615 32.53 -50.29 -47.50
C CYS C 615 31.43 -50.85 -46.61
N HIS C 616 30.18 -50.48 -46.84
CA HIS C 616 29.09 -50.82 -45.94
C HIS C 616 28.01 -51.62 -46.64
N ASP C 617 28.42 -52.51 -47.55
CA ASP C 617 27.44 -53.30 -48.30
C ASP C 617 26.79 -54.35 -47.42
N ASP C 618 27.58 -55.29 -46.91
CA ASP C 618 27.09 -56.28 -45.96
C ASP C 618 26.96 -55.62 -44.60
N ILE C 619 25.82 -55.82 -43.95
CA ILE C 619 25.46 -55.02 -42.78
C ILE C 619 24.46 -55.78 -41.93
N THR C 620 24.57 -55.62 -40.62
CA THR C 620 23.64 -56.24 -39.67
C THR C 620 23.21 -55.33 -38.52
N ASP C 621 23.81 -54.16 -38.35
CA ASP C 621 23.62 -53.33 -37.16
C ASP C 621 24.13 -51.93 -37.48
N PRO C 622 23.82 -50.93 -36.64
CA PRO C 622 24.46 -49.62 -36.82
C PRO C 622 25.96 -49.59 -36.53
N LYS C 623 26.56 -50.68 -36.03
CA LYS C 623 27.99 -50.69 -35.79
C LYS C 623 28.79 -50.95 -37.06
N ARG C 624 28.15 -51.36 -38.16
CA ARG C 624 28.87 -51.53 -39.41
C ARG C 624 29.26 -50.19 -40.02
N ILE C 625 28.56 -49.12 -39.68
CA ILE C 625 28.77 -47.83 -40.35
C ILE C 625 29.84 -47.07 -39.58
N LYS C 626 31.03 -46.98 -40.16
CA LYS C 626 32.18 -46.32 -39.58
C LYS C 626 32.52 -45.11 -40.43
N LYS C 627 33.22 -44.14 -39.81
CA LYS C 627 33.54 -42.85 -40.42
C LYS C 627 34.28 -42.99 -41.75
N CYS C 628 35.43 -43.65 -41.73
CA CYS C 628 36.27 -43.78 -42.90
C CYS C 628 36.02 -45.13 -43.57
N GLY C 629 36.83 -45.45 -44.57
CA GLY C 629 36.71 -46.70 -45.28
C GLY C 629 36.93 -46.53 -46.77
N CYS C 630 36.60 -45.36 -47.30
CA CYS C 630 36.84 -45.06 -48.70
C CYS C 630 37.41 -43.66 -48.87
N LYS C 631 37.47 -43.17 -50.11
CA LYS C 631 38.05 -41.88 -50.39
C LYS C 631 37.06 -40.96 -51.09
N SER C 681 -13.40 -25.96 -74.01
CA SER C 681 -13.32 -26.32 -72.60
C SER C 681 -12.47 -25.33 -71.83
N ASN C 682 -12.91 -24.07 -71.80
CA ASN C 682 -12.23 -23.02 -71.05
C ASN C 682 -12.85 -22.89 -69.64
N VAL C 683 -12.84 -24.00 -68.93
CA VAL C 683 -13.54 -24.13 -67.67
C VAL C 683 -12.59 -23.76 -66.55
N LYS C 684 -12.99 -22.80 -65.73
CA LYS C 684 -12.22 -22.38 -64.56
C LYS C 684 -12.21 -23.52 -63.54
N LYS C 685 -11.05 -24.13 -63.34
CA LYS C 685 -10.93 -25.25 -62.41
C LYS C 685 -10.01 -24.96 -61.25
N TYR C 686 -8.78 -24.55 -61.51
CA TYR C 686 -7.79 -24.35 -60.45
C TYR C 686 -7.42 -22.88 -60.39
N ASP C 687 -6.56 -22.56 -59.44
CA ASP C 687 -6.19 -21.17 -59.22
C ASP C 687 -5.12 -20.75 -60.22
N SER C 688 -4.50 -19.59 -59.97
CA SER C 688 -3.47 -19.10 -60.86
C SER C 688 -2.20 -19.94 -60.78
N THR C 689 -1.95 -20.58 -59.65
CA THR C 689 -0.76 -21.39 -59.48
C THR C 689 -0.99 -22.86 -59.74
N GLY C 690 -2.24 -23.27 -59.94
CA GLY C 690 -2.52 -24.68 -60.14
C GLY C 690 -2.34 -25.51 -58.89
N MET C 691 -2.45 -24.88 -57.72
CA MET C 691 -2.14 -25.56 -56.48
C MET C 691 -3.37 -25.81 -55.61
N PHE C 692 -4.53 -25.29 -55.98
CA PHE C 692 -5.74 -25.46 -55.18
C PHE C 692 -6.93 -25.57 -56.13
N HIS C 693 -7.95 -26.28 -55.66
CA HIS C 693 -9.23 -26.32 -56.36
C HIS C 693 -9.89 -24.95 -56.25
N TRP C 694 -10.36 -24.42 -57.36
CA TRP C 694 -10.91 -23.09 -57.39
C TRP C 694 -12.34 -23.15 -57.91
N CYS C 695 -13.14 -22.16 -57.52
CA CYS C 695 -14.49 -22.08 -58.03
C CYS C 695 -14.79 -20.67 -58.49
N ALA C 696 -16.02 -20.44 -58.94
CA ALA C 696 -16.48 -19.12 -59.28
C ALA C 696 -16.82 -18.41 -57.97
N PRO C 697 -16.56 -17.12 -57.87
CA PRO C 697 -16.98 -16.39 -56.67
C PRO C 697 -18.49 -16.23 -56.62
N LYS C 698 -19.12 -17.01 -55.75
CA LYS C 698 -20.57 -17.10 -55.70
C LYS C 698 -21.12 -16.18 -54.62
N GLU C 699 -22.42 -16.24 -54.39
CA GLU C 699 -23.09 -15.48 -53.34
C GLU C 699 -23.24 -16.36 -52.11
N ILE C 700 -23.32 -15.71 -50.93
CA ILE C 700 -23.41 -16.45 -49.68
C ILE C 700 -24.77 -17.14 -49.54
N GLU C 701 -25.79 -16.67 -50.24
CA GLU C 701 -27.07 -17.36 -50.23
C GLU C 701 -27.04 -18.62 -51.07
N LYS C 702 -26.08 -18.74 -51.98
CA LYS C 702 -25.98 -19.96 -52.77
C LYS C 702 -25.39 -21.10 -51.97
N VAL C 703 -24.65 -20.80 -50.89
CA VAL C 703 -24.11 -21.83 -50.04
C VAL C 703 -24.81 -21.93 -48.70
N ILE C 704 -25.76 -21.04 -48.42
CA ILE C 704 -26.53 -21.13 -47.19
C ILE C 704 -27.53 -22.26 -47.34
N LEU C 705 -27.99 -22.80 -46.21
CA LEU C 705 -29.04 -23.81 -46.18
C LEU C 705 -29.67 -23.84 -44.80
N THR C 706 -30.97 -24.11 -44.76
CA THR C 706 -31.65 -24.20 -43.48
C THR C 706 -31.47 -25.58 -42.88
N ARG C 707 -32.19 -25.82 -41.78
CA ARG C 707 -32.10 -27.11 -41.10
C ARG C 707 -32.74 -28.21 -41.94
N SER C 708 -33.99 -27.99 -42.34
CA SER C 708 -34.70 -29.02 -43.11
C SER C 708 -34.17 -29.12 -44.54
N GLU C 709 -33.57 -28.05 -45.05
CA GLU C 709 -32.93 -28.12 -46.36
C GLU C 709 -31.71 -29.02 -46.30
N ALA C 710 -30.95 -28.97 -45.20
CA ALA C 710 -29.88 -29.94 -45.00
C ALA C 710 -30.43 -31.32 -44.75
N ALA C 711 -31.61 -31.41 -44.14
CA ALA C 711 -32.24 -32.72 -43.94
C ALA C 711 -32.70 -33.33 -45.25
N MET C 712 -32.96 -32.51 -46.26
CA MET C 712 -33.28 -33.06 -47.58
C MET C 712 -32.03 -33.66 -48.23
N THR C 713 -30.87 -33.14 -47.90
CA THR C 713 -29.63 -33.47 -48.62
C THR C 713 -28.80 -34.42 -47.77
N VAL C 714 -28.77 -35.69 -48.15
CA VAL C 714 -27.80 -36.60 -47.56
C VAL C 714 -26.43 -36.27 -48.12
N LEU C 715 -25.47 -36.06 -47.24
CA LEU C 715 -24.17 -35.54 -47.63
C LEU C 715 -23.06 -36.21 -46.84
N SER C 716 -23.13 -37.54 -46.72
CA SER C 716 -22.22 -38.30 -45.88
C SER C 716 -20.78 -38.26 -46.39
N GLY C 717 -19.87 -38.71 -45.54
CA GLY C 717 -18.45 -38.66 -45.86
C GLY C 717 -17.87 -37.27 -45.85
N HIS C 718 -18.35 -36.39 -45.00
CA HIS C 718 -18.04 -34.97 -45.08
C HIS C 718 -17.45 -34.47 -43.78
N VAL C 719 -16.99 -33.23 -43.81
CA VAL C 719 -16.42 -32.55 -42.65
C VAL C 719 -17.40 -31.48 -42.23
N VAL C 720 -17.71 -31.43 -40.94
CA VAL C 720 -18.42 -30.30 -40.35
C VAL C 720 -17.47 -29.57 -39.43
N VAL C 721 -17.65 -28.26 -39.33
CA VAL C 721 -16.82 -27.43 -38.47
C VAL C 721 -17.74 -26.67 -37.55
N CYS C 722 -17.64 -26.94 -36.26
CA CYS C 722 -18.43 -26.26 -35.24
C CYS C 722 -17.69 -25.00 -34.84
N ILE C 723 -18.24 -23.85 -35.16
CA ILE C 723 -17.59 -22.58 -34.88
C ILE C 723 -18.41 -21.82 -33.85
N PHE C 724 -17.74 -21.04 -33.02
CA PHE C 724 -18.39 -20.30 -31.93
C PHE C 724 -18.01 -18.84 -32.07
N GLY C 725 -18.70 -18.13 -32.95
CA GLY C 725 -18.32 -16.78 -33.29
C GLY C 725 -19.47 -15.81 -33.13
N ASP C 726 -19.12 -14.57 -32.89
CA ASP C 726 -20.08 -13.49 -32.75
C ASP C 726 -19.72 -12.39 -33.74
N VAL C 727 -20.42 -11.27 -33.66
CA VAL C 727 -19.99 -10.09 -34.39
C VAL C 727 -18.75 -9.51 -33.73
N SER C 728 -18.72 -9.52 -32.40
CA SER C 728 -17.63 -8.87 -31.67
C SER C 728 -16.38 -9.72 -31.61
N SER C 729 -16.52 -11.04 -31.74
CA SER C 729 -15.39 -11.93 -31.53
C SER C 729 -14.41 -11.84 -32.69
N ALA C 730 -13.16 -12.18 -32.40
CA ALA C 730 -12.07 -12.00 -33.35
C ALA C 730 -12.13 -13.07 -34.44
N LEU C 731 -11.63 -12.70 -35.61
CA LEU C 731 -11.55 -13.64 -36.72
C LEU C 731 -10.47 -14.68 -36.44
N ILE C 732 -10.68 -15.88 -36.97
CA ILE C 732 -9.65 -16.91 -36.91
C ILE C 732 -8.92 -16.91 -38.23
N GLY C 733 -9.68 -17.04 -39.31
CA GLY C 733 -9.16 -17.34 -40.62
C GLY C 733 -9.42 -18.80 -40.86
N LEU C 734 -10.52 -19.11 -41.52
CA LEU C 734 -10.84 -20.47 -41.92
C LEU C 734 -10.32 -20.78 -43.30
N ARG C 735 -9.79 -19.75 -43.97
CA ARG C 735 -9.03 -19.93 -45.18
C ARG C 735 -7.85 -20.87 -44.97
N ASN C 736 -7.22 -20.82 -43.81
CA ASN C 736 -6.14 -21.73 -43.50
C ASN C 736 -6.61 -23.13 -43.16
N LEU C 737 -7.92 -23.34 -43.04
CA LEU C 737 -8.50 -24.67 -42.90
C LEU C 737 -8.91 -25.27 -44.21
N VAL C 738 -9.62 -24.50 -45.03
CA VAL C 738 -10.16 -25.02 -46.27
C VAL C 738 -9.09 -25.21 -47.33
N MET C 739 -8.10 -24.31 -47.43
CA MET C 739 -7.05 -24.43 -48.45
C MET C 739 -6.24 -25.72 -48.37
N PRO C 740 -5.70 -26.17 -47.24
CA PRO C 740 -5.00 -27.47 -47.28
C PRO C 740 -5.94 -28.65 -47.37
N LEU C 741 -7.24 -28.43 -47.15
CA LEU C 741 -8.18 -29.52 -47.26
C LEU C 741 -8.69 -29.64 -48.69
N ARG C 742 -8.49 -28.60 -49.50
CA ARG C 742 -8.71 -28.66 -50.95
C ARG C 742 -7.47 -28.13 -51.63
N ALA C 743 -6.49 -28.99 -51.83
CA ALA C 743 -5.15 -28.56 -52.19
C ALA C 743 -4.74 -29.03 -53.58
N SER C 744 -5.72 -29.28 -54.45
CA SER C 744 -5.55 -29.76 -55.82
C SER C 744 -4.78 -31.06 -55.93
N ASN C 745 -4.65 -31.77 -54.83
CA ASN C 745 -3.97 -33.04 -54.76
C ASN C 745 -4.99 -34.15 -54.63
N PHE C 746 -6.25 -33.79 -54.54
CA PHE C 746 -7.35 -34.71 -54.48
C PHE C 746 -8.18 -34.55 -55.74
N HIS C 747 -8.88 -35.59 -56.12
CA HIS C 747 -9.78 -35.46 -57.25
C HIS C 747 -11.06 -34.76 -56.79
N TYR C 748 -11.84 -34.31 -57.78
CA TYR C 748 -13.00 -33.49 -57.46
C TYR C 748 -14.11 -34.31 -56.82
N HIS C 749 -14.14 -35.62 -57.07
CA HIS C 749 -15.01 -36.51 -56.33
C HIS C 749 -14.40 -36.93 -55.01
N GLU C 750 -13.10 -36.71 -54.82
CA GLU C 750 -12.42 -37.09 -53.60
C GLU C 750 -12.51 -36.01 -52.54
N LEU C 751 -12.89 -34.80 -52.93
CA LEU C 751 -12.93 -33.66 -52.01
C LEU C 751 -14.03 -33.82 -50.98
N LYS C 752 -13.75 -33.37 -49.76
CA LYS C 752 -14.70 -33.44 -48.67
C LYS C 752 -15.50 -32.15 -48.58
N HIS C 753 -16.78 -32.30 -48.28
CA HIS C 753 -17.74 -31.21 -48.33
C HIS C 753 -17.81 -30.56 -46.95
N ILE C 754 -17.21 -29.38 -46.82
CA ILE C 754 -17.17 -28.69 -45.53
C ILE C 754 -18.52 -28.01 -45.28
N VAL C 755 -19.11 -28.28 -44.14
CA VAL C 755 -20.36 -27.66 -43.72
C VAL C 755 -20.08 -26.93 -42.43
N PHE C 756 -20.05 -25.61 -42.47
CA PHE C 756 -19.86 -24.86 -41.23
C PHE C 756 -21.14 -24.80 -40.43
N VAL C 757 -21.00 -24.93 -39.12
CA VAL C 757 -22.12 -24.82 -38.20
C VAL C 757 -21.77 -23.75 -37.20
N GLY C 758 -22.53 -22.67 -37.17
CA GLY C 758 -22.27 -21.59 -36.24
C GLY C 758 -23.16 -20.41 -36.54
N SER C 759 -22.76 -19.28 -35.99
CA SER C 759 -23.53 -18.06 -36.21
C SER C 759 -23.21 -17.51 -37.58
N ILE C 760 -24.25 -17.13 -38.32
CA ILE C 760 -24.05 -16.56 -39.64
C ILE C 760 -23.47 -15.16 -39.54
N GLU C 761 -23.70 -14.47 -38.43
CA GLU C 761 -23.16 -13.13 -38.25
C GLU C 761 -21.65 -13.14 -38.10
N TYR C 762 -21.07 -14.26 -37.69
CA TYR C 762 -19.64 -14.45 -37.73
C TYR C 762 -19.14 -14.86 -39.09
N LEU C 763 -19.86 -15.73 -39.78
CA LEU C 763 -19.36 -16.28 -41.03
C LEU C 763 -19.52 -15.32 -42.20
N LYS C 764 -20.44 -14.37 -42.12
CA LYS C 764 -20.54 -13.35 -43.16
C LYS C 764 -19.30 -12.48 -43.19
N ARG C 765 -18.72 -12.24 -42.02
CA ARG C 765 -17.54 -11.39 -41.93
C ARG C 765 -16.31 -12.08 -42.48
N GLU C 766 -16.31 -13.41 -42.53
CA GLU C 766 -15.12 -14.19 -42.85
C GLU C 766 -15.20 -14.82 -44.25
N TRP C 767 -16.42 -15.03 -44.75
CA TRP C 767 -16.68 -15.76 -45.97
C TRP C 767 -16.12 -15.10 -47.22
N GLU C 768 -15.77 -13.82 -47.15
CA GLU C 768 -15.12 -13.11 -48.24
C GLU C 768 -13.70 -13.59 -48.53
N THR C 769 -13.16 -14.53 -47.76
CA THR C 769 -11.92 -15.19 -48.10
C THR C 769 -12.11 -16.66 -48.39
N LEU C 770 -13.34 -17.17 -48.35
CA LEU C 770 -13.61 -18.58 -48.57
C LEU C 770 -14.56 -18.77 -49.74
N HIS C 771 -14.77 -17.73 -50.53
CA HIS C 771 -15.84 -17.77 -51.52
C HIS C 771 -15.30 -18.17 -52.88
N ASN C 772 -14.14 -18.81 -52.91
CA ASN C 772 -13.59 -19.28 -54.17
C ASN C 772 -13.35 -20.78 -54.16
N PHE C 773 -14.15 -21.51 -53.41
CA PHE C 773 -13.89 -22.92 -53.14
C PHE C 773 -15.08 -23.76 -53.60
N PRO C 774 -14.84 -24.98 -54.11
CA PRO C 774 -15.87 -25.62 -54.94
C PRO C 774 -17.07 -26.14 -54.18
N LYS C 775 -16.92 -26.63 -52.96
CA LYS C 775 -18.07 -27.18 -52.28
C LYS C 775 -17.98 -26.89 -50.79
N VAL C 776 -18.77 -25.92 -50.35
CA VAL C 776 -18.80 -25.54 -48.95
C VAL C 776 -20.20 -25.11 -48.59
N SER C 777 -20.68 -25.55 -47.43
CA SER C 777 -22.01 -25.21 -47.00
C SER C 777 -21.98 -24.48 -45.66
N ILE C 778 -23.04 -23.73 -45.39
CA ILE C 778 -23.19 -23.04 -44.11
C ILE C 778 -24.50 -23.49 -43.49
N LEU C 779 -24.45 -23.99 -42.26
CA LEU C 779 -25.67 -24.23 -41.52
C LEU C 779 -25.74 -23.23 -40.38
N PRO C 780 -26.48 -22.14 -40.54
CA PRO C 780 -26.53 -21.12 -39.48
C PRO C 780 -27.28 -21.61 -38.25
N GLY C 781 -26.56 -21.74 -37.15
CA GLY C 781 -27.15 -22.24 -35.93
C GLY C 781 -26.21 -22.20 -34.75
N THR C 782 -26.25 -23.24 -33.93
CA THR C 782 -25.42 -23.31 -32.75
C THR C 782 -24.91 -24.75 -32.70
N PRO C 783 -23.63 -24.97 -32.40
CA PRO C 783 -23.16 -26.35 -32.22
C PRO C 783 -23.73 -27.01 -30.99
N LEU C 784 -24.18 -26.22 -30.01
CA LEU C 784 -24.83 -26.80 -28.85
C LEU C 784 -26.24 -27.26 -29.20
N SER C 785 -26.81 -26.71 -30.25
CA SER C 785 -28.13 -27.12 -30.71
C SER C 785 -28.05 -28.50 -31.33
N ARG C 786 -28.62 -29.49 -30.63
CA ARG C 786 -28.48 -30.87 -31.07
C ARG C 786 -29.30 -31.16 -32.32
N ALA C 787 -30.34 -30.37 -32.57
CA ALA C 787 -31.13 -30.55 -33.78
C ALA C 787 -30.33 -30.17 -35.02
N ASP C 788 -29.48 -29.16 -34.90
CA ASP C 788 -28.65 -28.76 -36.03
C ASP C 788 -27.61 -29.81 -36.36
N LEU C 789 -27.04 -30.44 -35.33
CA LEU C 789 -26.12 -31.55 -35.59
C LEU C 789 -26.87 -32.78 -36.04
N ARG C 790 -28.14 -32.88 -35.67
CA ARG C 790 -28.93 -34.03 -36.12
C ARG C 790 -29.23 -33.93 -37.60
N ALA C 791 -29.57 -32.73 -38.07
CA ALA C 791 -29.79 -32.53 -39.50
C ALA C 791 -28.53 -32.02 -40.19
N VAL C 792 -27.39 -32.64 -39.93
CA VAL C 792 -26.20 -32.37 -40.71
C VAL C 792 -25.54 -33.71 -41.00
N ASN C 793 -26.18 -34.78 -40.50
CA ASN C 793 -25.68 -36.17 -40.53
C ASN C 793 -24.32 -36.26 -39.84
N ILE C 794 -24.32 -35.96 -38.54
CA ILE C 794 -23.08 -35.99 -37.77
C ILE C 794 -22.60 -37.42 -37.55
N ASN C 795 -23.51 -38.40 -37.55
CA ASN C 795 -23.10 -39.75 -37.22
C ASN C 795 -22.41 -40.42 -38.41
N LEU C 796 -22.82 -40.09 -39.63
CA LEU C 796 -22.14 -40.68 -40.76
C LEU C 796 -21.36 -39.64 -41.54
N CYS C 797 -20.82 -38.65 -40.83
CA CYS C 797 -19.89 -37.72 -41.45
C CYS C 797 -18.50 -38.35 -41.47
N ASP C 798 -17.52 -37.58 -41.91
CA ASP C 798 -16.14 -38.06 -41.84
C ASP C 798 -15.43 -37.54 -40.60
N MET C 799 -15.53 -36.24 -40.31
CA MET C 799 -14.97 -35.73 -39.07
C MET C 799 -15.65 -34.43 -38.69
N CYS C 800 -15.90 -34.26 -37.39
CA CYS C 800 -16.33 -32.99 -36.82
C CYS C 800 -15.13 -32.23 -36.27
N VAL C 801 -15.18 -30.92 -36.38
CA VAL C 801 -14.11 -30.04 -35.93
C VAL C 801 -14.74 -28.98 -35.04
N ILE C 802 -14.23 -28.86 -33.82
CA ILE C 802 -14.72 -27.87 -32.87
C ILE C 802 -13.64 -26.83 -32.66
N LEU C 803 -13.95 -25.57 -32.94
CA LEU C 803 -12.99 -24.50 -32.84
C LEU C 803 -13.44 -23.46 -31.84
N SER C 804 -12.48 -22.88 -31.13
CA SER C 804 -12.73 -21.86 -30.13
C SER C 804 -12.43 -20.51 -30.76
N ALA C 805 -13.48 -19.82 -31.21
CA ALA C 805 -13.27 -18.49 -31.75
C ALA C 805 -13.37 -17.41 -30.69
N ASN C 806 -14.18 -17.63 -29.66
CA ASN C 806 -14.41 -16.60 -28.64
C ASN C 806 -13.23 -16.53 -27.69
N GLN C 807 -12.11 -16.04 -28.17
CA GLN C 807 -10.86 -16.03 -27.43
C GLN C 807 -10.66 -14.63 -26.88
N ASN C 808 -11.33 -14.34 -25.76
CA ASN C 808 -11.24 -13.03 -25.15
C ASN C 808 -11.15 -13.05 -23.64
N ASN C 809 -11.03 -14.22 -23.00
CA ASN C 809 -11.05 -14.27 -21.55
C ASN C 809 -9.73 -13.75 -20.98
N ILE C 810 -9.84 -12.78 -20.08
CA ILE C 810 -8.71 -12.30 -19.31
C ILE C 810 -8.56 -13.09 -18.02
N ASP C 811 -9.66 -13.23 -17.28
CA ASP C 811 -9.67 -14.04 -16.09
C ASP C 811 -9.76 -15.52 -16.45
N ASP C 812 -9.61 -16.37 -15.42
CA ASP C 812 -9.87 -17.82 -15.32
C ASP C 812 -9.58 -18.63 -16.58
N THR C 813 -8.32 -18.55 -17.05
CA THR C 813 -7.97 -19.07 -18.37
C THR C 813 -8.06 -20.58 -18.48
N SER C 814 -8.15 -21.28 -17.35
CA SER C 814 -8.44 -22.71 -17.36
C SER C 814 -9.89 -22.99 -17.73
N LEU C 815 -10.75 -21.99 -17.68
CA LEU C 815 -12.16 -22.09 -18.01
C LEU C 815 -12.44 -21.49 -19.38
N GLN C 816 -11.39 -21.18 -20.15
CA GLN C 816 -11.55 -20.38 -21.35
C GLN C 816 -12.27 -21.17 -22.45
N ASP C 817 -11.85 -22.40 -22.69
CA ASP C 817 -12.47 -23.24 -23.72
C ASP C 817 -13.63 -24.03 -23.16
N LYS C 818 -14.60 -23.30 -22.64
CA LYS C 818 -15.73 -23.90 -21.96
C LYS C 818 -16.76 -24.43 -22.96
N GLU C 819 -17.04 -23.70 -24.02
CA GLU C 819 -17.92 -24.26 -25.03
C GLU C 819 -17.13 -24.94 -26.14
N CYS C 820 -16.16 -25.75 -25.77
CA CYS C 820 -15.60 -26.70 -26.72
C CYS C 820 -15.69 -28.12 -26.19
N ILE C 821 -15.26 -28.34 -24.95
CA ILE C 821 -15.35 -29.68 -24.38
C ILE C 821 -16.79 -30.00 -24.07
N LEU C 822 -17.59 -28.97 -23.78
CA LEU C 822 -19.01 -29.17 -23.54
C LEU C 822 -19.73 -29.54 -24.82
N ALA C 823 -19.37 -28.90 -25.94
CA ALA C 823 -19.96 -29.26 -27.22
C ALA C 823 -19.51 -30.64 -27.67
N SER C 824 -18.27 -31.01 -27.36
CA SER C 824 -17.79 -32.35 -27.70
C SER C 824 -18.52 -33.41 -26.91
N LEU C 825 -18.77 -33.17 -25.62
CA LEU C 825 -19.54 -34.11 -24.83
C LEU C 825 -20.98 -34.18 -25.29
N ASN C 826 -21.54 -33.04 -25.72
CA ASN C 826 -22.86 -33.02 -26.34
C ASN C 826 -22.92 -33.86 -27.58
N ILE C 827 -21.89 -33.84 -28.41
CA ILE C 827 -21.81 -34.70 -29.58
C ILE C 827 -21.69 -36.17 -29.19
N LYS C 828 -20.77 -36.48 -28.28
CA LYS C 828 -20.46 -37.86 -27.93
C LYS C 828 -21.62 -38.55 -27.23
N SER C 829 -22.44 -37.82 -26.51
CA SER C 829 -23.63 -38.42 -25.89
C SER C 829 -24.86 -38.18 -26.76
N MET C 830 -24.87 -38.82 -27.91
CA MET C 830 -26.01 -38.79 -28.82
C MET C 830 -26.32 -40.20 -29.29
N GLN C 831 -27.60 -40.48 -29.49
CA GLN C 831 -28.04 -41.77 -29.97
C GLN C 831 -28.65 -41.61 -31.35
N PHE C 832 -28.64 -42.68 -32.13
CA PHE C 832 -29.11 -42.64 -33.50
C PHE C 832 -29.84 -43.93 -33.84
N ASP C 833 -30.41 -43.97 -35.04
CA ASP C 833 -31.10 -45.14 -35.55
C ASP C 833 -30.55 -45.50 -36.92
N ASP C 834 -30.49 -46.79 -37.20
CA ASP C 834 -29.90 -47.28 -38.45
C ASP C 834 -30.83 -47.03 -39.64
N THR C 871 -27.20 -45.79 -33.64
CA THR C 871 -26.30 -46.20 -32.56
C THR C 871 -25.92 -45.01 -31.69
N THR C 872 -25.14 -45.26 -30.65
CA THR C 872 -24.66 -44.22 -29.77
C THR C 872 -23.44 -43.55 -30.40
N GLY C 873 -23.45 -42.22 -30.42
CA GLY C 873 -22.41 -41.48 -31.11
C GLY C 873 -21.12 -41.28 -30.36
N VAL C 874 -20.62 -42.32 -29.69
CA VAL C 874 -19.29 -42.25 -29.10
C VAL C 874 -18.23 -42.55 -30.14
N ASN C 875 -18.61 -43.08 -31.30
CA ASN C 875 -17.68 -43.45 -32.35
C ASN C 875 -17.48 -42.32 -33.36
N ILE C 876 -18.01 -41.15 -33.10
CA ILE C 876 -17.93 -40.06 -34.07
C ILE C 876 -16.52 -39.47 -34.03
N PRO C 877 -15.85 -39.34 -35.16
CA PRO C 877 -14.50 -38.75 -35.16
C PRO C 877 -14.57 -37.25 -34.95
N ILE C 878 -14.15 -36.77 -33.78
CA ILE C 878 -14.15 -35.35 -33.51
C ILE C 878 -12.74 -34.93 -33.16
N ILE C 879 -12.41 -33.68 -33.49
CA ILE C 879 -11.19 -33.03 -33.04
C ILE C 879 -11.58 -31.65 -32.54
N THR C 880 -11.25 -31.39 -31.28
CA THR C 880 -11.61 -30.13 -30.65
C THR C 880 -10.36 -29.37 -30.25
N GLU C 881 -10.29 -28.11 -30.69
CA GLU C 881 -9.20 -27.25 -30.29
C GLU C 881 -9.31 -26.93 -28.81
N LEU C 882 -8.23 -27.19 -28.08
CA LEU C 882 -8.16 -26.80 -26.68
C LEU C 882 -6.97 -25.89 -26.46
N VAL C 883 -7.05 -25.11 -25.39
CA VAL C 883 -6.07 -24.08 -25.11
C VAL C 883 -5.28 -24.35 -23.86
N ASN C 884 -5.63 -25.37 -23.08
CA ASN C 884 -4.97 -25.61 -21.82
C ASN C 884 -4.59 -27.07 -21.68
N ASP C 885 -3.40 -27.32 -21.16
CA ASP C 885 -2.91 -28.68 -21.04
C ASP C 885 -3.60 -29.41 -19.91
N THR C 886 -4.01 -28.70 -18.85
CA THR C 886 -4.73 -29.29 -17.73
C THR C 886 -6.20 -29.43 -17.98
N ASN C 887 -6.60 -29.36 -19.24
CA ASN C 887 -7.98 -29.27 -19.63
C ASN C 887 -8.33 -30.35 -20.63
N VAL C 888 -7.32 -31.11 -21.09
CA VAL C 888 -7.49 -31.99 -22.23
C VAL C 888 -8.05 -33.35 -21.84
N GLN C 889 -7.96 -33.71 -20.57
CA GLN C 889 -8.43 -35.01 -20.11
C GLN C 889 -9.90 -35.02 -19.81
N PHE C 890 -10.60 -33.92 -20.05
CA PHE C 890 -12.03 -33.90 -19.82
C PHE C 890 -12.80 -34.54 -20.96
N LEU C 891 -12.15 -34.75 -22.11
CA LEU C 891 -12.84 -35.13 -23.31
C LEU C 891 -13.19 -36.61 -23.30
N ASP C 892 -12.18 -37.46 -23.30
CA ASP C 892 -12.36 -38.90 -23.34
C ASP C 892 -11.93 -39.43 -21.98
N GLN C 893 -12.91 -39.74 -21.14
CA GLN C 893 -12.62 -40.44 -19.90
C GLN C 893 -13.60 -41.60 -19.77
N ASP C 894 -13.04 -42.80 -19.66
CA ASP C 894 -13.74 -43.98 -19.20
C ASP C 894 -12.83 -44.68 -18.20
N ASP C 895 -11.54 -44.44 -18.35
CA ASP C 895 -10.51 -44.96 -17.46
C ASP C 895 -9.72 -43.80 -16.88
N ASP C 896 -9.72 -43.72 -15.55
CA ASP C 896 -8.93 -42.71 -14.86
C ASP C 896 -7.46 -43.04 -14.99
N ASP C 897 -6.74 -42.28 -15.80
CA ASP C 897 -5.31 -42.49 -15.93
C ASP C 897 -4.58 -41.96 -14.71
N ASP C 898 -4.66 -40.65 -14.49
CA ASP C 898 -4.03 -39.92 -13.42
C ASP C 898 -4.63 -38.52 -13.54
N PRO C 899 -5.01 -37.87 -12.44
CA PRO C 899 -5.38 -36.44 -12.54
C PRO C 899 -4.27 -35.55 -13.06
N ASP C 900 -3.04 -35.76 -12.61
CA ASP C 900 -1.88 -35.08 -13.20
C ASP C 900 -1.16 -36.01 -14.18
N THR C 901 -1.80 -36.19 -15.33
CA THR C 901 -1.18 -36.89 -16.43
C THR C 901 -0.45 -35.88 -17.29
N GLU C 902 0.69 -36.29 -17.85
CA GLU C 902 1.37 -35.46 -18.82
C GLU C 902 0.52 -35.33 -20.08
N LEU C 903 0.80 -34.27 -20.84
CA LEU C 903 -0.03 -33.93 -21.99
C LEU C 903 0.09 -34.98 -23.08
N TYR C 904 1.28 -35.51 -23.31
CA TYR C 904 1.41 -36.51 -24.34
C TYR C 904 0.95 -37.88 -23.87
N LEU C 905 0.90 -38.10 -22.56
CA LEU C 905 0.53 -39.42 -22.06
C LEU C 905 -0.97 -39.63 -21.95
N THR C 906 -1.77 -38.58 -22.08
CA THR C 906 -3.19 -38.76 -21.85
C THR C 906 -3.86 -39.39 -23.07
N GLN C 907 -5.06 -39.91 -22.84
CA GLN C 907 -5.77 -40.62 -23.90
C GLN C 907 -6.28 -39.72 -25.04
N PRO C 908 -6.96 -38.58 -24.81
CA PRO C 908 -7.50 -37.83 -25.97
C PRO C 908 -6.43 -37.19 -26.82
N PHE C 909 -5.26 -36.88 -26.26
CA PHE C 909 -4.18 -36.38 -27.09
C PHE C 909 -3.60 -37.49 -27.94
N ALA C 910 -3.31 -38.64 -27.32
CA ALA C 910 -2.70 -39.76 -28.03
C ALA C 910 -3.62 -40.37 -29.07
N CYS C 911 -4.93 -40.24 -28.89
CA CYS C 911 -5.84 -40.71 -29.92
C CYS C 911 -5.99 -39.73 -31.06
N GLY C 912 -5.48 -38.51 -30.92
CA GLY C 912 -5.60 -37.51 -31.95
C GLY C 912 -6.92 -36.77 -31.95
N THR C 913 -7.81 -37.06 -31.01
CA THR C 913 -9.11 -36.41 -30.94
C THR C 913 -9.08 -35.13 -30.12
N ALA C 914 -7.90 -34.58 -29.87
CA ALA C 914 -7.80 -33.41 -29.01
C ALA C 914 -6.53 -32.66 -29.40
N PHE C 915 -6.68 -31.61 -30.18
CA PHE C 915 -5.54 -30.80 -30.57
C PHE C 915 -5.33 -29.70 -29.55
N ALA C 916 -4.30 -29.82 -28.73
CA ALA C 916 -3.90 -28.72 -27.88
C ALA C 916 -3.24 -27.64 -28.73
N VAL C 917 -3.28 -26.41 -28.21
CA VAL C 917 -2.66 -25.30 -28.91
C VAL C 917 -1.28 -25.01 -28.36
N SER C 918 -0.87 -25.67 -27.28
CA SER C 918 0.46 -25.54 -26.73
C SER C 918 1.54 -26.14 -27.63
N VAL C 919 1.12 -26.97 -28.58
CA VAL C 919 1.97 -27.50 -29.64
C VAL C 919 2.68 -26.38 -30.40
N LEU C 920 1.98 -25.26 -30.59
CA LEU C 920 2.57 -24.14 -31.33
C LEU C 920 3.69 -23.47 -30.57
N ASP C 921 3.53 -23.30 -29.27
CA ASP C 921 4.63 -22.77 -28.48
C ASP C 921 5.74 -23.80 -28.31
N SER C 922 5.43 -25.08 -28.46
CA SER C 922 6.50 -26.07 -28.52
C SER C 922 7.27 -25.98 -29.82
N LEU C 923 6.63 -25.49 -30.89
CA LEU C 923 7.32 -25.36 -32.18
C LEU C 923 8.46 -24.36 -32.17
N MET C 924 8.43 -23.38 -31.27
CA MET C 924 9.43 -22.31 -31.34
C MET C 924 10.80 -22.80 -30.90
N SER C 925 10.86 -23.73 -29.95
CA SER C 925 12.14 -24.29 -29.56
C SER C 925 12.74 -25.12 -30.70
N ALA C 926 11.93 -25.95 -31.34
CA ALA C 926 12.42 -26.75 -32.45
C ALA C 926 12.80 -25.88 -33.64
N THR C 927 12.11 -24.76 -33.82
CA THR C 927 12.51 -23.80 -34.84
C THR C 927 13.82 -23.13 -34.48
N TYR C 928 14.07 -22.91 -33.19
CA TYR C 928 15.34 -22.38 -32.76
C TYR C 928 16.50 -23.33 -33.00
N PHE C 929 16.30 -24.63 -32.75
CA PHE C 929 17.45 -25.52 -32.87
C PHE C 929 17.65 -25.99 -34.31
N ASN C 930 16.58 -26.12 -35.08
CA ASN C 930 16.70 -26.39 -36.50
C ASN C 930 15.82 -25.42 -37.27
N ASP C 931 16.40 -24.78 -38.28
CA ASP C 931 15.67 -23.81 -39.08
C ASP C 931 14.78 -24.46 -40.12
N ASN C 932 14.74 -25.78 -40.19
CA ASN C 932 14.07 -26.48 -41.27
C ASN C 932 12.91 -27.32 -40.78
N ILE C 933 12.69 -27.39 -39.47
CA ILE C 933 11.50 -28.05 -38.95
C ILE C 933 10.26 -27.29 -39.39
N LEU C 934 10.30 -25.96 -39.28
CA LEU C 934 9.17 -25.14 -39.67
C LEU C 934 8.92 -25.22 -41.17
N THR C 935 9.99 -25.26 -41.97
CA THR C 935 9.84 -25.35 -43.42
C THR C 935 9.25 -26.68 -43.81
N LEU C 936 9.72 -27.77 -43.19
CA LEU C 936 9.19 -29.10 -43.46
C LEU C 936 7.72 -29.21 -43.08
N ILE C 937 7.38 -28.74 -41.88
CA ILE C 937 6.00 -28.83 -41.41
C ILE C 937 5.09 -27.94 -42.24
N ARG C 938 5.57 -26.77 -42.63
CA ARG C 938 4.75 -25.85 -43.41
C ARG C 938 4.52 -26.36 -44.82
N THR C 939 5.49 -27.04 -45.41
CA THR C 939 5.24 -27.66 -46.71
C THR C 939 4.42 -28.92 -46.59
N LEU C 940 4.50 -29.61 -45.45
CA LEU C 940 3.75 -30.84 -45.27
C LEU C 940 2.28 -30.57 -45.03
N VAL C 941 1.98 -29.50 -44.32
CA VAL C 941 0.67 -29.30 -43.72
C VAL C 941 -0.20 -28.36 -44.54
N THR C 942 0.36 -27.26 -45.04
CA THR C 942 -0.40 -26.37 -45.90
C THR C 942 -0.67 -27.02 -47.25
N GLY C 943 0.16 -27.98 -47.66
CA GLY C 943 -0.05 -28.66 -48.90
C GLY C 943 0.37 -27.82 -50.07
N GLY C 944 1.62 -27.37 -50.05
CA GLY C 944 2.10 -26.46 -51.07
C GLY C 944 2.06 -25.03 -50.59
N ALA C 945 3.23 -24.48 -50.29
CA ALA C 945 3.38 -23.14 -49.74
C ALA C 945 4.48 -22.39 -50.47
N THR C 946 4.38 -22.39 -51.80
CA THR C 946 5.37 -21.71 -52.62
C THR C 946 5.35 -20.21 -52.37
N PRO C 947 6.50 -19.53 -52.42
CA PRO C 947 6.50 -18.08 -52.18
C PRO C 947 5.83 -17.28 -53.27
N GLU C 948 5.68 -17.84 -54.48
CA GLU C 948 4.86 -17.18 -55.49
C GLU C 948 3.40 -17.13 -55.07
N LEU C 949 2.93 -18.15 -54.36
CA LEU C 949 1.57 -18.13 -53.83
C LEU C 949 1.43 -17.07 -52.75
N GLU C 950 2.44 -16.96 -51.88
CA GLU C 950 2.45 -15.95 -50.85
C GLU C 950 2.48 -14.55 -51.44
N ALA C 951 3.19 -14.38 -52.56
CA ALA C 951 3.25 -13.08 -53.21
C ALA C 951 1.92 -12.75 -53.90
N LEU C 952 1.28 -13.74 -54.49
CA LEU C 952 0.00 -13.47 -55.16
C LEU C 952 -1.11 -13.21 -54.16
N ILE C 953 -1.09 -13.88 -53.02
CA ILE C 953 -2.03 -13.54 -51.96
C ILE C 953 -1.66 -12.18 -51.35
N ALA C 954 -0.37 -11.85 -51.33
CA ALA C 954 0.11 -10.67 -50.64
C ALA C 954 -0.35 -9.36 -51.29
N GLU C 955 -0.81 -9.39 -52.53
CA GLU C 955 -1.20 -8.17 -53.20
C GLU C 955 -2.70 -7.92 -53.23
N GLU C 956 -3.52 -8.95 -53.09
CA GLU C 956 -4.95 -8.74 -53.09
C GLU C 956 -5.72 -9.51 -52.04
N ASN C 957 -5.08 -10.43 -51.31
CA ASN C 957 -5.69 -11.29 -50.28
C ASN C 957 -6.86 -12.08 -50.84
N ALA C 958 -6.66 -12.61 -52.05
CA ALA C 958 -7.72 -13.35 -52.74
C ALA C 958 -7.05 -14.35 -53.67
N LEU C 959 -7.40 -15.62 -53.51
CA LEU C 959 -6.86 -16.68 -54.33
C LEU C 959 -7.55 -16.63 -55.69
N ARG C 960 -6.98 -15.86 -56.61
CA ARG C 960 -7.58 -15.70 -57.92
C ARG C 960 -7.32 -16.93 -58.77
N GLY C 961 -8.20 -17.14 -59.75
CA GLY C 961 -8.13 -18.32 -60.58
C GLY C 961 -7.29 -18.11 -61.82
N GLY C 962 -6.93 -19.22 -62.45
CA GLY C 962 -6.16 -19.19 -63.67
C GLY C 962 -6.59 -20.29 -64.61
N TYR C 963 -6.05 -20.22 -65.83
CA TYR C 963 -6.29 -21.27 -66.80
C TYR C 963 -5.37 -22.46 -66.53
N SER C 964 -5.62 -23.54 -67.26
CA SER C 964 -4.86 -24.76 -67.10
C SER C 964 -3.88 -24.93 -68.26
N THR C 965 -2.60 -25.03 -67.93
CA THR C 965 -1.54 -25.31 -68.88
C THR C 965 -0.91 -26.65 -68.51
N PRO C 966 -0.08 -27.26 -69.36
CA PRO C 966 0.70 -28.41 -68.90
C PRO C 966 1.72 -28.06 -67.83
N GLN C 967 2.18 -26.81 -67.79
CA GLN C 967 2.96 -26.36 -66.65
C GLN C 967 2.12 -26.31 -65.38
N THR C 968 0.84 -25.95 -65.53
CA THR C 968 -0.06 -25.82 -64.38
C THR C 968 -0.38 -27.19 -63.76
N LEU C 969 -0.76 -28.16 -64.59
CA LEU C 969 -1.12 -29.47 -64.07
C LEU C 969 0.09 -30.24 -63.57
N ALA C 970 1.29 -29.88 -64.01
CA ALA C 970 2.48 -30.51 -63.46
C ALA C 970 2.76 -30.05 -62.03
N ASN C 971 2.18 -28.92 -61.64
CA ASN C 971 2.45 -28.38 -60.31
C ASN C 971 1.76 -29.19 -59.23
N ARG C 972 0.64 -29.84 -59.56
CA ARG C 972 -0.07 -30.66 -58.58
C ARG C 972 0.39 -32.11 -58.59
N ASP C 973 1.71 -32.31 -58.55
CA ASP C 973 2.31 -33.63 -58.53
C ASP C 973 2.76 -34.00 -57.13
N ARG C 974 2.43 -33.19 -56.14
CA ARG C 974 2.79 -33.46 -54.75
C ARG C 974 2.04 -34.67 -54.22
N CYS C 975 2.53 -35.23 -53.13
CA CYS C 975 1.85 -36.37 -52.53
C CYS C 975 1.06 -35.90 -51.31
N ARG C 976 0.02 -36.66 -51.00
CA ARG C 976 -0.93 -36.28 -49.97
C ARG C 976 -0.73 -37.16 -48.74
N VAL C 977 -1.60 -36.97 -47.76
CA VAL C 977 -1.58 -37.73 -46.52
C VAL C 977 -2.87 -38.53 -46.45
N ALA C 978 -2.75 -39.84 -46.21
CA ALA C 978 -3.93 -40.68 -46.12
C ALA C 978 -3.64 -41.85 -45.20
N GLN C 979 -4.70 -42.57 -44.86
CA GLN C 979 -4.64 -43.79 -44.08
C GLN C 979 -5.04 -44.97 -44.96
N LEU C 980 -4.59 -46.15 -44.54
CA LEU C 980 -4.77 -47.38 -45.35
C LEU C 980 -5.31 -48.49 -44.45
N ALA C 981 -6.44 -49.08 -44.84
CA ALA C 981 -6.98 -50.21 -44.05
C ALA C 981 -6.27 -51.48 -44.50
N LEU C 982 -5.61 -52.17 -43.56
CA LEU C 982 -4.87 -53.41 -43.88
C LEU C 982 -5.85 -54.50 -44.33
N LEU C 983 -7.03 -54.58 -43.71
CA LEU C 983 -7.96 -55.71 -44.00
C LEU C 983 -8.38 -55.76 -45.47
N ASP C 984 -8.75 -54.63 -46.07
CA ASP C 984 -9.25 -54.67 -47.47
C ASP C 984 -8.11 -54.32 -48.44
N GLY C 985 -6.92 -54.01 -47.91
CA GLY C 985 -5.80 -53.58 -48.76
C GLY C 985 -5.08 -54.71 -49.46
N PRO C 986 -4.22 -54.43 -50.48
CA PRO C 986 -3.43 -55.47 -51.13
C PRO C 986 -2.45 -56.04 -50.09
N PHE C 987 -2.18 -55.27 -49.04
CA PHE C 987 -1.22 -55.69 -47.98
C PHE C 987 -1.97 -56.50 -46.91
N ALA C 988 -3.21 -56.87 -47.19
CA ALA C 988 -4.04 -57.65 -46.24
C ALA C 988 -3.33 -58.97 -45.92
N ASP C 989 -2.67 -59.58 -46.90
CA ASP C 989 -1.91 -60.83 -46.66
C ASP C 989 -0.84 -60.53 -45.61
N LEU C 990 -0.21 -59.35 -45.69
CA LEU C 990 0.79 -58.94 -44.67
C LEU C 990 0.03 -58.35 -43.48
N GLY C 991 -1.31 -58.26 -43.60
CA GLY C 991 -2.14 -57.69 -42.52
C GLY C 991 -2.02 -58.46 -41.23
N ASP C 992 -1.93 -59.79 -41.28
CA ASP C 992 -1.91 -60.56 -40.01
C ASP C 992 -0.47 -60.94 -39.67
N GLY C 993 0.09 -60.35 -38.61
CA GLY C 993 1.44 -60.73 -38.15
C GLY C 993 2.55 -60.19 -39.04
N GLY C 994 2.20 -59.34 -40.01
CA GLY C 994 3.20 -58.84 -40.97
C GLY C 994 4.23 -57.94 -40.30
N CYS C 995 5.50 -58.09 -40.65
CA CYS C 995 6.54 -57.17 -40.10
C CYS C 995 6.29 -55.79 -40.70
N TYR C 996 6.44 -54.74 -39.88
CA TYR C 996 6.18 -53.36 -40.38
C TYR C 996 7.16 -53.07 -41.52
N GLY C 997 8.40 -53.54 -41.39
CA GLY C 997 9.42 -53.27 -42.41
C GLY C 997 9.02 -53.82 -43.76
N ASP C 998 8.47 -55.04 -43.77
CA ASP C 998 8.06 -55.67 -45.05
C ASP C 998 6.96 -54.81 -45.68
N LEU C 999 6.01 -54.36 -44.86
CA LEU C 999 4.87 -53.55 -45.38
C LEU C 999 5.43 -52.25 -45.96
N PHE C 1000 6.37 -51.62 -45.26
CA PHE C 1000 6.92 -50.33 -45.72
C PHE C 1000 7.61 -50.56 -47.06
N CYS C 1001 8.44 -51.61 -47.14
CA CYS C 1001 9.23 -51.83 -48.38
C CYS C 1001 8.27 -52.10 -49.53
N LYS C 1002 7.27 -52.96 -49.32
CA LYS C 1002 6.38 -53.34 -50.44
C LYS C 1002 5.66 -52.08 -50.92
N ALA C 1003 5.16 -51.26 -49.99
CA ALA C 1003 4.38 -50.08 -50.41
C ALA C 1003 5.28 -49.11 -51.18
N LEU C 1004 6.48 -48.85 -50.66
CA LEU C 1004 7.35 -47.83 -51.32
C LEU C 1004 7.69 -48.34 -52.72
N LYS C 1005 8.04 -49.62 -52.83
CA LYS C 1005 8.42 -50.21 -54.14
C LYS C 1005 7.23 -50.26 -55.11
N THR C 1006 6.04 -50.65 -54.64
CA THR C 1006 4.93 -50.85 -55.61
C THR C 1006 4.09 -49.60 -55.85
N TYR C 1007 3.58 -48.98 -54.79
CA TYR C 1007 2.67 -47.82 -54.96
C TYR C 1007 3.41 -46.51 -54.66
N ASN C 1008 4.71 -46.60 -54.35
CA ASN C 1008 5.50 -45.39 -54.00
C ASN C 1008 4.83 -44.65 -52.83
N MET C 1009 4.32 -45.39 -51.85
CA MET C 1009 3.71 -44.75 -50.66
C MET C 1009 4.67 -44.90 -49.49
N LEU C 1010 5.10 -43.80 -48.88
CA LEU C 1010 6.01 -43.87 -47.72
C LEU C 1010 5.19 -44.31 -46.51
N CYS C 1011 5.41 -45.55 -46.04
CA CYS C 1011 4.73 -45.94 -44.81
C CYS C 1011 5.24 -45.09 -43.65
N PHE C 1012 4.32 -44.50 -42.94
CA PHE C 1012 4.58 -43.30 -42.19
C PHE C 1012 4.37 -43.45 -40.69
N GLY C 1013 3.59 -44.45 -40.27
CA GLY C 1013 3.31 -44.68 -38.88
C GLY C 1013 2.01 -45.44 -38.74
N ILE C 1014 1.87 -46.23 -37.70
CA ILE C 1014 0.72 -47.14 -37.56
C ILE C 1014 -0.25 -46.54 -36.57
N TYR C 1015 -1.52 -46.43 -36.98
CA TYR C 1015 -2.58 -45.87 -36.16
C TYR C 1015 -3.36 -47.03 -35.55
N ARG C 1016 -2.82 -47.55 -34.46
CA ARG C 1016 -3.26 -48.82 -33.88
C ARG C 1016 -4.41 -48.62 -32.91
N LEU C 1017 -5.36 -49.55 -32.93
CA LEU C 1017 -6.50 -49.52 -32.04
C LEU C 1017 -6.06 -49.74 -30.59
N ARG C 1018 -6.83 -49.17 -29.66
CA ARG C 1018 -6.39 -49.12 -28.26
C ARG C 1018 -6.47 -50.49 -27.61
N ASP C 1019 -7.62 -51.14 -27.68
CA ASP C 1019 -7.78 -52.46 -27.09
C ASP C 1019 -7.50 -53.56 -28.11
N ALA C 1020 -6.36 -53.47 -28.79
CA ALA C 1020 -5.96 -54.51 -29.73
C ALA C 1020 -5.01 -55.50 -29.08
N HIS C 1021 -4.15 -55.02 -28.19
CA HIS C 1021 -3.24 -55.90 -27.47
C HIS C 1021 -3.95 -56.78 -26.46
N LEU C 1022 -5.16 -56.39 -26.05
CA LEU C 1022 -5.95 -57.24 -25.16
C LEU C 1022 -6.50 -58.44 -25.92
N SER C 1023 -6.99 -59.41 -25.16
CA SER C 1023 -7.62 -60.59 -25.74
C SER C 1023 -9.13 -60.50 -25.78
N THR C 1024 -9.74 -59.80 -24.84
CA THR C 1024 -11.19 -59.69 -24.81
C THR C 1024 -11.67 -58.77 -25.92
N PRO C 1025 -12.61 -59.21 -26.77
CA PRO C 1025 -13.13 -58.33 -27.82
C PRO C 1025 -13.98 -57.21 -27.22
N SER C 1026 -13.59 -55.98 -27.48
CA SER C 1026 -14.27 -54.82 -26.93
C SER C 1026 -14.94 -54.03 -28.05
N GLN C 1027 -15.62 -52.96 -27.65
CA GLN C 1027 -16.33 -52.08 -28.57
C GLN C 1027 -15.62 -50.75 -28.75
N CYS C 1028 -14.43 -50.60 -28.16
CA CYS C 1028 -13.73 -49.32 -28.21
C CYS C 1028 -13.10 -49.12 -29.57
N THR C 1029 -13.61 -48.17 -30.34
CA THR C 1029 -13.08 -47.85 -31.64
C THR C 1029 -12.01 -46.77 -31.61
N LYS C 1030 -11.63 -46.32 -30.42
CA LYS C 1030 -10.59 -45.29 -30.30
C LYS C 1030 -9.24 -45.89 -30.60
N ARG C 1031 -8.47 -45.21 -31.44
CA ARG C 1031 -7.17 -45.72 -31.85
C ARG C 1031 -6.10 -44.69 -31.51
N TYR C 1032 -4.93 -45.18 -31.15
CA TYR C 1032 -3.81 -44.32 -30.81
C TYR C 1032 -2.75 -44.39 -31.89
N VAL C 1033 -1.70 -43.60 -31.72
CA VAL C 1033 -0.75 -43.30 -32.78
C VAL C 1033 0.61 -43.90 -32.42
N ILE C 1034 1.20 -44.62 -33.36
CA ILE C 1034 2.53 -45.18 -33.20
C ILE C 1034 3.39 -44.68 -34.35
N THR C 1035 4.48 -44.00 -34.03
CA THR C 1035 5.30 -43.30 -35.00
C THR C 1035 6.61 -44.06 -35.20
N ASN C 1036 6.92 -44.39 -36.46
CA ASN C 1036 8.15 -45.02 -36.93
C ASN C 1036 8.48 -46.30 -36.16
N PRO C 1037 7.78 -47.39 -36.39
CA PRO C 1037 8.02 -48.60 -35.63
C PRO C 1037 9.19 -49.40 -36.20
N PRO C 1038 9.85 -50.23 -35.39
CA PRO C 1038 10.94 -51.06 -35.90
C PRO C 1038 10.49 -52.36 -36.55
N TYR C 1039 11.47 -53.21 -36.88
CA TYR C 1039 11.20 -54.48 -37.55
C TYR C 1039 10.47 -55.48 -36.67
N GLU C 1040 10.84 -55.57 -35.40
CA GLU C 1040 10.23 -56.54 -34.50
C GLU C 1040 8.80 -56.15 -34.12
N PHE C 1041 8.34 -54.97 -34.51
CA PHE C 1041 7.00 -54.55 -34.18
C PHE C 1041 5.99 -55.28 -35.07
N GLU C 1042 5.09 -56.01 -34.42
CA GLU C 1042 4.09 -56.84 -35.08
C GLU C 1042 3.00 -55.99 -35.73
N LEU C 1043 1.98 -56.65 -36.26
CA LEU C 1043 0.94 -55.93 -37.00
C LEU C 1043 -0.34 -56.75 -36.96
N VAL C 1044 -1.37 -56.21 -36.30
CA VAL C 1044 -2.70 -56.83 -36.31
C VAL C 1044 -3.41 -56.37 -37.58
N PRO C 1045 -4.43 -57.07 -38.08
CA PRO C 1045 -5.07 -56.61 -39.31
C PRO C 1045 -6.00 -55.43 -39.11
N THR C 1046 -6.31 -55.04 -37.88
CA THR C 1046 -7.23 -53.94 -37.62
C THR C 1046 -6.51 -52.63 -37.41
N ASP C 1047 -5.67 -52.23 -38.37
CA ASP C 1047 -4.90 -51.00 -38.23
C ASP C 1047 -5.13 -50.09 -39.43
N LEU C 1048 -4.71 -48.83 -39.25
CA LEU C 1048 -4.92 -47.76 -40.22
C LEU C 1048 -3.61 -46.98 -40.41
N ILE C 1049 -2.55 -47.72 -40.77
CA ILE C 1049 -1.20 -47.20 -40.96
C ILE C 1049 -1.17 -45.96 -41.86
N PHE C 1050 -0.52 -44.92 -41.38
CA PHE C 1050 -0.35 -43.69 -42.15
C PHE C 1050 0.56 -43.91 -43.34
N CYS C 1051 0.37 -43.10 -44.37
CA CYS C 1051 1.16 -43.23 -45.59
C CYS C 1051 1.16 -41.90 -46.32
N LEU C 1052 1.97 -41.83 -47.37
CA LEU C 1052 2.06 -40.65 -48.22
C LEU C 1052 1.79 -41.11 -49.64
N MET C 1053 0.52 -41.12 -50.03
CA MET C 1053 0.14 -41.62 -51.34
C MET C 1053 0.51 -40.64 -52.43
N GLN C 1054 1.11 -41.15 -53.50
CA GLN C 1054 1.38 -40.35 -54.68
C GLN C 1054 0.09 -40.03 -55.41
N PHE C 1055 0.20 -39.20 -56.43
CA PHE C 1055 -0.96 -38.75 -57.20
C PHE C 1055 -0.89 -39.38 -58.59
N ASP C 1056 -1.83 -40.28 -58.87
CA ASP C 1056 -1.92 -40.89 -60.19
C ASP C 1056 -2.52 -39.91 -61.20
N TYR D 8 -3.60 42.86 6.58
CA TYR D 8 -4.36 42.49 7.77
C TYR D 8 -3.85 41.20 8.39
N GLU D 9 -3.19 40.38 7.57
CA GLU D 9 -2.68 39.10 8.04
C GLU D 9 -1.38 39.31 8.82
N TYR D 10 -1.16 38.44 9.81
CA TYR D 10 0.12 38.38 10.49
C TYR D 10 1.20 37.94 9.49
N THR D 11 2.17 38.82 9.25
CA THR D 11 3.27 38.41 8.38
C THR D 11 4.21 37.48 9.16
N GLU D 12 5.10 36.82 8.42
CA GLU D 12 5.95 35.82 9.03
C GLU D 12 7.00 36.43 9.95
N ALA D 13 7.40 37.68 9.71
CA ALA D 13 8.21 38.38 10.69
C ALA D 13 7.41 38.65 11.95
N GLU D 14 6.14 39.03 11.78
CA GLU D 14 5.26 39.24 12.93
C GLU D 14 4.93 37.93 13.62
N ASP D 15 4.75 36.87 12.84
CA ASP D 15 4.31 35.60 13.41
C ASP D 15 5.40 34.91 14.21
N LYS D 16 6.65 34.99 13.72
CA LYS D 16 7.75 34.36 14.44
C LYS D 16 8.07 35.13 15.72
N SER D 17 7.81 36.44 15.73
CA SER D 17 7.95 37.21 16.96
C SER D 17 6.91 36.78 17.98
N ILE D 18 5.72 36.42 17.53
CA ILE D 18 4.71 35.88 18.44
C ILE D 18 5.14 34.50 18.93
N ARG D 19 5.68 33.68 18.03
CA ARG D 19 6.17 32.35 18.41
C ARG D 19 7.37 32.45 19.35
N LEU D 20 8.23 33.46 19.15
CA LEU D 20 9.32 33.67 20.09
C LEU D 20 8.81 34.25 21.39
N GLY D 21 7.79 35.12 21.32
CA GLY D 21 7.28 35.73 22.53
C GLY D 21 6.55 34.75 23.42
N LEU D 22 5.82 33.81 22.82
CA LEU D 22 5.20 32.76 23.62
C LEU D 22 6.22 31.78 24.17
N PHE D 23 7.34 31.60 23.46
CA PHE D 23 8.38 30.68 23.91
C PHE D 23 9.06 31.19 25.17
N LEU D 24 9.08 32.50 25.38
CA LEU D 24 9.65 33.06 26.59
C LEU D 24 8.64 33.14 27.72
N ILE D 25 7.36 33.30 27.40
CA ILE D 25 6.32 33.27 28.42
C ILE D 25 6.21 31.88 29.02
N ILE D 26 6.33 30.85 28.19
CA ILE D 26 6.31 29.47 28.67
C ILE D 26 7.58 29.18 29.47
N SER D 27 8.74 29.50 28.91
CA SER D 27 10.00 29.23 29.61
C SER D 27 10.20 30.14 30.81
N GLY D 28 9.53 31.28 30.86
CA GLY D 28 9.54 32.08 32.07
C GLY D 28 8.79 31.42 33.20
N VAL D 29 7.78 30.60 32.87
CA VAL D 29 7.08 29.83 33.88
C VAL D 29 7.90 28.62 34.29
N VAL D 30 8.46 27.91 33.30
CA VAL D 30 9.13 26.63 33.55
C VAL D 30 10.40 26.82 34.36
N SER D 31 11.21 27.81 34.01
CA SER D 31 12.40 28.14 34.78
C SER D 31 12.07 28.59 36.18
N LEU D 32 10.97 29.31 36.36
CA LEU D 32 10.41 29.52 37.69
C LEU D 32 9.89 28.24 38.31
N PHE D 33 9.28 27.36 37.54
CA PHE D 33 8.77 26.11 38.05
C PHE D 33 9.86 25.11 38.39
N ILE D 34 10.95 25.06 37.61
CA ILE D 34 12.07 24.19 37.95
C ILE D 34 12.74 24.62 39.24
N PHE D 35 13.13 25.88 39.35
CA PHE D 35 13.91 26.38 40.47
C PHE D 35 13.14 26.40 41.78
N GLY D 36 11.82 26.19 41.74
CA GLY D 36 11.04 26.19 42.97
C GLY D 36 11.32 25.01 43.86
N PHE D 37 11.72 23.88 43.28
CA PHE D 37 12.09 22.70 44.05
C PHE D 37 13.45 22.14 43.64
N CYS D 38 14.24 22.91 42.92
CA CYS D 38 15.53 22.42 42.45
C CYS D 38 16.58 23.39 42.96
N TRP D 39 16.12 24.57 43.35
CA TRP D 39 16.95 25.62 43.89
C TRP D 39 16.49 26.11 45.26
N LEU D 40 15.19 26.29 45.46
CA LEU D 40 14.62 26.76 46.71
C LEU D 40 14.51 25.69 47.77
N SER D 41 14.19 24.46 47.36
CA SER D 41 14.14 23.33 48.28
C SER D 41 15.46 23.04 48.98
N PRO D 42 16.64 23.14 48.35
CA PRO D 42 17.86 23.17 49.17
C PRO D 42 18.11 24.50 49.85
N ALA D 43 17.49 25.58 49.38
CA ALA D 43 17.79 26.89 49.94
C ALA D 43 17.08 27.11 51.27
N LEU D 44 15.76 26.89 51.30
CA LEU D 44 14.98 27.19 52.49
C LEU D 44 15.25 26.22 53.63
N GLN D 45 15.78 25.03 53.34
CA GLN D 45 16.27 24.18 54.41
C GLN D 45 17.52 24.75 55.05
N ASP D 46 18.37 25.40 54.24
CA ASP D 46 19.52 26.11 54.80
C ASP D 46 19.11 27.37 55.54
N LEU D 47 18.01 28.01 55.13
CA LEU D 47 17.53 29.18 55.85
C LEU D 47 16.69 28.82 57.07
N GLN D 48 16.51 27.52 57.35
CA GLN D 48 15.74 27.13 58.52
C GLN D 48 16.57 27.27 59.79
N ALA D 49 17.88 27.02 59.70
CA ALA D 49 18.76 27.16 60.85
C ALA D 49 18.92 28.63 61.23
N THR D 50 18.67 28.94 62.50
CA THR D 50 18.61 30.33 62.93
C THR D 50 19.96 30.80 63.48
N GLU D 51 20.12 32.12 63.58
CA GLU D 51 21.31 32.67 64.20
C GLU D 51 21.24 32.50 65.71
N ALA D 52 22.19 31.76 66.26
CA ALA D 52 22.36 31.68 67.69
C ALA D 52 23.53 32.58 68.09
N ASN D 53 23.79 32.67 69.39
CA ASN D 53 24.93 33.43 69.86
C ASN D 53 25.66 32.58 70.89
N CYS D 54 26.54 31.70 70.43
CA CYS D 54 27.03 30.60 71.22
C CYS D 54 28.48 30.79 71.64
N THR D 55 28.88 30.07 72.69
CA THR D 55 30.20 30.20 73.27
C THR D 55 31.00 28.92 73.08
N VAL D 56 32.32 29.09 72.97
CA VAL D 56 33.22 27.96 72.75
C VAL D 56 33.35 27.14 74.02
N LEU D 57 32.96 25.87 73.93
CA LEU D 57 33.10 24.99 75.09
C LEU D 57 34.51 24.42 75.20
N SER D 58 34.94 23.66 74.19
CA SER D 58 36.22 22.98 74.26
C SER D 58 36.78 22.73 72.87
N VAL D 59 38.09 22.82 72.74
CA VAL D 59 38.79 22.57 71.48
C VAL D 59 39.87 21.53 71.74
N GLN D 60 39.71 20.36 71.13
CA GLN D 60 40.69 19.28 71.31
C GLN D 60 41.08 18.66 69.98
N GLN D 61 41.90 17.61 70.05
CA GLN D 61 42.22 16.79 68.89
C GLN D 61 41.89 15.35 69.22
N ILE D 62 42.03 14.48 68.23
CA ILE D 62 41.69 13.07 68.35
C ILE D 62 42.90 12.18 68.10
N GLY D 63 43.65 12.46 67.05
CA GLY D 63 44.73 11.60 66.62
C GLY D 63 44.39 10.74 65.43
N GLU D 64 43.11 10.67 65.05
CA GLU D 64 42.71 9.95 63.85
C GLU D 64 43.00 10.79 62.63
N VAL D 65 43.77 10.25 61.71
CA VAL D 65 44.04 10.95 60.47
C VAL D 65 42.84 10.81 59.53
N PHE D 66 42.76 11.73 58.58
CA PHE D 66 41.76 11.68 57.53
C PHE D 66 42.43 12.05 56.23
N GLU D 67 42.10 11.32 55.16
CA GLU D 67 42.84 11.41 53.92
C GLU D 67 42.20 12.47 53.03
N CYS D 68 42.89 13.59 52.87
CA CYS D 68 42.45 14.63 51.95
C CYS D 68 42.94 14.29 50.54
N THR D 69 42.77 15.21 49.60
CA THR D 69 43.20 14.99 48.23
C THR D 69 43.71 16.30 47.66
N PHE D 70 45.02 16.43 47.52
CA PHE D 70 45.59 17.61 46.89
C PHE D 70 45.73 17.37 45.39
N THR D 71 46.30 18.35 44.71
CA THR D 71 46.52 18.24 43.27
C THR D 71 47.70 19.10 42.88
N CYS D 72 48.26 18.80 41.71
CA CYS D 72 49.29 19.60 41.08
C CYS D 72 48.74 20.66 40.16
N GLY D 73 47.55 20.41 39.59
CA GLY D 73 46.94 21.31 38.64
C GLY D 73 46.63 20.62 37.33
N ALA D 74 47.55 19.79 36.88
CA ALA D 74 47.36 19.04 35.63
C ALA D 74 46.85 17.63 35.91
N ASP D 75 45.71 17.58 36.61
CA ASP D 75 44.96 16.36 36.94
C ASP D 75 45.82 15.38 37.75
N CYS D 76 46.23 15.83 38.92
CA CYS D 76 46.95 14.99 39.87
C CYS D 76 46.02 14.56 40.99
N ARG D 77 46.15 13.30 41.39
CA ARG D 77 45.28 12.71 42.40
C ARG D 77 46.05 12.40 43.68
N GLY D 78 46.92 13.33 44.08
CA GLY D 78 47.70 13.12 45.28
C GLY D 78 46.82 13.22 46.51
N THR D 79 46.94 12.25 47.41
CA THR D 79 46.12 12.17 48.61
C THR D 79 47.03 12.21 49.83
N SER D 80 47.05 13.35 50.51
CA SER D 80 47.75 13.49 51.78
C SER D 80 46.75 13.28 52.92
N GLN D 81 47.19 13.57 54.13
CA GLN D 81 46.35 13.35 55.30
C GLN D 81 46.47 14.53 56.26
N TYR D 82 45.44 14.72 57.07
CA TYR D 82 45.37 15.83 58.01
C TYR D 82 44.80 15.34 59.33
N PRO D 83 45.28 15.88 60.44
CA PRO D 83 44.71 15.52 61.75
C PRO D 83 43.37 16.21 61.95
N CYS D 84 42.63 15.72 62.94
CA CYS D 84 41.27 16.17 63.19
C CYS D 84 41.20 17.01 64.45
N VAL D 85 40.29 17.98 64.44
CA VAL D 85 40.06 18.87 65.58
C VAL D 85 38.56 18.94 65.80
N GLN D 86 38.13 18.58 67.00
CA GLN D 86 36.73 18.67 67.40
C GLN D 86 36.57 19.90 68.29
N VAL D 87 35.87 20.91 67.77
CA VAL D 87 35.58 22.12 68.52
C VAL D 87 34.15 22.00 69.01
N TYR D 88 33.99 21.60 70.26
CA TYR D 88 32.67 21.61 70.87
C TYR D 88 32.36 23.01 71.39
N VAL D 89 31.12 23.45 71.17
CA VAL D 89 30.69 24.76 71.65
C VAL D 89 29.45 24.60 72.51
N ASN D 90 29.22 25.62 73.32
CA ASN D 90 28.06 25.69 74.19
C ASN D 90 27.04 26.61 73.53
N ASN D 91 25.91 26.05 73.14
CA ASN D 91 24.89 26.83 72.48
C ASN D 91 24.20 27.76 73.49
N SER D 92 23.60 28.82 72.96
CA SER D 92 22.76 29.69 73.77
C SER D 92 21.31 29.23 73.78
N GLU D 93 20.80 28.82 72.63
CA GLU D 93 19.38 28.52 72.51
C GLU D 93 19.08 27.07 72.86
N SER D 94 19.69 26.13 72.15
CA SER D 94 19.50 24.72 72.47
C SER D 94 20.47 24.21 73.51
N ASN D 95 21.32 25.10 74.05
CA ASN D 95 22.24 24.97 75.19
C ASN D 95 22.88 23.59 75.37
N SER D 96 23.42 23.03 74.30
CA SER D 96 23.95 21.68 74.33
C SER D 96 25.38 21.67 73.82
N ARG D 97 25.99 20.50 73.91
CA ARG D 97 27.37 20.29 73.49
C ARG D 97 27.35 19.83 72.04
N ALA D 98 27.87 20.67 71.14
CA ALA D 98 27.77 20.43 69.71
C ALA D 98 29.02 20.96 69.01
N LEU D 99 29.32 20.38 67.85
CA LEU D 99 30.53 20.73 67.12
C LEU D 99 30.31 22.00 66.31
N LEU D 100 31.41 22.60 65.88
CA LEU D 100 31.39 23.63 64.85
C LEU D 100 31.67 23.00 63.51
N HIS D 101 31.19 23.65 62.46
CA HIS D 101 31.42 23.22 61.08
C HIS D 101 31.52 24.47 60.22
N SER D 102 32.49 24.46 59.30
CA SER D 102 32.72 25.63 58.47
C SER D 102 31.57 25.85 57.50
N ASP D 103 31.07 24.78 56.89
CA ASP D 103 29.84 24.78 56.13
C ASP D 103 29.29 23.37 56.11
N GLU D 104 28.20 23.18 55.37
CA GLU D 104 27.66 21.84 55.20
C GLU D 104 28.61 20.97 54.37
N HIS D 105 29.38 21.58 53.47
CA HIS D 105 30.34 20.83 52.68
C HIS D 105 31.46 20.29 53.55
N GLN D 106 31.87 21.03 54.57
CA GLN D 106 32.77 20.47 55.56
C GLN D 106 32.04 19.47 56.44
N LEU D 107 30.74 19.68 56.63
CA LEU D 107 29.97 18.81 57.51
C LEU D 107 29.66 17.47 56.86
N LEU D 108 29.21 17.49 55.60
CA LEU D 108 28.75 16.26 54.97
C LEU D 108 29.89 15.33 54.61
N THR D 109 31.07 15.88 54.32
CA THR D 109 32.21 15.03 53.98
C THR D 109 32.83 14.42 55.23
N ASN D 110 33.15 15.24 56.22
CA ASN D 110 33.70 14.76 57.49
C ASN D 110 32.94 15.43 58.62
N PRO D 111 31.91 14.78 59.17
CA PRO D 111 31.25 15.34 60.35
C PRO D 111 32.07 15.20 61.61
N LYS D 112 33.04 14.29 61.65
CA LYS D 112 33.83 14.10 62.86
C LYS D 112 34.84 15.21 63.07
N CYS D 113 35.13 16.01 62.06
CA CYS D 113 36.05 17.12 62.21
C CYS D 113 35.31 18.45 62.09
N SER D 114 35.92 19.49 62.66
CA SER D 114 35.36 20.81 62.58
C SER D 114 35.91 21.62 61.41
N TYR D 115 37.12 21.32 60.97
CA TYR D 115 37.77 22.18 59.99
C TYR D 115 38.62 21.31 59.07
N ILE D 116 38.15 21.10 57.84
CA ILE D 116 38.95 20.47 56.80
C ILE D 116 39.86 21.54 56.21
N PRO D 117 41.18 21.40 56.33
CA PRO D 117 42.07 22.37 55.72
C PRO D 117 42.13 22.15 54.22
N PRO D 118 42.54 23.16 53.45
CA PRO D 118 42.80 22.93 52.02
C PRO D 118 44.00 22.02 51.86
N CYS D 119 43.79 20.89 51.18
CA CYS D 119 44.76 19.81 51.18
C CYS D 119 45.99 20.19 50.34
N LYS D 120 47.16 20.04 50.92
CA LYS D 120 48.43 20.31 50.26
C LYS D 120 49.21 19.02 50.12
N ARG D 121 50.36 19.11 49.47
CA ARG D 121 51.15 17.93 49.14
C ARG D 121 51.78 17.31 50.38
N GLU D 122 52.63 18.08 51.06
CA GLU D 122 53.31 17.57 52.24
C GLU D 122 52.34 17.48 53.41
N ASN D 123 52.52 16.45 54.22
CA ASN D 123 51.70 16.30 55.42
C ASN D 123 51.98 17.39 56.44
N GLN D 124 53.22 17.89 56.47
CA GLN D 124 53.57 18.98 57.37
C GLN D 124 52.88 20.28 56.96
N LYS D 125 52.68 20.48 55.66
CA LYS D 125 51.92 21.64 55.19
C LYS D 125 50.47 21.55 55.65
N ASN D 126 49.88 20.36 55.56
CA ASN D 126 48.53 20.18 56.07
C ASN D 126 48.49 20.15 57.59
N LEU D 127 49.60 19.79 58.23
CA LEU D 127 49.65 19.80 59.69
C LEU D 127 49.62 21.22 60.23
N GLU D 128 50.41 22.12 59.61
CA GLU D 128 50.50 23.48 60.12
C GLU D 128 49.23 24.27 59.86
N SER D 129 48.49 23.94 58.80
CA SER D 129 47.21 24.58 58.55
C SER D 129 46.17 24.19 59.58
N VAL D 130 46.32 23.03 60.21
CA VAL D 130 45.43 22.64 61.30
C VAL D 130 45.72 23.47 62.54
N MET D 131 46.98 23.49 62.97
CA MET D 131 47.32 24.13 64.23
C MET D 131 47.24 25.65 64.14
N ASN D 132 47.45 26.21 62.94
CA ASN D 132 47.21 27.63 62.75
C ASN D 132 45.74 27.95 62.90
N TRP D 133 44.87 27.10 62.36
CA TRP D 133 43.45 27.24 62.62
C TRP D 133 43.12 26.92 64.08
N GLN D 134 43.86 25.98 64.67
CA GLN D 134 43.60 25.61 66.06
C GLN D 134 44.02 26.73 67.01
N GLN D 135 45.10 27.44 66.67
CA GLN D 135 45.58 28.53 67.52
C GLN D 135 44.57 29.68 67.57
N TYR D 136 43.81 29.89 66.50
CA TYR D 136 42.72 30.85 66.51
C TYR D 136 41.59 30.44 67.44
N TRP D 137 41.49 29.16 67.79
CA TRP D 137 40.44 28.70 68.67
C TRP D 137 40.95 28.18 70.00
N LYS D 138 42.25 28.23 70.25
CA LYS D 138 42.80 27.96 71.58
C LYS D 138 43.09 29.21 72.36
N ASP D 139 43.07 30.39 71.73
CA ASP D 139 43.26 31.63 72.44
C ASP D 139 41.96 32.35 72.73
N GLU D 140 40.95 32.17 71.88
CA GLU D 140 39.69 32.88 71.98
C GLU D 140 38.61 31.86 72.33
N ILE D 141 38.48 31.60 73.63
CA ILE D 141 37.60 30.56 74.16
C ILE D 141 36.64 31.20 75.15
N GLY D 142 35.35 31.03 74.92
CA GLY D 142 34.36 31.63 75.81
C GLY D 142 34.11 33.10 75.60
N SER D 143 35.16 33.91 75.59
CA SER D 143 35.07 35.33 75.27
C SER D 143 34.65 35.52 73.80
N GLN D 144 34.10 36.70 73.53
CA GLN D 144 33.41 37.08 72.30
C GLN D 144 32.51 35.98 71.69
N PRO D 145 31.33 35.73 72.31
CA PRO D 145 30.39 34.75 71.73
C PRO D 145 29.93 35.15 70.33
N PHE D 146 30.04 34.23 69.39
CA PHE D 146 29.87 34.56 67.99
C PHE D 146 28.52 34.11 67.47
N THR D 147 28.12 34.70 66.33
CA THR D 147 26.93 34.24 65.63
C THR D 147 27.17 32.87 65.04
N CYS D 148 26.22 31.96 65.21
CA CYS D 148 26.41 30.57 64.82
C CYS D 148 25.05 29.98 64.45
N TYR D 149 25.02 29.24 63.36
CA TYR D 149 23.77 28.73 62.81
C TYR D 149 23.51 27.31 63.30
N PHE D 150 22.32 27.10 63.85
CA PHE D 150 21.93 25.79 64.37
C PHE D 150 20.50 25.48 63.98
N ASN D 151 20.25 24.21 63.67
CA ASN D 151 18.92 23.71 63.34
C ASN D 151 18.49 22.70 64.40
N GLN D 152 17.29 22.88 64.93
CA GLN D 152 16.74 21.96 65.92
C GLN D 152 15.85 20.90 65.28
N HIS D 153 15.92 20.75 63.97
CA HIS D 153 15.14 19.75 63.24
C HIS D 153 16.01 18.66 62.64
N GLN D 154 17.01 19.03 61.84
CA GLN D 154 17.80 18.05 61.11
C GLN D 154 19.01 17.57 61.91
N ARG D 155 19.90 18.48 62.27
CA ARG D 155 21.13 18.11 62.97
C ARG D 155 21.03 18.53 64.43
N PRO D 156 20.77 17.61 65.35
CA PRO D 156 20.60 18.00 66.76
C PRO D 156 21.89 18.38 67.46
N ASP D 157 23.05 18.11 66.87
CA ASP D 157 24.31 18.34 67.55
C ASP D 157 25.38 18.89 66.63
N ASP D 158 25.00 19.65 65.60
CA ASP D 158 25.96 20.20 64.65
C ASP D 158 25.63 21.67 64.41
N VAL D 159 26.60 22.54 64.60
CA VAL D 159 26.43 23.97 64.47
C VAL D 159 27.29 24.44 63.30
N LEU D 160 26.71 25.25 62.42
CA LEU D 160 27.44 25.78 61.29
C LEU D 160 28.03 27.15 61.63
N LEU D 161 29.08 27.51 60.89
CA LEU D 161 29.69 28.82 60.99
C LEU D 161 29.18 29.79 59.94
N HIS D 162 28.65 29.27 58.83
CA HIS D 162 28.22 30.12 57.72
C HIS D 162 26.92 29.54 57.18
N ARG D 163 26.48 30.05 56.03
CA ARG D 163 25.39 29.45 55.29
C ARG D 163 25.96 28.89 54.00
N THR D 164 25.16 28.04 53.34
CA THR D 164 25.53 27.58 52.02
C THR D 164 25.29 28.67 50.98
N HIS D 165 24.39 29.59 51.29
CA HIS D 165 24.01 30.61 50.33
C HIS D 165 23.97 31.99 50.97
N ASP D 166 23.42 32.96 50.25
CA ASP D 166 23.39 34.35 50.71
C ASP D 166 21.93 34.73 50.92
N GLU D 167 21.68 36.00 51.26
CA GLU D 167 20.32 36.53 51.18
C GLU D 167 19.86 36.63 49.73
N ILE D 168 20.80 36.74 48.79
CA ILE D 168 20.49 36.98 47.38
C ILE D 168 20.04 35.71 46.67
N VAL D 169 20.08 34.56 47.36
CA VAL D 169 19.67 33.30 46.74
C VAL D 169 18.16 33.25 46.55
N LEU D 170 17.40 34.05 47.31
CA LEU D 170 15.97 34.16 47.08
C LEU D 170 15.68 35.07 45.89
N LEU D 171 16.63 35.92 45.52
CA LEU D 171 16.36 36.92 44.50
C LEU D 171 16.38 36.31 43.12
N HIS D 172 17.51 35.72 42.72
CA HIS D 172 17.74 35.36 41.33
C HIS D 172 16.92 34.17 40.86
N CYS D 173 16.34 33.40 41.77
CA CYS D 173 15.42 32.34 41.37
C CYS D 173 14.03 32.87 41.09
N PHE D 174 13.63 33.97 41.72
CA PHE D 174 12.37 34.61 41.39
C PHE D 174 12.52 35.74 40.38
N LEU D 175 13.71 36.32 40.26
CA LEU D 175 13.85 37.49 39.40
C LEU D 175 13.88 37.10 37.93
N TRP D 176 14.88 36.36 37.53
CA TRP D 176 15.22 36.18 36.12
C TRP D 176 14.25 35.33 35.29
N PRO D 177 13.54 34.33 35.83
CA PRO D 177 12.39 33.83 35.06
C PRO D 177 11.29 34.86 34.92
N LEU D 178 11.06 35.69 35.94
CA LEU D 178 10.06 36.75 35.79
C LEU D 178 10.57 37.87 34.90
N VAL D 179 11.89 38.09 34.86
CA VAL D 179 12.46 38.98 33.85
C VAL D 179 12.23 38.39 32.46
N THR D 180 12.44 37.09 32.32
CA THR D 180 12.15 36.41 31.06
C THR D 180 10.66 36.42 30.78
N PHE D 181 9.82 36.41 31.82
CA PHE D 181 8.39 36.42 31.62
C PHE D 181 7.90 37.77 31.11
N VAL D 182 8.38 38.86 31.70
CA VAL D 182 7.89 40.18 31.30
C VAL D 182 8.37 40.54 29.91
N VAL D 183 9.62 40.23 29.59
CA VAL D 183 10.17 40.48 28.26
C VAL D 183 9.43 39.63 27.22
N GLY D 184 9.06 38.40 27.59
CA GLY D 184 8.23 37.59 26.72
C GLY D 184 6.85 38.16 26.51
N VAL D 185 6.33 38.90 27.49
CA VAL D 185 5.06 39.59 27.30
C VAL D 185 5.25 40.81 26.41
N LEU D 186 6.33 41.58 26.65
CA LEU D 186 6.58 42.80 25.90
C LEU D 186 6.88 42.55 24.43
N ILE D 187 7.33 41.34 24.07
CA ILE D 187 7.44 41.00 22.66
C ILE D 187 6.05 40.81 22.06
N VAL D 188 5.16 40.14 22.79
CA VAL D 188 3.84 39.85 22.26
C VAL D 188 2.98 41.10 22.22
N VAL D 189 3.06 41.93 23.27
CA VAL D 189 2.24 43.14 23.34
C VAL D 189 2.65 44.14 22.28
N LEU D 190 3.95 44.38 22.14
CA LEU D 190 4.41 45.33 21.14
C LEU D 190 4.28 44.79 19.71
N THR D 191 4.11 43.48 19.53
CA THR D 191 3.82 42.98 18.19
C THR D 191 2.37 43.28 17.83
N ILE D 192 1.46 43.06 18.77
CA ILE D 192 0.04 43.29 18.52
C ILE D 192 -0.25 44.77 18.36
N CYS D 193 0.35 45.60 19.22
CA CYS D 193 0.07 47.04 19.21
C CYS D 193 0.63 47.70 17.96
N ALA D 194 1.85 47.32 17.55
CA ALA D 194 2.42 47.91 16.35
C ALA D 194 1.71 47.42 15.10
N LYS D 195 1.21 46.18 15.11
CA LYS D 195 0.41 45.70 14.00
C LYS D 195 -0.93 46.44 13.95
N SER D 196 -1.55 46.66 15.10
CA SER D 196 -2.80 47.39 15.15
C SER D 196 -2.62 48.85 14.77
N LEU D 197 -1.42 49.39 14.96
CA LEU D 197 -1.12 50.71 14.41
C LEU D 197 -0.72 50.63 12.94
N ALA D 198 -0.38 49.43 12.45
CA ALA D 198 -0.05 49.27 11.04
C ALA D 198 -1.21 48.76 10.20
N VAL D 199 -2.34 48.43 10.83
CA VAL D 199 -3.52 47.99 10.09
C VAL D 199 -4.66 49.01 10.18
N LYS D 200 -4.69 49.85 11.21
CA LYS D 200 -5.74 50.85 11.36
C LYS D 200 -5.35 52.22 10.83
N ALA D 201 -4.12 52.67 11.08
CA ALA D 201 -3.66 53.96 10.62
C ALA D 201 -3.33 53.98 9.14
N GLU D 202 -3.25 52.81 8.49
CA GLU D 202 -3.09 52.76 7.05
C GLU D 202 -4.34 53.21 6.30
N ALA D 203 -5.52 52.99 6.89
CA ALA D 203 -6.78 53.31 6.26
C ALA D 203 -7.30 54.70 6.61
N MET D 204 -6.38 55.66 6.80
CA MET D 204 -6.76 57.03 7.10
C MET D 204 -6.87 57.87 5.82
N LYS D 205 -7.24 57.22 4.73
CA LYS D 205 -7.32 57.87 3.43
C LYS D 205 -8.75 58.32 3.14
N GLN E 19 3.07 6.29 66.21
CA GLN E 19 3.73 5.18 65.53
C GLN E 19 3.51 5.26 64.03
N ARG E 20 4.03 4.27 63.31
CA ARG E 20 3.90 4.23 61.86
C ARG E 20 2.48 3.88 61.45
N MET E 21 1.65 4.89 61.27
CA MET E 21 0.24 4.71 60.94
C MET E 21 -0.03 4.99 59.47
N TRP E 22 0.91 4.60 58.61
CA TRP E 22 0.77 4.71 57.16
C TRP E 22 -0.39 3.85 56.64
N TRP E 23 -0.70 2.78 57.37
CA TRP E 23 -1.64 1.77 56.90
C TRP E 23 -3.07 2.28 56.88
N ALA E 24 -3.40 3.22 57.76
CA ALA E 24 -4.78 3.65 57.91
C ALA E 24 -5.26 4.44 56.72
N PHE E 25 -4.34 5.09 56.00
CA PHE E 25 -4.70 5.87 54.83
C PHE E 25 -5.19 4.96 53.71
N LEU E 26 -4.38 3.95 53.38
CA LEU E 26 -4.76 2.99 52.35
C LEU E 26 -5.97 2.18 52.79
N ALA E 27 -6.07 1.87 54.09
CA ALA E 27 -7.24 1.19 54.60
C ALA E 27 -8.49 2.03 54.43
N SER E 28 -8.38 3.33 54.69
CA SER E 28 -9.52 4.23 54.55
C SER E 28 -9.95 4.33 53.10
N SER E 29 -8.99 4.44 52.19
CA SER E 29 -9.32 4.57 50.77
C SER E 29 -9.95 3.29 50.23
N MET E 30 -9.43 2.13 50.63
CA MET E 30 -9.95 0.90 50.08
C MET E 30 -11.29 0.52 50.70
N VAL E 31 -11.48 0.81 51.99
CA VAL E 31 -12.80 0.62 52.61
C VAL E 31 -13.79 1.61 52.04
N THR E 32 -13.34 2.80 51.65
CA THR E 32 -14.21 3.71 50.91
C THR E 32 -14.52 3.16 49.53
N PHE E 33 -13.63 2.34 48.96
CA PHE E 33 -13.91 1.81 47.64
C PHE E 33 -14.87 0.65 47.68
N PHE E 34 -14.47 -0.45 48.32
CA PHE E 34 -15.29 -1.66 48.25
C PHE E 34 -16.46 -1.62 49.21
N GLY E 35 -16.41 -0.77 50.23
CA GLY E 35 -17.61 -0.48 50.99
C GLY E 35 -18.62 0.26 50.14
N GLY E 36 -18.18 1.33 49.48
CA GLY E 36 -19.08 2.10 48.63
C GLY E 36 -19.48 1.37 47.37
N LEU E 37 -18.69 0.39 46.94
CA LEU E 37 -19.07 -0.42 45.79
C LEU E 37 -20.17 -1.40 46.16
N PHE E 38 -20.08 -2.00 47.35
CA PHE E 38 -21.09 -2.97 47.76
C PHE E 38 -22.42 -2.30 48.06
N ILE E 39 -22.39 -1.05 48.53
CA ILE E 39 -23.62 -0.31 48.78
C ILE E 39 -24.39 -0.08 47.49
N ILE E 40 -23.67 0.22 46.40
CA ILE E 40 -24.31 0.39 45.10
C ILE E 40 -24.88 -0.93 44.60
N LEU E 41 -24.18 -2.04 44.87
CA LEU E 41 -24.68 -3.34 44.42
C LEU E 41 -25.88 -3.79 45.25
N LEU E 42 -25.81 -3.61 46.58
CA LEU E 42 -26.90 -4.09 47.42
C LEU E 42 -28.12 -3.19 47.32
N TRP E 43 -27.94 -1.90 47.06
CA TRP E 43 -29.09 -1.04 46.78
C TRP E 43 -29.71 -1.40 45.44
N ARG E 44 -28.91 -1.87 44.49
CA ARG E 44 -29.46 -2.43 43.27
C ARG E 44 -29.82 -3.91 43.43
N THR E 45 -29.54 -4.50 44.58
CA THR E 45 -30.08 -5.82 44.87
C THR E 45 -31.45 -5.72 45.51
N LEU E 46 -31.56 -4.91 46.57
CA LEU E 46 -32.79 -4.83 47.34
C LEU E 46 -33.90 -4.14 46.56
N LYS E 47 -33.56 -3.23 45.65
CA LYS E 47 -34.55 -2.62 44.78
C LYS E 47 -35.14 -3.66 43.83
N TYR E 48 -34.34 -4.65 43.43
CA TYR E 48 -34.84 -5.74 42.60
C TYR E 48 -35.09 -7.01 43.38
N LEU E 49 -35.08 -6.94 44.71
CA LEU E 49 -35.52 -8.03 45.56
C LEU E 49 -36.85 -7.73 46.24
N TRP E 50 -37.07 -6.48 46.64
CA TRP E 50 -38.36 -6.06 47.17
C TRP E 50 -39.45 -6.09 46.09
N THR E 51 -39.06 -6.00 44.81
CA THR E 51 -40.01 -6.13 43.73
C THR E 51 -40.47 -7.58 43.57
N VAL E 52 -39.64 -8.54 43.98
CA VAL E 52 -39.94 -9.95 43.81
C VAL E 52 -41.10 -10.37 44.72
N CYS E 53 -41.01 -10.01 46.00
CA CYS E 53 -42.04 -10.37 46.97
C CYS E 53 -43.32 -9.58 46.74
N TRP E 93 -38.03 13.85 46.72
CA TRP E 93 -37.67 14.90 45.78
C TRP E 93 -36.30 14.60 45.20
N MET E 94 -36.22 13.48 44.47
CA MET E 94 -35.03 13.09 43.74
C MET E 94 -35.03 13.60 42.31
N THR E 95 -35.97 14.48 41.97
CA THR E 95 -36.12 14.95 40.60
C THR E 95 -35.20 16.12 40.28
N SER E 96 -35.32 17.23 41.00
CA SER E 96 -34.54 18.42 40.69
C SER E 96 -33.11 18.31 41.21
N VAL E 97 -32.81 17.29 42.01
CA VAL E 97 -31.48 17.14 42.57
C VAL E 97 -30.44 16.80 41.51
N LYS E 98 -30.88 16.26 40.36
CA LYS E 98 -30.03 16.11 39.20
C LYS E 98 -30.04 17.34 38.31
N ASP E 99 -30.54 18.47 38.80
CA ASP E 99 -30.66 19.68 38.01
C ASP E 99 -30.06 20.90 38.67
N TRP E 100 -30.09 20.94 40.00
CA TRP E 100 -29.26 21.91 40.76
C TRP E 100 -27.81 21.84 40.26
N ALA E 101 -27.18 20.67 40.41
CA ALA E 101 -25.75 20.54 40.02
C ALA E 101 -25.59 19.71 38.74
N GLY E 102 -26.60 18.92 38.36
CA GLY E 102 -26.43 18.03 37.19
C GLY E 102 -26.17 18.85 35.94
N VAL E 103 -26.93 19.92 35.74
CA VAL E 103 -26.69 20.82 34.58
C VAL E 103 -25.33 21.48 34.77
N MET E 104 -25.00 21.87 36.02
CA MET E 104 -23.73 22.59 36.29
C MET E 104 -22.54 21.72 35.92
N ILE E 105 -22.61 20.42 36.21
CA ILE E 105 -21.50 19.46 35.90
C ILE E 105 -21.30 19.45 34.38
N SER E 106 -22.38 19.55 33.60
CA SER E 106 -22.27 19.45 32.12
C SER E 106 -21.32 20.51 31.58
N ALA E 107 -20.46 20.13 30.63
CA ALA E 107 -19.47 21.07 30.06
C ALA E 107 -20.18 22.20 29.30
N GLN E 108 -21.40 21.97 28.83
CA GLN E 108 -22.10 23.00 28.01
C GLN E 108 -22.26 24.28 28.84
N THR E 109 -22.58 24.14 30.13
CA THR E 109 -22.71 25.33 31.02
C THR E 109 -21.34 26.02 31.14
N LEU E 110 -21.32 27.36 31.09
CA LEU E 110 -20.06 28.13 31.21
C LEU E 110 -19.53 28.01 32.65
N THR E 111 -20.33 28.41 33.64
CA THR E 111 -20.01 28.11 35.03
C THR E 111 -19.47 26.69 35.18
N GLY E 112 -20.03 25.75 34.41
CA GLY E 112 -19.53 24.39 34.46
C GLY E 112 -18.13 24.25 33.87
N ARG E 113 -17.88 24.95 32.76
CA ARG E 113 -16.54 24.93 32.17
C ARG E 113 -15.51 25.59 33.08
N VAL E 114 -15.89 26.71 33.71
CA VAL E 114 -14.99 27.37 34.65
C VAL E 114 -14.75 26.49 35.88
N LEU E 115 -15.76 25.72 36.29
CA LEU E 115 -15.59 24.78 37.39
C LEU E 115 -14.62 23.67 37.03
N VAL E 116 -14.70 23.15 35.80
CA VAL E 116 -13.77 22.13 35.34
C VAL E 116 -12.36 22.69 35.25
N VAL E 117 -12.21 23.92 34.76
CA VAL E 117 -10.89 24.53 34.67
C VAL E 117 -10.30 24.79 36.06
N LEU E 118 -11.14 25.20 37.01
CA LEU E 118 -10.64 25.44 38.37
C LEU E 118 -10.27 24.15 39.07
N VAL E 119 -11.04 23.07 38.88
CA VAL E 119 -10.67 21.83 39.54
C VAL E 119 -9.44 21.22 38.89
N PHE E 120 -9.22 21.49 37.60
CA PHE E 120 -8.00 21.02 36.95
C PHE E 120 -6.79 21.80 37.43
N ALA E 121 -6.93 23.12 37.59
CA ALA E 121 -5.82 23.93 38.08
C ALA E 121 -5.48 23.59 39.51
N LEU E 122 -6.48 23.33 40.35
CA LEU E 122 -6.18 22.92 41.71
C LEU E 122 -5.64 21.50 41.76
N SER E 123 -5.95 20.67 40.76
CA SER E 123 -5.32 19.37 40.67
C SER E 123 -3.83 19.51 40.35
N ILE E 124 -3.49 20.44 39.45
CA ILE E 124 -2.09 20.75 39.20
C ILE E 124 -1.41 21.25 40.45
N GLY E 125 -2.10 22.08 41.22
CA GLY E 125 -1.55 22.58 42.48
C GLY E 125 -1.32 21.47 43.49
N ALA E 126 -2.24 20.52 43.57
CA ALA E 126 -2.04 19.35 44.44
C ALA E 126 -0.87 18.50 43.98
N LEU E 127 -0.67 18.41 42.66
CA LEU E 127 0.49 17.69 42.16
C LEU E 127 1.79 18.40 42.51
N VAL E 128 1.77 19.74 42.49
CA VAL E 128 2.95 20.49 42.90
C VAL E 128 3.20 20.31 44.40
N ILE E 129 2.14 20.21 45.20
CA ILE E 129 2.28 19.91 46.62
C ILE E 129 2.91 18.53 46.81
N TYR E 130 2.53 17.56 45.96
CA TYR E 130 3.17 16.26 45.98
C TYR E 130 4.65 16.36 45.62
N PHE E 131 4.98 17.19 44.64
CA PHE E 131 6.37 17.35 44.24
C PHE E 131 7.19 17.98 45.34
N ILE E 132 6.58 18.87 46.11
CA ILE E 132 7.26 19.45 47.27
C ILE E 132 7.44 18.40 48.35
N ASP E 133 6.39 17.64 48.65
CA ASP E 133 6.44 16.67 49.72
C ASP E 133 7.30 15.45 49.40
N SER E 134 7.67 15.25 48.14
CA SER E 134 8.56 14.16 47.79
C SER E 134 10.00 14.40 48.23
N SER E 135 10.34 15.58 48.74
CA SER E 135 11.69 15.87 49.23
C SER E 135 11.77 15.73 50.74
N ASN E 136 11.04 14.77 51.30
CA ASN E 136 10.90 14.62 52.74
C ASN E 136 11.04 13.14 53.10
N PRO E 137 11.15 12.77 54.40
CA PRO E 137 11.06 11.34 54.77
C PRO E 137 9.65 10.78 54.66
N ILE E 138 9.48 9.55 55.17
CA ILE E 138 8.26 8.78 54.96
C ILE E 138 7.06 9.46 55.61
N GLU E 139 7.22 9.88 56.86
CA GLU E 139 6.16 10.61 57.54
C GLU E 139 6.77 11.49 58.63
N SER E 140 5.98 12.45 59.10
CA SER E 140 6.39 13.33 60.19
C SER E 140 5.14 13.87 60.87
N CYS E 141 5.29 14.24 62.14
CA CYS E 141 4.19 14.70 62.96
C CYS E 141 4.10 16.22 62.91
N GLN E 142 2.89 16.74 62.70
CA GLN E 142 2.64 18.17 62.61
C GLN E 142 1.52 18.54 63.58
N ASN E 143 1.33 19.84 63.78
CA ASN E 143 0.09 20.34 64.37
C ASN E 143 -0.64 21.29 63.43
N PHE E 144 0.03 22.38 63.03
CA PHE E 144 -0.62 23.44 62.26
C PHE E 144 0.22 23.93 61.10
N TYR E 145 1.55 23.80 61.15
CA TYR E 145 2.45 24.33 60.13
C TYR E 145 3.80 23.67 60.29
N LYS E 146 4.33 23.17 59.19
CA LYS E 146 5.76 22.86 59.07
C LYS E 146 6.35 23.48 57.83
N ASP E 147 5.60 23.47 56.72
CA ASP E 147 5.98 24.17 55.51
C ASP E 147 4.72 24.78 54.87
N PHE E 148 3.76 25.17 55.72
CA PHE E 148 2.34 25.38 55.36
C PHE E 148 1.82 24.16 54.59
N THR E 149 2.07 22.99 55.15
CA THR E 149 2.06 21.75 54.38
C THR E 149 0.64 21.29 54.08
N LEU E 150 -0.11 20.93 55.12
CA LEU E 150 -1.45 20.42 54.95
C LEU E 150 -2.50 21.51 54.93
N GLN E 151 -2.09 22.75 55.22
CA GLN E 151 -3.05 23.84 55.39
C GLN E 151 -3.73 24.20 54.08
N ILE E 152 -3.02 24.07 52.97
CA ILE E 152 -3.60 24.39 51.67
C ILE E 152 -4.09 23.10 51.04
N ASP E 153 -3.50 21.98 51.47
CA ASP E 153 -3.88 20.68 50.94
C ASP E 153 -5.27 20.29 51.38
N MET E 154 -5.63 20.63 52.63
CA MET E 154 -6.97 20.38 53.14
C MET E 154 -8.00 21.18 52.35
N ALA E 155 -7.67 22.43 51.99
CA ALA E 155 -8.60 23.25 51.22
C ALA E 155 -8.80 22.70 49.81
N PHE E 156 -7.70 22.31 49.16
CA PHE E 156 -7.79 21.72 47.82
C PHE E 156 -8.60 20.44 47.84
N ASN E 157 -8.42 19.63 48.87
CA ASN E 157 -9.11 18.35 48.91
C ASN E 157 -10.55 18.48 49.35
N VAL E 158 -10.88 19.50 50.15
CA VAL E 158 -12.29 19.78 50.43
C VAL E 158 -13.00 20.25 49.16
N PHE E 159 -12.33 21.08 48.35
CA PHE E 159 -12.92 21.45 47.07
C PHE E 159 -13.04 20.26 46.14
N PHE E 160 -12.09 19.33 46.20
CA PHE E 160 -12.17 18.11 45.40
C PHE E 160 -13.35 17.24 45.85
N LEU E 161 -13.53 17.11 47.16
CA LEU E 161 -14.66 16.39 47.74
C LEU E 161 -15.98 16.99 47.29
N LEU E 162 -16.08 18.31 47.30
CA LEU E 162 -17.29 18.97 46.81
C LEU E 162 -17.46 18.76 45.32
N TYR E 163 -16.36 18.62 44.58
CA TYR E 163 -16.48 18.49 43.13
C TYR E 163 -16.93 17.10 42.72
N PHE E 164 -16.45 16.05 43.41
CA PHE E 164 -17.06 14.76 43.06
C PHE E 164 -18.25 14.47 43.93
N GLY E 165 -18.66 15.41 44.78
CA GLY E 165 -19.94 15.30 45.43
C GLY E 165 -21.08 15.64 44.50
N LEU E 166 -21.03 16.81 43.87
CA LEU E 166 -22.18 17.28 43.11
C LEU E 166 -22.30 16.58 41.77
N ARG E 167 -21.25 15.89 41.33
CA ARG E 167 -21.37 15.06 40.15
C ARG E 167 -21.62 13.60 40.48
N PHE E 168 -21.57 13.24 41.77
CA PHE E 168 -22.04 11.91 42.16
C PHE E 168 -23.55 11.84 42.07
N ILE E 169 -24.23 12.94 42.38
CA ILE E 169 -25.67 12.98 42.23
C ILE E 169 -26.04 13.17 40.76
N ALA E 170 -25.09 13.58 39.92
CA ALA E 170 -25.31 13.73 38.49
C ALA E 170 -25.16 12.41 37.73
N ALA E 171 -25.03 11.29 38.45
CA ALA E 171 -24.85 9.99 37.83
C ALA E 171 -26.19 9.47 37.35
N ASN E 172 -26.33 9.33 36.03
CA ASN E 172 -27.46 8.59 35.50
C ASN E 172 -27.36 7.12 35.86
N ASP E 173 -26.14 6.60 35.93
CA ASP E 173 -25.88 5.28 36.49
C ASP E 173 -24.95 5.45 37.68
N LYS E 174 -25.45 5.12 38.86
CA LYS E 174 -24.69 5.28 40.10
C LYS E 174 -23.47 4.36 40.13
N LEU E 175 -23.53 3.24 39.41
CA LEU E 175 -22.40 2.34 39.33
C LEU E 175 -21.37 2.77 38.29
N TRP E 176 -21.84 3.29 37.15
CA TRP E 176 -20.93 3.68 36.08
C TRP E 176 -20.06 4.85 36.49
N PHE E 177 -20.61 5.79 37.25
CA PHE E 177 -19.80 6.89 37.76
C PHE E 177 -18.78 6.40 38.78
N TRP E 178 -19.14 5.36 39.53
CA TRP E 178 -18.26 4.86 40.57
C TRP E 178 -17.01 4.20 40.01
N LEU E 179 -17.06 3.70 38.78
CA LEU E 179 -15.93 2.99 38.20
C LEU E 179 -15.31 3.70 37.02
N GLU E 180 -15.77 4.89 36.67
CA GLU E 180 -14.99 5.74 35.77
C GLU E 180 -13.75 6.19 36.51
N VAL E 181 -12.60 6.10 35.84
CA VAL E 181 -11.36 6.59 36.44
C VAL E 181 -11.30 8.08 36.10
N ASN E 182 -12.13 8.83 36.81
CA ASN E 182 -12.01 10.27 36.94
C ASN E 182 -12.33 10.71 38.35
N SER E 183 -12.98 9.85 39.14
CA SER E 183 -13.06 9.99 40.58
C SER E 183 -12.25 8.94 41.30
N VAL E 184 -11.77 7.92 40.59
CA VAL E 184 -10.82 6.97 41.17
C VAL E 184 -9.50 7.68 41.46
N VAL E 185 -9.09 8.58 40.56
CA VAL E 185 -8.00 9.51 40.86
C VAL E 185 -8.38 10.42 42.02
N ASP E 186 -9.62 10.89 42.06
CA ASP E 186 -10.10 11.76 43.14
C ASP E 186 -10.51 10.98 44.38
N PHE E 187 -10.07 9.73 44.49
CA PHE E 187 -10.66 8.80 45.42
C PHE E 187 -9.63 8.03 46.24
N PHE E 188 -8.43 7.81 45.73
CA PHE E 188 -7.32 7.34 46.54
C PHE E 188 -6.58 8.47 47.22
N THR E 189 -6.98 9.72 46.97
CA THR E 189 -6.30 10.87 47.52
C THR E 189 -7.03 11.50 48.69
N VAL E 190 -8.33 11.74 48.55
CA VAL E 190 -9.08 12.55 49.50
C VAL E 190 -9.31 11.87 50.84
N PRO E 191 -9.69 10.57 50.95
CA PRO E 191 -9.78 9.96 52.28
C PRO E 191 -8.44 9.83 53.00
N PRO E 192 -7.29 9.59 52.33
CA PRO E 192 -6.03 9.74 53.08
C PRO E 192 -5.74 11.15 53.54
N VAL E 193 -6.21 12.18 52.84
CA VAL E 193 -6.03 13.54 53.33
C VAL E 193 -6.89 13.77 54.58
N PHE E 194 -8.10 13.20 54.59
CA PHE E 194 -8.94 13.33 55.77
C PHE E 194 -8.36 12.56 56.96
N VAL E 195 -7.77 11.40 56.71
CA VAL E 195 -7.07 10.68 57.78
C VAL E 195 -5.85 11.46 58.24
N SER E 196 -5.17 12.14 57.31
CA SER E 196 -3.98 12.91 57.64
C SER E 196 -4.31 14.11 58.51
N VAL E 197 -5.45 14.76 58.25
CA VAL E 197 -5.83 15.88 59.10
C VAL E 197 -6.49 15.40 60.38
N TYR E 198 -7.03 14.17 60.39
CA TYR E 198 -7.53 13.58 61.63
C TYR E 198 -6.38 13.15 62.54
N LEU E 199 -5.21 12.89 61.98
CA LEU E 199 -4.08 12.42 62.76
C LEU E 199 -2.94 13.42 62.83
N ASN E 200 -3.03 14.53 62.10
CA ASN E 200 -2.05 15.63 62.10
C ASN E 200 -0.65 15.17 61.69
N ARG E 201 -0.58 14.14 60.86
CA ARG E 201 0.68 13.69 60.27
C ARG E 201 0.44 13.48 58.79
N SER E 202 1.50 13.55 58.00
CA SER E 202 1.39 13.40 56.56
C SER E 202 1.82 12.01 56.13
N TRP E 203 1.45 11.65 54.90
CA TRP E 203 1.96 10.44 54.31
C TRP E 203 2.03 10.61 52.80
N LEU E 204 3.17 10.23 52.24
CA LEU E 204 3.45 10.42 50.83
C LEU E 204 3.02 9.16 50.08
N GLY E 205 1.73 8.86 50.16
CA GLY E 205 1.26 7.60 49.64
C GLY E 205 0.87 7.68 48.19
N LEU E 206 -0.38 7.37 47.88
CA LEU E 206 -0.88 7.39 46.51
C LEU E 206 -1.33 8.79 46.12
N ARG E 207 -0.51 9.78 46.40
CA ARG E 207 -0.84 11.15 46.04
C ARG E 207 -0.39 11.49 44.64
N PHE E 208 0.51 10.68 44.09
CA PHE E 208 0.96 10.84 42.71
C PHE E 208 -0.12 10.51 41.70
N LEU E 209 -1.19 9.83 42.12
CA LEU E 209 -2.30 9.53 41.22
C LEU E 209 -3.04 10.78 40.77
N ARG E 210 -2.85 11.91 41.46
CA ARG E 210 -3.40 13.19 41.03
C ARG E 210 -2.85 13.60 39.67
N ALA E 211 -1.64 13.17 39.33
CA ALA E 211 -1.06 13.42 38.01
C ALA E 211 -1.81 12.70 36.90
N LEU E 212 -2.57 11.66 37.22
CA LEU E 212 -3.36 10.98 36.21
C LEU E 212 -4.53 11.83 35.73
N ARG E 213 -4.91 12.86 36.47
CA ARG E 213 -5.95 13.77 36.03
C ARG E 213 -5.46 14.76 34.97
N LEU E 214 -4.19 14.70 34.59
CA LEU E 214 -3.69 15.48 33.45
C LEU E 214 -4.23 15.01 32.11
N ILE E 215 -4.99 13.91 32.07
CA ILE E 215 -5.61 13.44 30.83
C ILE E 215 -6.67 14.41 30.32
N GLN E 216 -7.19 15.29 31.17
CA GLN E 216 -8.19 16.27 30.77
C GLN E 216 -7.58 17.57 30.26
N PHE E 217 -6.29 17.57 29.95
CA PHE E 217 -5.61 18.81 29.60
C PHE E 217 -6.05 19.33 28.25
N SER E 218 -6.27 18.42 27.29
CA SER E 218 -6.78 18.83 25.99
C SER E 218 -8.22 19.28 26.08
N GLU E 219 -8.99 18.69 27.01
CA GLU E 219 -10.37 19.09 27.16
C GLU E 219 -10.48 20.48 27.76
N ILE E 220 -9.65 20.80 28.74
CA ILE E 220 -9.72 22.14 29.31
C ILE E 220 -9.06 23.15 28.39
N LEU E 221 -8.06 22.72 27.61
CA LEU E 221 -7.39 23.64 26.70
C LEU E 221 -8.24 23.92 25.47
N GLN E 222 -9.19 23.03 25.17
CA GLN E 222 -10.18 23.33 24.15
C GLN E 222 -11.15 24.41 24.61
N PHE E 223 -11.38 24.50 25.93
CA PHE E 223 -12.35 25.47 26.46
C PHE E 223 -11.83 26.89 26.35
N LEU E 224 -10.53 27.08 26.40
CA LEU E 224 -9.93 28.40 26.34
C LEU E 224 -9.66 28.86 24.91
N ASN E 225 -10.22 28.14 23.92
CA ASN E 225 -10.12 28.46 22.49
C ASN E 225 -8.66 28.52 22.02
N ILE E 226 -7.80 27.72 22.64
CA ILE E 226 -6.41 27.67 22.24
C ILE E 226 -6.21 26.66 21.11
N LEU E 227 -6.92 25.54 21.19
CA LEU E 227 -6.84 24.49 20.18
C LEU E 227 -8.14 24.48 19.39
N LYS E 228 -8.02 24.56 18.07
CA LYS E 228 -9.18 24.54 17.18
C LYS E 228 -8.92 23.60 16.01
N THR E 229 -8.09 22.60 16.22
CA THR E 229 -7.66 21.71 15.15
C THR E 229 -7.65 20.29 15.68
N SER E 230 -8.18 19.35 14.89
CA SER E 230 -8.33 17.98 15.35
C SER E 230 -6.98 17.29 15.46
N ASN E 231 -6.03 17.67 14.61
CA ASN E 231 -4.66 17.20 14.77
C ASN E 231 -4.08 17.71 16.08
N SER E 232 -4.39 18.96 16.43
CA SER E 232 -3.89 19.52 17.69
C SER E 232 -4.53 18.86 18.89
N ILE E 233 -5.83 18.58 18.81
CA ILE E 233 -6.54 17.89 19.89
C ILE E 233 -5.98 16.48 20.07
N LYS E 234 -5.76 15.77 18.98
CA LYS E 234 -5.22 14.42 19.07
C LYS E 234 -3.79 14.41 19.56
N LEU E 235 -3.00 15.41 19.16
CA LEU E 235 -1.61 15.51 19.59
C LEU E 235 -1.52 15.81 21.09
N VAL E 236 -2.35 16.72 21.57
CA VAL E 236 -2.31 17.05 23.00
C VAL E 236 -2.89 15.90 23.81
N ASN E 237 -3.83 15.13 23.25
CA ASN E 237 -4.29 13.91 23.92
C ASN E 237 -3.17 12.89 24.06
N LEU E 238 -2.37 12.70 23.00
CA LEU E 238 -1.27 11.75 23.07
C LEU E 238 -0.20 12.20 24.05
N LEU E 239 0.18 13.48 23.99
CA LEU E 239 1.20 13.97 24.91
C LEU E 239 0.70 13.97 26.34
N SER E 240 -0.60 14.19 26.54
CA SER E 240 -1.16 14.18 27.89
C SER E 240 -1.20 12.79 28.47
N ILE E 241 -1.61 11.80 27.67
CA ILE E 241 -1.63 10.44 28.20
C ILE E 241 -0.21 9.91 28.41
N PHE E 242 0.74 10.37 27.59
CA PHE E 242 2.13 9.98 27.78
C PHE E 242 2.71 10.55 29.07
N ILE E 243 2.57 11.86 29.27
CA ILE E 243 3.12 12.50 30.45
C ILE E 243 2.42 12.03 31.72
N SER E 244 1.10 11.81 31.65
CA SER E 244 0.37 11.36 32.82
C SER E 244 0.74 9.93 33.20
N THR E 245 0.85 9.04 32.21
CA THR E 245 1.28 7.68 32.48
C THR E 245 2.70 7.65 33.03
N TRP E 246 3.57 8.49 32.48
CA TRP E 246 4.97 8.50 32.89
C TRP E 246 5.13 9.02 34.32
N LEU E 247 4.46 10.12 34.66
CA LEU E 247 4.54 10.64 36.02
C LEU E 247 3.87 9.73 37.02
N THR E 248 2.78 9.07 36.63
CA THR E 248 2.09 8.16 37.52
C THR E 248 2.94 6.93 37.84
N ALA E 249 3.54 6.34 36.80
CA ALA E 249 4.38 5.19 37.04
C ALA E 249 5.65 5.57 37.79
N ALA E 250 6.16 6.78 37.56
CA ALA E 250 7.30 7.26 38.31
C ALA E 250 6.96 7.42 39.78
N GLY E 251 5.77 7.94 40.08
CA GLY E 251 5.34 8.00 41.47
C GLY E 251 5.18 6.65 42.11
N PHE E 252 4.71 5.66 41.33
CA PHE E 252 4.55 4.31 41.84
C PHE E 252 5.89 3.69 42.24
N ILE E 253 6.84 3.69 41.31
CA ILE E 253 8.10 3.05 41.62
C ILE E 253 8.95 3.92 42.56
N HIS E 254 8.66 5.22 42.66
CA HIS E 254 9.18 6.03 43.75
C HIS E 254 8.69 5.52 45.09
N LEU E 255 7.39 5.26 45.19
CA LEU E 255 6.80 4.77 46.43
C LEU E 255 7.34 3.41 46.80
N VAL E 256 7.59 2.57 45.80
CA VAL E 256 8.17 1.26 46.07
C VAL E 256 9.61 1.39 46.56
N GLU E 257 10.41 2.21 45.88
CA GLU E 257 11.83 2.25 46.20
C GLU E 257 12.16 3.07 47.44
N ASN E 258 11.29 3.99 47.86
CA ASN E 258 11.52 4.66 49.14
C ASN E 258 11.41 3.67 50.29
N SER E 259 10.40 2.82 50.25
CA SER E 259 10.34 1.71 51.17
C SER E 259 11.25 0.60 50.70
N GLY E 260 11.28 -0.51 51.44
CA GLY E 260 12.06 -1.66 51.08
C GLY E 260 11.18 -2.85 50.73
N ASP E 261 11.85 -3.93 50.39
CA ASP E 261 11.18 -5.21 50.30
C ASP E 261 10.74 -5.61 51.71
N PRO E 262 9.45 -5.84 51.94
CA PRO E 262 8.98 -6.05 53.31
C PRO E 262 9.43 -7.36 53.92
N TRP E 263 9.68 -8.38 53.11
CA TRP E 263 10.30 -9.60 53.60
C TRP E 263 11.77 -9.39 53.94
N GLU E 264 12.39 -8.34 53.40
CA GLU E 264 13.70 -7.91 53.85
C GLU E 264 13.61 -6.89 54.97
N ASN E 265 12.43 -6.76 55.58
CA ASN E 265 12.16 -5.89 56.73
C ASN E 265 12.48 -4.44 56.44
N PHE E 266 12.20 -4.02 55.19
CA PHE E 266 12.33 -2.63 54.74
C PHE E 266 13.76 -2.11 54.90
N GLN E 267 14.73 -3.00 54.68
CA GLN E 267 16.13 -2.64 54.88
C GLN E 267 16.86 -2.32 53.60
N ASN E 268 16.40 -2.83 52.46
CA ASN E 268 17.02 -2.51 51.19
C ASN E 268 16.35 -1.31 50.51
N ASN E 269 16.18 -0.23 51.24
CA ASN E 269 15.58 0.95 50.67
C ASN E 269 16.59 1.69 49.80
N GLN E 270 16.12 2.20 48.67
CA GLN E 270 16.94 2.97 47.76
C GLN E 270 16.44 4.40 47.80
N ALA E 271 17.21 5.29 48.43
CA ALA E 271 16.76 6.66 48.66
C ALA E 271 16.82 7.43 47.34
N LEU E 272 15.80 7.22 46.52
CA LEU E 272 15.69 7.95 45.27
C LEU E 272 14.83 9.19 45.46
N THR E 273 15.25 10.27 44.82
CA THR E 273 14.35 11.40 44.65
C THR E 273 13.26 10.99 43.67
N TYR E 274 12.13 11.68 43.74
CA TYR E 274 11.09 11.49 42.72
C TYR E 274 11.62 11.81 41.34
N TRP E 275 12.46 12.83 41.21
CA TRP E 275 12.91 13.23 39.89
C TRP E 275 14.03 12.36 39.39
N GLU E 276 14.85 11.80 40.29
CA GLU E 276 15.75 10.71 39.91
C GLU E 276 14.97 9.55 39.32
N CYS E 277 13.81 9.27 39.89
CA CYS E 277 12.98 8.18 39.42
C CYS E 277 12.34 8.52 38.08
N VAL E 278 11.99 9.79 37.88
CA VAL E 278 11.51 10.28 36.59
C VAL E 278 12.57 10.11 35.51
N TYR E 279 13.82 10.45 35.85
CA TYR E 279 14.95 10.21 34.96
C TYR E 279 15.12 8.73 34.66
N LEU E 280 14.92 7.88 35.67
CA LEU E 280 14.99 6.43 35.49
C LEU E 280 13.97 5.95 34.47
N LEU E 281 12.74 6.42 34.56
CA LEU E 281 11.73 5.95 33.61
C LEU E 281 11.91 6.54 32.22
N MET E 282 12.46 7.74 32.09
CA MET E 282 12.74 8.23 30.75
C MET E 282 13.92 7.50 30.12
N VAL E 283 14.91 7.14 30.91
CA VAL E 283 16.00 6.33 30.38
C VAL E 283 15.52 4.92 30.06
N THR E 284 14.53 4.43 30.81
CA THR E 284 14.04 3.08 30.58
C THR E 284 13.17 2.97 29.33
N MET E 285 12.13 3.82 29.24
CA MET E 285 11.15 3.69 28.15
C MET E 285 11.76 3.93 26.78
N SER E 286 12.84 4.69 26.69
CA SER E 286 13.51 4.93 25.43
C SER E 286 14.54 3.86 25.11
N THR E 287 14.61 2.81 25.93
CA THR E 287 15.54 1.68 25.81
C THR E 287 17.00 2.14 25.74
N VAL E 288 17.32 3.16 26.51
CA VAL E 288 18.69 3.63 26.57
C VAL E 288 19.41 2.84 27.66
N GLY E 289 18.89 2.92 28.88
CA GLY E 289 19.35 2.08 29.97
C GLY E 289 20.78 2.28 30.43
N TYR E 290 21.09 3.42 31.05
CA TYR E 290 22.47 3.69 31.44
C TYR E 290 22.93 2.77 32.56
N GLY E 291 22.06 2.45 33.50
CA GLY E 291 22.47 1.62 34.60
C GLY E 291 23.12 2.36 35.75
N ASP E 292 23.23 3.69 35.64
CA ASP E 292 23.66 4.49 36.78
C ASP E 292 22.61 4.50 37.87
N VAL E 293 21.34 4.56 37.48
CA VAL E 293 20.20 4.49 38.38
C VAL E 293 19.36 3.30 37.95
N TYR E 294 19.01 2.44 38.90
CA TYR E 294 18.21 1.27 38.62
C TYR E 294 17.56 0.82 39.92
N ALA E 295 16.51 0.01 39.80
CA ALA E 295 15.78 -0.47 40.96
C ALA E 295 16.55 -1.60 41.61
N LYS E 296 16.84 -1.46 42.90
CA LYS E 296 17.57 -2.49 43.63
C LYS E 296 16.68 -3.35 44.51
N THR E 297 15.37 -3.14 44.49
CA THR E 297 14.46 -3.96 45.27
C THR E 297 13.75 -4.94 44.37
N THR E 298 13.40 -6.09 44.95
CA THR E 298 12.76 -7.17 44.21
C THR E 298 11.39 -6.75 43.69
N LEU E 299 10.60 -6.09 44.53
CA LEU E 299 9.33 -5.53 44.08
C LEU E 299 9.56 -4.42 43.06
N GLY E 300 10.65 -3.68 43.20
CA GLY E 300 10.98 -2.68 42.21
C GLY E 300 11.35 -3.26 40.86
N ARG E 301 12.15 -4.32 40.86
CA ARG E 301 12.49 -5.01 39.63
C ARG E 301 11.25 -5.61 38.98
N LEU E 302 10.32 -6.11 39.80
CA LEU E 302 9.09 -6.67 39.29
C LEU E 302 8.23 -5.60 38.61
N PHE E 303 8.11 -4.43 39.23
CA PHE E 303 7.36 -3.36 38.57
C PHE E 303 8.08 -2.85 37.33
N MET E 304 9.41 -2.85 37.33
CA MET E 304 10.10 -2.41 36.12
C MET E 304 9.91 -3.39 34.98
N VAL E 305 9.82 -4.68 35.27
CA VAL E 305 9.48 -5.67 34.25
C VAL E 305 8.07 -5.41 33.71
N PHE E 306 7.12 -5.22 34.62
CA PHE E 306 5.74 -4.98 34.21
C PHE E 306 5.61 -3.68 33.43
N PHE E 307 6.39 -2.67 33.78
CA PHE E 307 6.24 -1.40 33.08
C PHE E 307 7.01 -1.38 31.77
N ILE E 308 8.07 -2.17 31.63
CA ILE E 308 8.68 -2.32 30.30
C ILE E 308 7.72 -3.04 29.37
N LEU E 309 7.03 -4.06 29.88
CA LEU E 309 6.03 -4.73 29.05
C LEU E 309 4.83 -3.84 28.75
N GLY E 310 4.41 -3.02 29.71
CA GLY E 310 3.31 -2.12 29.46
C GLY E 310 3.69 -0.98 28.53
N GLY E 311 4.93 -0.52 28.62
CA GLY E 311 5.39 0.54 27.74
C GLY E 311 5.55 0.05 26.31
N LEU E 312 6.05 -1.17 26.14
CA LEU E 312 6.10 -1.72 24.79
C LEU E 312 4.73 -2.15 24.31
N ALA E 313 3.79 -2.35 25.22
CA ALA E 313 2.41 -2.64 24.80
C ALA E 313 1.77 -1.40 24.20
N MET E 314 1.68 -0.32 24.96
CA MET E 314 1.02 0.87 24.46
C MET E 314 1.93 1.74 23.59
N PHE E 315 3.12 1.27 23.23
CA PHE E 315 3.83 1.88 22.11
C PHE E 315 3.61 1.13 20.82
N ALA E 316 3.35 -0.16 20.88
CA ALA E 316 3.09 -0.94 19.69
C ALA E 316 1.61 -1.05 19.37
N SER E 317 0.74 -0.61 20.27
CA SER E 317 -0.68 -0.78 20.07
C SER E 317 -1.49 0.49 20.22
N TYR E 318 -1.01 1.48 20.96
CA TYR E 318 -1.79 2.68 21.21
C TYR E 318 -1.37 3.80 20.27
N VAL E 319 -0.12 4.22 20.35
CA VAL E 319 0.36 5.30 19.49
C VAL E 319 0.64 4.98 18.02
N PRO E 320 1.17 3.82 17.58
CA PRO E 320 1.84 3.80 16.27
C PRO E 320 0.89 3.82 15.09
N GLU E 321 -0.41 3.71 15.32
CA GLU E 321 -1.42 3.99 14.31
C GLU E 321 -2.04 5.35 14.51
N ILE E 322 -1.72 6.01 15.61
CA ILE E 322 -2.12 7.40 15.83
C ILE E 322 -0.96 8.35 15.59
N ILE E 323 0.29 7.89 15.80
CA ILE E 323 1.45 8.61 15.30
C ILE E 323 1.39 8.73 13.78
N GLU E 324 1.06 7.64 13.12
CA GLU E 324 1.01 7.64 11.66
C GLU E 324 -0.26 8.27 11.10
N LEU E 325 -1.16 8.77 11.95
CA LEU E 325 -2.16 9.70 11.46
C LEU E 325 -1.62 11.12 11.39
N ILE E 326 -0.46 11.38 11.99
CA ILE E 326 0.12 12.71 12.04
C ILE E 326 1.42 12.64 11.26
N GLY E 327 1.42 11.85 10.20
CA GLY E 327 2.62 11.69 9.40
C GLY E 327 2.41 11.86 7.91
N ASN E 328 1.17 12.07 7.49
CA ASN E 328 0.86 12.15 6.06
C ASN E 328 1.20 13.55 5.54
N ARG E 329 2.06 13.61 4.54
CA ARG E 329 2.37 14.86 3.86
C ARG E 329 2.28 14.64 2.35
N LYS E 330 1.85 15.69 1.66
CA LYS E 330 1.76 15.68 0.20
C LYS E 330 2.91 16.49 -0.36
N LYS E 331 3.59 15.95 -1.36
CA LYS E 331 4.87 16.47 -1.81
C LYS E 331 4.75 17.45 -2.96
N TYR E 332 3.53 17.87 -3.33
CA TYR E 332 3.36 18.90 -4.35
C TYR E 332 2.29 19.86 -3.84
N GLY E 333 2.72 20.87 -3.13
CA GLY E 333 1.82 21.90 -2.64
C GLY E 333 2.60 23.15 -2.46
N GLY E 334 2.14 24.01 -1.56
CA GLY E 334 2.84 25.24 -1.33
C GLY E 334 2.65 26.21 -2.49
N SER E 335 3.59 27.14 -2.61
CA SER E 335 3.50 28.17 -3.63
C SER E 335 4.87 28.34 -4.26
N TYR E 336 4.96 29.30 -5.17
CA TYR E 336 6.18 29.59 -5.89
C TYR E 336 6.92 30.75 -5.25
N SER E 337 8.21 30.56 -5.00
CA SER E 337 9.06 31.62 -4.49
C SER E 337 9.37 32.59 -5.61
N ALA E 338 8.83 33.81 -5.51
CA ALA E 338 9.06 34.83 -6.52
C ALA E 338 10.49 35.37 -6.37
N VAL E 339 11.42 34.76 -7.08
CA VAL E 339 12.79 35.25 -7.12
C VAL E 339 12.86 36.43 -8.07
N SER E 340 13.43 37.54 -7.60
CA SER E 340 13.50 38.73 -8.42
C SER E 340 14.50 38.56 -9.55
N GLY E 341 14.11 38.99 -10.75
CA GLY E 341 14.89 38.80 -11.93
C GLY E 341 14.57 37.55 -12.72
N ARG E 342 13.95 36.56 -12.08
CA ARG E 342 13.58 35.31 -12.74
C ARG E 342 12.14 35.44 -13.20
N LYS E 343 11.94 35.71 -14.48
CA LYS E 343 10.61 35.67 -15.06
C LYS E 343 10.19 34.22 -15.17
N HIS E 344 9.14 33.82 -14.46
CA HIS E 344 8.75 32.42 -14.51
C HIS E 344 7.56 32.23 -15.42
N ILE E 345 7.50 31.09 -16.10
CA ILE E 345 6.38 30.71 -16.95
C ILE E 345 5.57 29.66 -16.19
N VAL E 346 4.26 29.86 -16.13
CA VAL E 346 3.35 28.82 -15.69
C VAL E 346 2.94 28.00 -16.91
N VAL E 347 3.20 26.71 -16.86
CA VAL E 347 2.77 25.79 -17.92
C VAL E 347 1.67 24.93 -17.35
N CYS E 348 0.52 24.95 -18.02
CA CYS E 348 -0.68 24.19 -17.59
C CYS E 348 -1.12 23.29 -18.74
N GLY E 349 -2.39 22.88 -18.73
CA GLY E 349 -2.90 22.01 -19.81
C GLY E 349 -2.53 20.57 -19.55
N HIS E 350 -2.76 19.70 -20.53
CA HIS E 350 -2.37 18.28 -20.36
C HIS E 350 -0.85 18.23 -20.18
N ILE E 351 -0.39 17.56 -19.12
CA ILE E 351 1.07 17.47 -18.85
C ILE E 351 1.44 15.99 -18.73
N THR E 352 2.41 15.54 -19.53
CA THR E 352 2.83 14.11 -19.53
C THR E 352 4.29 14.06 -19.95
N LEU E 353 4.92 12.91 -19.81
CA LEU E 353 6.37 12.83 -20.11
C LEU E 353 6.57 13.23 -21.58
N GLU E 354 5.67 12.78 -22.45
CA GLU E 354 5.76 13.07 -23.90
C GLU E 354 5.63 14.58 -24.15
N SER E 355 4.49 15.17 -23.79
CA SER E 355 4.26 16.61 -24.11
C SER E 355 5.29 17.48 -23.39
N VAL E 356 5.53 17.21 -22.10
CA VAL E 356 6.47 18.06 -21.32
C VAL E 356 7.89 17.91 -21.87
N SER E 357 8.32 16.70 -22.24
CA SER E 357 9.74 16.51 -22.62
C SER E 357 10.12 17.38 -23.81
N ASN E 358 9.31 17.43 -24.86
CA ASN E 358 9.76 18.19 -26.06
C ASN E 358 9.89 19.66 -25.68
N PHE E 359 8.90 20.19 -24.95
CA PHE E 359 8.92 21.64 -24.61
C PHE E 359 10.14 21.91 -23.73
N LEU E 360 10.39 21.05 -22.75
CA LEU E 360 11.52 21.29 -21.82
C LEU E 360 12.81 21.26 -22.63
N LYS E 361 12.94 20.31 -23.55
CA LYS E 361 14.20 20.17 -24.31
C LYS E 361 14.43 21.46 -25.11
N ASP E 362 13.41 21.96 -25.81
CA ASP E 362 13.67 23.17 -26.64
C ASP E 362 13.91 24.37 -25.73
N PHE E 363 13.10 24.54 -24.68
CA PHE E 363 13.22 25.71 -23.78
C PHE E 363 14.54 25.67 -23.01
N LEU E 364 14.96 24.49 -22.55
CA LEU E 364 16.17 24.39 -21.70
C LEU E 364 17.38 23.97 -22.54
N HIS E 365 17.28 24.08 -23.86
CA HIS E 365 18.41 23.71 -24.76
C HIS E 365 19.63 24.56 -24.41
N LYS E 366 20.83 23.98 -24.48
CA LYS E 366 22.06 24.71 -24.09
C LYS E 366 22.23 25.94 -24.98
N ASP E 367 21.90 25.82 -26.27
CA ASP E 367 22.08 26.93 -27.23
C ASP E 367 21.18 28.11 -26.84
N ARG E 368 20.17 27.87 -26.01
CA ARG E 368 19.27 28.95 -25.55
C ARG E 368 20.10 29.95 -24.74
N ASP E 369 21.30 29.54 -24.30
CA ASP E 369 22.24 30.44 -23.56
C ASP E 369 21.61 30.96 -22.26
N ASP E 370 21.68 32.27 -22.01
CA ASP E 370 21.21 32.79 -20.71
C ASP E 370 19.77 33.27 -20.78
N VAL E 371 18.84 32.50 -20.22
CA VAL E 371 17.42 32.95 -20.12
C VAL E 371 17.00 32.75 -18.67
N ASN E 372 16.65 33.83 -17.97
CA ASN E 372 16.19 33.69 -16.56
C ASN E 372 14.69 33.40 -16.56
N VAL E 373 14.29 32.26 -17.11
CA VAL E 373 12.85 31.87 -17.08
C VAL E 373 12.75 30.52 -16.37
N GLU E 374 11.91 30.44 -15.35
CA GLU E 374 11.73 29.16 -14.61
C GLU E 374 10.35 28.60 -14.99
N ILE E 375 10.32 27.35 -15.47
CA ILE E 375 9.03 26.79 -15.93
C ILE E 375 8.33 26.19 -14.71
N VAL E 376 7.13 26.70 -14.39
CA VAL E 376 6.34 26.15 -13.24
C VAL E 376 5.16 25.40 -13.84
N PHE E 377 4.98 24.13 -13.49
CA PHE E 377 3.90 23.33 -14.12
C PHE E 377 2.77 23.12 -13.12
N LEU E 378 1.55 23.49 -13.49
CA LEU E 378 0.38 23.24 -12.61
C LEU E 378 -0.52 22.20 -13.28
N HIS E 379 -0.66 21.02 -12.66
CA HIS E 379 -1.55 19.97 -13.22
C HIS E 379 -2.24 19.25 -12.05
N ASN E 380 -3.52 18.91 -12.21
CA ASN E 380 -4.26 18.19 -11.15
C ASN E 380 -3.64 16.81 -10.92
N ILE E 381 -3.29 16.10 -11.99
CA ILE E 381 -2.74 14.72 -11.85
C ILE E 381 -1.33 14.77 -11.29
N SER E 382 -1.03 13.91 -10.32
CA SER E 382 0.34 13.83 -9.74
C SER E 382 1.30 13.24 -10.78
N PRO E 383 2.57 13.70 -10.85
CA PRO E 383 3.51 13.21 -11.85
C PRO E 383 3.86 11.72 -11.65
N ASN E 384 4.02 10.97 -12.75
CA ASN E 384 4.41 9.54 -12.67
C ASN E 384 5.93 9.45 -12.47
N LEU E 385 6.47 8.23 -12.30
CA LEU E 385 7.88 8.12 -11.97
C LEU E 385 8.79 8.66 -13.06
N GLU E 386 8.37 8.53 -14.33
CA GLU E 386 9.15 9.11 -15.41
C GLU E 386 9.12 10.63 -15.33
N LEU E 387 7.96 11.20 -14.98
CA LEU E 387 7.88 12.63 -14.73
C LEU E 387 8.69 13.05 -13.52
N GLU E 388 8.75 12.21 -12.49
CA GLU E 388 9.52 12.58 -11.32
C GLU E 388 11.01 12.57 -11.63
N ALA E 389 11.45 11.64 -12.48
CA ALA E 389 12.83 11.65 -12.93
C ALA E 389 13.12 12.88 -13.79
N LEU E 390 12.21 13.21 -14.70
CA LEU E 390 12.42 14.34 -15.59
C LEU E 390 12.39 15.67 -14.84
N PHE E 391 11.55 15.78 -13.81
CA PHE E 391 11.56 16.98 -12.99
C PHE E 391 12.77 17.01 -12.07
N LYS E 392 13.30 15.85 -11.70
CA LYS E 392 14.54 15.79 -10.95
C LYS E 392 15.76 15.75 -11.85
N ARG E 393 15.60 16.08 -13.13
CA ARG E 393 16.74 16.45 -13.95
C ARG E 393 16.93 17.95 -14.04
N HIS E 394 16.05 18.74 -13.43
CA HIS E 394 16.14 20.20 -13.51
C HIS E 394 15.68 20.77 -12.17
N PHE E 395 16.60 21.38 -11.43
CA PHE E 395 16.36 21.73 -10.03
C PHE E 395 15.93 23.17 -9.87
N THR E 396 16.79 24.10 -10.27
CA THR E 396 16.54 25.52 -10.20
C THR E 396 15.79 26.03 -11.41
N GLN E 397 15.14 25.14 -12.16
CA GLN E 397 14.72 25.46 -13.50
C GLN E 397 13.27 25.05 -13.72
N VAL E 398 12.83 24.00 -13.03
CA VAL E 398 11.50 23.42 -13.23
C VAL E 398 10.91 23.09 -11.87
N GLU E 399 9.72 23.62 -11.59
CA GLU E 399 8.99 23.23 -10.40
C GLU E 399 7.59 22.77 -10.79
N PHE E 400 7.15 21.68 -10.17
CA PHE E 400 5.81 21.17 -10.36
C PHE E 400 4.97 21.54 -9.15
N TYR E 401 3.70 21.82 -9.39
CA TYR E 401 2.73 22.06 -8.34
C TYR E 401 1.45 21.35 -8.70
N GLN E 402 0.77 20.83 -7.70
CA GLN E 402 -0.48 20.11 -7.93
C GLN E 402 -1.64 21.08 -7.76
N GLY E 403 -2.55 21.07 -8.71
CA GLY E 403 -3.68 21.98 -8.69
C GLY E 403 -4.12 22.30 -10.09
N SER E 404 -5.31 22.88 -10.19
CA SER E 404 -5.89 23.26 -11.47
C SER E 404 -5.61 24.73 -11.75
N VAL E 405 -5.90 25.13 -12.97
CA VAL E 405 -5.99 26.55 -13.30
C VAL E 405 -7.42 27.02 -13.34
N LEU E 406 -8.35 26.19 -12.84
CA LEU E 406 -9.77 26.61 -12.81
C LEU E 406 -10.10 27.05 -11.38
N ASN E 407 -9.09 27.04 -10.50
CA ASN E 407 -9.29 27.52 -9.11
C ASN E 407 -8.41 28.77 -8.93
N PRO E 408 -8.95 29.90 -8.45
CA PRO E 408 -8.17 31.14 -8.34
C PRO E 408 -6.99 30.98 -7.39
N HIS E 409 -7.20 30.22 -6.30
CA HIS E 409 -6.12 30.05 -5.29
C HIS E 409 -4.90 29.38 -5.93
N ASP E 410 -5.14 28.38 -6.78
CA ASP E 410 -4.03 27.66 -7.46
C ASP E 410 -3.29 28.64 -8.38
N LEU E 411 -4.02 29.52 -9.06
CA LEU E 411 -3.37 30.53 -9.93
C LEU E 411 -2.50 31.44 -9.04
N ALA E 412 -3.01 31.81 -7.87
CA ALA E 412 -2.22 32.65 -6.94
C ALA E 412 -0.98 31.86 -6.48
N ARG E 413 -1.14 30.56 -6.20
CA ARG E 413 -0.02 29.73 -5.72
C ARG E 413 1.07 29.67 -6.77
N VAL E 414 0.69 29.58 -8.05
CA VAL E 414 1.70 29.54 -9.16
C VAL E 414 2.11 30.97 -9.51
N LYS E 415 1.56 31.98 -8.82
CA LYS E 415 1.94 33.39 -9.06
C LYS E 415 1.70 33.74 -10.52
N ILE E 416 0.53 33.38 -11.05
CA ILE E 416 0.22 33.63 -12.49
C ILE E 416 0.28 35.13 -12.79
N GLU E 417 -0.18 35.98 -11.86
CA GLU E 417 -0.23 37.43 -12.15
C GLU E 417 1.17 37.95 -12.46
N SER E 418 2.17 37.53 -11.68
CA SER E 418 3.57 37.97 -11.90
C SER E 418 4.23 37.15 -13.01
N ALA E 419 3.61 36.03 -13.41
CA ALA E 419 4.22 35.14 -14.43
C ALA E 419 4.33 35.86 -15.77
N ASP E 420 5.46 35.69 -16.46
CA ASP E 420 5.69 36.38 -17.76
C ASP E 420 4.66 35.93 -18.79
N ALA E 421 4.42 34.62 -18.87
CA ALA E 421 3.42 34.07 -19.82
C ALA E 421 2.92 32.71 -19.35
N CYS E 422 1.76 32.27 -19.85
CA CYS E 422 1.26 30.92 -19.50
C CYS E 422 1.09 30.11 -20.80
N LEU E 423 1.67 28.91 -20.83
CA LEU E 423 1.56 28.07 -22.05
C LEU E 423 0.64 26.89 -21.74
N ILE E 424 -0.41 26.72 -22.54
CA ILE E 424 -1.40 25.64 -22.29
C ILE E 424 -1.14 24.53 -23.32
N LEU E 425 -0.86 23.31 -22.84
CA LEU E 425 -0.52 22.19 -23.76
C LEU E 425 -1.72 21.25 -23.82
N ALA E 426 -2.17 20.89 -25.02
CA ALA E 426 -3.36 20.03 -25.16
C ALA E 426 -2.91 18.61 -25.50
N ASN E 427 -3.52 17.60 -24.88
CA ASN E 427 -3.15 16.21 -25.27
C ASN E 427 -3.51 16.07 -26.75
N LYS E 428 -2.53 15.67 -27.57
CA LYS E 428 -2.77 15.51 -29.02
C LYS E 428 -3.78 14.38 -29.21
N TYR E 429 -3.65 13.32 -28.41
CA TYR E 429 -4.53 12.14 -28.56
C TYR E 429 -5.63 12.21 -27.50
N CYS E 430 -6.89 12.29 -27.95
CA CYS E 430 -8.04 12.32 -27.01
C CYS E 430 -9.26 11.72 -27.72
N ALA E 431 -10.24 11.25 -26.95
CA ALA E 431 -11.43 10.61 -27.57
C ALA E 431 -12.19 11.64 -28.41
N ASP E 432 -12.37 12.86 -27.89
CA ASP E 432 -13.03 13.93 -28.68
C ASP E 432 -12.09 15.13 -28.79
N PRO E 433 -11.74 15.58 -30.01
CA PRO E 433 -10.90 16.77 -30.15
C PRO E 433 -11.62 18.02 -29.63
N ASP E 434 -12.90 18.17 -29.95
CA ASP E 434 -13.64 19.40 -29.57
C ASP E 434 -13.66 19.54 -28.04
N ALA E 435 -13.87 18.44 -27.33
CA ALA E 435 -13.99 18.53 -25.86
C ALA E 435 -12.69 19.09 -25.27
N GLU E 436 -11.54 18.61 -25.75
CA GLU E 436 -10.25 19.08 -25.18
C GLU E 436 -10.10 20.55 -25.52
N ASP E 437 -10.35 20.90 -26.77
CA ASP E 437 -10.27 22.29 -27.22
C ASP E 437 -11.13 23.20 -26.34
N ALA E 438 -12.32 22.73 -25.96
CA ALA E 438 -13.16 23.55 -25.08
C ALA E 438 -12.59 23.61 -23.67
N SER E 439 -11.87 22.57 -23.24
CA SER E 439 -11.23 22.62 -21.94
C SER E 439 -10.08 23.63 -21.94
N ASN E 440 -9.31 23.67 -23.02
CA ASN E 440 -8.23 24.65 -23.11
C ASN E 440 -8.78 26.06 -23.21
N ILE E 441 -9.91 26.24 -23.89
CA ILE E 441 -10.54 27.54 -23.94
C ILE E 441 -11.05 27.95 -22.57
N MET E 442 -11.57 26.98 -21.80
CA MET E 442 -11.96 27.23 -20.41
C MET E 442 -10.77 27.67 -19.57
N ARG E 443 -9.61 27.05 -19.78
CA ARG E 443 -8.42 27.43 -19.03
C ARG E 443 -7.97 28.84 -19.40
N VAL E 444 -8.04 29.19 -20.69
CA VAL E 444 -7.75 30.55 -21.14
C VAL E 444 -8.68 31.54 -20.47
N ILE E 445 -9.98 31.22 -20.41
CA ILE E 445 -10.96 32.13 -19.81
C ILE E 445 -10.69 32.33 -18.34
N SER E 446 -10.29 31.26 -17.64
CA SER E 446 -9.98 31.37 -16.23
C SER E 446 -8.76 32.23 -15.97
N ILE E 447 -7.71 32.05 -16.78
CA ILE E 447 -6.49 32.81 -16.55
C ILE E 447 -6.68 34.28 -16.93
N LYS E 448 -7.36 34.54 -18.05
CA LYS E 448 -7.62 35.91 -18.44
C LYS E 448 -8.64 36.59 -17.53
N ASN E 449 -9.46 35.82 -16.82
CA ASN E 449 -10.34 36.43 -15.85
C ASN E 449 -9.60 36.75 -14.56
N TYR E 450 -8.59 35.95 -14.21
CA TYR E 450 -7.77 36.27 -13.06
C TYR E 450 -6.94 37.52 -13.33
N HIS E 451 -6.11 37.47 -14.35
CA HIS E 451 -5.22 38.57 -14.68
C HIS E 451 -5.24 38.81 -16.18
N PRO E 452 -5.88 39.89 -16.65
CA PRO E 452 -6.09 40.05 -18.09
C PRO E 452 -4.82 40.41 -18.85
N LYS E 453 -3.94 41.20 -18.26
CA LYS E 453 -2.73 41.64 -18.94
C LYS E 453 -1.69 40.53 -18.88
N ILE E 454 -1.89 39.52 -19.71
CA ILE E 454 -0.98 38.38 -19.73
C ILE E 454 -0.91 37.84 -21.15
N ARG E 455 0.25 37.29 -21.51
CA ARG E 455 0.34 36.56 -22.76
C ARG E 455 -0.02 35.11 -22.51
N ILE E 456 -0.83 34.53 -23.39
CA ILE E 456 -1.17 33.12 -23.31
C ILE E 456 -0.92 32.49 -24.66
N ILE E 457 -0.09 31.47 -24.69
CA ILE E 457 0.14 30.67 -25.88
C ILE E 457 -0.50 29.32 -25.65
N THR E 458 -1.42 28.94 -26.52
CA THR E 458 -2.18 27.72 -26.30
C THR E 458 -2.12 26.84 -27.54
N GLN E 459 -2.52 25.58 -27.35
CA GLN E 459 -2.61 24.61 -28.43
C GLN E 459 -4.06 24.30 -28.69
N MET E 460 -4.44 24.24 -29.96
CA MET E 460 -5.81 23.95 -30.36
C MET E 460 -5.80 22.74 -31.27
N LEU E 461 -6.62 21.74 -30.93
CA LEU E 461 -6.62 20.52 -31.72
C LEU E 461 -7.40 20.69 -33.02
N GLN E 462 -8.38 21.59 -33.04
CA GLN E 462 -9.20 21.81 -34.22
C GLN E 462 -9.12 23.26 -34.65
N TYR E 463 -9.22 23.48 -35.94
CA TYR E 463 -9.13 24.84 -36.46
C TYR E 463 -10.41 25.61 -36.20
N HIS E 464 -11.55 24.91 -36.18
CA HIS E 464 -12.85 25.60 -35.98
C HIS E 464 -12.97 26.10 -34.55
N ASN E 465 -12.36 25.40 -33.58
CA ASN E 465 -12.48 25.77 -32.15
C ASN E 465 -11.70 27.05 -31.84
N LYS E 466 -10.83 27.48 -32.76
CA LYS E 466 -9.96 28.66 -32.52
C LYS E 466 -10.81 29.94 -32.36
N ALA E 467 -11.98 30.00 -32.99
CA ALA E 467 -12.82 31.22 -32.96
C ALA E 467 -13.28 31.57 -31.54
N HIS E 468 -13.45 30.57 -30.68
CA HIS E 468 -13.96 30.84 -29.31
C HIS E 468 -12.99 31.77 -28.57
N LEU E 469 -11.69 31.60 -28.79
CA LEU E 469 -10.67 32.45 -28.13
C LEU E 469 -10.88 33.89 -28.58
N LEU E 470 -11.15 34.10 -29.87
CA LEU E 470 -11.40 35.46 -30.41
C LEU E 470 -12.65 36.02 -29.72
N ASN E 471 -13.66 35.17 -29.50
CA ASN E 471 -14.90 35.61 -28.82
C ASN E 471 -14.57 36.09 -27.40
N ILE E 472 -13.64 35.42 -26.70
CA ILE E 472 -13.25 35.93 -25.34
C ILE E 472 -12.74 37.36 -25.50
N PRO E 473 -13.23 38.34 -24.70
CA PRO E 473 -12.84 39.75 -24.85
C PRO E 473 -11.38 40.09 -24.54
N SER E 474 -10.83 39.53 -23.46
CA SER E 474 -9.44 39.86 -23.04
C SER E 474 -8.39 39.42 -24.06
N TRP E 475 -8.61 38.27 -24.71
CA TRP E 475 -7.57 37.73 -25.63
C TRP E 475 -7.24 38.76 -26.69
N ASN E 476 -5.94 39.07 -26.86
CA ASN E 476 -5.52 40.03 -27.92
C ASN E 476 -4.38 39.42 -28.73
N TRP E 477 -4.59 39.21 -30.03
CA TRP E 477 -3.52 38.66 -30.90
C TRP E 477 -2.36 39.66 -30.99
N LYS E 478 -2.67 40.95 -31.14
CA LYS E 478 -1.62 41.99 -31.25
C LYS E 478 -0.88 42.11 -29.91
N GLU E 479 -1.52 41.72 -28.82
CA GLU E 479 -0.90 41.83 -27.47
C GLU E 479 0.10 40.68 -27.29
N GLY E 480 0.18 39.79 -28.27
CA GLY E 480 1.09 38.62 -28.18
C GLY E 480 0.37 37.36 -27.77
N ASP E 481 -0.92 37.44 -27.42
CA ASP E 481 -1.65 36.20 -27.12
C ASP E 481 -1.71 35.42 -28.44
N ASP E 482 -1.31 34.14 -28.43
CA ASP E 482 -1.25 33.36 -29.69
C ASP E 482 -1.83 31.97 -29.46
N ALA E 483 -2.58 31.45 -30.44
CA ALA E 483 -3.08 30.07 -30.33
C ALA E 483 -2.43 29.25 -31.45
N ILE E 484 -1.77 28.15 -31.09
CA ILE E 484 -1.07 27.32 -32.12
C ILE E 484 -1.99 26.15 -32.43
N CYS E 485 -2.44 26.04 -33.68
CA CYS E 485 -3.40 24.95 -34.02
C CYS E 485 -2.60 23.75 -34.52
N LEU E 486 -2.55 22.69 -33.72
CA LEU E 486 -1.69 21.54 -34.11
C LEU E 486 -2.22 20.96 -35.42
N ALA E 487 -3.54 20.77 -35.53
CA ALA E 487 -4.08 20.11 -36.73
C ALA E 487 -3.76 20.94 -37.97
N GLU E 488 -3.98 22.26 -37.88
CA GLU E 488 -3.76 23.12 -39.06
C GLU E 488 -2.27 23.12 -39.41
N LEU E 489 -1.40 23.33 -38.42
CA LEU E 489 0.04 23.47 -38.75
C LEU E 489 0.58 22.17 -39.33
N LYS E 490 0.26 21.04 -38.69
CA LYS E 490 0.83 19.75 -39.15
C LYS E 490 0.33 19.47 -40.56
N LEU E 491 -0.97 19.64 -40.79
CA LEU E 491 -1.51 19.27 -42.12
C LEU E 491 -0.93 20.23 -43.17
N GLY E 492 -0.82 21.50 -42.83
CA GLY E 492 -0.26 22.49 -43.77
C GLY E 492 1.19 22.20 -44.08
N PHE E 493 1.98 21.82 -43.07
CA PHE E 493 3.41 21.50 -43.31
C PHE E 493 3.45 20.30 -44.26
N ILE E 494 2.56 19.33 -44.04
CA ILE E 494 2.50 18.16 -44.96
C ILE E 494 2.04 18.64 -46.34
N ALA E 495 1.04 19.52 -46.39
CA ALA E 495 0.49 20.04 -47.66
C ALA E 495 1.59 20.81 -48.41
N GLN E 496 2.06 21.91 -47.83
CA GLN E 496 3.11 22.68 -48.48
C GLN E 496 4.25 21.80 -48.96
N SER E 497 4.52 20.72 -48.23
CA SER E 497 5.57 19.81 -48.65
C SER E 497 5.15 18.96 -49.83
N CYS E 498 3.85 18.81 -50.07
CA CYS E 498 3.39 18.17 -51.30
C CYS E 498 3.75 18.99 -52.52
N LEU E 499 3.84 20.30 -52.36
CA LEU E 499 4.28 21.15 -53.45
C LEU E 499 5.80 21.05 -53.61
N ALA E 500 6.53 21.21 -52.52
CA ALA E 500 7.98 21.17 -52.52
C ALA E 500 8.43 20.14 -51.50
N GLN E 501 8.85 18.97 -51.99
CA GLN E 501 9.30 17.86 -51.17
C GLN E 501 10.47 18.24 -50.28
N GLY E 502 10.25 18.24 -48.97
CA GLY E 502 11.28 18.56 -48.02
C GLY E 502 11.18 19.90 -47.35
N LEU E 503 10.09 20.64 -47.59
CA LEU E 503 9.93 21.95 -46.95
C LEU E 503 9.71 21.82 -45.45
N SER E 504 9.11 20.72 -45.01
CA SER E 504 8.78 20.56 -43.60
C SER E 504 10.03 20.48 -42.74
N THR E 505 11.06 19.81 -43.24
CA THR E 505 12.33 19.73 -42.52
C THR E 505 13.00 21.08 -42.46
N MET E 506 12.93 21.84 -43.55
CA MET E 506 13.53 23.17 -43.58
C MET E 506 12.85 24.10 -42.60
N LEU E 507 11.52 24.12 -42.61
CA LEU E 507 10.79 24.97 -41.69
C LEU E 507 10.95 24.52 -40.24
N ALA E 508 11.08 23.22 -40.01
CA ALA E 508 11.29 22.73 -38.64
C ALA E 508 12.67 23.09 -38.13
N ASN E 509 13.67 23.11 -39.00
CA ASN E 509 15.01 23.43 -38.54
C ASN E 509 15.24 24.92 -38.35
N LEU E 510 14.31 25.76 -38.80
CA LEU E 510 14.48 27.19 -38.61
C LEU E 510 14.25 27.58 -37.16
N PHE E 511 13.02 27.37 -36.67
CA PHE E 511 12.70 27.88 -35.35
C PHE E 511 13.28 27.03 -34.23
N SER E 512 13.55 25.75 -34.46
CA SER E 512 14.00 24.88 -33.39
C SER E 512 15.47 25.13 -33.10
N MET E 513 15.79 25.29 -31.83
CA MET E 513 17.17 25.45 -31.42
C MET E 513 17.85 24.09 -31.46
N ARG E 514 18.73 23.89 -32.43
CA ARG E 514 19.39 22.62 -32.65
C ARG E 514 20.89 22.79 -32.61
N SER E 515 21.56 21.84 -31.96
CA SER E 515 22.98 21.98 -31.63
C SER E 515 23.83 21.79 -32.88
N PHE E 516 24.68 22.77 -33.16
CA PHE E 516 25.61 22.65 -34.27
C PHE E 516 26.75 21.71 -33.91
N ILE E 517 27.00 20.73 -34.77
CA ILE E 517 28.04 19.73 -34.56
C ILE E 517 29.02 19.84 -35.72
N LYS E 518 30.30 19.94 -35.40
CA LYS E 518 31.33 20.01 -36.43
C LYS E 518 31.53 18.64 -37.06
N ILE E 519 31.31 18.55 -38.37
CA ILE E 519 31.54 17.33 -39.13
C ILE E 519 32.61 17.63 -40.18
N GLU E 520 33.65 16.81 -40.21
CA GLU E 520 34.77 17.01 -41.10
C GLU E 520 34.68 16.16 -42.37
N GLU E 521 34.25 14.91 -42.25
CA GLU E 521 34.26 13.98 -43.37
C GLU E 521 33.21 14.36 -44.40
N ASP E 522 33.50 14.02 -45.66
CA ASP E 522 32.62 14.38 -46.76
C ASP E 522 31.45 13.40 -46.78
N THR E 523 30.45 13.70 -45.96
CA THR E 523 29.18 13.02 -45.94
C THR E 523 28.08 14.02 -46.23
N TRP E 524 26.85 13.53 -46.32
CA TRP E 524 25.73 14.42 -46.53
C TRP E 524 25.40 15.21 -45.27
N GLN E 525 25.77 14.68 -44.10
CA GLN E 525 25.49 15.36 -42.85
C GLN E 525 26.33 16.60 -42.69
N LYS E 526 27.53 16.63 -43.28
CA LYS E 526 28.38 17.81 -43.21
C LYS E 526 27.75 18.98 -43.95
N TYR E 527 27.23 18.73 -45.14
CA TYR E 527 26.54 19.78 -45.88
C TYR E 527 25.18 20.06 -45.31
N TYR E 528 24.59 19.09 -44.59
CA TYR E 528 23.30 19.29 -43.97
C TYR E 528 23.38 20.23 -42.78
N LEU E 529 24.39 20.04 -41.93
CA LEU E 529 24.52 20.86 -40.74
C LEU E 529 24.99 22.28 -41.02
N GLU E 530 25.37 22.58 -42.26
CA GLU E 530 25.69 23.95 -42.64
C GLU E 530 24.48 24.87 -42.59
N GLY E 531 23.27 24.32 -42.65
CA GLY E 531 22.08 25.14 -42.64
C GLY E 531 21.15 24.89 -41.47
N VAL E 532 21.53 23.96 -40.58
CA VAL E 532 20.69 23.65 -39.44
C VAL E 532 20.73 24.79 -38.43
N SER E 533 21.91 25.35 -38.20
CA SER E 533 22.08 26.38 -37.17
C SER E 533 21.49 27.73 -37.56
N ASN E 534 20.86 27.85 -38.71
CA ASN E 534 20.12 29.06 -39.05
C ASN E 534 18.82 29.11 -38.26
N GLU E 535 18.38 30.33 -37.95
CA GLU E 535 17.11 30.54 -37.29
C GLU E 535 16.37 31.67 -37.97
N MET E 536 15.16 31.93 -37.48
CA MET E 536 14.32 33.00 -38.00
C MET E 536 14.37 34.18 -37.04
N TYR E 537 14.42 35.39 -37.58
CA TYR E 537 14.53 36.58 -36.77
C TYR E 537 13.68 37.69 -37.33
N THR E 538 13.08 38.47 -36.44
CA THR E 538 12.18 39.55 -36.78
C THR E 538 12.87 40.86 -36.46
N GLU E 539 12.75 41.83 -37.37
CA GLU E 539 13.61 43.00 -37.27
C GLU E 539 13.08 44.14 -38.12
N TYR E 540 13.07 45.33 -37.55
CA TYR E 540 12.76 46.53 -38.31
C TYR E 540 13.89 46.84 -39.28
N LEU E 541 13.51 47.28 -40.48
CA LEU E 541 14.50 47.65 -41.47
C LEU E 541 15.12 49.00 -41.11
N SER E 542 16.25 49.30 -41.75
CA SER E 542 16.91 50.56 -41.51
C SER E 542 16.15 51.69 -42.19
N SER E 543 16.52 52.91 -41.83
CA SER E 543 15.91 54.10 -42.42
C SER E 543 16.41 54.39 -43.82
N ALA E 544 17.46 53.71 -44.27
CA ALA E 544 17.98 53.90 -45.62
C ALA E 544 17.28 53.04 -46.65
N PHE E 545 16.19 52.38 -46.28
CA PHE E 545 15.44 51.52 -47.19
C PHE E 545 14.09 52.11 -47.55
N VAL E 546 13.88 53.39 -47.25
CA VAL E 546 12.58 54.03 -47.42
C VAL E 546 12.28 54.19 -48.90
N GLY E 547 11.17 53.61 -49.33
CA GLY E 547 10.75 53.73 -50.71
C GLY E 547 11.54 52.89 -51.69
N LEU E 548 12.39 52.00 -51.22
CA LEU E 548 13.13 51.12 -52.10
C LEU E 548 12.30 49.89 -52.39
N SER E 549 12.54 49.28 -53.55
CA SER E 549 11.81 48.09 -53.93
C SER E 549 12.32 46.89 -53.13
N PHE E 550 11.39 46.02 -52.77
CA PHE E 550 11.71 44.77 -52.07
C PHE E 550 12.80 43.89 -52.70
N PRO E 551 12.88 43.68 -54.03
CA PRO E 551 14.03 42.93 -54.54
C PRO E 551 15.36 43.64 -54.37
N THR E 552 15.37 44.97 -54.47
CA THR E 552 16.59 45.72 -54.25
C THR E 552 17.04 45.62 -52.79
N VAL E 553 16.08 45.66 -51.87
CA VAL E 553 16.42 45.56 -50.46
C VAL E 553 16.91 44.16 -50.13
N CYS E 554 16.29 43.14 -50.74
CA CYS E 554 16.78 41.77 -50.53
C CYS E 554 18.16 41.57 -51.14
N GLU E 555 18.43 42.22 -52.27
CA GLU E 555 19.76 42.15 -52.87
C GLU E 555 20.80 42.82 -51.99
N LEU E 556 20.45 43.95 -51.40
CA LEU E 556 21.42 44.63 -50.53
C LEU E 556 21.60 43.89 -49.21
N CYS E 557 20.56 43.21 -48.73
CA CYS E 557 20.71 42.46 -47.50
C CYS E 557 21.50 41.18 -47.72
N PHE E 558 21.32 40.52 -48.85
CA PHE E 558 22.01 39.27 -49.08
C PHE E 558 23.42 39.47 -49.60
N VAL E 559 23.65 40.53 -50.38
CA VAL E 559 24.97 40.76 -50.93
C VAL E 559 25.89 41.38 -49.89
N LYS E 560 25.48 42.49 -49.31
CA LYS E 560 26.42 43.26 -48.51
C LYS E 560 26.52 42.74 -47.09
N LEU E 561 25.42 42.25 -46.53
CA LEU E 561 25.46 41.77 -45.15
C LEU E 561 24.77 40.43 -44.96
N LYS E 562 24.69 39.64 -46.04
CA LYS E 562 24.38 38.18 -46.05
C LYS E 562 23.14 37.79 -45.23
N LEU E 563 22.09 38.59 -45.33
CA LEU E 563 20.82 38.25 -44.69
C LEU E 563 19.75 37.96 -45.73
N LEU E 564 18.96 36.92 -45.46
CA LEU E 564 18.01 36.38 -46.42
C LEU E 564 16.61 36.80 -45.98
N MET E 565 16.16 37.96 -46.45
CA MET E 565 14.89 38.51 -46.01
C MET E 565 13.74 37.88 -46.79
N ILE E 566 12.68 37.51 -46.08
CA ILE E 566 11.58 36.76 -46.65
C ILE E 566 10.33 37.64 -46.79
N ALA E 567 9.91 38.26 -45.68
CA ALA E 567 8.61 38.92 -45.68
C ALA E 567 8.76 40.26 -44.97
N ILE E 568 7.61 40.89 -44.70
CA ILE E 568 7.57 42.30 -44.37
C ILE E 568 6.23 42.59 -43.70
N GLU E 569 6.16 43.69 -42.97
CA GLU E 569 4.88 44.23 -42.53
C GLU E 569 4.38 45.23 -43.57
N TYR E 570 3.07 45.41 -43.61
CA TYR E 570 2.50 46.36 -44.57
C TYR E 570 1.14 46.81 -44.04
N LYS E 571 1.07 48.03 -43.52
CA LYS E 571 -0.20 48.59 -43.08
C LYS E 571 -0.29 50.05 -43.50
N SER E 572 -1.42 50.41 -44.10
CA SER E 572 -1.71 51.81 -44.41
C SER E 572 -3.23 51.98 -44.39
N ALA E 573 -3.77 52.33 -43.21
CA ALA E 573 -5.16 52.74 -42.96
C ALA E 573 -6.21 51.65 -43.20
N ASN E 574 -5.79 50.51 -43.71
CA ASN E 574 -6.65 49.39 -44.04
C ASN E 574 -6.67 48.45 -42.82
N ARG E 575 -7.06 47.19 -43.05
CA ARG E 575 -6.87 46.13 -42.07
C ARG E 575 -5.40 45.98 -41.68
N GLU E 576 -5.15 45.27 -40.57
CA GLU E 576 -3.86 45.25 -39.91
C GLU E 576 -2.77 44.63 -40.79
N SER E 577 -1.54 44.79 -40.33
CA SER E 577 -0.34 44.62 -41.15
C SER E 577 -0.17 43.15 -41.51
N ARG E 578 -0.51 42.83 -42.75
CA ARG E 578 -0.38 41.47 -43.25
C ARG E 578 1.09 41.11 -43.43
N ILE E 579 1.35 39.82 -43.49
CA ILE E 579 2.70 39.32 -43.70
C ILE E 579 2.81 38.96 -45.17
N LEU E 580 3.54 39.77 -45.93
CA LEU E 580 3.62 39.60 -47.37
C LEU E 580 4.87 38.80 -47.69
N ILE E 581 4.68 37.51 -47.96
CA ILE E 581 5.78 36.65 -48.40
C ILE E 581 6.19 37.09 -49.80
N ASN E 582 7.41 37.62 -49.92
CA ASN E 582 8.08 38.01 -51.16
C ASN E 582 7.23 38.90 -52.05
N PRO E 583 7.04 40.18 -51.72
CA PRO E 583 6.34 41.08 -52.64
C PRO E 583 7.16 41.35 -53.89
N GLY E 584 6.48 41.88 -54.90
CA GLY E 584 7.15 42.28 -56.11
C GLY E 584 7.84 43.62 -55.96
N ASN E 585 8.38 44.11 -57.09
CA ASN E 585 8.89 45.49 -57.16
C ASN E 585 7.68 46.43 -57.09
N HIS E 586 6.47 45.87 -57.18
CA HIS E 586 5.24 46.70 -57.11
C HIS E 586 5.14 47.36 -55.73
N LEU E 587 5.54 46.66 -54.67
CA LEU E 587 5.37 47.22 -53.30
C LEU E 587 6.71 47.75 -52.76
N LYS E 588 6.76 49.03 -52.41
CA LYS E 588 7.98 49.64 -51.82
C LYS E 588 8.03 49.36 -50.32
N ILE E 589 9.19 49.54 -49.69
CA ILE E 589 9.35 49.25 -48.23
C ILE E 589 9.01 50.51 -47.43
N GLN E 590 8.07 50.39 -46.49
CA GLN E 590 7.71 51.54 -45.61
C GLN E 590 8.77 51.71 -44.51
N GLU E 591 8.80 52.87 -43.87
CA GLU E 591 9.82 53.14 -42.81
C GLU E 591 9.65 52.19 -41.63
N GLY E 592 8.41 51.89 -41.23
CA GLY E 592 8.17 51.06 -40.03
C GLY E 592 8.09 49.57 -40.32
N THR E 593 8.31 49.15 -41.57
CA THR E 593 8.12 47.72 -41.92
C THR E 593 9.04 46.84 -41.10
N LEU E 594 8.51 45.71 -40.61
CA LEU E 594 9.35 44.74 -39.84
C LEU E 594 9.76 43.65 -40.82
N GLY E 595 11.07 43.43 -40.96
CA GLY E 595 11.57 42.44 -41.94
C GLY E 595 11.89 41.11 -41.29
N PHE E 596 11.36 40.03 -41.87
CA PHE E 596 11.62 38.68 -41.35
C PHE E 596 12.74 38.08 -42.19
N PHE E 597 13.83 37.69 -41.53
CA PHE E 597 14.90 37.05 -42.28
C PHE E 597 15.50 35.87 -41.54
N ILE E 598 16.22 35.05 -42.30
CA ILE E 598 16.89 33.87 -41.78
C ILE E 598 18.36 34.24 -41.54
N ALA E 599 18.69 34.47 -40.29
CA ALA E 599 20.05 34.76 -39.90
C ALA E 599 20.68 33.53 -39.24
N SER E 600 21.86 33.71 -38.67
CA SER E 600 22.46 32.66 -37.87
C SER E 600 23.08 33.21 -36.59
N ASP E 601 22.88 34.49 -36.28
CA ASP E 601 23.46 35.09 -35.09
C ASP E 601 22.67 36.35 -34.76
N ALA E 602 22.79 36.80 -33.51
CA ALA E 602 22.14 38.04 -33.10
C ALA E 602 22.86 39.27 -33.64
N LYS E 603 24.16 39.16 -33.92
CA LYS E 603 24.86 40.30 -34.52
C LYS E 603 24.40 40.54 -35.96
N GLU E 604 23.79 39.53 -36.58
CA GLU E 604 23.15 39.74 -37.87
C GLU E 604 21.88 40.57 -37.74
N VAL E 605 21.02 40.20 -36.78
CA VAL E 605 19.75 40.87 -36.64
C VAL E 605 19.92 42.26 -36.04
N LYS E 606 21.04 42.52 -35.37
CA LYS E 606 21.30 43.87 -34.86
C LYS E 606 21.55 44.87 -35.99
N ARG E 607 22.23 44.45 -37.06
CA ARG E 607 22.69 45.41 -38.05
C ARG E 607 21.69 45.65 -39.17
N ALA E 608 20.40 45.47 -38.91
CA ALA E 608 19.38 45.99 -39.79
C ALA E 608 18.58 47.12 -39.18
N PHE E 609 18.73 47.39 -37.88
CA PHE E 609 18.39 48.69 -37.35
C PHE E 609 19.19 49.78 -38.05
N PHE E 610 20.50 49.68 -37.93
CA PHE E 610 21.43 50.67 -38.44
C PHE E 610 22.04 50.15 -39.73
N TYR E 611 21.87 50.93 -40.80
CA TYR E 611 22.54 50.66 -42.07
C TYR E 611 22.55 51.97 -42.84
N CYS E 612 23.73 52.55 -43.04
CA CYS E 612 23.87 53.82 -43.71
C CYS E 612 24.59 53.60 -45.03
N LYS E 613 23.89 53.84 -46.15
CA LYS E 613 24.48 53.60 -47.46
C LYS E 613 25.60 54.60 -47.74
N ALA E 614 25.51 55.80 -47.18
CA ALA E 614 26.58 56.77 -47.28
C ALA E 614 27.79 56.39 -46.43
N CYS E 615 27.61 55.51 -45.44
CA CYS E 615 28.71 55.04 -44.61
C CYS E 615 29.16 53.64 -44.95
N HIS E 616 28.27 52.79 -45.46
CA HIS E 616 28.57 51.38 -45.65
C HIS E 616 28.44 50.97 -47.12
N ASP E 617 28.86 51.85 -48.03
CA ASP E 617 28.73 51.55 -49.44
C ASP E 617 29.74 50.49 -49.88
N ASP E 618 31.02 50.81 -49.76
CA ASP E 618 32.08 49.84 -50.02
C ASP E 618 32.17 48.89 -48.84
N ILE E 619 32.21 47.59 -49.12
CA ILE E 619 32.01 46.58 -48.09
C ILE E 619 32.65 45.27 -48.52
N THR E 620 33.20 44.54 -47.56
CA THR E 620 33.79 43.22 -47.82
C THR E 620 33.48 42.18 -46.76
N ASP E 621 32.88 42.54 -45.62
CA ASP E 621 32.73 41.65 -44.48
C ASP E 621 31.67 42.24 -43.56
N PRO E 622 31.19 41.48 -42.56
CA PRO E 622 30.31 42.10 -41.55
C PRO E 622 31.00 43.10 -40.63
N LYS E 623 32.32 43.25 -40.71
CA LYS E 623 33.00 44.23 -39.87
C LYS E 623 32.89 45.65 -40.42
N ARG E 624 32.43 45.82 -41.66
CA ARG E 624 32.22 47.17 -42.18
C ARG E 624 31.03 47.85 -41.55
N ILE E 625 30.08 47.09 -41.01
CA ILE E 625 28.83 47.66 -40.52
C ILE E 625 29.02 48.02 -39.05
N LYS E 626 29.12 49.31 -38.78
CA LYS E 626 29.33 49.87 -37.45
C LYS E 626 28.08 50.65 -37.06
N LYS E 627 27.90 50.82 -35.73
CA LYS E 627 26.71 51.44 -35.14
C LYS E 627 26.45 52.84 -35.69
N CYS E 628 27.42 53.73 -35.54
CA CYS E 628 27.27 55.12 -35.93
C CYS E 628 27.91 55.34 -37.30
N GLY E 629 27.99 56.60 -37.71
CA GLY E 629 28.56 56.94 -38.99
C GLY E 629 27.79 58.03 -39.70
N CYS E 630 26.48 58.10 -39.45
CA CYS E 630 25.66 59.16 -40.01
C CYS E 630 24.69 59.70 -38.96
N LYS E 631 23.74 60.51 -39.41
CA LYS E 631 22.80 61.15 -38.49
C LYS E 631 21.36 60.80 -38.83
N SER E 681 -20.88 35.31 -68.19
CA SER E 681 -19.88 34.49 -67.51
C SER E 681 -19.95 34.68 -65.99
N ASN E 682 -21.10 34.32 -65.42
CA ASN E 682 -21.30 34.38 -63.97
C ASN E 682 -20.95 33.03 -63.33
N VAL E 683 -19.72 32.60 -63.57
CA VAL E 683 -19.27 31.27 -63.23
C VAL E 683 -18.65 31.31 -61.84
N LYS E 684 -19.16 30.50 -60.93
CA LYS E 684 -18.62 30.38 -59.59
C LYS E 684 -17.23 29.76 -59.66
N LYS E 685 -16.21 30.55 -59.35
CA LYS E 685 -14.84 30.07 -59.41
C LYS E 685 -14.14 30.07 -58.07
N TYR E 686 -14.12 31.20 -57.36
CA TYR E 686 -13.39 31.31 -56.13
C TYR E 686 -14.36 31.57 -54.99
N ASP E 687 -13.83 31.64 -53.78
CA ASP E 687 -14.67 31.81 -52.60
C ASP E 687 -15.08 33.26 -52.44
N SER E 688 -15.63 33.59 -51.27
CA SER E 688 -16.05 34.95 -51.00
C SER E 688 -14.86 35.90 -50.87
N THR E 689 -13.71 35.39 -50.44
CA THR E 689 -12.54 36.23 -50.26
C THR E 689 -11.60 36.22 -51.45
N GLY E 690 -11.86 35.36 -52.43
CA GLY E 690 -10.95 35.26 -53.56
C GLY E 690 -9.63 34.63 -53.22
N MET E 691 -9.58 33.83 -52.17
CA MET E 691 -8.32 33.30 -51.68
C MET E 691 -8.18 31.81 -51.89
N PHE E 692 -9.21 31.11 -52.36
CA PHE E 692 -9.16 29.67 -52.57
C PHE E 692 -9.98 29.32 -53.79
N HIS E 693 -9.59 28.23 -54.44
CA HIS E 693 -10.39 27.66 -55.52
C HIS E 693 -11.65 27.06 -54.93
N TRP E 694 -12.79 27.39 -55.51
CA TRP E 694 -14.07 26.97 -54.97
C TRP E 694 -14.82 26.17 -56.02
N CYS E 695 -15.71 25.29 -55.56
CA CYS E 695 -16.55 24.55 -56.48
C CYS E 695 -17.99 24.59 -56.04
N ALA E 696 -18.85 23.90 -56.77
CA ALA E 696 -20.23 23.75 -56.38
C ALA E 696 -20.28 22.67 -55.31
N PRO E 697 -21.14 22.81 -54.31
CA PRO E 697 -21.29 21.73 -53.33
C PRO E 697 -21.97 20.52 -53.93
N LYS E 698 -21.18 19.48 -54.18
CA LYS E 698 -21.63 18.32 -54.92
C LYS E 698 -22.04 17.21 -53.95
N GLU E 699 -22.38 16.04 -54.48
CA GLU E 699 -22.72 14.88 -53.69
C GLU E 699 -21.48 14.00 -53.54
N ILE E 700 -21.45 13.21 -52.47
CA ILE E 700 -20.29 12.36 -52.20
C ILE E 700 -20.20 11.20 -53.19
N GLU E 701 -21.30 10.83 -53.83
CA GLU E 701 -21.24 9.82 -54.88
C GLU E 701 -20.65 10.37 -56.17
N LYS E 702 -20.64 11.69 -56.33
CA LYS E 702 -20.02 12.27 -57.52
C LYS E 702 -18.52 12.23 -57.44
N VAL E 703 -17.94 12.14 -56.24
CA VAL E 703 -16.50 12.05 -56.09
C VAL E 703 -16.05 10.66 -55.67
N ILE E 704 -16.98 9.74 -55.41
CA ILE E 704 -16.59 8.38 -55.09
C ILE E 704 -16.16 7.69 -56.37
N LEU E 705 -15.37 6.63 -56.23
CA LEU E 705 -14.96 5.80 -57.35
C LEU E 705 -14.49 4.45 -56.82
N THR E 706 -14.77 3.40 -57.60
CA THR E 706 -14.33 2.07 -57.20
C THR E 706 -12.88 1.85 -57.59
N ARG E 707 -12.43 0.61 -57.42
CA ARG E 707 -11.05 0.26 -57.76
C ARG E 707 -10.84 0.27 -59.27
N SER E 708 -11.69 -0.46 -59.99
CA SER E 708 -11.53 -0.54 -61.44
C SER E 708 -11.95 0.76 -62.12
N GLU E 709 -12.82 1.54 -61.48
CA GLU E 709 -13.15 2.85 -62.01
C GLU E 709 -11.96 3.79 -61.95
N ALA E 710 -11.16 3.70 -60.88
CA ALA E 710 -9.90 4.42 -60.83
C ALA E 710 -8.89 3.83 -61.80
N ALA E 711 -8.98 2.53 -62.05
CA ALA E 711 -8.10 1.92 -63.04
C ALA E 711 -8.43 2.36 -64.45
N MET E 712 -9.66 2.79 -64.70
CA MET E 712 -10.00 3.35 -66.00
C MET E 712 -9.38 4.74 -66.17
N THR E 713 -9.17 5.45 -65.08
CA THR E 713 -8.79 6.85 -65.11
C THR E 713 -7.31 6.99 -64.78
N VAL E 714 -6.49 7.24 -65.80
CA VAL E 714 -5.12 7.66 -65.53
C VAL E 714 -5.13 9.08 -65.00
N LEU E 715 -4.50 9.28 -63.85
CA LEU E 715 -4.61 10.54 -63.13
C LEU E 715 -3.26 10.93 -62.53
N SER E 716 -2.19 10.80 -63.31
CA SER E 716 -0.83 10.99 -62.82
C SER E 716 -0.56 12.45 -62.42
N GLY E 717 0.55 12.64 -61.73
CA GLY E 717 0.90 13.95 -61.20
C GLY E 717 0.04 14.40 -60.05
N HIS E 718 -0.42 13.49 -59.22
CA HIS E 718 -1.46 13.77 -58.23
C HIS E 718 -0.98 13.44 -56.84
N VAL E 719 -1.81 13.81 -55.87
CA VAL E 719 -1.56 13.55 -54.46
C VAL E 719 -2.56 12.51 -54.00
N VAL E 720 -2.09 11.47 -53.32
CA VAL E 720 -2.96 10.54 -52.62
C VAL E 720 -2.72 10.73 -51.13
N VAL E 721 -3.77 10.51 -50.34
CA VAL E 721 -3.68 10.62 -48.90
C VAL E 721 -4.18 9.33 -48.30
N CYS E 722 -3.30 8.61 -47.62
CA CYS E 722 -3.64 7.36 -46.97
C CYS E 722 -4.15 7.70 -45.57
N ILE E 723 -5.41 7.45 -45.34
CA ILE E 723 -6.02 7.80 -44.05
C ILE E 723 -6.43 6.50 -43.36
N PHE E 724 -6.38 6.51 -42.02
CA PHE E 724 -6.68 5.33 -41.21
C PHE E 724 -7.75 5.71 -40.21
N GLY E 725 -9.00 5.71 -40.65
CA GLY E 725 -10.08 6.21 -39.84
C GLY E 725 -11.20 5.21 -39.70
N ASP E 726 -11.92 5.34 -38.60
CA ASP E 726 -13.07 4.49 -38.32
C ASP E 726 -14.28 5.38 -38.07
N VAL E 727 -15.39 4.77 -37.67
CA VAL E 727 -16.49 5.57 -37.18
C VAL E 727 -16.16 6.13 -35.81
N SER E 728 -15.49 5.34 -34.98
CA SER E 728 -15.23 5.73 -33.60
C SER E 728 -14.05 6.68 -33.49
N SER E 729 -13.13 6.66 -34.46
CA SER E 729 -11.90 7.41 -34.32
C SER E 729 -12.16 8.91 -34.50
N ALA E 730 -11.28 9.71 -33.92
CA ALA E 730 -11.47 11.15 -33.87
C ALA E 730 -11.19 11.79 -35.23
N LEU E 731 -11.86 12.90 -35.48
CA LEU E 731 -11.62 13.65 -36.70
C LEU E 731 -10.26 14.33 -36.65
N ILE E 732 -9.67 14.50 -37.83
CA ILE E 732 -8.44 15.26 -37.93
C ILE E 732 -8.79 16.66 -38.39
N GLY E 733 -9.51 16.73 -39.49
CA GLY E 733 -9.71 17.95 -40.23
C GLY E 733 -8.78 17.89 -41.41
N LEU E 734 -9.28 17.44 -42.55
CA LEU E 734 -8.52 17.44 -43.79
C LEU E 734 -8.77 18.71 -44.58
N ARG E 735 -9.70 19.53 -44.10
CA ARG E 735 -9.86 20.88 -44.59
C ARG E 735 -8.58 21.68 -44.47
N ASN E 736 -7.81 21.46 -43.41
CA ASN E 736 -6.52 22.12 -43.26
C ASN E 736 -5.45 21.54 -44.15
N LEU E 737 -5.72 20.44 -44.85
CA LEU E 737 -4.82 19.90 -45.86
C LEU E 737 -5.16 20.39 -47.24
N VAL E 738 -6.44 20.33 -47.61
CA VAL E 738 -6.84 20.68 -48.96
C VAL E 738 -6.80 22.17 -49.21
N MET E 739 -7.17 23.01 -48.23
CA MET E 739 -7.17 24.46 -48.43
C MET E 739 -5.81 25.06 -48.78
N PRO E 740 -4.69 24.79 -48.10
CA PRO E 740 -3.43 25.36 -48.59
C PRO E 740 -2.92 24.69 -49.84
N LEU E 741 -3.48 23.54 -50.20
CA LEU E 741 -3.03 22.86 -51.40
C LEU E 741 -3.83 23.34 -52.61
N ARG E 742 -4.96 24.01 -52.36
CA ARG E 742 -5.71 24.72 -53.39
C ARG E 742 -5.99 26.12 -52.88
N ALA E 743 -5.03 27.02 -53.06
CA ALA E 743 -5.03 28.30 -52.36
C ALA E 743 -5.19 29.47 -53.31
N SER E 744 -5.80 29.24 -54.47
CA SER E 744 -6.02 30.23 -55.53
C SER E 744 -4.75 30.91 -56.04
N ASN E 745 -3.61 30.32 -55.73
CA ASN E 745 -2.33 30.81 -56.15
C ASN E 745 -1.78 29.95 -57.26
N PHE E 746 -2.50 28.89 -57.59
CA PHE E 746 -2.18 27.99 -58.66
C PHE E 746 -3.24 28.13 -59.73
N HIS E 747 -2.86 27.80 -60.96
CA HIS E 747 -3.85 27.80 -62.00
C HIS E 747 -4.68 26.51 -61.92
N TYR E 748 -5.80 26.50 -62.63
CA TYR E 748 -6.74 25.40 -62.48
C TYR E 748 -6.20 24.13 -63.13
N HIS E 749 -5.32 24.27 -64.12
CA HIS E 749 -4.59 23.13 -64.64
C HIS E 749 -3.38 22.79 -63.79
N GLU E 750 -2.96 23.69 -62.91
CA GLU E 750 -1.80 23.47 -62.05
C GLU E 750 -2.17 22.74 -60.77
N LEU E 751 -3.46 22.68 -60.45
CA LEU E 751 -3.92 22.08 -59.20
C LEU E 751 -3.71 20.57 -59.20
N LYS E 752 -3.36 20.04 -58.04
CA LYS E 752 -3.14 18.62 -57.88
C LYS E 752 -4.41 17.93 -57.41
N HIS E 753 -4.64 16.75 -57.94
CA HIS E 753 -5.89 16.02 -57.76
C HIS E 753 -5.75 15.11 -56.54
N ILE E 754 -6.38 15.49 -55.43
CA ILE E 754 -6.27 14.73 -54.19
C ILE E 754 -7.20 13.51 -54.28
N VAL E 755 -6.66 12.34 -54.03
CA VAL E 755 -7.42 11.10 -54.00
C VAL E 755 -7.25 10.52 -52.61
N PHE E 756 -8.30 10.56 -51.80
CA PHE E 756 -8.19 9.95 -50.48
C PHE E 756 -8.35 8.44 -50.58
N VAL E 757 -7.56 7.74 -49.79
CA VAL E 757 -7.62 6.29 -49.70
C VAL E 757 -7.84 5.94 -48.24
N GLY E 758 -8.96 5.32 -47.93
CA GLY E 758 -9.25 4.96 -46.56
C GLY E 758 -10.66 4.44 -46.44
N SER E 759 -11.13 4.40 -45.20
CA SER E 759 -12.49 3.94 -44.95
C SER E 759 -13.47 5.03 -45.30
N ILE E 760 -14.53 4.68 -46.03
CA ILE E 760 -15.54 5.65 -46.39
C ILE E 760 -16.37 6.04 -45.19
N GLU E 761 -16.46 5.17 -44.18
CA GLU E 761 -17.21 5.47 -42.97
C GLU E 761 -16.56 6.57 -42.16
N TYR E 762 -15.25 6.77 -42.32
CA TYR E 762 -14.57 7.92 -41.76
C TYR E 762 -14.73 9.16 -42.62
N LEU E 763 -14.66 9.02 -43.93
CA LEU E 763 -14.64 10.19 -44.80
C LEU E 763 -16.02 10.79 -45.00
N LYS E 764 -17.09 10.01 -44.80
CA LYS E 764 -18.44 10.58 -44.86
C LYS E 764 -18.67 11.55 -43.73
N ARG E 765 -18.05 11.30 -42.58
CA ARG E 765 -18.22 12.15 -41.43
C ARG E 765 -17.48 13.48 -41.59
N GLU E 766 -16.47 13.51 -42.46
CA GLU E 766 -15.57 14.65 -42.56
C GLU E 766 -15.78 15.44 -43.84
N TRP E 767 -16.32 14.80 -44.87
CA TRP E 767 -16.43 15.36 -46.21
C TRP E 767 -17.35 16.56 -46.28
N GLU E 768 -18.19 16.79 -45.28
CA GLU E 768 -19.03 17.98 -45.20
C GLU E 768 -18.26 19.27 -44.98
N THR E 769 -16.94 19.21 -44.83
CA THR E 769 -16.11 20.41 -44.85
C THR E 769 -15.17 20.43 -46.04
N LEU E 770 -15.23 19.45 -46.92
CA LEU E 770 -14.33 19.38 -48.07
C LEU E 770 -15.11 19.36 -49.36
N HIS E 771 -16.39 19.68 -49.30
CA HIS E 771 -17.25 19.46 -50.45
C HIS E 771 -17.41 20.72 -51.28
N ASN E 772 -16.46 21.65 -51.14
CA ASN E 772 -16.50 22.87 -51.93
C ASN E 772 -15.23 23.05 -52.73
N PHE E 773 -14.59 21.96 -53.12
CA PHE E 773 -13.27 21.99 -53.70
C PHE E 773 -13.28 21.36 -55.08
N PRO E 774 -12.50 21.85 -56.03
CA PRO E 774 -12.78 21.56 -57.44
C PRO E 774 -12.47 20.14 -57.89
N LYS E 775 -11.41 19.52 -57.37
CA LYS E 775 -11.10 18.19 -57.85
C LYS E 775 -10.56 17.33 -56.71
N VAL E 776 -11.42 16.45 -56.22
CA VAL E 776 -11.04 15.56 -55.14
C VAL E 776 -11.73 14.22 -55.34
N SER E 777 -11.00 13.14 -55.12
CA SER E 777 -11.57 11.81 -55.30
C SER E 777 -11.49 11.03 -54.00
N ILE E 778 -12.34 10.01 -53.87
CA ILE E 778 -12.31 9.10 -52.75
C ILE E 778 -12.16 7.70 -53.29
N LEU E 779 -11.15 6.97 -52.81
CA LEU E 779 -11.06 5.55 -53.10
C LEU E 779 -11.31 4.79 -51.81
N PRO E 780 -12.53 4.31 -51.59
CA PRO E 780 -12.82 3.60 -50.34
C PRO E 780 -12.14 2.26 -50.24
N GLY E 781 -11.22 2.14 -49.30
CA GLY E 781 -10.46 0.93 -49.15
C GLY E 781 -9.55 0.93 -47.94
N THR E 782 -8.34 0.41 -48.09
CA THR E 782 -7.40 0.33 -47.01
C THR E 782 -6.05 0.69 -47.62
N PRO E 783 -5.25 1.52 -46.95
CA PRO E 783 -3.89 1.78 -47.46
C PRO E 783 -3.00 0.57 -47.39
N LEU E 784 -3.30 -0.38 -46.53
CA LEU E 784 -2.53 -1.62 -46.48
C LEU E 784 -2.88 -2.51 -47.67
N SER E 785 -4.05 -2.32 -48.25
CA SER E 785 -4.45 -3.07 -49.44
C SER E 785 -3.64 -2.61 -50.64
N ARG E 786 -2.75 -3.48 -51.09
CA ARG E 786 -1.82 -3.10 -52.15
C ARG E 786 -2.52 -2.98 -53.50
N ALA E 787 -3.67 -3.64 -53.67
CA ALA E 787 -4.41 -3.51 -54.92
C ALA E 787 -5.01 -2.11 -55.06
N ASP E 788 -5.41 -1.52 -53.93
CA ASP E 788 -5.97 -0.16 -53.97
C ASP E 788 -4.90 0.85 -54.32
N LEU E 789 -3.68 0.68 -53.81
CA LEU E 789 -2.59 1.55 -54.20
C LEU E 789 -2.13 1.25 -55.61
N ARG E 790 -2.36 0.02 -56.07
CA ARG E 790 -1.99 -0.32 -57.43
C ARG E 790 -2.90 0.37 -58.43
N ALA E 791 -4.19 0.38 -58.15
CA ALA E 791 -5.14 1.09 -59.01
C ALA E 791 -5.39 2.51 -58.50
N VAL E 792 -4.34 3.24 -58.16
CA VAL E 792 -4.48 4.66 -57.91
C VAL E 792 -3.32 5.36 -58.59
N ASN E 793 -2.48 4.55 -59.26
CA ASN E 793 -1.22 4.96 -59.89
C ASN E 793 -0.29 5.61 -58.87
N ILE E 794 0.11 4.80 -57.88
CA ILE E 794 0.99 5.29 -56.82
C ILE E 794 2.40 5.54 -57.34
N ASN E 795 2.82 4.83 -58.38
CA ASN E 795 4.19 4.96 -58.84
C ASN E 795 4.40 6.22 -59.65
N LEU E 796 3.39 6.67 -60.38
CA LEU E 796 3.57 7.90 -61.12
C LEU E 796 2.65 9.00 -60.57
N CYS E 797 2.44 8.98 -59.26
CA CYS E 797 1.77 10.08 -58.60
C CYS E 797 2.78 11.19 -58.34
N ASP E 798 2.34 12.23 -57.65
CA ASP E 798 3.27 13.28 -57.23
C ASP E 798 3.74 13.05 -55.80
N MET E 799 2.83 12.80 -54.87
CA MET E 799 3.24 12.48 -53.51
C MET E 799 2.15 11.70 -52.80
N CYS E 800 2.56 10.70 -52.02
CA CYS E 800 1.68 10.01 -51.10
C CYS E 800 1.81 10.60 -49.71
N VAL E 801 0.70 10.64 -48.99
CA VAL E 801 0.64 11.19 -47.64
C VAL E 801 0.00 10.15 -46.73
N ILE E 802 0.70 9.80 -45.66
CA ILE E 802 0.20 8.82 -44.70
C ILE E 802 -0.09 9.53 -43.40
N LEU E 803 -1.33 9.46 -42.94
CA LEU E 803 -1.77 10.15 -41.75
C LEU E 803 -2.27 9.16 -40.71
N SER E 804 -2.00 9.48 -39.46
CA SER E 804 -2.41 8.67 -38.32
C SER E 804 -3.67 9.29 -37.73
N ALA E 805 -4.82 8.74 -38.08
CA ALA E 805 -6.06 9.24 -37.49
C ALA E 805 -6.42 8.50 -36.22
N ASN E 806 -6.06 7.22 -36.11
CA ASN E 806 -6.46 6.41 -34.96
C ASN E 806 -5.59 6.75 -33.76
N GLN E 807 -5.79 7.92 -33.20
CA GLN E 807 -4.95 8.45 -32.14
C GLN E 807 -5.71 8.26 -30.83
N ASN E 808 -5.64 7.06 -30.29
CA ASN E 808 -6.34 6.73 -29.06
C ASN E 808 -5.55 5.87 -28.10
N ASN E 809 -4.28 5.57 -28.37
CA ASN E 809 -3.54 4.65 -27.52
C ASN E 809 -3.17 5.34 -26.21
N ILE E 810 -3.52 4.69 -25.11
CA ILE E 810 -3.09 5.12 -23.78
C ILE E 810 -1.79 4.43 -23.41
N ASP E 811 -1.74 3.11 -23.58
CA ASP E 811 -0.51 2.36 -23.34
C ASP E 811 0.43 2.53 -24.53
N ASP E 812 1.65 1.99 -24.35
CA ASP E 812 2.74 1.74 -25.30
C ASP E 812 2.87 2.75 -26.45
N THR E 813 3.06 4.03 -26.08
CA THR E 813 2.96 5.12 -27.04
C THR E 813 4.07 5.12 -28.09
N SER E 814 5.13 4.36 -27.87
CA SER E 814 6.13 4.14 -28.91
C SER E 814 5.62 3.24 -30.01
N LEU E 815 4.52 2.52 -29.77
CA LEU E 815 3.91 1.62 -30.74
C LEU E 815 2.66 2.24 -31.33
N GLN E 816 2.45 3.54 -31.11
CA GLN E 816 1.17 4.16 -31.44
C GLN E 816 0.97 4.28 -32.94
N ASP E 817 1.99 4.75 -33.66
CA ASP E 817 1.89 4.91 -35.11
C ASP E 817 2.35 3.64 -35.82
N LYS E 818 1.66 2.56 -35.51
CA LYS E 818 2.03 1.26 -36.02
C LYS E 818 1.58 1.07 -37.46
N GLU E 819 0.36 1.51 -37.80
CA GLU E 819 -0.03 1.45 -39.20
C GLU E 819 0.27 2.75 -39.91
N CYS E 820 1.46 3.29 -39.73
CA CYS E 820 1.96 4.32 -40.62
C CYS E 820 3.30 3.91 -41.22
N ILE E 821 4.24 3.49 -40.38
CA ILE E 821 5.53 3.08 -40.90
C ILE E 821 5.38 1.74 -41.61
N LEU E 822 4.41 0.94 -41.19
CA LEU E 822 4.13 -0.33 -41.85
C LEU E 822 3.53 -0.10 -43.22
N ALA E 823 2.62 0.87 -43.33
CA ALA E 823 2.05 1.21 -44.63
C ALA E 823 3.08 1.84 -45.55
N SER E 824 4.00 2.63 -44.99
CA SER E 824 5.06 3.21 -45.79
C SER E 824 6.01 2.15 -46.32
N LEU E 825 6.36 1.16 -45.49
CA LEU E 825 7.19 0.07 -45.98
C LEU E 825 6.46 -0.78 -47.00
N ASN E 826 5.15 -0.95 -46.83
CA ASN E 826 4.33 -1.62 -47.83
C ASN E 826 4.35 -0.88 -49.16
N ILE E 827 4.33 0.44 -49.16
CA ILE E 827 4.46 1.23 -50.37
C ILE E 827 5.84 1.08 -50.98
N LYS E 828 6.89 1.24 -50.16
CA LYS E 828 8.25 1.28 -50.65
C LYS E 828 8.71 -0.07 -51.21
N SER E 829 8.16 -1.17 -50.72
CA SER E 829 8.48 -2.47 -51.29
C SER E 829 7.40 -2.91 -52.27
N MET E 830 7.33 -2.20 -53.39
CA MET E 830 6.43 -2.53 -54.47
C MET E 830 7.19 -2.48 -55.79
N GLN E 831 6.82 -3.35 -56.71
CA GLN E 831 7.43 -3.41 -58.03
C GLN E 831 6.40 -3.03 -59.08
N PHE E 832 6.87 -2.54 -60.21
CA PHE E 832 5.98 -2.06 -61.25
C PHE E 832 6.55 -2.42 -62.63
N ASP E 833 5.78 -2.12 -63.66
CA ASP E 833 6.18 -2.35 -65.04
C ASP E 833 6.01 -1.07 -65.83
N ASP E 834 6.90 -0.83 -66.78
CA ASP E 834 6.91 0.39 -67.56
C ASP E 834 5.77 0.40 -68.59
N THR E 871 9.12 -0.47 -62.36
CA THR E 871 10.30 -0.43 -61.51
C THR E 871 9.94 -0.68 -60.06
N THR E 872 10.96 -0.69 -59.20
CA THR E 872 10.74 -0.87 -57.77
C THR E 872 10.37 0.47 -57.16
N GLY E 873 9.32 0.48 -56.34
CA GLY E 873 8.80 1.73 -55.81
C GLY E 873 9.50 2.27 -54.59
N VAL E 874 10.84 2.25 -54.59
CA VAL E 874 11.59 2.93 -53.53
C VAL E 874 11.71 4.41 -53.84
N ASN E 875 11.41 4.83 -55.06
CA ASN E 875 11.54 6.21 -55.48
C ASN E 875 10.25 6.99 -55.31
N ILE E 876 9.24 6.41 -54.68
CA ILE E 876 7.95 7.07 -54.56
C ILE E 876 8.04 8.15 -53.49
N PRO E 877 7.65 9.38 -53.78
CA PRO E 877 7.69 10.43 -52.75
C PRO E 877 6.61 10.24 -51.73
N ILE E 878 6.96 9.85 -50.51
CA ILE E 878 5.98 9.67 -49.46
C ILE E 878 6.36 10.57 -48.29
N ILE E 879 5.34 11.02 -47.57
CA ILE E 879 5.51 11.70 -46.29
C ILE E 879 4.54 11.09 -45.31
N THR E 880 5.06 10.57 -44.21
CA THR E 880 4.25 9.88 -43.23
C THR E 880 4.32 10.62 -41.90
N GLU E 881 3.16 10.94 -41.36
CA GLU E 881 3.08 11.56 -40.04
C GLU E 881 3.51 10.55 -38.98
N LEU E 882 4.48 10.95 -38.17
CA LEU E 882 4.89 10.13 -37.04
C LEU E 882 4.75 10.93 -35.76
N VAL E 883 4.63 10.20 -34.66
CA VAL E 883 4.33 10.80 -33.37
C VAL E 883 5.46 10.65 -32.38
N ASN E 884 6.50 9.89 -32.71
CA ASN E 884 7.56 9.62 -31.75
C ASN E 884 8.91 9.85 -32.40
N ASP E 885 9.82 10.46 -31.64
CA ASP E 885 11.13 10.77 -32.17
C ASP E 885 12.00 9.53 -32.27
N THR E 886 11.79 8.56 -31.39
CA THR E 886 12.53 7.30 -31.40
C THR E 886 11.96 6.30 -32.36
N ASN E 887 11.13 6.76 -33.29
CA ASN E 887 10.34 5.91 -34.14
C ASN E 887 10.57 6.27 -35.60
N VAL E 888 11.33 7.34 -35.87
CA VAL E 888 11.38 7.92 -37.19
C VAL E 888 12.44 7.24 -38.06
N GLN E 889 13.38 6.52 -37.46
CA GLN E 889 14.44 5.88 -38.22
C GLN E 889 14.04 4.53 -38.76
N PHE E 890 12.79 4.14 -38.56
CA PHE E 890 12.33 2.87 -39.11
C PHE E 890 11.99 2.97 -40.58
N LEU E 891 11.84 4.19 -41.09
CA LEU E 891 11.29 4.40 -42.42
C LEU E 891 12.31 4.12 -43.50
N ASP E 892 13.37 4.91 -43.53
CA ASP E 892 14.41 4.80 -44.53
C ASP E 892 15.65 4.30 -43.82
N GLN E 893 15.94 3.01 -43.97
CA GLN E 893 17.20 2.47 -43.50
C GLN E 893 17.81 1.63 -44.60
N ASP E 894 19.01 2.00 -45.01
CA ASP E 894 19.90 1.18 -45.81
C ASP E 894 21.28 1.27 -45.18
N ASP E 895 21.51 2.37 -44.49
CA ASP E 895 22.75 2.64 -43.77
C ASP E 895 22.43 2.88 -42.32
N ASP E 896 23.00 2.06 -41.44
CA ASP E 896 22.85 2.26 -40.01
C ASP E 896 23.62 3.49 -39.58
N ASP E 897 22.89 4.56 -39.25
CA ASP E 897 23.54 5.76 -38.76
C ASP E 897 24.00 5.57 -37.33
N ASP E 898 23.05 5.37 -36.44
CA ASP E 898 23.24 5.21 -35.01
C ASP E 898 21.86 4.81 -34.50
N PRO E 899 21.74 3.84 -33.60
CA PRO E 899 20.43 3.59 -32.97
C PRO E 899 19.91 4.78 -32.19
N ASP E 900 20.76 5.48 -31.45
CA ASP E 900 20.37 6.75 -30.83
C ASP E 900 20.89 7.91 -31.65
N THR E 901 20.24 8.13 -32.78
CA THR E 901 20.49 9.30 -33.60
C THR E 901 19.55 10.41 -33.14
N GLU E 902 20.04 11.64 -33.18
CA GLU E 902 19.17 12.78 -32.94
C GLU E 902 18.12 12.89 -34.04
N LEU E 903 17.03 13.57 -33.71
CA LEU E 903 15.88 13.64 -34.62
C LEU E 903 16.21 14.41 -35.89
N TYR E 904 16.97 15.49 -35.77
CA TYR E 904 17.32 16.23 -36.96
C TYR E 904 18.44 15.58 -37.75
N LEU E 905 19.23 14.73 -37.10
CA LEU E 905 20.37 14.14 -37.80
C LEU E 905 20.02 12.89 -38.59
N THR E 906 18.83 12.34 -38.41
CA THR E 906 18.53 11.09 -39.07
C THR E 906 18.18 11.31 -40.53
N GLN E 907 18.24 10.23 -41.30
CA GLN E 907 18.00 10.33 -42.73
C GLN E 907 16.55 10.63 -43.12
N PRO E 908 15.51 9.94 -42.60
CA PRO E 908 14.16 10.24 -43.12
C PRO E 908 13.64 11.61 -42.73
N PHE E 909 14.12 12.18 -41.62
CA PHE E 909 13.73 13.54 -41.29
C PHE E 909 14.41 14.52 -42.22
N ALA E 910 15.72 14.37 -42.42
CA ALA E 910 16.49 15.29 -43.24
C ALA E 910 16.10 15.21 -44.71
N CYS E 911 15.59 14.08 -45.16
CA CYS E 911 15.12 14.01 -46.53
C CYS E 911 13.73 14.58 -46.69
N GLY E 912 13.04 14.90 -45.60
CA GLY E 912 11.70 15.43 -45.68
C GLY E 912 10.62 14.40 -45.85
N THR E 913 10.95 13.11 -45.89
CA THR E 913 9.99 12.05 -46.08
C THR E 913 9.40 11.56 -44.77
N ALA E 914 9.54 12.33 -43.70
CA ALA E 914 9.08 11.88 -42.39
C ALA E 914 8.78 13.11 -41.55
N PHE E 915 7.52 13.47 -41.44
CA PHE E 915 7.13 14.62 -40.64
C PHE E 915 6.84 14.14 -39.22
N ALA E 916 7.75 14.45 -38.30
CA ALA E 916 7.45 14.23 -36.90
C ALA E 916 6.43 15.27 -36.43
N VAL E 917 5.70 14.91 -35.37
CA VAL E 917 4.73 15.83 -34.80
C VAL E 917 5.30 16.58 -33.61
N SER E 918 6.50 16.23 -33.17
CA SER E 918 7.18 16.94 -32.09
C SER E 918 7.61 18.33 -32.50
N VAL E 919 7.64 18.60 -33.79
CA VAL E 919 7.87 19.92 -34.37
C VAL E 919 6.89 20.94 -33.80
N LEU E 920 5.66 20.53 -33.55
CA LEU E 920 4.64 21.43 -33.04
C LEU E 920 4.92 21.84 -31.61
N ASP E 921 5.36 20.91 -30.76
CA ASP E 921 5.74 21.28 -29.42
C ASP E 921 7.06 22.04 -29.42
N SER E 922 7.87 21.90 -30.46
CA SER E 922 9.03 22.79 -30.58
C SER E 922 8.61 24.20 -30.96
N LEU E 923 7.47 24.36 -31.62
CA LEU E 923 6.98 25.69 -32.00
C LEU E 923 6.65 26.57 -30.81
N MET E 924 6.31 26.00 -29.66
CA MET E 924 5.83 26.82 -28.57
C MET E 924 6.93 27.63 -27.93
N SER E 925 8.15 27.10 -27.89
CA SER E 925 9.28 27.85 -27.38
C SER E 925 9.60 29.03 -28.29
N ALA E 926 9.63 28.79 -29.60
CA ALA E 926 9.90 29.87 -30.54
C ALA E 926 8.78 30.90 -30.55
N THR E 927 7.55 30.47 -30.30
CA THR E 927 6.46 31.42 -30.14
C THR E 927 6.60 32.21 -28.86
N TYR E 928 7.16 31.62 -27.82
CA TYR E 928 7.44 32.34 -26.59
C TYR E 928 8.51 33.41 -26.78
N PHE E 929 9.57 33.10 -27.52
CA PHE E 929 10.66 34.08 -27.59
C PHE E 929 10.40 35.13 -28.67
N ASN E 930 9.71 34.76 -29.75
CA ASN E 930 9.28 35.74 -30.73
C ASN E 930 7.80 35.52 -31.03
N ASP E 931 7.03 36.60 -30.97
CA ASP E 931 5.60 36.53 -31.22
C ASP E 931 5.26 36.46 -32.70
N ASN E 932 6.25 36.49 -33.58
CA ASN E 932 6.01 36.63 -35.00
C ASN E 932 6.47 35.41 -35.79
N ILE E 933 7.08 34.42 -35.13
CA ILE E 933 7.39 33.17 -35.80
C ILE E 933 6.11 32.47 -36.20
N LEU E 934 5.13 32.44 -35.29
CA LEU E 934 3.86 31.79 -35.57
C LEU E 934 3.11 32.52 -36.66
N THR E 935 3.15 33.84 -36.66
CA THR E 935 2.47 34.62 -37.67
C THR E 935 3.09 34.41 -39.04
N LEU E 936 4.43 34.40 -39.09
CA LEU E 936 5.13 34.15 -40.35
C LEU E 936 4.85 32.76 -40.89
N ILE E 937 4.93 31.75 -40.04
CA ILE E 937 4.71 30.37 -40.47
C ILE E 937 3.25 30.16 -40.87
N ARG E 938 2.32 30.79 -40.16
CA ARG E 938 0.92 30.63 -40.46
C ARG E 938 0.53 31.32 -41.76
N THR E 939 1.14 32.46 -42.07
CA THR E 939 0.90 33.06 -43.37
C THR E 939 1.65 32.34 -44.48
N LEU E 940 2.76 31.70 -44.16
CA LEU E 940 3.54 31.01 -45.19
C LEU E 940 2.88 29.70 -45.59
N VAL E 941 2.27 29.02 -44.63
CA VAL E 941 1.91 27.62 -44.78
C VAL E 941 0.43 27.44 -45.12
N THR E 942 -0.46 28.18 -44.47
CA THR E 942 -1.86 28.12 -44.82
C THR E 942 -2.12 28.74 -46.19
N GLY E 943 -1.25 29.65 -46.62
CA GLY E 943 -1.39 30.26 -47.92
C GLY E 943 -2.47 31.31 -47.90
N GLY E 944 -2.34 32.28 -47.00
CA GLY E 944 -3.36 33.28 -46.83
C GLY E 944 -4.27 32.95 -45.68
N ALA E 945 -4.11 33.69 -44.58
CA ALA E 945 -4.83 33.46 -43.35
C ALA E 945 -5.35 34.77 -42.80
N THR E 946 -6.05 35.52 -43.65
CA THR E 946 -6.60 36.80 -43.25
C THR E 946 -7.67 36.63 -42.18
N PRO E 947 -7.77 37.56 -41.23
CA PRO E 947 -8.79 37.41 -40.18
C PRO E 947 -10.22 37.55 -40.69
N GLU E 948 -10.42 38.18 -41.84
CA GLU E 948 -11.75 38.17 -42.46
C GLU E 948 -12.14 36.76 -42.89
N LEU E 949 -11.18 35.95 -43.32
CA LEU E 949 -11.45 34.56 -43.62
C LEU E 949 -11.81 33.77 -42.37
N GLU E 950 -11.07 34.03 -41.28
CA GLU E 950 -11.36 33.40 -40.01
C GLU E 950 -12.75 33.79 -39.50
N ALA E 951 -13.15 35.04 -39.74
CA ALA E 951 -14.47 35.48 -39.30
C ALA E 951 -15.57 34.87 -40.15
N LEU E 952 -15.33 34.72 -41.47
CA LEU E 952 -16.35 34.13 -42.32
C LEU E 952 -16.50 32.65 -42.09
N ILE E 953 -15.40 31.95 -41.79
CA ILE E 953 -15.52 30.55 -41.37
C ILE E 953 -16.14 30.46 -39.99
N ALA E 954 -15.89 31.46 -39.14
CA ALA E 954 -16.31 31.41 -37.74
C ALA E 954 -17.82 31.46 -37.56
N GLU E 955 -18.58 31.86 -38.58
CA GLU E 955 -20.02 31.97 -38.41
C GLU E 955 -20.80 30.80 -39.01
N GLU E 956 -20.23 30.07 -39.96
CA GLU E 956 -20.95 28.95 -40.52
C GLU E 956 -20.12 27.70 -40.73
N ASN E 957 -18.79 27.75 -40.54
CA ASN E 957 -17.86 26.64 -40.73
C ASN E 957 -17.95 26.08 -42.15
N ALA E 958 -18.06 26.97 -43.12
CA ALA E 958 -18.22 26.58 -44.51
C ALA E 958 -17.64 27.67 -45.38
N LEU E 959 -16.70 27.30 -46.24
CA LEU E 959 -16.05 28.24 -47.15
C LEU E 959 -17.02 28.54 -48.28
N ARG E 960 -17.86 29.55 -48.09
CA ARG E 960 -18.85 29.90 -49.09
C ARG E 960 -18.20 30.63 -50.25
N GLY E 961 -18.85 30.54 -51.41
CA GLY E 961 -18.30 31.11 -52.62
C GLY E 961 -18.76 32.53 -52.86
N GLY E 962 -18.04 33.22 -53.75
CA GLY E 962 -18.37 34.58 -54.10
C GLY E 962 -18.14 34.82 -55.57
N TYR E 963 -18.58 36.00 -56.01
CA TYR E 963 -18.32 36.42 -57.38
C TYR E 963 -16.91 36.97 -57.51
N SER E 964 -16.52 37.24 -58.74
CA SER E 964 -15.18 37.74 -59.03
C SER E 964 -15.24 39.22 -59.38
N THR E 965 -14.52 40.02 -58.62
CA THR E 965 -14.36 41.45 -58.86
C THR E 965 -12.88 41.71 -59.15
N PRO E 966 -12.51 42.89 -59.66
CA PRO E 966 -11.07 43.22 -59.70
C PRO E 966 -10.45 43.36 -58.33
N GLN E 967 -11.22 43.69 -57.30
CA GLN E 967 -10.72 43.60 -55.94
C GLN E 967 -10.47 42.15 -55.54
N THR E 968 -11.30 41.24 -56.03
CA THR E 968 -11.19 39.83 -55.69
C THR E 968 -9.94 39.20 -56.30
N LEU E 969 -9.73 39.41 -57.60
CA LEU E 969 -8.59 38.81 -58.27
C LEU E 969 -7.27 39.46 -57.86
N ALA E 970 -7.31 40.67 -57.32
CA ALA E 970 -6.09 41.26 -56.79
C ALA E 970 -5.66 40.60 -55.50
N ASN E 971 -6.57 39.90 -54.83
CA ASN E 971 -6.25 39.28 -53.54
C ASN E 971 -5.34 38.08 -53.72
N ARG E 972 -5.42 37.41 -54.87
CA ARG E 972 -4.56 36.24 -55.11
C ARG E 972 -3.25 36.62 -55.81
N ASP E 973 -2.58 37.63 -55.26
CA ASP E 973 -1.30 38.09 -55.78
C ASP E 973 -0.15 37.57 -54.93
N ARG E 974 -0.43 36.70 -53.97
CA ARG E 974 0.60 36.13 -53.11
C ARG E 974 1.51 35.20 -53.90
N CYS E 975 2.67 34.92 -53.34
CA CYS E 975 3.60 34.02 -54.00
C CYS E 975 3.52 32.65 -53.36
N ARG E 976 3.88 31.63 -54.13
CA ARG E 976 3.73 30.24 -53.73
C ARG E 976 5.09 29.65 -53.42
N VAL E 977 5.09 28.36 -53.12
CA VAL E 977 6.29 27.61 -52.82
C VAL E 977 6.46 26.56 -53.90
N ALA E 978 7.65 26.50 -54.51
CA ALA E 978 7.91 25.53 -55.55
C ALA E 978 9.38 25.18 -55.57
N GLN E 979 9.70 24.13 -56.32
CA GLN E 979 11.07 23.72 -56.57
C GLN E 979 11.41 23.94 -58.03
N LEU E 980 12.71 24.04 -58.29
CA LEU E 980 13.21 24.41 -59.64
C LEU E 980 14.31 23.42 -60.04
N ALA E 981 14.16 22.78 -61.19
CA ALA E 981 15.23 21.87 -61.68
C ALA E 981 16.28 22.71 -62.40
N LEU E 982 17.52 22.65 -61.91
CA LEU E 982 18.62 23.44 -62.53
C LEU E 982 18.88 22.95 -63.96
N LEU E 983 18.81 21.62 -64.20
CA LEU E 983 19.20 21.08 -65.53
C LEU E 983 18.35 21.67 -66.67
N ASP E 984 17.03 21.75 -66.52
CA ASP E 984 16.18 22.22 -67.63
C ASP E 984 15.88 23.71 -67.47
N GLY E 985 16.34 24.32 -66.37
CA GLY E 985 16.02 25.72 -66.08
C GLY E 985 16.84 26.73 -66.87
N PRO E 986 16.45 28.02 -66.89
CA PRO E 986 17.25 29.06 -67.55
C PRO E 986 18.58 29.18 -66.79
N PHE E 987 18.60 28.74 -65.53
CA PHE E 987 19.81 28.84 -64.68
C PHE E 987 20.67 27.60 -64.89
N ALA E 988 20.35 26.78 -65.91
CA ALA E 988 21.12 25.55 -66.20
C ALA E 988 22.59 25.91 -66.47
N ASP E 989 22.82 27.04 -67.14
CA ASP E 989 24.22 27.50 -67.40
C ASP E 989 24.90 27.68 -66.04
N LEU E 990 24.18 28.23 -65.05
CA LEU E 990 24.74 28.37 -63.69
C LEU E 990 24.56 27.04 -62.97
N GLY E 991 23.93 26.06 -63.63
CA GLY E 991 23.69 24.75 -63.02
C GLY E 991 24.98 24.04 -62.63
N ASP E 992 26.02 24.14 -63.45
CA ASP E 992 27.26 23.38 -63.13
C ASP E 992 28.27 24.31 -62.46
N GLY E 993 28.54 24.09 -61.17
CA GLY E 993 29.58 24.87 -60.46
C GLY E 993 29.14 26.28 -60.14
N GLY E 994 27.87 26.61 -60.38
CA GLY E 994 27.39 27.99 -60.17
C GLY E 994 27.41 28.37 -58.71
N CYS E 995 27.85 29.59 -58.39
CA CYS E 995 27.78 30.07 -56.99
C CYS E 995 26.31 30.23 -56.61
N TYR E 996 25.93 29.84 -55.39
CA TYR E 996 24.52 29.95 -54.96
C TYR E 996 24.11 31.42 -55.01
N GLY E 997 25.02 32.31 -54.61
CA GLY E 997 24.69 33.74 -54.57
C GLY E 997 24.31 34.26 -55.94
N ASP E 998 25.05 33.86 -56.98
CA ASP E 998 24.77 34.32 -58.36
C ASP E 998 23.36 33.84 -58.74
N LEU E 999 23.05 32.58 -58.42
CA LEU E 999 21.72 32.01 -58.79
C LEU E 999 20.64 32.81 -58.07
N PHE E 1000 20.84 33.10 -56.79
CA PHE E 1000 19.81 33.82 -56.02
C PHE E 1000 19.61 35.20 -56.64
N CYS E 1001 20.71 35.89 -56.93
CA CYS E 1001 20.57 37.28 -57.45
C CYS E 1001 19.85 37.25 -58.80
N LYS E 1002 20.26 36.33 -59.68
CA LYS E 1002 19.66 36.32 -61.04
C LYS E 1002 18.17 36.06 -60.90
N ALA E 1003 17.79 35.09 -60.07
CA ALA E 1003 16.36 34.74 -59.97
C ALA E 1003 15.57 35.92 -59.41
N LEU E 1004 16.07 36.53 -58.34
CA LEU E 1004 15.29 37.62 -57.70
C LEU E 1004 15.13 38.75 -58.71
N LYS E 1005 16.22 39.10 -59.41
CA LYS E 1005 16.18 40.21 -60.38
C LYS E 1005 15.29 39.88 -61.59
N THR E 1006 15.37 38.66 -62.12
CA THR E 1006 14.64 38.38 -63.39
C THR E 1006 13.22 37.86 -63.17
N TYR E 1007 13.05 36.80 -62.38
CA TYR E 1007 11.71 36.20 -62.20
C TYR E 1007 11.11 36.60 -60.85
N ASN E 1008 11.84 37.41 -60.07
CA ASN E 1008 11.36 37.82 -58.73
C ASN E 1008 11.08 36.57 -57.88
N MET E 1009 11.95 35.56 -57.98
CA MET E 1009 11.79 34.34 -57.14
C MET E 1009 12.87 34.38 -56.05
N LEU E 1010 12.45 34.34 -54.79
CA LEU E 1010 13.42 34.33 -53.67
C LEU E 1010 14.05 32.94 -53.59
N CYS E 1011 15.33 32.82 -53.97
CA CYS E 1011 15.98 31.52 -53.79
C CYS E 1011 16.07 31.21 -52.31
N PHE E 1012 15.61 30.04 -51.94
CA PHE E 1012 15.13 29.78 -50.61
C PHE E 1012 15.90 28.69 -49.89
N GLY E 1013 16.58 27.82 -50.62
CA GLY E 1013 17.34 26.73 -50.05
C GLY E 1013 17.51 25.63 -51.07
N ILE E 1014 18.59 24.88 -50.99
CA ILE E 1014 18.94 23.91 -52.02
C ILE E 1014 18.57 22.51 -51.53
N TYR E 1015 17.80 21.79 -52.32
CA TYR E 1015 17.36 20.44 -51.98
C TYR E 1015 18.27 19.45 -52.71
N ARG E 1016 19.42 19.20 -52.10
CA ARG E 1016 20.52 18.50 -52.74
C ARG E 1016 20.40 16.99 -52.58
N LEU E 1017 20.77 16.27 -53.62
CA LEU E 1017 20.74 14.81 -53.62
C LEU E 1017 21.78 14.27 -52.64
N ARG E 1018 21.50 13.09 -52.09
CA ARG E 1018 22.30 12.57 -50.99
C ARG E 1018 23.67 12.10 -51.48
N ASP E 1019 23.70 11.24 -52.48
CA ASP E 1019 24.97 10.76 -53.02
C ASP E 1019 25.45 11.61 -54.20
N ALA E 1020 25.48 12.92 -54.00
CA ALA E 1020 25.98 13.82 -55.03
C ALA E 1020 27.44 14.17 -54.78
N HIS E 1021 27.83 14.29 -53.52
CA HIS E 1021 29.22 14.57 -53.18
C HIS E 1021 30.13 13.38 -53.45
N LEU E 1022 29.57 12.18 -53.54
CA LEU E 1022 30.37 11.01 -53.90
C LEU E 1022 30.72 11.05 -55.38
N SER E 1023 31.66 10.20 -55.76
CA SER E 1023 32.08 10.07 -57.15
C SER E 1023 31.39 8.91 -57.86
N THR E 1024 31.07 7.85 -57.14
CA THR E 1024 30.45 6.68 -57.77
C THR E 1024 29.00 7.00 -58.11
N PRO E 1025 28.57 6.78 -59.35
CA PRO E 1025 27.17 7.01 -59.71
C PRO E 1025 26.27 5.98 -59.07
N SER E 1026 25.32 6.44 -58.27
CA SER E 1026 24.41 5.56 -57.54
C SER E 1026 23.00 5.73 -58.07
N GLN E 1027 22.09 4.94 -57.49
CA GLN E 1027 20.68 4.95 -57.85
C GLN E 1027 19.82 5.62 -56.79
N CYS E 1028 20.43 6.19 -55.76
CA CYS E 1028 19.69 6.77 -54.65
C CYS E 1028 19.11 8.11 -55.06
N THR E 1029 17.79 8.17 -55.19
CA THR E 1029 17.11 9.40 -55.54
C THR E 1029 16.69 10.20 -54.33
N LYS E 1030 17.05 9.77 -53.13
CA LYS E 1030 16.71 10.51 -51.91
C LYS E 1030 17.54 11.77 -51.82
N ARG E 1031 16.90 12.88 -51.54
CA ARG E 1031 17.59 14.15 -51.47
C ARG E 1031 17.36 14.78 -50.11
N TYR E 1032 18.36 15.49 -49.62
CA TYR E 1032 18.28 16.15 -48.32
C TYR E 1032 18.22 17.66 -48.52
N VAL E 1033 18.08 18.37 -47.41
CA VAL E 1033 17.69 19.78 -47.41
C VAL E 1033 18.85 20.63 -46.90
N ILE E 1034 19.19 21.66 -47.64
CA ILE E 1034 20.22 22.62 -47.25
C ILE E 1034 19.59 24.01 -47.23
N THR E 1035 19.63 24.65 -46.07
CA THR E 1035 18.93 25.91 -45.84
C THR E 1035 19.92 27.06 -45.80
N ASN E 1036 19.68 28.07 -46.63
CA ASN E 1036 20.41 29.34 -46.70
C ASN E 1036 21.92 29.12 -46.86
N PRO E 1037 22.40 28.72 -48.03
CA PRO E 1037 23.82 28.44 -48.18
C PRO E 1037 24.60 29.72 -48.47
N PRO E 1038 25.90 29.73 -48.17
CA PRO E 1038 26.72 30.91 -48.46
C PRO E 1038 27.25 30.96 -49.89
N TYR E 1039 28.13 31.93 -50.14
CA TYR E 1039 28.70 32.15 -51.47
C TYR E 1039 29.63 31.03 -51.90
N GLU E 1040 30.47 30.53 -50.99
CA GLU E 1040 31.43 29.50 -51.35
C GLU E 1040 30.78 28.13 -51.57
N PHE E 1041 29.48 28.02 -51.30
CA PHE E 1041 28.80 26.76 -51.49
C PHE E 1041 28.55 26.50 -52.97
N GLU E 1042 29.09 25.41 -53.47
CA GLU E 1042 29.04 25.04 -54.88
C GLU E 1042 27.64 24.57 -55.28
N LEU E 1043 27.51 24.10 -56.51
CA LEU E 1043 26.19 23.74 -57.02
C LEU E 1043 26.35 22.72 -58.13
N VAL E 1044 25.87 21.50 -57.90
CA VAL E 1044 25.84 20.46 -58.93
C VAL E 1044 24.59 20.70 -59.77
N PRO E 1045 24.50 20.20 -61.00
CA PRO E 1045 23.28 20.45 -61.80
C PRO E 1045 22.10 19.59 -61.40
N THR E 1046 22.28 18.59 -60.54
CA THR E 1046 21.19 17.70 -60.16
C THR E 1046 20.53 18.14 -58.86
N ASP E 1047 20.08 19.39 -58.78
CA ASP E 1047 19.48 19.91 -57.57
C ASP E 1047 18.09 20.45 -57.84
N LEU E 1048 17.36 20.68 -56.76
CA LEU E 1048 15.97 21.12 -56.80
C LEU E 1048 15.76 22.26 -55.79
N ILE E 1049 16.57 23.31 -55.96
CA ILE E 1049 16.59 24.49 -55.08
C ILE E 1049 15.19 25.07 -54.87
N PHE E 1050 14.85 25.29 -53.59
CA PHE E 1050 13.57 25.89 -53.23
C PHE E 1050 13.51 27.34 -53.66
N CYS E 1051 12.30 27.83 -53.88
CA CYS E 1051 12.11 29.19 -54.33
C CYS E 1051 10.71 29.65 -53.95
N LEU E 1052 10.46 30.93 -54.16
CA LEU E 1052 9.15 31.53 -53.91
C LEU E 1052 8.71 32.20 -55.21
N MET E 1053 8.04 31.44 -56.07
CA MET E 1053 7.65 31.95 -57.37
C MET E 1053 6.49 32.91 -57.24
N GLN E 1054 6.59 34.05 -57.93
CA GLN E 1054 5.49 34.99 -58.02
C GLN E 1054 4.39 34.43 -58.91
N PHE E 1055 3.28 35.14 -58.96
CA PHE E 1055 2.11 34.71 -59.72
C PHE E 1055 1.95 35.62 -60.93
N ASP E 1056 2.17 35.07 -62.13
CA ASP E 1056 1.97 35.81 -63.36
C ASP E 1056 0.48 35.96 -63.66
N TYR F 8 -31.76 -7.05 28.84
CA TYR F 8 -31.18 -8.38 28.98
C TYR F 8 -29.67 -8.35 28.81
N GLU F 9 -29.17 -7.33 28.12
CA GLU F 9 -27.75 -7.22 27.86
C GLU F 9 -27.03 -6.68 29.10
N TYR F 10 -25.78 -7.12 29.29
CA TYR F 10 -24.92 -6.52 30.29
C TYR F 10 -24.65 -5.07 29.93
N THR F 11 -25.08 -4.14 30.78
CA THR F 11 -24.76 -2.76 30.54
C THR F 11 -23.30 -2.49 30.90
N GLU F 12 -22.80 -1.34 30.46
CA GLU F 12 -21.39 -1.04 30.64
C GLU F 12 -21.02 -0.78 32.09
N ALA F 13 -21.96 -0.33 32.91
CA ALA F 13 -21.72 -0.30 34.34
C ALA F 13 -21.64 -1.71 34.90
N GLU F 14 -22.49 -2.60 34.42
CA GLU F 14 -22.44 -4.00 34.82
C GLU F 14 -21.19 -4.69 34.27
N ASP F 15 -20.81 -4.34 33.05
CA ASP F 15 -19.71 -5.05 32.39
C ASP F 15 -18.36 -4.67 33.00
N LYS F 16 -18.18 -3.40 33.34
CA LYS F 16 -16.92 -2.97 33.94
C LYS F 16 -16.77 -3.52 35.35
N SER F 17 -17.89 -3.72 36.05
CA SER F 17 -17.85 -4.37 37.35
C SER F 17 -17.40 -5.82 37.21
N ILE F 18 -17.79 -6.48 36.12
CA ILE F 18 -17.31 -7.83 35.86
C ILE F 18 -15.84 -7.80 35.51
N ARG F 19 -15.42 -6.82 34.71
CA ARG F 19 -14.01 -6.67 34.37
C ARG F 19 -13.17 -6.30 35.58
N LEU F 20 -13.72 -5.51 36.50
CA LEU F 20 -13.02 -5.22 37.74
C LEU F 20 -13.03 -6.44 38.65
N GLY F 21 -14.13 -7.20 38.66
CA GLY F 21 -14.23 -8.35 39.53
C GLY F 21 -13.29 -9.47 39.12
N LEU F 22 -13.12 -9.66 37.81
CA LEU F 22 -12.15 -10.65 37.35
C LEU F 22 -10.73 -10.18 37.58
N PHE F 23 -10.51 -8.87 37.57
CA PHE F 23 -9.17 -8.32 37.79
C PHE F 23 -8.69 -8.57 39.20
N LEU F 24 -9.60 -8.70 40.15
CA LEU F 24 -9.23 -9.00 41.52
C LEU F 24 -9.13 -10.49 41.78
N ILE F 25 -9.91 -11.29 41.06
CA ILE F 25 -9.77 -12.74 41.16
C ILE F 25 -8.43 -13.19 40.61
N ILE F 26 -7.99 -12.58 39.52
CA ILE F 26 -6.67 -12.90 38.96
C ILE F 26 -5.57 -12.40 39.88
N SER F 27 -5.65 -11.14 40.31
CA SER F 27 -4.62 -10.57 41.18
C SER F 27 -4.67 -11.16 42.58
N GLY F 28 -5.80 -11.72 42.99
CA GLY F 28 -5.83 -12.47 44.24
C GLY F 28 -5.04 -13.75 44.15
N VAL F 29 -4.95 -14.34 42.96
CA VAL F 29 -4.12 -15.51 42.76
C VAL F 29 -2.66 -15.12 42.65
N VAL F 30 -2.37 -14.06 41.89
CA VAL F 30 -0.99 -13.70 41.56
C VAL F 30 -0.26 -13.19 42.81
N SER F 31 -0.90 -12.33 43.59
CA SER F 31 -0.33 -11.88 44.85
C SER F 31 -0.12 -13.02 45.83
N LEU F 32 -1.02 -13.99 45.85
CA LEU F 32 -0.75 -15.25 46.53
C LEU F 32 0.36 -16.04 45.87
N PHE F 33 0.43 -16.04 44.54
CA PHE F 33 1.49 -16.75 43.84
C PHE F 33 2.84 -16.10 43.96
N ILE F 34 2.91 -14.77 43.98
CA ILE F 34 4.19 -14.09 44.18
C ILE F 34 4.74 -14.37 45.57
N PHE F 35 3.96 -14.13 46.61
CA PHE F 35 4.41 -14.21 48.00
C PHE F 35 4.74 -15.64 48.44
N GLY F 36 4.38 -16.65 47.64
CA GLY F 36 4.68 -18.02 48.03
C GLY F 36 6.16 -18.35 47.97
N PHE F 37 6.91 -17.67 47.11
CA PHE F 37 8.36 -17.85 47.03
C PHE F 37 9.11 -16.54 47.09
N CYS F 38 8.46 -15.46 47.52
CA CYS F 38 9.11 -14.17 47.55
C CYS F 38 8.99 -13.64 48.97
N TRP F 39 8.08 -14.26 49.71
CA TRP F 39 7.83 -13.94 51.11
C TRP F 39 7.95 -15.15 52.02
N LEU F 40 7.40 -16.29 51.64
CA LEU F 40 7.43 -17.52 52.42
C LEU F 40 8.75 -18.26 52.35
N SER F 41 9.39 -18.26 51.18
CA SER F 41 10.72 -18.86 51.03
C SER F 41 11.79 -18.25 51.92
N PRO F 42 11.84 -16.94 52.17
CA PRO F 42 12.69 -16.49 53.28
C PRO F 42 12.08 -16.71 54.64
N ALA F 43 10.76 -16.91 54.72
CA ALA F 43 10.12 -17.04 56.02
C ALA F 43 10.32 -18.41 56.63
N LEU F 44 10.01 -19.47 55.88
CA LEU F 44 10.06 -20.82 56.42
C LEU F 44 11.48 -21.30 56.66
N GLN F 45 12.47 -20.70 55.99
CA GLN F 45 13.85 -20.99 56.35
C GLN F 45 14.19 -20.40 57.71
N ASP F 46 13.62 -19.24 58.04
CA ASP F 46 13.77 -18.69 59.37
C ASP F 46 12.99 -19.46 60.41
N LEU F 47 11.86 -20.08 60.02
CA LEU F 47 11.11 -20.90 60.96
C LEU F 47 11.67 -22.30 61.07
N GLN F 48 12.75 -22.62 60.37
CA GLN F 48 13.34 -23.94 60.45
C GLN F 48 14.17 -24.09 61.73
N ALA F 49 14.82 -23.00 62.15
CA ALA F 49 15.61 -23.02 63.38
C ALA F 49 14.70 -23.13 64.60
N THR F 50 14.98 -24.11 65.46
CA THR F 50 14.07 -24.43 66.55
C THR F 50 14.50 -23.72 67.83
N GLU F 51 13.58 -23.65 68.79
CA GLU F 51 13.89 -23.11 70.10
C GLU F 51 14.74 -24.09 70.90
N ALA F 52 15.96 -23.68 71.23
CA ALA F 52 16.78 -24.43 72.15
C ALA F 52 16.72 -23.76 73.51
N ASN F 53 17.37 -24.37 74.50
CA ASN F 53 17.45 -23.77 75.82
C ASN F 53 18.90 -23.83 76.27
N CYS F 54 19.69 -22.85 75.88
CA CYS F 54 21.14 -22.95 75.91
C CYS F 54 21.75 -22.06 77.00
N THR F 55 22.97 -22.40 77.39
CA THR F 55 23.66 -21.72 78.47
C THR F 55 24.88 -20.97 77.96
N VAL F 56 25.20 -19.87 78.63
CA VAL F 56 26.32 -19.01 78.23
C VAL F 56 27.63 -19.71 78.57
N LEU F 57 28.45 -19.96 77.55
CA LEU F 57 29.74 -20.56 77.77
C LEU F 57 30.78 -19.52 78.17
N SER F 58 31.05 -18.55 77.29
CA SER F 58 32.12 -17.60 77.54
C SER F 58 31.85 -16.30 76.79
N VAL F 59 32.21 -15.18 77.41
CA VAL F 59 32.05 -13.85 76.83
C VAL F 59 33.42 -13.17 76.86
N GLN F 60 33.97 -12.90 75.68
CA GLN F 60 35.28 -12.25 75.61
C GLN F 60 35.27 -11.11 74.59
N GLN F 61 36.42 -10.51 74.38
CA GLN F 61 36.63 -9.54 73.32
C GLN F 61 37.80 -9.99 72.46
N ILE F 62 38.05 -9.27 71.37
CA ILE F 62 39.08 -9.61 70.41
C ILE F 62 40.13 -8.51 70.29
N GLY F 63 39.68 -7.26 70.18
CA GLY F 63 40.56 -6.15 69.91
C GLY F 63 40.52 -5.68 68.48
N GLU F 64 39.91 -6.44 67.58
CA GLU F 64 39.73 -6.02 66.20
C GLU F 64 38.59 -5.03 66.13
N VAL F 65 38.85 -3.85 65.59
CA VAL F 65 37.80 -2.87 65.39
C VAL F 65 37.00 -3.24 64.15
N PHE F 66 35.78 -2.72 64.10
CA PHE F 66 34.92 -2.86 62.93
C PHE F 66 34.25 -1.52 62.68
N GLU F 67 34.18 -1.13 61.42
CA GLU F 67 33.78 0.22 61.06
C GLU F 67 32.27 0.27 60.87
N CYS F 68 31.57 0.91 61.80
CA CYS F 68 30.14 1.13 61.67
C CYS F 68 29.91 2.38 60.83
N THR F 69 28.66 2.83 60.75
CA THR F 69 28.34 4.02 59.96
C THR F 69 27.22 4.77 60.67
N PHE F 70 27.55 5.89 61.30
CA PHE F 70 26.54 6.72 61.93
C PHE F 70 26.06 7.75 60.93
N THR F 71 25.15 8.63 61.38
CA THR F 71 24.63 9.69 60.54
C THR F 71 24.22 10.86 61.41
N CYS F 72 24.10 12.02 60.78
CA CYS F 72 23.56 13.22 61.39
C CYS F 72 22.06 13.35 61.20
N GLY F 73 21.52 12.77 60.13
CA GLY F 73 20.12 12.87 59.80
C GLY F 73 19.90 13.44 58.42
N ALA F 74 20.69 14.45 58.06
CA ALA F 74 20.60 15.07 56.75
C ALA F 74 21.65 14.50 55.80
N ASP F 75 21.58 13.18 55.64
CA ASP F 75 22.41 12.39 54.72
C ASP F 75 23.90 12.56 55.03
N CYS F 76 24.28 12.15 56.23
CA CYS F 76 25.68 12.14 56.65
C CYS F 76 26.20 10.72 56.62
N ARG F 77 27.44 10.56 56.14
CA ARG F 77 28.07 9.27 55.97
C ARG F 77 29.23 9.08 56.94
N GLY F 78 29.03 9.51 58.18
CA GLY F 78 30.07 9.38 59.18
C GLY F 78 30.26 7.92 59.58
N THR F 79 31.51 7.48 59.58
CA THR F 79 31.84 6.09 59.87
C THR F 79 32.75 6.05 61.09
N SER F 80 32.21 5.64 62.22
CA SER F 80 32.98 5.40 63.42
C SER F 80 33.32 3.91 63.51
N GLN F 81 33.86 3.50 64.65
CA GLN F 81 34.28 2.12 64.84
C GLN F 81 33.86 1.62 66.21
N TYR F 82 33.72 0.31 66.32
CA TYR F 82 33.28 -0.33 67.55
C TYR F 82 34.09 -1.58 67.79
N PRO F 83 34.40 -1.90 69.04
CA PRO F 83 35.09 -3.16 69.35
C PRO F 83 34.14 -4.34 69.24
N CYS F 84 34.73 -5.53 69.19
CA CYS F 84 33.98 -6.75 68.95
C CYS F 84 33.91 -7.60 70.22
N VAL F 85 32.79 -8.30 70.38
CA VAL F 85 32.56 -9.19 71.51
C VAL F 85 32.04 -10.52 70.96
N GLN F 86 32.75 -11.59 71.27
CA GLN F 86 32.32 -12.93 70.89
C GLN F 86 31.74 -13.62 72.12
N VAL F 87 30.43 -13.84 72.10
CA VAL F 87 29.73 -14.54 73.17
C VAL F 87 29.52 -15.96 72.69
N TYR F 88 30.38 -16.87 73.13
CA TYR F 88 30.17 -18.28 72.88
C TYR F 88 29.22 -18.84 73.90
N VAL F 89 28.29 -19.69 73.45
CA VAL F 89 27.33 -20.32 74.34
C VAL F 89 27.38 -21.83 74.17
N ASN F 90 26.91 -22.51 75.20
CA ASN F 90 26.83 -23.96 75.19
C ASN F 90 25.40 -24.35 74.87
N ASN F 91 25.22 -25.00 73.73
CA ASN F 91 23.89 -25.40 73.31
C ASN F 91 23.38 -26.57 74.17
N SER F 92 22.07 -26.71 74.22
CA SER F 92 21.47 -27.88 74.85
C SER F 92 21.28 -29.02 73.86
N GLU F 93 20.84 -28.71 72.65
CA GLU F 93 20.47 -29.75 71.70
C GLU F 93 21.67 -30.20 70.87
N SER F 94 22.29 -29.27 70.14
CA SER F 94 23.48 -29.62 69.37
C SER F 94 24.76 -29.50 70.17
N ASN F 95 24.66 -29.17 71.46
CA ASN F 95 25.67 -29.15 72.54
C ASN F 95 27.08 -28.76 72.12
N SER F 96 27.20 -27.68 71.36
CA SER F 96 28.47 -27.28 70.80
C SER F 96 28.78 -25.84 71.18
N ARG F 97 29.98 -25.40 70.81
CA ARG F 97 30.46 -24.06 71.08
C ARG F 97 30.11 -23.17 69.90
N ALA F 98 29.21 -22.21 70.12
CA ALA F 98 28.66 -21.40 69.04
C ALA F 98 28.39 -20.00 69.55
N LEU F 99 28.39 -19.05 68.63
CA LEU F 99 28.21 -17.64 68.97
C LEU F 99 26.74 -17.31 69.17
N LEU F 100 26.48 -16.18 69.81
CA LEU F 100 25.16 -15.57 69.79
C LEU F 100 25.11 -14.50 68.72
N HIS F 101 23.90 -14.24 68.24
CA HIS F 101 23.65 -13.21 67.24
C HIS F 101 22.29 -12.60 67.53
N SER F 102 22.22 -11.28 67.44
CA SER F 102 20.98 -10.58 67.76
C SER F 102 19.89 -10.88 66.75
N ASP F 103 20.26 -10.89 65.46
CA ASP F 103 19.40 -11.39 64.39
C ASP F 103 20.29 -11.81 63.24
N GLU F 104 19.66 -12.21 62.14
CA GLU F 104 20.42 -12.51 60.94
C GLU F 104 21.06 -11.26 60.34
N HIS F 105 20.43 -10.11 60.56
CA HIS F 105 21.00 -8.85 60.07
C HIS F 105 22.29 -8.51 60.81
N GLN F 106 22.36 -8.82 62.09
CA GLN F 106 23.63 -8.73 62.80
C GLN F 106 24.56 -9.84 62.37
N LEU F 107 24.00 -10.99 61.97
CA LEU F 107 24.82 -12.12 61.60
C LEU F 107 25.43 -11.95 60.22
N LEU F 108 24.62 -11.54 59.24
CA LEU F 108 25.10 -11.51 57.86
C LEU F 108 26.09 -10.38 57.62
N THR F 109 25.97 -9.27 58.36
CA THR F 109 26.91 -8.18 58.18
C THR F 109 28.24 -8.45 58.87
N ASN F 110 28.19 -8.83 60.15
CA ASN F 110 29.40 -9.17 60.89
C ASN F 110 29.14 -10.47 61.64
N PRO F 111 29.53 -11.61 61.07
CA PRO F 111 29.42 -12.87 61.82
C PRO F 111 30.45 -13.01 62.91
N LYS F 112 31.56 -12.27 62.84
CA LYS F 112 32.59 -12.38 63.85
C LYS F 112 32.22 -11.73 65.16
N CYS F 113 31.20 -10.88 65.18
CA CYS F 113 30.76 -10.25 66.40
C CYS F 113 29.38 -10.76 66.79
N SER F 114 29.07 -10.64 68.08
CA SER F 114 27.77 -11.03 68.59
C SER F 114 26.78 -9.89 68.63
N TYR F 115 27.25 -8.65 68.76
CA TYR F 115 26.37 -7.53 69.02
C TYR F 115 26.92 -6.30 68.32
N ILE F 116 26.30 -5.91 67.21
CA ILE F 116 26.59 -4.63 66.57
C ILE F 116 25.81 -3.56 67.31
N PRO F 117 26.49 -2.60 67.94
CA PRO F 117 25.77 -1.52 68.59
C PRO F 117 25.23 -0.55 67.57
N PRO F 118 24.22 0.25 67.92
CA PRO F 118 23.80 1.34 67.02
C PRO F 118 24.90 2.39 66.94
N CYS F 119 25.38 2.65 65.73
CA CYS F 119 26.59 3.42 65.53
C CYS F 119 26.35 4.89 65.83
N LYS F 120 27.20 5.45 66.68
CA LYS F 120 27.15 6.86 67.05
C LYS F 120 28.40 7.55 66.54
N ARG F 121 28.44 8.88 66.76
CA ARG F 121 29.50 9.70 66.21
C ARG F 121 30.83 9.43 66.90
N GLU F 122 30.89 9.66 68.21
CA GLU F 122 32.13 9.48 68.95
C GLU F 122 32.40 7.99 69.15
N ASN F 123 33.68 7.63 69.09
CA ASN F 123 34.07 6.24 69.33
C ASN F 123 33.81 5.83 70.77
N GLN F 124 33.91 6.78 71.71
CA GLN F 124 33.62 6.50 73.11
C GLN F 124 32.15 6.21 73.33
N LYS F 125 31.28 6.86 72.55
CA LYS F 125 29.85 6.54 72.61
C LYS F 125 29.59 5.12 72.13
N ASN F 126 30.24 4.72 71.06
CA ASN F 126 30.12 3.35 70.59
C ASN F 126 30.87 2.38 71.49
N LEU F 127 31.89 2.84 72.20
CA LEU F 127 32.62 1.98 73.13
C LEU F 127 31.76 1.62 74.34
N GLU F 128 31.06 2.61 74.90
CA GLU F 128 30.27 2.38 76.10
C GLU F 128 29.05 1.54 75.82
N SER F 129 28.50 1.62 74.60
CA SER F 129 27.38 0.76 74.22
C SER F 129 27.80 -0.70 74.10
N VAL F 130 29.08 -0.96 73.84
CA VAL F 130 29.56 -2.33 73.83
C VAL F 130 29.64 -2.88 75.25
N MET F 131 30.31 -2.15 76.15
CA MET F 131 30.55 -2.67 77.48
C MET F 131 29.28 -2.67 78.32
N ASN F 132 28.34 -1.77 78.05
CA ASN F 132 27.04 -1.84 78.69
C ASN F 132 26.30 -3.10 78.27
N TRP F 133 26.37 -3.45 76.98
CA TRP F 133 25.85 -4.73 76.54
C TRP F 133 26.69 -5.88 77.08
N GLN F 134 27.99 -5.67 77.22
CA GLN F 134 28.86 -6.72 77.72
C GLN F 134 28.62 -6.99 79.19
N GLN F 135 28.30 -5.93 79.96
CA GLN F 135 28.04 -6.08 81.39
C GLN F 135 26.78 -6.91 81.64
N TYR F 136 25.80 -6.84 80.73
CA TYR F 136 24.62 -7.70 80.81
C TYR F 136 24.98 -9.18 80.58
N TRP F 137 26.12 -9.45 79.96
CA TRP F 137 26.51 -10.83 79.70
C TRP F 137 27.76 -11.25 80.45
N LYS F 138 28.34 -10.38 81.26
CA LYS F 138 29.41 -10.78 82.17
C LYS F 138 28.91 -11.04 83.58
N ASP F 139 27.68 -10.66 83.90
CA ASP F 139 27.12 -10.95 85.21
C ASP F 139 26.20 -12.16 85.20
N GLU F 140 25.55 -12.43 84.07
CA GLU F 140 24.55 -13.48 83.96
C GLU F 140 25.11 -14.55 83.03
N ILE F 141 25.91 -15.45 83.60
CA ILE F 141 26.65 -16.46 82.85
C ILE F 141 26.25 -17.82 83.38
N GLY F 142 25.79 -18.71 82.51
CA GLY F 142 25.36 -20.04 82.94
C GLY F 142 24.01 -20.11 83.60
N SER F 143 23.78 -19.28 84.61
CA SER F 143 22.47 -19.16 85.25
C SER F 143 21.46 -18.58 84.27
N GLN F 144 20.18 -18.84 84.56
CA GLN F 144 19.02 -18.62 83.71
C GLN F 144 19.25 -18.95 82.22
N PRO F 145 19.28 -20.26 81.86
CA PRO F 145 19.41 -20.63 80.43
C PRO F 145 18.24 -20.13 79.61
N PHE F 146 18.55 -19.46 78.51
CA PHE F 146 17.53 -18.73 77.77
C PHE F 146 17.12 -19.47 76.50
N THR F 147 15.95 -19.09 75.98
CA THR F 147 15.51 -19.57 74.68
C THR F 147 16.40 -19.02 73.59
N CYS F 148 16.82 -19.88 72.67
CA CYS F 148 17.79 -19.48 71.66
C CYS F 148 17.57 -20.33 70.40
N TYR F 149 17.59 -19.66 69.26
CA TYR F 149 17.25 -20.30 68.00
C TYR F 149 18.50 -20.81 67.30
N PHE F 150 18.49 -22.08 66.91
CA PHE F 150 19.62 -22.70 66.24
C PHE F 150 19.12 -23.58 65.10
N ASN F 151 19.87 -23.59 64.01
CA ASN F 151 19.60 -24.43 62.85
C ASN F 151 20.74 -25.42 62.67
N GLN F 152 20.40 -26.70 62.52
CA GLN F 152 21.39 -27.73 62.29
C GLN F 152 21.57 -28.03 60.81
N HIS F 153 21.07 -27.16 59.94
CA HIS F 153 21.21 -27.32 58.50
C HIS F 153 22.09 -26.27 57.87
N GLN F 154 21.80 -24.99 58.10
CA GLN F 154 22.52 -23.90 57.42
C GLN F 154 23.75 -23.46 58.20
N ARG F 155 23.56 -22.99 59.43
CA ARG F 155 24.65 -22.45 60.23
C ARG F 155 24.99 -23.43 61.34
N PRO F 156 26.07 -24.21 61.20
CA PRO F 156 26.39 -25.21 62.23
C PRO F 156 26.92 -24.63 63.52
N ASP F 157 27.29 -23.35 63.55
CA ASP F 157 27.92 -22.79 64.73
C ASP F 157 27.45 -21.37 65.03
N ASP F 158 26.21 -21.04 64.68
CA ASP F 158 25.68 -19.70 64.91
C ASP F 158 24.28 -19.83 65.50
N VAL F 159 24.07 -19.16 66.63
CA VAL F 159 22.82 -19.23 67.36
C VAL F 159 22.20 -17.83 67.35
N LEU F 160 20.92 -17.75 67.02
CA LEU F 160 20.22 -16.48 67.02
C LEU F 160 19.54 -16.22 68.36
N LEU F 161 19.30 -14.94 68.64
CA LEU F 161 18.54 -14.53 69.82
C LEU F 161 17.09 -14.27 69.51
N HIS F 162 16.74 -14.01 68.26
CA HIS F 162 15.38 -13.66 67.89
C HIS F 162 15.06 -14.35 66.56
N ARG F 163 13.94 -13.98 65.97
CA ARG F 163 13.62 -14.38 64.60
C ARG F 163 13.66 -13.13 63.74
N THR F 164 13.69 -13.35 62.42
CA THR F 164 13.56 -12.23 61.50
C THR F 164 12.10 -11.79 61.42
N HIS F 165 11.18 -12.69 61.74
CA HIS F 165 9.76 -12.40 61.60
C HIS F 165 8.98 -12.83 62.83
N ASP F 166 7.66 -12.82 62.73
CA ASP F 166 6.79 -13.13 63.86
C ASP F 166 6.03 -14.41 63.51
N GLU F 167 5.10 -14.81 64.38
CA GLU F 167 4.13 -15.83 64.01
C GLU F 167 3.17 -15.30 62.94
N ILE F 168 2.98 -13.98 62.90
CA ILE F 168 2.00 -13.36 62.02
C ILE F 168 2.47 -13.27 60.58
N VAL F 169 3.72 -13.65 60.31
CA VAL F 169 4.25 -13.58 58.95
C VAL F 169 3.62 -14.65 58.07
N LEU F 170 3.07 -15.72 58.66
CA LEU F 170 2.32 -16.70 57.89
C LEU F 170 0.92 -16.21 57.58
N LEU F 171 0.43 -15.23 58.35
CA LEU F 171 -0.95 -14.82 58.20
C LEU F 171 -1.14 -13.94 56.99
N HIS F 172 -0.44 -12.80 56.93
CA HIS F 172 -0.74 -11.76 55.96
C HIS F 172 -0.36 -12.12 54.54
N CYS F 173 0.47 -13.13 54.34
CA CYS F 173 0.74 -13.61 52.99
C CYS F 173 -0.33 -14.53 52.46
N PHE F 174 -1.04 -15.23 53.34
CA PHE F 174 -2.19 -16.02 52.92
C PHE F 174 -3.50 -15.28 53.07
N LEU F 175 -3.57 -14.27 53.93
CA LEU F 175 -4.84 -13.63 54.20
C LEU F 175 -5.26 -12.70 53.08
N TRP F 176 -4.48 -11.65 52.86
CA TRP F 176 -4.89 -10.53 52.03
C TRP F 176 -5.00 -10.76 50.53
N PRO F 177 -4.23 -11.65 49.89
CA PRO F 177 -4.66 -12.08 48.55
C PRO F 177 -5.96 -12.86 48.57
N LEU F 178 -6.20 -13.68 49.60
CA LEU F 178 -7.48 -14.37 49.68
C LEU F 178 -8.60 -13.42 50.06
N VAL F 179 -8.29 -12.37 50.82
CA VAL F 179 -9.26 -11.30 51.03
C VAL F 179 -9.57 -10.61 49.71
N THR F 180 -8.52 -10.36 48.91
CA THR F 180 -8.72 -9.81 47.58
C THR F 180 -9.44 -10.81 46.67
N PHE F 181 -9.24 -12.10 46.91
CA PHE F 181 -9.89 -13.10 46.09
C PHE F 181 -11.39 -13.18 46.37
N VAL F 182 -11.79 -13.17 47.65
CA VAL F 182 -13.20 -13.31 48.00
C VAL F 182 -13.97 -12.07 47.58
N VAL F 183 -13.40 -10.89 47.81
CA VAL F 183 -14.04 -9.63 47.41
C VAL F 183 -14.16 -9.57 45.89
N GLY F 184 -13.16 -10.09 45.17
CA GLY F 184 -13.27 -10.20 43.73
C GLY F 184 -14.35 -11.16 43.27
N VAL F 185 -14.65 -12.17 44.08
CA VAL F 185 -15.77 -13.05 43.77
C VAL F 185 -17.09 -12.36 44.09
N LEU F 186 -17.16 -11.66 45.23
CA LEU F 186 -18.39 -11.00 45.65
C LEU F 186 -18.79 -9.86 44.73
N ILE F 187 -17.85 -9.28 43.99
CA ILE F 187 -18.23 -8.32 42.95
C ILE F 187 -18.90 -9.04 41.80
N VAL F 188 -18.36 -10.19 41.39
CA VAL F 188 -18.90 -10.90 40.24
C VAL F 188 -20.23 -11.56 40.58
N VAL F 189 -20.34 -12.14 41.77
CA VAL F 189 -21.56 -12.84 42.17
C VAL F 189 -22.71 -11.84 42.34
N LEU F 190 -22.46 -10.74 43.03
CA LEU F 190 -23.52 -9.76 43.23
C LEU F 190 -23.85 -8.99 41.96
N THR F 191 -22.98 -9.00 40.95
CA THR F 191 -23.35 -8.40 39.67
C THR F 191 -24.31 -9.31 38.93
N ILE F 192 -24.03 -10.61 38.93
CA ILE F 192 -24.88 -11.58 38.22
C ILE F 192 -26.22 -11.70 38.92
N CYS F 193 -26.22 -11.78 40.24
CA CYS F 193 -27.46 -11.99 40.99
C CYS F 193 -28.38 -10.77 40.91
N ALA F 194 -27.82 -9.56 41.02
CA ALA F 194 -28.65 -8.37 40.92
C ALA F 194 -29.15 -8.15 39.49
N LYS F 195 -28.36 -8.55 38.50
CA LYS F 195 -28.84 -8.49 37.12
C LYS F 195 -29.95 -9.51 36.90
N SER F 196 -29.80 -10.72 37.44
CA SER F 196 -30.83 -11.74 37.32
C SER F 196 -32.09 -11.36 38.08
N LEU F 197 -31.96 -10.53 39.12
CA LEU F 197 -33.15 -9.96 39.74
C LEU F 197 -33.65 -8.75 38.97
N ALA F 198 -32.83 -8.17 38.10
CA ALA F 198 -33.25 -7.03 37.29
C ALA F 198 -33.70 -7.42 35.90
N VAL F 199 -33.58 -8.70 35.53
CA VAL F 199 -34.05 -9.16 34.23
C VAL F 199 -35.24 -10.12 34.35
N LYS F 200 -35.40 -10.78 35.49
CA LYS F 200 -36.51 -11.70 35.70
C LYS F 200 -37.69 -11.08 36.42
N ALA F 201 -37.45 -10.27 37.45
CA ALA F 201 -38.52 -9.62 38.18
C ALA F 201 -39.14 -8.44 37.44
N GLU F 202 -38.50 -7.98 36.36
CA GLU F 202 -39.10 -6.95 35.51
C GLU F 202 -40.29 -7.49 34.74
N ALA F 203 -40.28 -8.77 34.39
CA ALA F 203 -41.34 -9.37 33.57
C ALA F 203 -42.44 -9.99 34.41
N MET F 204 -42.75 -9.41 35.56
CA MET F 204 -43.83 -9.89 36.42
C MET F 204 -45.15 -9.18 36.10
N LYS F 205 -45.33 -8.79 34.84
CA LYS F 205 -46.50 -8.06 34.40
C LYS F 205 -47.54 -9.01 33.82
N GLN G 19 28.37 -38.62 46.28
CA GLN G 19 29.16 -37.68 45.50
C GLN G 19 28.29 -36.92 44.50
N ARG G 20 28.92 -36.07 43.70
CA ARG G 20 28.19 -35.27 42.72
C ARG G 20 27.73 -36.14 41.56
N MET G 21 26.52 -36.67 41.67
CA MET G 21 25.97 -37.57 40.67
C MET G 21 24.93 -36.88 39.80
N TRP G 22 25.18 -35.60 39.49
CA TRP G 22 24.34 -34.82 38.59
C TRP G 22 24.32 -35.40 37.19
N TRP G 23 25.38 -36.11 36.81
CA TRP G 23 25.59 -36.54 35.45
C TRP G 23 24.63 -37.65 35.04
N ALA G 24 24.20 -38.47 36.01
CA ALA G 24 23.41 -39.64 35.71
C ALA G 24 22.01 -39.28 35.23
N PHE G 25 21.50 -38.11 35.64
CA PHE G 25 20.19 -37.67 35.22
C PHE G 25 20.17 -37.36 33.73
N LEU G 26 21.11 -36.52 33.29
CA LEU G 26 21.23 -36.19 31.88
C LEU G 26 21.61 -37.40 31.06
N ALA G 27 22.45 -38.28 31.63
CA ALA G 27 22.78 -39.53 30.95
C ALA G 27 21.56 -40.41 30.76
N SER G 28 20.71 -40.47 31.78
CA SER G 28 19.49 -41.28 31.69
C SER G 28 18.54 -40.72 30.65
N SER G 29 18.37 -39.40 30.63
CA SER G 29 17.47 -38.79 29.67
C SER G 29 17.97 -38.94 28.24
N MET G 30 19.26 -38.78 28.02
CA MET G 30 19.77 -38.85 26.66
C MET G 30 19.85 -40.30 26.16
N VAL G 31 20.18 -41.25 27.04
CA VAL G 31 20.13 -42.65 26.68
C VAL G 31 18.69 -43.09 26.44
N THR G 32 17.73 -42.48 27.16
CA THR G 32 16.33 -42.71 26.85
C THR G 32 15.96 -42.10 25.50
N PHE G 33 16.68 -41.06 25.08
CA PHE G 33 16.34 -40.44 23.79
C PHE G 33 16.91 -41.23 22.63
N PHE G 34 18.24 -41.31 22.54
CA PHE G 34 18.84 -41.92 21.36
C PHE G 34 18.82 -43.43 21.41
N GLY G 35 18.66 -44.02 22.60
CA GLY G 35 18.35 -45.43 22.65
C GLY G 35 16.96 -45.71 22.10
N GLY G 36 15.97 -44.95 22.56
CA GLY G 36 14.61 -45.11 22.08
C GLY G 36 14.42 -44.65 20.65
N LEU G 37 15.29 -43.77 20.17
CA LEU G 37 15.21 -43.36 18.77
C LEU G 37 15.75 -44.45 17.86
N PHE G 38 16.82 -45.12 18.27
CA PHE G 38 17.40 -46.17 17.43
C PHE G 38 16.50 -47.39 17.38
N ILE G 39 15.76 -47.66 18.46
CA ILE G 39 14.83 -48.79 18.48
C ILE G 39 13.74 -48.59 17.45
N ILE G 40 13.25 -47.35 17.31
CA ILE G 40 12.23 -47.05 16.31
C ILE G 40 12.81 -47.18 14.89
N LEU G 41 14.07 -46.80 14.71
CA LEU G 41 14.68 -46.92 13.40
C LEU G 41 14.98 -48.37 13.05
N LEU G 42 15.51 -49.14 14.01
CA LEU G 42 15.87 -50.52 13.71
C LEU G 42 14.64 -51.41 13.60
N TRP G 43 13.58 -51.10 14.34
CA TRP G 43 12.33 -51.84 14.13
C TRP G 43 11.72 -51.50 12.79
N ARG G 44 11.94 -50.28 12.30
CA ARG G 44 11.58 -49.96 10.92
C ARG G 44 12.67 -50.34 9.93
N THR G 45 13.80 -50.84 10.41
CA THR G 45 14.78 -51.44 9.52
C THR G 45 14.48 -52.92 9.31
N LEU G 46 14.31 -53.66 10.41
CA LEU G 46 14.15 -55.10 10.34
C LEU G 46 12.80 -55.49 9.75
N LYS G 47 11.78 -54.64 9.92
CA LYS G 47 10.50 -54.89 9.27
C LYS G 47 10.62 -54.76 7.76
N TYR G 48 11.51 -53.90 7.28
CA TYR G 48 11.77 -53.76 5.85
C TYR G 48 13.07 -54.45 5.43
N LEU G 49 13.65 -55.27 6.30
CA LEU G 49 14.75 -56.15 5.93
C LEU G 49 14.34 -57.61 5.89
N TRP G 50 13.46 -58.03 6.80
CA TRP G 50 12.89 -59.36 6.75
C TRP G 50 11.98 -59.55 5.55
N THR G 51 11.44 -58.45 5.01
CA THR G 51 10.64 -58.53 3.80
C THR G 51 11.52 -58.80 2.58
N VAL G 52 12.80 -58.40 2.65
CA VAL G 52 13.70 -58.54 1.51
C VAL G 52 14.04 -60.01 1.26
N CYS G 53 14.41 -60.73 2.31
CA CYS G 53 14.77 -62.14 2.18
C CYS G 53 13.54 -63.01 1.91
N TRP G 93 -2.83 -58.80 18.98
CA TRP G 93 -3.97 -57.93 19.22
C TRP G 93 -3.50 -56.49 19.34
N MET G 94 -2.93 -55.98 18.24
CA MET G 94 -2.52 -54.59 18.12
C MET G 94 -3.62 -53.71 17.56
N THR G 95 -4.84 -54.23 17.44
CA THR G 95 -5.93 -53.50 16.81
C THR G 95 -6.65 -52.57 17.78
N SER G 96 -7.23 -53.12 18.85
CA SER G 96 -8.00 -52.30 19.78
C SER G 96 -7.12 -51.52 20.73
N VAL G 97 -5.81 -51.77 20.74
CA VAL G 97 -4.90 -51.07 21.63
C VAL G 97 -4.76 -49.60 21.27
N LYS G 98 -5.06 -49.23 20.02
CA LYS G 98 -5.18 -47.84 19.62
C LYS G 98 -6.58 -47.30 19.82
N ASP G 99 -7.42 -48.00 20.58
CA ASP G 99 -8.80 -47.61 20.78
C ASP G 99 -9.21 -47.54 22.25
N TRP G 100 -8.61 -48.39 23.08
CA TRP G 100 -8.67 -48.21 24.56
C TRP G 100 -8.31 -46.76 24.89
N ALA G 101 -7.08 -46.35 24.58
CA ALA G 101 -6.62 -44.99 24.94
C ALA G 101 -6.52 -44.07 23.72
N GLY G 102 -6.47 -44.63 22.51
CA GLY G 102 -6.28 -43.77 21.32
C GLY G 102 -7.42 -42.79 21.18
N VAL G 103 -8.66 -43.27 21.35
CA VAL G 103 -9.84 -42.36 21.31
C VAL G 103 -9.73 -41.40 22.51
N MET G 104 -9.31 -41.92 23.66
CA MET G 104 -9.26 -41.10 24.90
C MET G 104 -8.29 -39.93 24.70
N ILE G 105 -7.15 -40.18 24.05
CA ILE G 105 -6.14 -39.11 23.80
C ILE G 105 -6.78 -38.01 22.96
N SER G 106 -7.65 -38.38 22.00
CA SER G 106 -8.25 -37.37 21.08
C SER G 106 -8.98 -36.28 21.88
N ALA G 107 -8.81 -35.03 21.48
CA ALA G 107 -9.45 -33.89 22.17
C ALA G 107 -10.98 -33.96 22.07
N GLN G 108 -11.48 -34.64 21.04
CA GLN G 108 -12.96 -34.68 20.83
C GLN G 108 -13.63 -35.31 22.06
N THR G 109 -13.02 -36.37 22.61
CA THR G 109 -13.58 -37.01 23.84
C THR G 109 -13.53 -36.03 25.00
N LEU G 110 -14.60 -35.97 25.81
CA LEU G 110 -14.65 -35.05 26.97
C LEU G 110 -13.66 -35.53 28.04
N THR G 111 -13.80 -36.77 28.51
CA THR G 111 -12.77 -37.38 29.34
C THR G 111 -11.38 -37.05 28.82
N GLY G 112 -11.22 -37.03 27.49
CA GLY G 112 -9.94 -36.65 26.91
C GLY G 112 -9.58 -35.20 27.16
N ARG G 113 -10.56 -34.30 27.01
CA ARG G 113 -10.33 -32.89 27.29
C ARG G 113 -10.01 -32.64 28.76
N VAL G 114 -10.72 -33.33 29.67
CA VAL G 114 -10.44 -33.21 31.09
C VAL G 114 -9.06 -33.78 31.41
N LEU G 115 -8.66 -34.83 30.70
CA LEU G 115 -7.31 -35.38 30.87
C LEU G 115 -6.23 -34.39 30.44
N VAL G 116 -6.46 -33.70 29.32
CA VAL G 116 -5.53 -32.69 28.86
C VAL G 116 -5.46 -31.52 29.84
N VAL G 117 -6.61 -31.10 30.38
CA VAL G 117 -6.63 -30.00 31.34
C VAL G 117 -5.93 -30.40 32.63
N LEU G 118 -6.10 -31.65 33.07
CA LEU G 118 -5.45 -32.10 34.30
C LEU G 118 -3.95 -32.24 34.12
N VAL G 119 -3.50 -32.73 32.95
CA VAL G 119 -2.06 -32.86 32.77
C VAL G 119 -1.42 -31.48 32.59
N PHE G 120 -2.17 -30.51 32.06
CA PHE G 120 -1.65 -29.16 31.97
C PHE G 120 -1.57 -28.49 33.34
N ALA G 121 -2.58 -28.71 34.19
CA ALA G 121 -2.55 -28.14 35.53
C ALA G 121 -1.45 -28.76 36.37
N LEU G 122 -1.23 -30.07 36.23
CA LEU G 122 -0.13 -30.67 36.97
C LEU G 122 1.22 -30.28 36.37
N SER G 123 1.26 -29.90 35.09
CA SER G 123 2.48 -29.34 34.54
C SER G 123 2.79 -27.99 35.15
N ILE G 124 1.76 -27.17 35.35
CA ILE G 124 1.92 -25.90 36.06
C ILE G 124 2.41 -26.14 37.47
N GLY G 125 1.85 -27.17 38.13
CA GLY G 125 2.30 -27.51 39.47
C GLY G 125 3.74 -27.96 39.53
N ALA G 126 4.17 -28.72 38.54
CA ALA G 126 5.58 -29.11 38.46
C ALA G 126 6.48 -27.91 38.21
N LEU G 127 6.00 -26.94 37.44
CA LEU G 127 6.76 -25.72 37.23
C LEU G 127 6.87 -24.91 38.53
N VAL G 128 5.81 -24.92 39.34
CA VAL G 128 5.87 -24.25 40.64
C VAL G 128 6.83 -24.97 41.57
N ILE G 129 6.89 -26.30 41.48
CA ILE G 129 7.87 -27.07 42.24
C ILE G 129 9.29 -26.71 41.81
N TYR G 130 9.48 -26.48 40.51
CA TYR G 130 10.78 -25.98 40.02
C TYR G 130 11.09 -24.61 40.58
N PHE G 131 10.09 -23.73 40.64
CA PHE G 131 10.30 -22.39 41.17
C PHE G 131 10.65 -22.43 42.64
N ILE G 132 10.10 -23.39 43.37
CA ILE G 132 10.46 -23.57 44.77
C ILE G 132 11.88 -24.10 44.88
N ASP G 133 12.21 -25.11 44.08
CA ASP G 133 13.52 -25.74 44.16
C ASP G 133 14.65 -24.87 43.63
N SER G 134 14.33 -23.80 42.91
CA SER G 134 15.37 -22.88 42.45
C SER G 134 15.95 -22.02 43.56
N SER G 135 15.40 -22.06 44.78
CA SER G 135 15.92 -21.32 45.92
C SER G 135 16.80 -22.19 46.80
N ASN G 136 17.54 -23.10 46.21
CA ASN G 136 18.31 -24.11 46.91
C ASN G 136 19.70 -24.23 46.30
N PRO G 137 20.66 -24.95 46.93
CA PRO G 137 21.92 -25.25 46.23
C PRO G 137 21.78 -26.29 45.13
N ILE G 138 22.93 -26.74 44.59
CA ILE G 138 22.95 -27.57 43.39
C ILE G 138 22.28 -28.92 43.64
N GLU G 139 22.62 -29.57 44.75
CA GLU G 139 21.96 -30.82 45.11
C GLU G 139 22.04 -31.00 46.61
N SER G 140 21.21 -31.91 47.11
CA SER G 140 21.20 -32.26 48.54
C SER G 140 20.62 -33.67 48.68
N CYS G 141 21.00 -34.33 49.76
CA CYS G 141 20.62 -35.71 50.02
C CYS G 141 19.37 -35.75 50.89
N GLN G 142 18.40 -36.56 50.50
CA GLN G 142 17.13 -36.71 51.21
C GLN G 142 16.88 -38.18 51.49
N ASN G 143 15.88 -38.45 52.32
CA ASN G 143 15.30 -39.79 52.39
C ASN G 143 13.82 -39.77 52.06
N PHE G 144 13.03 -39.02 52.80
CA PHE G 144 11.58 -39.04 52.67
C PHE G 144 10.94 -37.65 52.67
N TYR G 145 11.58 -36.65 53.27
CA TYR G 145 11.01 -35.31 53.41
C TYR G 145 12.13 -34.33 53.74
N LYS G 146 12.20 -33.25 53.00
CA LYS G 146 12.93 -32.05 53.44
C LYS G 146 12.07 -30.82 53.33
N ASP G 147 11.26 -30.72 52.29
CA ASP G 147 10.25 -29.67 52.16
C ASP G 147 9.00 -30.27 51.53
N PHE G 148 8.73 -31.55 51.83
CA PHE G 148 7.84 -32.43 51.05
C PHE G 148 8.22 -32.37 49.57
N THR G 149 9.52 -32.52 49.31
CA THR G 149 10.10 -32.05 48.06
C THR G 149 9.77 -32.98 46.91
N LEU G 150 10.27 -34.21 46.95
CA LEU G 150 10.07 -35.16 45.88
C LEU G 150 8.80 -35.97 46.04
N GLN G 151 8.13 -35.84 47.18
CA GLN G 151 6.99 -36.69 47.50
C GLN G 151 5.81 -36.40 46.58
N ILE G 152 5.64 -35.16 46.16
CA ILE G 152 4.53 -34.80 45.28
C ILE G 152 5.06 -34.81 43.85
N ASP G 153 6.37 -34.62 43.71
CA ASP G 153 6.99 -34.58 42.40
C ASP G 153 6.97 -35.96 41.75
N MET G 154 7.18 -37.00 42.56
CA MET G 154 7.10 -38.37 42.06
C MET G 154 5.70 -38.69 41.57
N ALA G 155 4.67 -38.21 42.28
CA ALA G 155 3.29 -38.47 41.87
C ALA G 155 2.96 -37.75 40.56
N PHE G 156 3.38 -36.48 40.45
CA PHE G 156 3.16 -35.73 39.22
C PHE G 156 3.86 -36.37 38.04
N ASN G 157 5.06 -36.88 38.26
CA ASN G 157 5.83 -37.43 37.16
C ASN G 157 5.39 -38.85 36.81
N VAL G 158 4.84 -39.59 37.77
CA VAL G 158 4.21 -40.87 37.44
C VAL G 158 2.96 -40.65 36.60
N PHE G 159 2.18 -39.62 36.94
CA PHE G 159 1.03 -39.28 36.09
C PHE G 159 1.47 -38.82 34.71
N PHE G 160 2.59 -38.09 34.64
CA PHE G 160 3.12 -37.68 33.35
C PHE G 160 3.58 -38.87 32.52
N LEU G 161 4.24 -39.82 33.16
CA LEU G 161 4.66 -41.06 32.52
C LEU G 161 3.46 -41.83 31.97
N LEU G 162 2.39 -41.92 32.76
CA LEU G 162 1.17 -42.56 32.28
C LEU G 162 0.55 -41.77 31.14
N TYR G 163 0.72 -40.44 31.13
CA TYR G 163 0.07 -39.64 30.10
C TYR G 163 0.80 -39.75 28.76
N PHE G 164 2.13 -39.80 28.77
CA PHE G 164 2.74 -40.06 27.47
C PHE G 164 2.94 -41.54 27.24
N GLY G 165 2.45 -42.38 28.16
CA GLY G 165 2.37 -43.79 27.87
C GLY G 165 1.21 -44.11 26.95
N LEU G 166 0.00 -43.68 27.31
CA LEU G 166 -1.18 -44.12 26.57
C LEU G 166 -1.32 -43.37 25.25
N ARG G 167 -0.58 -42.27 25.06
CA ARG G 167 -0.57 -41.65 23.75
C ARG G 167 0.65 -42.05 22.94
N PHE G 168 1.58 -42.80 23.53
CA PHE G 168 2.63 -43.41 22.73
C PHE G 168 2.06 -44.54 21.89
N ILE G 169 1.08 -45.27 22.44
CA ILE G 169 0.44 -46.31 21.66
C ILE G 169 -0.58 -45.69 20.69
N ALA G 170 -0.94 -44.43 20.90
CA ALA G 170 -1.84 -43.71 19.99
C ALA G 170 -1.11 -43.13 18.79
N ALA G 171 0.16 -43.47 18.60
CA ALA G 171 0.96 -42.95 17.51
C ALA G 171 0.63 -43.70 16.23
N ASN G 172 0.03 -43.00 15.26
CA ASN G 172 -0.09 -43.56 13.93
C ASN G 172 1.29 -43.70 13.29
N ASP G 173 2.20 -42.79 13.60
CA ASP G 173 3.61 -42.93 13.26
C ASP G 173 4.40 -42.94 14.55
N LYS G 174 5.06 -44.07 14.83
CA LYS G 174 5.81 -44.24 16.06
C LYS G 174 7.02 -43.30 16.10
N LEU G 175 7.52 -42.90 14.94
CA LEU G 175 8.64 -41.96 14.88
C LEU G 175 8.18 -40.51 15.00
N TRP G 176 7.05 -40.17 14.39
CA TRP G 176 6.58 -38.79 14.42
C TRP G 176 6.19 -38.36 15.82
N PHE G 177 5.60 -39.27 16.60
CA PHE G 177 5.30 -38.95 17.99
C PHE G 177 6.57 -38.78 18.81
N TRP G 178 7.61 -39.52 18.46
CA TRP G 178 8.85 -39.48 19.22
C TRP G 178 9.57 -38.14 19.06
N LEU G 179 9.35 -37.43 17.98
CA LEU G 179 10.06 -36.19 17.72
C LEU G 179 9.17 -34.96 17.73
N GLU G 180 7.88 -35.10 18.03
CA GLU G 180 7.08 -33.94 18.38
C GLU G 180 7.57 -33.42 19.72
N VAL G 181 7.76 -32.11 19.81
CA VAL G 181 8.14 -31.50 21.09
C VAL G 181 6.83 -31.24 21.83
N ASN G 182 6.26 -32.33 22.32
CA ASN G 182 5.25 -32.32 23.36
C ASN G 182 5.46 -33.45 24.35
N SER G 183 6.27 -34.44 23.98
CA SER G 183 6.82 -35.40 24.91
C SER G 183 8.32 -35.20 25.11
N VAL G 184 8.95 -34.39 24.26
CA VAL G 184 10.34 -34.01 24.50
C VAL G 184 10.44 -33.15 25.77
N VAL G 185 9.46 -32.27 25.96
CA VAL G 185 9.28 -31.60 27.25
C VAL G 185 8.99 -32.62 28.35
N ASP G 186 8.16 -33.62 28.06
CA ASP G 186 7.82 -34.65 29.03
C ASP G 186 8.87 -35.75 29.12
N PHE G 187 10.07 -35.47 28.62
CA PHE G 187 11.04 -36.51 28.34
C PHE G 187 12.43 -36.21 28.87
N PHE G 188 12.82 -34.95 29.00
CA PHE G 188 14.00 -34.58 29.74
C PHE G 188 13.74 -34.42 31.23
N THR G 189 12.49 -34.58 31.65
CA THR G 189 12.09 -34.38 33.04
C THR G 189 11.90 -35.69 33.79
N VAL G 190 11.14 -36.61 33.22
CA VAL G 190 10.66 -37.80 33.94
C VAL G 190 11.78 -38.81 34.24
N PRO G 191 12.69 -39.17 33.32
CA PRO G 191 13.80 -40.07 33.72
C PRO G 191 14.76 -39.46 34.73
N PRO G 192 15.06 -38.14 34.72
CA PRO G 192 15.80 -37.63 35.89
C PRO G 192 15.02 -37.68 37.19
N VAL G 193 13.69 -37.61 37.17
CA VAL G 193 12.93 -37.78 38.39
C VAL G 193 13.03 -39.21 38.89
N PHE G 194 13.01 -40.17 37.97
CA PHE G 194 13.16 -41.56 38.37
C PHE G 194 14.56 -41.85 38.90
N VAL G 195 15.59 -41.23 38.32
CA VAL G 195 16.93 -41.34 38.87
C VAL G 195 17.01 -40.67 40.23
N SER G 196 16.29 -39.56 40.40
CA SER G 196 16.31 -38.84 41.66
C SER G 196 15.66 -39.63 42.78
N VAL G 197 14.58 -40.36 42.47
CA VAL G 197 13.96 -41.17 43.51
C VAL G 197 14.72 -42.49 43.67
N TYR G 198 15.47 -42.93 42.66
CA TYR G 198 16.34 -44.08 42.83
C TYR G 198 17.57 -43.75 43.67
N LEU G 199 17.96 -42.49 43.73
CA LEU G 199 19.13 -42.08 44.47
C LEU G 199 18.83 -41.22 45.69
N ASN G 200 17.57 -40.84 45.88
CA ASN G 200 17.08 -40.08 47.04
C ASN G 200 17.78 -38.71 47.18
N ARG G 201 18.21 -38.15 46.06
CA ARG G 201 18.76 -36.81 46.02
C ARG G 201 18.11 -36.07 44.86
N SER G 202 18.09 -34.75 44.95
CA SER G 202 17.46 -33.95 43.91
C SER G 202 18.50 -33.34 43.00
N TRP G 203 18.05 -32.88 41.83
CA TRP G 203 18.92 -32.11 40.96
C TRP G 203 18.08 -31.12 40.17
N LEU G 204 18.54 -29.87 40.15
CA LEU G 204 17.81 -28.77 39.52
C LEU G 204 18.27 -28.66 38.08
N GLY G 205 18.05 -29.72 37.32
CA GLY G 205 18.60 -29.77 35.98
C GLY G 205 17.68 -29.17 34.95
N LEU G 206 17.31 -29.96 33.96
CA LEU G 206 16.43 -29.51 32.88
C LEU G 206 14.97 -29.63 33.28
N ARG G 207 14.64 -29.14 34.47
CA ARG G 207 13.27 -29.19 34.94
C ARG G 207 12.50 -27.96 34.50
N PHE G 208 13.21 -26.91 34.10
CA PHE G 208 12.59 -25.71 33.57
C PHE G 208 11.94 -25.92 32.22
N LEU G 209 12.25 -27.04 31.54
CA LEU G 209 11.63 -27.34 30.26
C LEU G 209 10.15 -27.65 30.39
N ARG G 210 9.68 -27.92 31.61
CA ARG G 210 8.25 -28.08 31.88
C ARG G 210 7.47 -26.81 31.54
N ALA G 211 8.12 -25.65 31.67
CA ALA G 211 7.51 -24.38 31.29
C ALA G 211 7.24 -24.28 29.79
N LEU G 212 7.92 -25.08 28.97
CA LEU G 212 7.66 -25.07 27.55
C LEU G 212 6.31 -25.69 27.21
N ARG G 213 5.71 -26.44 28.12
CA ARG G 213 4.38 -26.99 27.91
C ARG G 213 3.29 -25.95 28.10
N LEU G 214 3.63 -24.71 28.45
CA LEU G 214 2.67 -23.61 28.47
C LEU G 214 2.17 -23.21 27.09
N ILE G 215 2.71 -23.78 26.01
CA ILE G 215 2.26 -23.51 24.66
C ILE G 215 0.83 -24.01 24.43
N GLN G 216 0.35 -24.95 25.24
CA GLN G 216 -1.00 -25.49 25.12
C GLN G 216 -2.03 -24.69 25.91
N PHE G 217 -1.68 -23.49 26.35
CA PHE G 217 -2.56 -22.74 27.23
C PHE G 217 -3.80 -22.24 26.49
N SER G 218 -3.63 -21.81 25.25
CA SER G 218 -4.78 -21.40 24.45
C SER G 218 -5.64 -22.60 24.07
N GLU G 219 -5.03 -23.77 23.91
CA GLU G 219 -5.80 -24.96 23.59
C GLU G 219 -6.65 -25.41 24.76
N ILE G 220 -6.09 -25.37 25.97
CA ILE G 220 -6.90 -25.77 27.11
C ILE G 220 -7.89 -24.68 27.50
N LEU G 221 -7.54 -23.42 27.23
CA LEU G 221 -8.44 -22.32 27.56
C LEU G 221 -9.58 -22.22 26.56
N GLN G 222 -9.41 -22.79 25.37
CA GLN G 222 -10.51 -22.93 24.44
C GLN G 222 -11.51 -23.98 24.93
N PHE G 223 -11.04 -24.98 25.67
CA PHE G 223 -11.91 -26.06 26.13
C PHE G 223 -12.88 -25.59 27.20
N LEU G 224 -12.50 -24.58 27.98
CA LEU G 224 -13.34 -24.08 29.05
C LEU G 224 -14.29 -22.99 28.59
N ASN G 225 -14.42 -22.81 27.27
CA ASN G 225 -15.33 -21.84 26.63
C ASN G 225 -15.04 -20.41 27.07
N ILE G 226 -13.78 -20.12 27.38
CA ILE G 226 -13.39 -18.77 27.77
C ILE G 226 -13.08 -17.93 26.56
N LEU G 227 -12.43 -18.52 25.56
CA LEU G 227 -12.06 -17.85 24.33
C LEU G 227 -12.94 -18.38 23.21
N LYS G 228 -13.60 -17.48 22.49
CA LYS G 228 -14.46 -17.83 21.38
C LYS G 228 -14.20 -16.90 20.20
N THR G 229 -12.98 -16.38 20.11
CA THR G 229 -12.64 -15.38 19.11
C THR G 229 -11.27 -15.70 18.56
N SER G 230 -11.12 -15.64 17.23
CA SER G 230 -9.87 -16.03 16.59
C SER G 230 -8.75 -15.05 16.89
N ASN G 231 -9.10 -13.77 17.06
CA ASN G 231 -8.13 -12.80 17.54
C ASN G 231 -7.68 -13.16 18.94
N SER G 232 -8.60 -13.62 19.79
CA SER G 232 -8.25 -13.99 21.15
C SER G 232 -7.38 -15.24 21.17
N ILE G 233 -7.71 -16.21 20.31
CA ILE G 233 -6.91 -17.44 20.21
C ILE G 233 -5.50 -17.12 19.72
N LYS G 234 -5.38 -16.27 18.71
CA LYS G 234 -4.07 -15.90 18.19
C LYS G 234 -3.27 -15.08 19.20
N LEU G 235 -3.95 -14.21 19.94
CA LEU G 235 -3.29 -13.40 20.95
C LEU G 235 -2.77 -14.24 22.10
N VAL G 236 -3.56 -15.21 22.56
CA VAL G 236 -3.11 -16.05 23.66
C VAL G 236 -2.04 -17.02 23.17
N ASN G 237 -2.06 -17.40 21.89
CA ASN G 237 -0.96 -18.18 21.34
C ASN G 237 0.33 -17.39 21.32
N LEU G 238 0.28 -16.11 20.94
CA LEU G 238 1.48 -15.28 20.94
C LEU G 238 2.01 -15.05 22.34
N LEU G 239 1.13 -14.72 23.28
CA LEU G 239 1.58 -14.49 24.64
C LEU G 239 2.09 -15.77 25.29
N SER G 240 1.52 -16.91 24.91
CA SER G 240 1.95 -18.18 25.47
C SER G 240 3.32 -18.57 24.94
N ILE G 241 3.55 -18.40 23.64
CA ILE G 241 4.86 -18.76 23.11
C ILE G 241 5.92 -17.77 23.60
N PHE G 242 5.53 -16.51 23.84
CA PHE G 242 6.46 -15.53 24.39
C PHE G 242 6.87 -15.87 25.82
N ILE G 243 5.88 -16.12 26.69
CA ILE G 243 6.16 -16.42 28.09
C ILE G 243 6.88 -17.75 28.23
N SER G 244 6.51 -18.74 27.40
CA SER G 244 7.15 -20.04 27.50
C SER G 244 8.60 -19.98 27.03
N THR G 245 8.86 -19.29 25.92
CA THR G 245 10.24 -19.12 25.45
C THR G 245 11.07 -18.34 26.46
N TRP G 246 10.47 -17.33 27.06
CA TRP G 246 11.19 -16.48 28.01
C TRP G 246 11.54 -17.23 29.29
N LEU G 247 10.59 -17.97 29.85
CA LEU G 247 10.87 -18.74 31.06
C LEU G 247 11.82 -19.90 30.78
N THR G 248 11.72 -20.51 29.59
CA THR G 248 12.61 -21.62 29.25
C THR G 248 14.05 -21.14 29.11
N ALA G 249 14.25 -20.04 28.39
CA ALA G 249 15.59 -19.52 28.23
C ALA G 249 16.14 -18.98 29.54
N ALA G 250 15.27 -18.44 30.40
CA ALA G 250 15.70 -18.00 31.72
C ALA G 250 16.15 -19.18 32.57
N GLY G 251 15.44 -20.31 32.49
CA GLY G 251 15.90 -21.50 33.18
C GLY G 251 17.21 -22.03 32.65
N PHE G 252 17.43 -21.92 31.33
CA PHE G 252 18.68 -22.36 30.73
C PHE G 252 19.86 -21.56 31.24
N ILE G 253 19.77 -20.24 31.13
CA ILE G 253 20.92 -19.44 31.55
C ILE G 253 21.02 -19.36 33.07
N HIS G 254 19.93 -19.64 33.80
CA HIS G 254 20.04 -19.90 35.23
C HIS G 254 20.90 -21.12 35.51
N LEU G 255 20.65 -22.21 34.77
CA LEU G 255 21.40 -23.44 34.95
C LEU G 255 22.86 -23.26 34.58
N VAL G 256 23.13 -22.43 33.58
CA VAL G 256 24.52 -22.15 33.21
C VAL G 256 25.20 -21.32 34.29
N GLU G 257 24.54 -20.26 34.77
CA GLU G 257 25.20 -19.35 35.69
C GLU G 257 25.29 -19.85 37.11
N ASN G 258 24.43 -20.80 37.52
CA ASN G 258 24.62 -21.41 38.84
C ASN G 258 25.91 -22.21 38.88
N SER G 259 26.18 -22.98 37.84
CA SER G 259 27.47 -23.61 37.68
C SER G 259 28.47 -22.59 37.15
N GLY G 260 29.70 -23.03 36.94
CA GLY G 260 30.73 -22.20 36.38
C GLY G 260 31.15 -22.68 35.01
N ASP G 261 32.09 -21.94 34.44
CA ASP G 261 32.81 -22.42 33.27
C ASP G 261 33.63 -23.63 33.68
N PRO G 262 33.43 -24.80 33.05
CA PRO G 262 34.08 -26.01 33.55
C PRO G 262 35.58 -26.03 33.33
N TRP G 263 36.07 -25.33 32.31
CA TRP G 263 37.51 -25.16 32.17
C TRP G 263 38.08 -24.22 33.23
N GLU G 264 37.23 -23.40 33.83
CA GLU G 264 37.61 -22.63 35.01
C GLU G 264 37.33 -23.41 36.29
N ASN G 265 37.06 -24.71 36.18
CA ASN G 265 36.84 -25.63 37.29
C ASN G 265 35.67 -25.20 38.17
N PHE G 266 34.63 -24.64 37.53
CA PHE G 266 33.38 -24.26 38.17
C PHE G 266 33.60 -23.23 39.28
N GLN G 267 34.56 -22.34 39.08
CA GLN G 267 34.92 -21.36 40.09
C GLN G 267 34.31 -20.00 39.86
N ASN G 268 33.99 -19.65 38.62
CA ASN G 268 33.36 -18.37 38.33
C ASN G 268 31.84 -18.47 38.33
N ASN G 269 31.27 -19.06 39.36
CA ASN G 269 29.83 -19.17 39.46
C ASN G 269 29.23 -17.84 39.87
N GLN G 270 28.10 -17.51 39.26
CA GLN G 270 27.37 -16.30 39.57
C GLN G 270 26.07 -16.72 40.24
N ALA G 271 25.97 -16.52 41.55
CA ALA G 271 24.84 -17.00 42.32
C ALA G 271 23.62 -16.13 42.02
N LEU G 272 22.98 -16.42 40.89
CA LEU G 272 21.77 -15.74 40.51
C LEU G 272 20.55 -16.52 40.98
N THR G 273 19.55 -15.79 41.45
CA THR G 273 18.24 -16.39 41.62
C THR G 273 17.67 -16.64 40.23
N TYR G 274 16.72 -17.57 40.14
CA TYR G 274 15.97 -17.76 38.90
C TYR G 274 15.26 -16.48 38.49
N TRP G 275 14.72 -15.75 39.47
CA TRP G 275 13.94 -14.58 39.12
C TRP G 275 14.81 -13.38 38.81
N GLU G 276 16.00 -13.30 39.41
CA GLU G 276 17.02 -12.37 38.95
C GLU G 276 17.34 -12.61 37.48
N CYS G 277 17.40 -13.87 37.10
CA CYS G 277 17.70 -14.24 35.73
C CYS G 277 16.53 -13.91 34.80
N VAL G 278 15.31 -14.05 35.30
CA VAL G 278 14.12 -13.64 34.57
C VAL G 278 14.12 -12.14 34.32
N TYR G 279 14.51 -11.37 35.34
CA TYR G 279 14.70 -9.92 35.19
C TYR G 279 15.78 -9.61 34.16
N LEU G 280 16.86 -10.39 34.17
CA LEU G 280 17.93 -10.23 33.19
C LEU G 280 17.43 -10.40 31.78
N LEU G 281 16.63 -11.42 31.52
CA LEU G 281 16.15 -11.62 30.16
C LEU G 281 15.09 -10.62 29.74
N MET G 282 14.29 -10.10 30.69
CA MET G 282 13.35 -9.06 30.29
C MET G 282 14.07 -7.74 30.02
N VAL G 283 15.13 -7.45 30.77
CA VAL G 283 15.93 -6.27 30.48
C VAL G 283 16.69 -6.46 29.17
N THR G 284 17.06 -7.70 28.84
CA THR G 284 17.83 -7.94 27.62
C THR G 284 16.97 -7.85 26.37
N MET G 285 15.86 -8.61 26.33
CA MET G 285 15.06 -8.69 25.11
C MET G 285 14.44 -7.36 24.71
N SER G 286 14.21 -6.47 25.64
CA SER G 286 13.68 -5.15 25.34
C SER G 286 14.76 -4.15 24.98
N THR G 287 16.01 -4.61 24.88
CA THR G 287 17.20 -3.81 24.55
C THR G 287 17.35 -2.62 25.49
N VAL G 288 17.04 -2.84 26.76
CA VAL G 288 17.24 -1.79 27.75
C VAL G 288 18.65 -1.92 28.29
N GLY G 289 18.99 -3.08 28.84
CA GLY G 289 20.36 -3.40 29.21
C GLY G 289 20.97 -2.55 30.31
N TYR G 290 20.49 -2.69 31.56
CA TYR G 290 21.01 -1.86 32.64
C TYR G 290 22.45 -2.18 32.98
N GLY G 291 22.83 -3.45 32.94
CA GLY G 291 24.17 -3.81 33.31
C GLY G 291 24.38 -4.01 34.78
N ASP G 292 23.33 -3.86 35.59
CA ASP G 292 23.44 -4.22 36.99
C ASP G 292 23.55 -5.73 37.16
N VAL G 293 22.82 -6.48 36.35
CA VAL G 293 22.87 -7.93 36.31
C VAL G 293 23.28 -8.32 34.90
N TYR G 294 24.27 -9.19 34.78
CA TYR G 294 24.75 -9.66 33.49
C TYR G 294 25.48 -10.97 33.70
N ALA G 295 25.65 -11.71 32.61
CA ALA G 295 26.32 -13.01 32.69
C ALA G 295 27.82 -12.81 32.77
N LYS G 296 28.45 -13.38 33.78
CA LYS G 296 29.89 -13.26 33.96
C LYS G 296 30.65 -14.51 33.53
N THR G 297 29.97 -15.52 33.01
CA THR G 297 30.64 -16.72 32.54
C THR G 297 30.71 -16.72 31.03
N THR G 298 31.75 -17.36 30.51
CA THR G 298 31.99 -17.40 29.07
C THR G 298 30.88 -18.15 28.34
N LEU G 299 30.47 -19.30 28.88
CA LEU G 299 29.32 -20.01 28.34
C LEU G 299 28.05 -19.20 28.50
N GLY G 300 27.95 -18.43 29.57
CA GLY G 300 26.80 -17.55 29.75
C GLY G 300 26.76 -16.43 28.74
N ARG G 301 27.90 -15.80 28.48
CA ARG G 301 27.98 -14.78 27.45
C ARG G 301 27.65 -15.34 26.08
N LEU G 302 28.09 -16.58 25.83
CA LEU G 302 27.79 -17.24 24.56
C LEU G 302 26.30 -17.49 24.39
N PHE G 303 25.63 -17.96 25.44
CA PHE G 303 24.20 -18.14 25.33
C PHE G 303 23.46 -16.81 25.24
N MET G 304 23.97 -15.76 25.87
CA MET G 304 23.31 -14.47 25.74
C MET G 304 23.44 -13.91 24.33
N VAL G 305 24.57 -14.17 23.66
CA VAL G 305 24.72 -13.81 22.26
C VAL G 305 23.72 -14.57 21.41
N PHE G 306 23.64 -15.89 21.62
CA PHE G 306 22.72 -16.72 20.85
C PHE G 306 21.27 -16.33 21.10
N PHE G 307 20.95 -15.94 22.32
CA PHE G 307 19.56 -15.62 22.62
C PHE G 307 19.20 -14.20 22.19
N ILE G 308 20.16 -13.28 22.13
CA ILE G 308 19.87 -11.99 21.51
C ILE G 308 19.61 -12.16 20.03
N LEU G 309 20.39 -13.01 19.37
CA LEU G 309 20.13 -13.29 17.96
C LEU G 309 18.83 -14.04 17.75
N GLY G 310 18.49 -14.98 18.64
CA GLY G 310 17.23 -15.68 18.50
C GLY G 310 16.04 -14.81 18.82
N GLY G 311 16.20 -13.87 19.77
CA GLY G 311 15.11 -12.97 20.10
C GLY G 311 14.86 -11.96 19.00
N LEU G 312 15.93 -11.46 18.38
CA LEU G 312 15.73 -10.59 17.24
C LEU G 312 15.31 -11.37 16.00
N ALA G 313 15.54 -12.68 15.97
CA ALA G 313 15.03 -13.50 14.89
C ALA G 313 13.52 -13.61 14.96
N MET G 314 13.01 -14.16 16.05
CA MET G 314 11.57 -14.36 16.17
C MET G 314 10.82 -13.12 16.61
N PHE G 315 11.48 -11.96 16.67
CA PHE G 315 10.73 -10.71 16.71
C PHE G 315 10.60 -10.09 15.33
N ALA G 316 11.56 -10.33 14.45
CA ALA G 316 11.48 -9.80 13.10
C ALA G 316 10.85 -10.76 12.11
N SER G 317 10.60 -12.00 12.53
CA SER G 317 10.09 -13.00 11.60
C SER G 317 8.86 -13.72 12.09
N TYR G 318 8.63 -13.79 13.40
CA TYR G 318 7.51 -14.55 13.92
C TYR G 318 6.33 -13.65 14.25
N VAL G 319 6.52 -12.71 15.16
CA VAL G 319 5.43 -11.80 15.53
C VAL G 319 5.08 -10.68 14.56
N PRO G 320 5.99 -9.99 13.82
CA PRO G 320 5.61 -8.65 13.33
C PRO G 320 4.66 -8.66 12.14
N GLU G 321 4.36 -9.83 11.59
CA GLU G 321 3.28 -9.99 10.65
C GLU G 321 2.05 -10.60 11.32
N ILE G 322 2.19 -11.03 12.56
CA ILE G 322 1.06 -11.48 13.36
C ILE G 322 0.64 -10.41 14.36
N ILE G 323 1.58 -9.57 14.81
CA ILE G 323 1.22 -8.35 15.51
C ILE G 323 0.37 -7.46 14.62
N GLU G 324 0.78 -7.30 13.36
CA GLU G 324 0.04 -6.45 12.45
C GLU G 324 -1.20 -7.10 11.88
N LEU G 325 -1.54 -8.32 12.27
CA LEU G 325 -2.89 -8.80 12.07
C LEU G 325 -3.83 -8.33 13.17
N ILE G 326 -3.29 -7.79 14.26
CA ILE G 326 -4.09 -7.37 15.40
C ILE G 326 -3.92 -5.86 15.49
N GLY G 327 -3.81 -5.20 14.35
CA GLY G 327 -3.60 -3.77 14.35
C GLY G 327 -4.55 -3.02 13.44
N ASN G 328 -5.39 -3.72 12.69
CA ASN G 328 -6.26 -3.08 11.72
C ASN G 328 -7.48 -2.49 12.43
N ARG G 329 -7.69 -1.20 12.26
CA ARG G 329 -8.87 -0.52 12.76
C ARG G 329 -9.47 0.34 11.67
N LYS G 330 -10.80 0.44 11.67
CA LYS G 330 -11.53 1.26 10.72
C LYS G 330 -12.01 2.51 11.44
N LYS G 331 -11.80 3.67 10.81
CA LYS G 331 -11.93 4.95 11.48
C LYS G 331 -13.31 5.57 11.32
N TYR G 332 -14.28 4.84 10.76
CA TYR G 332 -15.65 5.34 10.70
C TYR G 332 -16.58 4.18 11.07
N GLY G 333 -16.87 4.09 12.35
CA GLY G 333 -17.77 3.07 12.85
C GLY G 333 -18.37 3.59 14.12
N GLY G 334 -18.78 2.66 14.97
CA GLY G 334 -19.37 3.09 16.23
C GLY G 334 -20.76 3.65 16.02
N SER G 335 -21.20 4.45 16.98
CA SER G 335 -22.53 5.03 16.94
C SER G 335 -22.44 6.49 17.33
N TYR G 336 -23.61 7.13 17.39
CA TYR G 336 -23.71 8.54 17.71
C TYR G 336 -24.03 8.72 19.19
N SER G 337 -23.26 9.58 19.86
CA SER G 337 -23.51 9.93 21.24
C SER G 337 -24.71 10.86 21.31
N ALA G 338 -25.82 10.38 21.86
CA ALA G 338 -27.02 11.19 21.99
C ALA G 338 -26.82 12.21 23.09
N VAL G 339 -26.34 13.40 22.73
CA VAL G 339 -26.21 14.50 23.67
C VAL G 339 -27.57 15.14 23.86
N SER G 340 -27.99 15.29 25.11
CA SER G 340 -29.31 15.86 25.38
C SER G 340 -29.33 17.34 25.07
N GLY G 341 -30.40 17.78 24.40
CA GLY G 341 -30.53 19.14 23.93
C GLY G 341 -30.05 19.36 22.51
N ARG G 342 -29.19 18.48 21.99
CA ARG G 342 -28.68 18.59 20.63
C ARG G 342 -29.56 17.75 19.73
N LYS G 343 -30.48 18.39 19.01
CA LYS G 343 -31.23 17.71 17.99
C LYS G 343 -30.32 17.43 16.81
N HIS G 344 -30.06 16.17 16.49
CA HIS G 344 -29.14 15.89 15.41
C HIS G 344 -29.88 15.52 14.14
N ILE G 345 -29.34 15.90 12.99
CA ILE G 345 -29.88 15.53 11.69
C ILE G 345 -29.01 14.43 11.11
N VAL G 346 -29.64 13.37 10.64
CA VAL G 346 -28.96 12.38 9.83
C VAL G 346 -29.06 12.81 8.38
N VAL G 347 -27.92 12.99 7.72
CA VAL G 347 -27.88 13.30 6.30
C VAL G 347 -27.35 12.08 5.57
N CYS G 348 -28.14 11.59 4.62
CA CYS G 348 -27.78 10.38 3.84
C CYS G 348 -27.82 10.75 2.35
N GLY G 349 -27.98 9.75 1.49
CA GLY G 349 -28.01 10.01 0.04
C GLY G 349 -26.61 10.13 -0.52
N HIS G 350 -26.49 10.56 -1.77
CA HIS G 350 -25.14 10.78 -2.37
C HIS G 350 -24.43 11.84 -1.54
N ILE G 351 -23.22 11.55 -1.08
CA ILE G 351 -22.45 12.53 -0.25
C ILE G 351 -21.10 12.74 -0.93
N THR G 352 -20.75 13.99 -1.23
CA THR G 352 -19.47 14.32 -1.90
C THR G 352 -19.07 15.73 -1.49
N LEU G 353 -17.85 16.15 -1.81
CA LEU G 353 -17.38 17.47 -1.34
C LEU G 353 -18.33 18.52 -1.90
N GLU G 354 -18.75 18.36 -3.16
CA GLU G 354 -19.65 19.33 -3.82
C GLU G 354 -21.00 19.38 -3.10
N SER G 355 -21.73 18.27 -3.08
CA SER G 355 -23.10 18.28 -2.49
C SER G 355 -23.04 18.64 -1.00
N VAL G 356 -22.12 18.04 -0.26
CA VAL G 356 -22.03 18.29 1.21
C VAL G 356 -21.64 19.76 1.47
N SER G 357 -20.71 20.31 0.69
CA SER G 357 -20.20 21.67 1.02
C SER G 357 -21.31 22.70 1.02
N ASN G 358 -22.17 22.72 0.00
CA ASN G 358 -23.18 23.81 -0.04
C ASN G 358 -24.10 23.68 1.17
N PHE G 359 -24.54 22.46 1.47
CA PHE G 359 -25.49 22.27 2.58
C PHE G 359 -24.81 22.68 3.89
N LEU G 360 -23.57 22.26 4.08
CA LEU G 360 -22.87 22.57 5.35
C LEU G 360 -22.75 24.08 5.47
N LYS G 361 -22.40 24.75 4.36
CA LYS G 361 -22.17 26.22 4.43
C LYS G 361 -23.49 26.89 4.84
N ASP G 362 -24.61 26.53 4.22
CA ASP G 362 -25.86 27.25 4.58
C ASP G 362 -26.26 26.89 6.01
N PHE G 363 -26.20 25.60 6.36
CA PHE G 363 -26.64 25.13 7.70
C PHE G 363 -25.72 25.69 8.79
N LEU G 364 -24.42 25.73 8.54
CA LEU G 364 -23.45 26.16 9.59
C LEU G 364 -23.08 27.62 9.41
N HIS G 365 -23.84 28.36 8.61
CA HIS G 365 -23.54 29.81 8.37
C HIS G 365 -23.58 30.55 9.71
N LYS G 366 -22.70 31.53 9.90
CA LYS G 366 -22.61 32.26 11.19
C LYS G 366 -23.94 32.94 11.48
N ASP G 367 -24.59 33.49 10.45
CA ASP G 367 -25.86 34.23 10.64
C ASP G 367 -26.95 33.28 11.16
N ARG G 368 -26.75 31.97 11.03
CA ARG G 368 -27.72 30.98 11.56
C ARG G 368 -27.78 31.13 13.07
N ASP G 369 -26.79 31.80 13.68
CA ASP G 369 -26.78 32.07 15.15
C ASP G 369 -26.80 30.79 15.97
N ASP G 370 -27.68 30.69 16.97
CA ASP G 370 -27.63 29.51 17.87
C ASP G 370 -28.60 28.43 17.41
N VAL G 371 -28.08 27.34 16.83
CA VAL G 371 -28.94 26.17 16.49
C VAL G 371 -28.23 24.95 17.05
N ASN G 372 -28.88 24.24 17.98
CA ASN G 372 -28.27 23.01 18.54
C ASN G 372 -28.61 21.83 17.64
N VAL G 373 -28.13 21.86 16.39
CA VAL G 373 -28.37 20.72 15.47
C VAL G 373 -27.01 20.19 15.02
N GLU G 374 -26.76 18.89 15.20
CA GLU G 374 -25.47 18.29 14.77
C GLU G 374 -25.74 17.44 13.53
N ILE G 375 -25.02 17.71 12.44
CA ILE G 375 -25.29 16.98 11.18
C ILE G 375 -24.49 15.67 11.22
N VAL G 376 -25.20 14.54 11.15
CA VAL G 376 -24.52 13.22 11.13
C VAL G 376 -24.68 12.65 9.73
N PHE G 377 -23.57 12.29 9.07
CA PHE G 377 -23.67 11.84 7.66
C PHE G 377 -23.45 10.31 7.61
N LEU G 378 -24.40 9.59 7.00
CA LEU G 378 -24.22 8.13 6.84
C LEU G 378 -24.07 7.83 5.34
N HIS G 379 -22.90 7.34 4.92
CA HIS G 379 -22.70 6.97 3.49
C HIS G 379 -21.82 5.73 3.43
N ASN G 380 -22.13 4.82 2.50
CA ASN G 380 -21.33 3.56 2.35
C ASN G 380 -19.90 3.91 1.94
N ILE G 381 -19.73 4.85 1.01
CA ILE G 381 -18.36 5.19 0.50
C ILE G 381 -17.58 5.95 1.57
N SER G 382 -16.32 5.59 1.78
CA SER G 382 -15.46 6.31 2.76
C SER G 382 -15.13 7.70 2.21
N PRO G 383 -15.03 8.74 3.07
CA PRO G 383 -14.76 10.10 2.61
C PRO G 383 -13.37 10.25 1.98
N ASN G 384 -13.26 11.05 0.91
CA ASN G 384 -11.94 11.30 0.27
C ASN G 384 -11.18 12.37 1.08
N LEU G 385 -9.95 12.69 0.69
CA LEU G 385 -9.15 13.59 1.51
C LEU G 385 -9.76 14.98 1.61
N GLU G 386 -10.42 15.44 0.55
CA GLU G 386 -11.11 16.72 0.62
C GLU G 386 -12.28 16.66 1.60
N LEU G 387 -13.01 15.54 1.59
CA LEU G 387 -14.03 15.31 2.59
C LEU G 387 -13.46 15.20 3.99
N GLU G 388 -12.29 14.60 4.13
CA GLU G 388 -11.70 14.48 5.46
C GLU G 388 -11.28 15.85 5.99
N ALA G 389 -10.78 16.72 5.10
CA ALA G 389 -10.49 18.09 5.51
C ALA G 389 -11.76 18.85 5.87
N LEU G 390 -12.81 18.69 5.08
CA LEU G 390 -14.05 19.41 5.33
C LEU G 390 -14.75 18.93 6.59
N PHE G 391 -14.64 17.63 6.89
CA PHE G 391 -15.18 17.13 8.15
C PHE G 391 -14.30 17.52 9.32
N LYS G 392 -13.00 17.69 9.09
CA LYS G 392 -12.11 18.20 10.12
C LYS G 392 -12.05 19.72 10.13
N ARG G 393 -12.99 20.38 9.47
CA ARG G 393 -13.24 21.79 9.75
C ARG G 393 -14.39 22.00 10.71
N HIS G 394 -15.06 20.93 11.14
CA HIS G 394 -16.21 21.05 12.04
C HIS G 394 -16.18 19.87 13.00
N PHE G 395 -15.94 20.13 14.28
CA PHE G 395 -15.63 19.07 15.24
C PHE G 395 -16.85 18.63 16.02
N THR G 396 -17.44 19.57 16.77
CA THR G 396 -18.63 19.32 17.57
C THR G 396 -19.90 19.49 16.78
N GLN G 397 -19.81 19.44 15.46
CA GLN G 397 -20.87 19.94 14.62
C GLN G 397 -21.23 18.94 13.53
N VAL G 398 -20.24 18.17 13.09
CA VAL G 398 -20.38 17.25 11.97
C VAL G 398 -19.70 15.94 12.32
N GLU G 399 -20.43 14.84 12.23
CA GLU G 399 -19.84 13.51 12.37
C GLU G 399 -20.18 12.67 11.16
N PHE G 400 -19.20 11.94 10.65
CA PHE G 400 -19.42 10.99 9.58
C PHE G 400 -19.44 9.58 10.13
N TYR G 401 -20.27 8.74 9.55
CA TYR G 401 -20.32 7.33 9.88
C TYR G 401 -20.42 6.54 8.59
N GLN G 402 -19.79 5.39 8.55
CA GLN G 402 -19.82 4.55 7.36
C GLN G 402 -20.95 3.54 7.51
N GLY G 403 -21.75 3.41 6.47
CA GLY G 403 -22.89 2.51 6.50
C GLY G 403 -23.99 3.04 5.60
N SER G 404 -24.95 2.16 5.34
CA SER G 404 -26.09 2.51 4.51
C SER G 404 -27.27 2.89 5.38
N VAL G 405 -28.31 3.43 4.73
CA VAL G 405 -29.59 3.57 5.37
C VAL G 405 -30.55 2.46 4.92
N LEU G 406 -30.01 1.43 4.28
CA LEU G 406 -30.87 0.29 3.86
C LEU G 406 -30.64 -0.85 4.86
N ASN G 407 -29.83 -0.60 5.88
CA ASN G 407 -29.60 -1.62 6.95
C ASN G 407 -30.16 -1.05 8.25
N PRO G 408 -31.03 -1.76 8.99
CA PRO G 408 -31.64 -1.22 10.20
C PRO G 408 -30.59 -0.89 11.27
N HIS G 409 -29.55 -1.71 11.38
CA HIS G 409 -28.52 -1.49 12.42
C HIS G 409 -27.83 -0.15 12.19
N ASP G 410 -27.55 0.19 10.93
CA ASP G 410 -26.89 1.49 10.61
C ASP G 410 -27.82 2.64 11.00
N LEU G 411 -29.12 2.49 10.77
CA LEU G 411 -30.08 3.54 11.18
C LEU G 411 -30.03 3.67 12.71
N ALA G 412 -29.95 2.55 13.41
CA ALA G 412 -29.85 2.59 14.88
C ALA G 412 -28.54 3.28 15.29
N ARG G 413 -27.45 2.97 14.58
CA ARG G 413 -26.12 3.55 14.91
C ARG G 413 -26.17 5.08 14.76
N VAL G 414 -26.87 5.57 13.73
CA VAL G 414 -26.99 7.03 13.50
C VAL G 414 -28.12 7.59 14.37
N LYS G 415 -28.78 6.73 15.15
CA LYS G 415 -29.86 7.18 16.07
C LYS G 415 -30.95 7.89 15.27
N ILE G 416 -31.37 7.30 14.15
CA ILE G 416 -32.38 7.94 13.26
C ILE G 416 -33.68 8.18 14.03
N GLU G 417 -34.08 7.25 14.91
CA GLU G 417 -35.38 7.39 15.61
C GLU G 417 -35.39 8.68 16.42
N SER G 418 -34.30 8.98 17.12
CA SER G 418 -34.22 10.22 17.94
C SER G 418 -33.86 11.42 17.05
N ALA G 419 -33.41 11.18 15.82
CA ALA G 419 -32.96 12.29 14.94
C ALA G 419 -34.14 13.21 14.61
N ASP G 420 -33.91 14.53 14.63
CA ASP G 420 -35.00 15.51 14.37
C ASP G 420 -35.53 15.34 12.94
N ALA G 421 -34.63 15.20 11.96
CA ALA G 421 -35.06 15.00 10.57
C ALA G 421 -33.95 14.31 9.77
N CYS G 422 -34.30 13.71 8.63
CA CYS G 422 -33.26 13.10 7.76
C CYS G 422 -33.32 13.77 6.37
N LEU G 423 -32.18 14.25 5.89
CA LEU G 423 -32.13 14.92 4.57
C LEU G 423 -31.42 14.00 3.58
N ILE G 424 -32.08 13.67 2.47
CA ILE G 424 -31.48 12.73 1.47
C ILE G 424 -31.01 13.57 0.29
N LEU G 425 -29.72 13.49 -0.05
CA LEU G 425 -29.15 14.33 -1.14
C LEU G 425 -28.90 13.42 -2.34
N ALA G 426 -29.38 13.82 -3.52
CA ALA G 426 -29.23 12.96 -4.72
C ALA G 426 -28.11 13.52 -5.59
N ASN G 427 -27.25 12.66 -6.12
CA ASN G 427 -26.21 13.19 -7.05
C ASN G 427 -26.94 13.82 -8.22
N LYS G 428 -26.66 15.10 -8.50
CA LYS G 428 -27.33 15.81 -9.61
C LYS G 428 -26.92 15.12 -10.92
N TYR G 429 -25.64 14.74 -11.01
CA TYR G 429 -25.14 14.13 -12.27
C TYR G 429 -25.10 12.62 -12.12
N CYS G 430 -25.87 11.90 -12.95
CA CYS G 430 -25.87 10.42 -12.91
C CYS G 430 -26.21 9.90 -14.31
N ALA G 431 -25.85 8.65 -14.60
CA ALA G 431 -26.10 8.10 -15.96
C ALA G 431 -27.61 8.03 -16.20
N ASP G 432 -28.39 7.57 -15.22
CA ASP G 432 -29.87 7.54 -15.36
C ASP G 432 -30.50 8.35 -14.24
N PRO G 433 -31.31 9.38 -14.53
CA PRO G 433 -31.99 10.13 -13.48
C PRO G 433 -32.99 9.25 -12.73
N ASP G 434 -33.76 8.43 -13.46
CA ASP G 434 -34.83 7.62 -12.82
C ASP G 434 -34.21 6.65 -11.80
N ALA G 435 -33.07 6.05 -12.14
CA ALA G 435 -32.47 5.05 -11.24
C ALA G 435 -32.14 5.71 -9.90
N GLU G 436 -31.55 6.90 -9.93
CA GLU G 436 -31.15 7.56 -8.67
C GLU G 436 -32.41 7.90 -7.89
N ASP G 437 -33.39 8.48 -8.57
CA ASP G 437 -34.66 8.81 -7.95
C ASP G 437 -35.27 7.60 -7.26
N ALA G 438 -35.19 6.42 -7.88
CA ALA G 438 -35.72 5.23 -7.25
C ALA G 438 -34.87 4.80 -6.06
N SER G 439 -33.58 5.10 -6.10
CA SER G 439 -32.73 4.80 -4.94
C SER G 439 -33.08 5.70 -3.76
N ASN G 440 -33.35 6.97 -4.04
CA ASN G 440 -33.73 7.88 -2.95
C ASN G 440 -35.10 7.51 -2.40
N ILE G 441 -36.00 7.04 -3.27
CA ILE G 441 -37.30 6.58 -2.80
C ILE G 441 -37.14 5.32 -1.95
N MET G 442 -36.22 4.45 -2.33
CA MET G 442 -35.88 3.29 -1.52
C MET G 442 -35.37 3.69 -0.14
N ARG G 443 -34.54 4.73 -0.09
CA ARG G 443 -34.02 5.20 1.19
C ARG G 443 -35.12 5.80 2.06
N VAL G 444 -36.05 6.53 1.44
CA VAL G 444 -37.22 7.05 2.15
C VAL G 444 -38.04 5.90 2.72
N ILE G 445 -38.26 4.84 1.93
CA ILE G 445 -39.06 3.70 2.37
C ILE G 445 -38.39 3.01 3.55
N SER G 446 -37.06 2.88 3.50
CA SER G 446 -36.34 2.25 4.61
C SER G 446 -36.43 3.05 5.89
N ILE G 447 -36.27 4.37 5.78
CA ILE G 447 -36.29 5.19 7.00
C ILE G 447 -37.69 5.28 7.57
N LYS G 448 -38.70 5.44 6.71
CA LYS G 448 -40.08 5.49 7.20
C LYS G 448 -40.56 4.12 7.68
N ASN G 449 -39.93 3.04 7.24
CA ASN G 449 -40.27 1.74 7.80
C ASN G 449 -39.61 1.53 9.14
N TYR G 450 -38.42 2.10 9.35
CA TYR G 450 -37.80 2.03 10.67
C TYR G 450 -38.59 2.85 11.68
N HIS G 451 -38.74 4.14 11.41
CA HIS G 451 -39.42 5.04 12.33
C HIS G 451 -40.35 5.95 11.54
N PRO G 452 -41.66 5.74 11.61
CA PRO G 452 -42.56 6.48 10.72
C PRO G 452 -42.73 7.94 11.08
N LYS G 453 -42.72 8.27 12.37
CA LYS G 453 -42.94 9.65 12.81
C LYS G 453 -41.64 10.41 12.66
N ILE G 454 -41.31 10.77 11.42
CA ILE G 454 -40.09 11.50 11.15
C ILE G 454 -40.33 12.44 9.98
N ARG G 455 -39.62 13.57 9.97
CA ARG G 455 -39.62 14.41 8.79
C ARG G 455 -38.50 13.97 7.88
N ILE G 456 -38.78 13.87 6.58
CA ILE G 456 -37.77 13.55 5.58
C ILE G 456 -37.83 14.59 4.48
N ILE G 457 -36.72 15.26 4.24
CA ILE G 457 -36.58 16.17 3.13
C ILE G 457 -35.66 15.52 2.12
N THR G 458 -36.13 15.34 0.90
CA THR G 458 -35.37 14.61 -0.10
C THR G 458 -35.24 15.41 -1.37
N GLN G 459 -34.33 14.99 -2.22
CA GLN G 459 -34.12 15.58 -3.53
C GLN G 459 -34.57 14.60 -4.60
N MET G 460 -35.27 15.09 -5.60
CA MET G 460 -35.78 14.26 -6.69
C MET G 460 -35.25 14.83 -7.99
N LEU G 461 -34.62 13.98 -8.79
CA LEU G 461 -34.05 14.47 -10.05
C LEU G 461 -35.12 14.66 -11.12
N GLN G 462 -36.21 13.90 -11.05
CA GLN G 462 -37.26 14.00 -12.04
C GLN G 462 -38.58 14.32 -11.36
N TYR G 463 -39.43 15.05 -12.09
CA TYR G 463 -40.71 15.44 -11.52
C TYR G 463 -41.69 14.27 -11.49
N HIS G 464 -41.57 13.37 -12.47
CA HIS G 464 -42.50 12.22 -12.56
C HIS G 464 -42.25 11.23 -11.42
N ASN G 465 -41.00 11.13 -10.95
CA ASN G 465 -40.63 10.14 -9.90
C ASN G 465 -41.20 10.57 -8.55
N LYS G 466 -41.64 11.82 -8.42
CA LYS G 466 -42.12 12.35 -7.12
C LYS G 466 -43.37 11.59 -6.65
N ALA G 467 -44.18 11.06 -7.56
CA ALA G 467 -45.44 10.38 -7.20
C ALA G 467 -45.21 9.15 -6.33
N HIS G 468 -44.06 8.48 -6.49
CA HIS G 468 -43.80 7.23 -5.73
C HIS G 468 -43.80 7.54 -4.23
N LEU G 469 -43.27 8.70 -3.84
CA LEU G 469 -43.23 9.08 -2.42
C LEU G 469 -44.67 9.20 -1.90
N LEU G 470 -45.56 9.79 -2.69
CA LEU G 470 -46.98 9.92 -2.31
C LEU G 470 -47.57 8.52 -2.15
N ASN G 471 -47.18 7.59 -3.03
CA ASN G 471 -47.67 6.19 -2.94
C ASN G 471 -47.23 5.57 -1.60
N ILE G 472 -46.02 5.87 -1.13
CA ILE G 472 -45.61 5.34 0.21
C ILE G 472 -46.62 5.83 1.25
N PRO G 473 -47.17 4.95 2.11
CA PRO G 473 -48.20 5.36 3.08
C PRO G 473 -47.76 6.32 4.19
N SER G 474 -46.59 6.08 4.78
CA SER G 474 -46.12 6.91 5.92
C SER G 474 -45.86 8.35 5.52
N TRP G 475 -45.35 8.59 4.30
CA TRP G 475 -44.97 9.97 3.91
C TRP G 475 -46.18 10.90 4.06
N ASN G 476 -46.00 12.01 4.76
CA ASN G 476 -47.10 13.01 4.91
C ASN G 476 -46.57 14.41 4.59
N TRP G 477 -47.13 15.05 3.56
CA TRP G 477 -46.70 16.43 3.20
C TRP G 477 -47.08 17.39 4.33
N LYS G 478 -48.29 17.24 4.88
CA LYS G 478 -48.77 18.13 5.98
C LYS G 478 -47.92 17.90 7.23
N GLU G 479 -47.33 16.71 7.35
CA GLU G 479 -46.52 16.36 8.55
C GLU G 479 -45.14 17.04 8.43
N GLY G 480 -44.89 17.70 7.31
CA GLY G 480 -43.59 18.36 7.09
C GLY G 480 -42.66 17.53 6.21
N ASP G 481 -43.06 16.30 5.86
CA ASP G 481 -42.22 15.54 4.91
C ASP G 481 -42.26 16.32 3.59
N ASP G 482 -41.11 16.62 3.01
CA ASP G 482 -41.09 17.45 1.77
C ASP G 482 -40.11 16.85 0.77
N ALA G 483 -40.47 16.86 -0.52
CA ALA G 483 -39.51 16.40 -1.56
C ALA G 483 -39.16 17.60 -2.43
N ILE G 484 -37.87 17.91 -2.57
CA ILE G 484 -37.45 19.08 -3.38
C ILE G 484 -37.03 18.55 -4.75
N CYS G 485 -37.73 18.97 -5.81
CA CYS G 485 -37.41 18.42 -7.16
C CYS G 485 -36.40 19.36 -7.81
N LEU G 486 -35.15 18.92 -7.96
CA LEU G 486 -34.12 19.82 -8.50
C LEU G 486 -34.50 20.21 -9.93
N ALA G 487 -34.91 19.24 -10.74
CA ALA G 487 -35.18 19.56 -12.16
C ALA G 487 -36.31 20.58 -12.24
N GLU G 488 -37.39 20.35 -11.48
CA GLU G 488 -38.55 21.27 -11.59
C GLU G 488 -38.14 22.65 -11.07
N LEU G 489 -37.50 22.71 -9.90
CA LEU G 489 -37.22 24.06 -9.32
C LEU G 489 -36.26 24.83 -10.22
N LYS G 490 -35.19 24.19 -10.69
CA LYS G 490 -34.18 24.91 -11.49
C LYS G 490 -34.84 25.40 -12.78
N LEU G 491 -35.58 24.52 -13.44
CA LEU G 491 -36.15 24.92 -14.75
C LEU G 491 -37.18 26.02 -14.53
N GLY G 492 -37.99 25.91 -13.48
CA GLY G 492 -39.01 26.93 -13.17
C GLY G 492 -38.36 28.26 -12.85
N PHE G 493 -37.28 28.25 -12.07
CA PHE G 493 -36.58 29.52 -11.72
C PHE G 493 -36.09 30.14 -13.03
N ILE G 494 -35.56 29.31 -13.93
CA ILE G 494 -35.11 29.82 -15.26
C ILE G 494 -36.34 30.31 -16.03
N ALA G 495 -37.43 29.57 -16.00
CA ALA G 495 -38.67 29.93 -16.73
C ALA G 495 -39.22 31.24 -16.18
N GLN G 496 -39.62 31.26 -14.91
CA GLN G 496 -40.14 32.49 -14.33
C GLN G 496 -39.24 33.68 -14.61
N SER G 497 -37.93 33.44 -14.70
CA SER G 497 -37.02 34.52 -15.01
C SER G 497 -37.09 34.92 -16.47
N CYS G 498 -37.58 34.04 -17.35
CA CYS G 498 -37.86 34.45 -18.72
C CYS G 498 -38.95 35.49 -18.79
N LEU G 499 -39.87 35.47 -17.84
CA LEU G 499 -40.89 36.50 -17.77
C LEU G 499 -40.32 37.78 -17.20
N ALA G 500 -39.63 37.67 -16.06
CA ALA G 500 -39.04 38.82 -15.38
C ALA G 500 -37.57 38.53 -15.18
N GLN G 501 -36.73 39.16 -16.00
CA GLN G 501 -35.27 39.01 -15.96
C GLN G 501 -34.69 39.38 -14.61
N GLY G 502 -34.15 38.38 -13.91
CA GLY G 502 -33.53 38.62 -12.62
C GLY G 502 -34.31 38.11 -11.44
N LEU G 503 -35.42 37.41 -11.64
CA LEU G 503 -36.19 36.90 -10.52
C LEU G 503 -35.46 35.80 -9.78
N SER G 504 -34.62 35.04 -10.49
CA SER G 504 -33.92 33.92 -9.88
C SER G 504 -32.96 34.36 -8.79
N THR G 505 -32.28 35.48 -9.01
CA THR G 505 -31.38 36.03 -8.00
C THR G 505 -32.15 36.53 -6.80
N MET G 506 -33.31 37.15 -7.04
CA MET G 506 -34.13 37.64 -5.94
C MET G 506 -34.65 36.49 -5.09
N LEU G 507 -35.18 35.45 -5.72
CA LEU G 507 -35.69 34.31 -4.99
C LEU G 507 -34.56 33.55 -4.30
N ALA G 508 -33.38 33.50 -4.89
CA ALA G 508 -32.27 32.82 -4.25
C ALA G 508 -31.75 33.59 -3.05
N ASN G 509 -31.81 34.91 -3.09
CA ASN G 509 -31.32 35.68 -1.95
C ASN G 509 -32.31 35.74 -0.80
N LEU G 510 -33.56 35.29 -1.01
CA LEU G 510 -34.52 35.31 0.08
C LEU G 510 -34.20 34.22 1.10
N PHE G 511 -34.27 32.97 0.68
CA PHE G 511 -34.15 31.89 1.65
C PHE G 511 -32.72 31.66 2.10
N SER G 512 -31.73 32.00 1.29
CA SER G 512 -30.35 31.70 1.63
C SER G 512 -29.84 32.67 2.68
N MET G 513 -29.23 32.13 3.73
CA MET G 513 -28.62 32.97 4.74
C MET G 513 -27.32 33.52 4.20
N ARG G 514 -27.29 34.82 3.91
CA ARG G 514 -26.14 35.47 3.31
C ARG G 514 -25.69 36.62 4.17
N SER G 515 -24.37 36.74 4.31
CA SER G 515 -23.77 37.65 5.28
C SER G 515 -23.89 39.09 4.81
N PHE G 516 -24.47 39.94 5.66
CA PHE G 516 -24.56 41.36 5.34
C PHE G 516 -23.21 42.02 5.54
N ILE G 517 -22.76 42.74 4.51
CA ILE G 517 -21.48 43.43 4.55
C ILE G 517 -21.75 44.92 4.37
N LYS G 518 -21.18 45.74 5.25
CA LYS G 518 -21.34 47.18 5.16
C LYS G 518 -20.49 47.72 4.02
N ILE G 519 -21.14 48.37 3.05
CA ILE G 519 -20.46 49.01 1.93
C ILE G 519 -20.79 50.50 1.99
N GLU G 520 -19.76 51.33 1.97
CA GLU G 520 -19.92 52.77 2.09
C GLU G 520 -19.91 53.48 0.74
N GLU G 521 -19.03 53.06 -0.17
CA GLU G 521 -18.84 53.77 -1.43
C GLU G 521 -20.04 53.58 -2.34
N ASP G 522 -20.28 54.58 -3.19
CA ASP G 522 -21.44 54.58 -4.07
C ASP G 522 -21.13 53.67 -5.26
N THR G 523 -21.35 52.38 -5.05
CA THR G 523 -21.29 51.37 -6.09
C THR G 523 -22.65 50.69 -6.18
N TRP G 524 -22.77 49.77 -7.15
CA TRP G 524 -24.00 49.02 -7.27
C TRP G 524 -24.14 47.99 -6.15
N GLN G 525 -23.02 47.56 -5.58
CA GLN G 525 -23.04 46.56 -4.52
C GLN G 525 -23.63 47.12 -3.24
N LYS G 526 -23.46 48.42 -3.00
CA LYS G 526 -24.03 49.05 -1.82
C LYS G 526 -25.55 49.01 -1.86
N TYR G 527 -26.13 49.35 -3.00
CA TYR G 527 -27.58 49.27 -3.14
C TYR G 527 -28.05 47.84 -3.29
N TYR G 528 -27.17 46.95 -3.71
CA TYR G 528 -27.53 45.54 -3.84
C TYR G 528 -27.65 44.87 -2.48
N LEU G 529 -26.70 45.13 -1.59
CA LEU G 529 -26.71 44.49 -0.28
C LEU G 529 -27.78 45.05 0.65
N GLU G 530 -28.48 46.11 0.25
CA GLU G 530 -29.61 46.60 1.03
C GLU G 530 -30.78 45.62 1.05
N GLY G 531 -30.84 44.70 0.08
CA GLY G 531 -31.94 43.76 0.02
C GLY G 531 -31.52 42.32 0.12
N VAL G 532 -30.22 42.07 0.28
CA VAL G 532 -29.75 40.69 0.39
C VAL G 532 -30.14 40.10 1.73
N SER G 533 -30.01 40.88 2.80
CA SER G 533 -30.26 40.38 4.15
C SER G 533 -31.73 40.15 4.46
N ASN G 534 -32.64 40.39 3.52
CA ASN G 534 -34.02 40.01 3.71
C ASN G 534 -34.18 38.50 3.59
N GLU G 535 -35.16 37.97 4.31
CA GLU G 535 -35.49 36.56 4.25
C GLU G 535 -37.00 36.40 4.15
N MET G 536 -37.43 35.16 4.04
CA MET G 536 -38.84 34.82 3.98
C MET G 536 -39.28 34.27 5.33
N TYR G 537 -40.48 34.64 5.76
CA TYR G 537 -40.97 34.22 7.05
C TYR G 537 -42.45 33.92 6.97
N THR G 538 -42.85 32.89 7.72
CA THR G 538 -44.21 32.40 7.74
C THR G 538 -44.82 32.74 9.09
N GLU G 539 -46.07 33.21 9.07
CA GLU G 539 -46.61 33.82 10.27
C GLU G 539 -48.12 33.93 10.19
N TYR G 540 -48.79 33.58 11.29
CA TYR G 540 -50.22 33.81 11.40
C TYR G 540 -50.50 35.30 11.55
N LEU G 541 -51.56 35.74 10.90
CA LEU G 541 -51.96 37.14 11.00
C LEU G 541 -52.60 37.40 12.36
N SER G 542 -52.71 38.67 12.68
CA SER G 542 -53.34 39.05 13.94
C SER G 542 -54.85 38.88 13.85
N SER G 543 -55.50 38.96 15.01
CA SER G 543 -56.94 38.83 15.08
C SER G 543 -57.66 40.10 14.64
N ALA G 544 -56.94 41.21 14.45
CA ALA G 544 -57.54 42.45 13.99
C ALA G 544 -57.64 42.53 12.48
N PHE G 545 -57.36 41.44 11.78
CA PHE G 545 -57.42 41.42 10.32
C PHE G 545 -58.57 40.58 9.80
N VAL G 546 -59.51 40.23 10.68
CA VAL G 546 -60.59 39.32 10.34
C VAL G 546 -61.55 40.00 9.38
N GLY G 547 -61.74 39.40 8.20
CA GLY G 547 -62.66 39.93 7.23
C GLY G 547 -62.18 41.16 6.50
N LEU G 548 -60.92 41.52 6.65
CA LEU G 548 -60.38 42.65 5.91
C LEU G 548 -59.86 42.17 4.56
N SER G 549 -59.86 43.09 3.60
CA SER G 549 -59.38 42.74 2.27
C SER G 549 -57.86 42.65 2.27
N PHE G 550 -57.35 41.70 1.49
CA PHE G 550 -55.91 41.50 1.32
C PHE G 550 -55.12 42.75 0.91
N PRO G 551 -55.57 43.64 0.01
CA PRO G 551 -54.78 44.85 -0.22
C PRO G 551 -54.75 45.79 0.96
N THR G 552 -55.83 45.86 1.73
CA THR G 552 -55.84 46.69 2.92
C THR G 552 -54.89 46.14 3.98
N VAL G 553 -54.84 44.82 4.11
CA VAL G 553 -53.94 44.20 5.08
C VAL G 553 -52.49 44.38 4.65
N CYS G 554 -52.21 44.27 3.35
CA CYS G 554 -50.86 44.53 2.86
C CYS G 554 -50.47 45.98 3.04
N GLU G 555 -51.43 46.91 2.86
CA GLU G 555 -51.15 48.31 3.10
C GLU G 555 -50.85 48.59 4.56
N LEU G 556 -51.58 47.95 5.47
CA LEU G 556 -51.33 48.18 6.89
C LEU G 556 -50.03 47.50 7.33
N CYS G 557 -49.67 46.39 6.71
CA CYS G 557 -48.41 45.72 7.07
C CYS G 557 -47.22 46.50 6.53
N PHE G 558 -47.33 47.04 5.33
CA PHE G 558 -46.19 47.73 4.75
C PHE G 558 -46.05 49.16 5.24
N VAL G 559 -47.17 49.82 5.53
CA VAL G 559 -47.11 51.21 5.98
C VAL G 559 -46.74 51.28 7.44
N LYS G 560 -47.50 50.60 8.30
CA LYS G 560 -47.35 50.85 9.72
C LYS G 560 -46.20 50.04 10.32
N LEU G 561 -45.97 48.83 9.83
CA LEU G 561 -44.91 48.01 10.41
C LEU G 561 -44.04 47.35 9.36
N LYS G 562 -43.95 47.94 8.16
CA LYS G 562 -42.95 47.70 7.10
C LYS G 562 -42.72 46.23 6.77
N LEU G 563 -43.80 45.47 6.68
CA LEU G 563 -43.71 44.08 6.25
C LEU G 563 -44.39 43.88 4.91
N LEU G 564 -43.75 43.09 4.05
CA LEU G 564 -44.17 42.93 2.66
C LEU G 564 -44.82 41.57 2.50
N MET G 565 -46.12 41.51 2.73
CA MET G 565 -46.83 40.24 2.72
C MET G 565 -47.17 39.82 1.29
N ILE G 566 -46.93 38.55 0.99
CA ILE G 566 -47.06 38.02 -0.37
C ILE G 566 -48.28 37.13 -0.51
N ALA G 567 -48.40 36.12 0.34
CA ALA G 567 -49.42 35.11 0.14
C ALA G 567 -50.07 34.78 1.47
N ILE G 568 -50.87 33.71 1.47
CA ILE G 568 -51.84 33.49 2.53
C ILE G 568 -52.25 32.02 2.47
N GLU G 569 -52.78 31.51 3.57
CA GLU G 569 -53.49 30.24 3.54
C GLU G 569 -54.96 30.49 3.29
N TYR G 570 -55.64 29.49 2.73
CA TYR G 570 -57.07 29.63 2.46
C TYR G 570 -57.68 28.23 2.40
N LYS G 571 -58.42 27.86 3.44
CA LYS G 571 -59.13 26.59 3.44
C LYS G 571 -60.51 26.78 4.05
N SER G 572 -61.54 26.27 3.35
CA SER G 572 -62.90 26.23 3.89
C SER G 572 -63.60 25.03 3.27
N ALA G 573 -63.51 23.87 3.95
CA ALA G 573 -64.24 22.63 3.69
C ALA G 573 -63.91 21.96 2.35
N ASN G 574 -63.10 22.60 1.52
CA ASN G 574 -62.70 22.12 0.21
C ASN G 574 -61.39 21.35 0.37
N ARG G 575 -60.66 21.18 -0.74
CA ARG G 575 -59.27 20.73 -0.70
C ARG G 575 -58.39 21.64 0.16
N GLU G 576 -57.21 21.15 0.53
CA GLU G 576 -56.38 21.76 1.56
C GLU G 576 -55.90 23.16 1.16
N SER G 577 -55.32 23.84 2.14
CA SER G 577 -55.12 25.28 2.11
C SER G 577 -54.09 25.63 1.05
N ARG G 578 -54.57 26.14 -0.08
CA ARG G 578 -53.70 26.54 -1.16
C ARG G 578 -52.94 27.81 -0.78
N ILE G 579 -51.85 28.05 -1.49
CA ILE G 579 -51.04 29.24 -1.28
C ILE G 579 -51.44 30.23 -2.35
N LEU G 580 -52.15 31.27 -1.96
CA LEU G 580 -52.68 32.23 -2.93
C LEU G 580 -51.73 33.41 -3.00
N ILE G 581 -50.92 33.43 -4.06
CA ILE G 581 -50.05 34.56 -4.32
C ILE G 581 -50.91 35.75 -4.72
N ASN G 582 -50.91 36.78 -3.87
CA ASN G 582 -51.56 38.07 -4.07
C ASN G 582 -53.03 37.96 -4.48
N PRO G 583 -53.94 37.61 -3.58
CA PRO G 583 -55.36 37.64 -3.94
C PRO G 583 -55.87 39.05 -4.14
N GLY G 584 -57.03 39.15 -4.76
CA GLY G 584 -57.67 40.43 -4.94
C GLY G 584 -58.40 40.87 -3.68
N ASN G 585 -59.11 41.99 -3.82
CA ASN G 585 -60.05 42.44 -2.75
C ASN G 585 -61.21 41.46 -2.72
N HIS G 586 -61.28 40.56 -3.70
CA HIS G 586 -62.35 39.55 -3.75
C HIS G 586 -62.25 38.62 -2.53
N LEU G 587 -61.03 38.28 -2.12
CA LEU G 587 -60.87 37.30 -1.01
C LEU G 587 -60.52 38.02 0.30
N LYS G 588 -61.33 37.83 1.33
CA LYS G 588 -61.05 38.43 2.67
C LYS G 588 -60.08 37.53 3.46
N ILE G 589 -59.47 38.06 4.52
CA ILE G 589 -58.49 37.28 5.30
C ILE G 589 -59.20 36.52 6.42
N GLN G 590 -59.03 35.19 6.48
CA GLN G 590 -59.64 34.37 7.55
C GLN G 590 -58.83 34.52 8.84
N GLU G 591 -59.41 34.15 9.98
CA GLU G 591 -58.73 34.30 11.29
C GLU G 591 -57.46 33.44 11.34
N GLY G 592 -57.51 32.21 10.81
CA GLY G 592 -56.37 31.28 10.92
C GLY G 592 -55.38 31.39 9.78
N THR G 593 -55.57 32.34 8.86
CA THR G 593 -54.70 32.41 7.66
C THR G 593 -53.23 32.62 8.06
N LEU G 594 -52.32 31.89 7.41
CA LEU G 594 -50.88 32.07 7.69
C LEU G 594 -50.33 33.01 6.61
N GLY G 595 -49.71 34.12 7.02
CA GLY G 595 -49.22 35.12 6.05
C GLY G 595 -47.74 34.96 5.79
N PHE G 596 -47.37 34.91 4.51
CA PHE G 596 -45.98 34.79 4.11
C PHE G 596 -45.47 36.18 3.77
N PHE G 597 -44.43 36.64 4.45
CA PHE G 597 -43.87 37.94 4.13
C PHE G 597 -42.36 37.94 4.14
N ILE G 598 -41.80 38.98 3.51
CA ILE G 598 -40.37 39.19 3.42
C ILE G 598 -39.98 40.17 4.52
N ALA G 599 -39.42 39.67 5.59
CA ALA G 599 -38.93 40.49 6.67
C ALA G 599 -37.41 40.58 6.62
N SER G 600 -36.83 41.15 7.66
CA SER G 600 -35.38 41.12 7.80
C SER G 600 -34.95 40.83 9.22
N ASP G 601 -35.88 40.48 10.12
CA ASP G 601 -35.55 40.20 11.51
C ASP G 601 -36.70 39.37 12.11
N ALA G 602 -36.40 38.70 13.21
CA ALA G 602 -37.42 37.93 13.91
C ALA G 602 -38.36 38.83 14.70
N LYS G 603 -37.91 40.02 15.09
CA LYS G 603 -38.83 40.95 15.75
C LYS G 603 -39.89 41.48 14.79
N GLU G 604 -39.65 41.38 13.50
CA GLU G 604 -40.68 41.68 12.51
C GLU G 604 -41.75 40.61 12.49
N VAL G 605 -41.33 39.34 12.44
CA VAL G 605 -42.28 38.24 12.33
C VAL G 605 -43.02 38.02 13.64
N LYS G 606 -42.46 38.48 14.76
CA LYS G 606 -43.17 38.37 16.03
C LYS G 606 -44.40 39.26 16.08
N ARG G 607 -44.33 40.46 15.49
CA ARG G 607 -45.40 41.44 15.69
C ARG G 607 -46.50 41.35 14.65
N ALA G 608 -46.73 40.18 14.08
CA ALA G 608 -47.97 39.92 13.37
C ALA G 608 -48.86 38.92 14.06
N PHE G 609 -48.38 38.23 15.10
CA PHE G 609 -49.29 37.63 16.07
C PHE G 609 -50.16 38.70 16.70
N PHE G 610 -49.52 39.66 17.34
CA PHE G 610 -50.20 40.70 18.10
C PHE G 610 -50.18 41.97 17.27
N TYR G 611 -51.37 42.51 17.01
CA TYR G 611 -51.53 43.83 16.39
C TYR G 611 -52.92 44.31 16.73
N CYS G 612 -53.01 45.36 17.54
CA CYS G 612 -54.29 45.90 17.98
C CYS G 612 -54.47 47.28 17.37
N LYS G 613 -55.47 47.41 16.50
CA LYS G 613 -55.70 48.68 15.83
C LYS G 613 -56.19 49.75 16.81
N ALA G 614 -56.90 49.33 17.85
CA ALA G 614 -57.28 50.23 18.92
C ALA G 614 -56.12 50.65 19.80
N CYS G 615 -55.02 49.90 19.77
CA CYS G 615 -53.83 50.24 20.54
C CYS G 615 -52.70 50.80 19.67
N HIS G 616 -52.64 50.43 18.40
CA HIS G 616 -51.50 50.78 17.55
C HIS G 616 -51.95 51.58 16.33
N ASP G 617 -52.92 52.47 16.52
CA ASP G 617 -53.42 53.24 15.39
C ASP G 617 -52.41 54.31 14.96
N ASP G 618 -52.11 55.25 15.85
CA ASP G 618 -51.07 56.23 15.60
C ASP G 618 -49.71 55.57 15.79
N ILE G 619 -48.81 55.78 14.83
CA ILE G 619 -47.60 54.97 14.76
C ILE G 619 -46.53 55.74 13.98
N THR G 620 -45.28 55.58 14.39
CA THR G 620 -44.15 56.19 13.71
C THR G 620 -42.93 55.29 13.56
N ASP G 621 -42.90 54.12 14.19
CA ASP G 621 -41.70 53.30 14.27
C ASP G 621 -42.12 51.90 14.70
N PRO G 622 -41.23 50.90 14.60
CA PRO G 622 -41.56 49.58 15.18
C PRO G 622 -41.62 49.56 16.71
N LYS G 623 -41.28 50.64 17.40
CA LYS G 623 -41.38 50.65 18.85
C LYS G 623 -42.80 50.92 19.33
N ARG G 624 -43.72 51.32 18.45
CA ARG G 624 -45.11 51.49 18.86
C ARG G 624 -45.80 50.15 19.10
N ILE G 625 -45.30 49.08 18.49
CA ILE G 625 -45.99 47.80 18.54
C ILE G 625 -45.49 47.03 19.76
N LYS G 626 -46.34 46.94 20.78
CA LYS G 626 -46.05 46.29 22.04
C LYS G 626 -46.95 45.07 22.17
N LYS G 627 -46.51 44.10 22.99
CA LYS G 627 -47.17 42.81 23.17
C LYS G 627 -48.64 42.95 23.57
N CYS G 628 -48.88 43.61 24.69
CA CYS G 628 -50.23 43.74 25.24
C CYS G 628 -50.81 45.09 24.84
N GLY G 629 -51.98 45.41 25.40
CA GLY G 629 -52.64 46.65 25.10
C GLY G 629 -54.15 46.49 24.97
N CYS G 630 -54.58 45.30 24.53
CA CYS G 630 -56.00 45.01 24.44
C CYS G 630 -56.29 43.61 24.95
N LYS G 631 -57.50 43.13 24.72
CA LYS G 631 -57.93 41.83 25.23
C LYS G 631 -58.37 40.91 24.10
N SER G 681 -68.85 25.88 -30.32
CA SER G 681 -67.48 26.24 -29.92
C SER G 681 -66.93 25.26 -28.90
N ASN G 682 -66.81 24.00 -29.33
CA ASN G 682 -66.23 22.95 -28.50
C ASN G 682 -64.73 22.82 -28.76
N VAL G 683 -64.04 23.94 -28.59
CA VAL G 683 -62.64 24.07 -28.97
C VAL G 683 -61.77 23.70 -27.79
N LYS G 684 -60.88 22.73 -27.99
CA LYS G 684 -59.93 22.33 -26.95
C LYS G 684 -58.95 23.46 -26.72
N LYS G 685 -59.02 24.07 -25.54
CA LYS G 685 -58.15 25.19 -25.21
C LYS G 685 -57.23 24.91 -24.04
N TYR G 686 -57.77 24.48 -22.90
CA TYR G 686 -56.97 24.29 -21.71
C TYR G 686 -57.00 22.83 -21.33
N ASP G 687 -56.27 22.50 -20.27
CA ASP G 687 -56.14 21.11 -19.85
C ASP G 687 -57.36 20.69 -19.05
N SER G 688 -57.26 19.53 -18.39
CA SER G 688 -58.37 19.04 -17.59
C SER G 688 -58.59 19.88 -16.35
N THR G 689 -57.54 20.52 -15.83
CA THR G 689 -57.66 21.32 -14.63
C THR G 689 -57.87 22.80 -14.92
N GLY G 690 -57.77 23.22 -16.18
CA GLY G 690 -57.89 24.62 -16.49
C GLY G 690 -56.73 25.45 -16.04
N MET G 691 -55.56 24.83 -15.86
CA MET G 691 -54.43 25.51 -15.28
C MET G 691 -53.29 25.76 -16.26
N PHE G 692 -53.39 25.24 -17.48
CA PHE G 692 -52.34 25.40 -18.47
C PHE G 692 -52.96 25.51 -19.85
N HIS G 693 -52.27 26.22 -20.74
CA HIS G 693 -52.66 26.27 -22.14
C HIS G 693 -52.39 24.90 -22.76
N TRP G 694 -53.37 24.37 -23.47
CA TRP G 694 -53.27 23.03 -24.02
C TRP G 694 -53.43 23.08 -25.52
N CYS G 695 -52.86 22.11 -26.21
CA CYS G 695 -53.04 22.02 -27.65
C CYS G 695 -53.42 20.61 -28.05
N ALA G 696 -53.57 20.38 -29.35
CA ALA G 696 -53.80 19.06 -29.87
C ALA G 696 -52.44 18.36 -29.91
N PRO G 697 -52.40 17.07 -29.62
CA PRO G 697 -51.14 16.34 -29.75
C PRO G 697 -50.74 16.18 -31.20
N LYS G 698 -49.75 16.95 -31.62
CA LYS G 698 -49.36 17.05 -33.01
C LYS G 698 -48.17 16.13 -33.29
N GLU G 699 -47.64 16.18 -34.51
CA GLU G 699 -46.48 15.43 -34.91
C GLU G 699 -45.23 16.31 -34.76
N ILE G 700 -44.08 15.67 -34.58
CA ILE G 700 -42.84 16.40 -34.38
C ILE G 700 -42.37 17.09 -35.66
N GLU G 701 -42.82 16.62 -36.82
CA GLU G 701 -42.52 17.31 -38.06
C GLU G 701 -43.34 18.58 -38.22
N LYS G 702 -44.45 18.69 -37.50
CA LYS G 702 -45.25 19.90 -37.58
C LYS G 702 -44.59 21.05 -36.83
N VAL G 703 -43.73 20.75 -35.87
CA VAL G 703 -43.03 21.78 -35.12
C VAL G 703 -41.56 21.89 -35.50
N ILE G 704 -41.07 20.99 -36.36
CA ILE G 704 -39.70 21.09 -36.82
C ILE G 704 -39.61 22.22 -37.83
N LEU G 705 -38.40 22.76 -38.02
CA LEU G 705 -38.13 23.78 -39.02
C LEU G 705 -36.63 23.80 -39.31
N THR G 706 -36.30 24.07 -40.57
CA THR G 706 -34.89 24.16 -40.93
C THR G 706 -34.36 25.55 -40.62
N ARG G 707 -33.12 25.79 -41.06
CA ARG G 707 -32.48 27.08 -40.81
C ARG G 707 -33.15 28.17 -41.64
N SER G 708 -33.25 27.97 -42.95
CA SER G 708 -33.83 28.98 -43.82
C SER G 708 -35.34 29.08 -43.63
N GLU G 709 -35.98 28.00 -43.17
CA GLU G 709 -37.39 28.07 -42.84
C GLU G 709 -37.63 28.98 -41.65
N ALA G 710 -36.73 28.93 -40.66
CA ALA G 710 -36.80 29.89 -39.57
C ALA G 710 -36.42 31.29 -40.04
N ALA G 711 -35.55 31.37 -41.05
CA ALA G 711 -35.21 32.68 -41.62
C ALA G 711 -36.38 33.29 -42.37
N MET G 712 -37.30 32.47 -42.86
CA MET G 712 -38.51 33.02 -43.47
C MET G 712 -39.44 33.61 -42.42
N THR G 713 -39.39 33.09 -41.20
CA THR G 713 -40.36 33.42 -40.17
C THR G 713 -39.74 34.38 -39.16
N VAL G 714 -40.12 35.65 -39.23
CA VAL G 714 -39.78 36.56 -38.15
C VAL G 714 -40.64 36.23 -36.94
N LEU G 715 -40.00 36.02 -35.81
CA LEU G 715 -40.68 35.49 -34.63
C LEU G 715 -40.17 36.16 -33.36
N SER G 716 -40.04 37.50 -33.40
CA SER G 716 -39.44 38.26 -32.33
C SER G 716 -40.28 38.23 -31.05
N GLY G 717 -39.66 38.67 -29.96
CA GLY G 717 -40.30 38.61 -28.66
C GLY G 717 -40.44 37.23 -28.08
N HIS G 718 -39.49 36.35 -28.36
CA HIS G 718 -39.64 34.93 -28.08
C HIS G 718 -38.51 34.43 -27.19
N VAL G 719 -38.65 33.19 -26.76
CA VAL G 719 -37.66 32.52 -25.94
C VAL G 719 -37.01 31.43 -26.78
N VAL G 720 -35.68 31.40 -26.79
CA VAL G 720 -34.95 30.27 -27.34
C VAL G 720 -34.28 29.53 -26.20
N VAL G 721 -34.12 28.23 -26.35
CA VAL G 721 -33.49 27.40 -25.34
C VAL G 721 -32.37 26.64 -26.03
N CYS G 722 -31.14 26.91 -25.62
CA CYS G 722 -29.97 26.23 -26.16
C CYS G 722 -29.76 24.98 -25.33
N ILE G 723 -29.93 23.82 -25.95
CA ILE G 723 -29.81 22.56 -25.25
C ILE G 723 -28.61 21.80 -25.81
N PHE G 724 -27.96 21.00 -24.96
CA PHE G 724 -26.75 20.27 -25.33
C PHE G 724 -26.98 18.81 -25.00
N GLY G 725 -27.66 18.10 -25.89
CA GLY G 725 -28.09 16.75 -25.59
C GLY G 725 -27.67 15.78 -26.67
N ASP G 726 -27.51 14.54 -26.27
CA ASP G 726 -27.14 13.46 -27.17
C ASP G 726 -28.20 12.37 -27.05
N VAL G 727 -27.95 11.25 -27.72
CA VAL G 727 -28.76 10.06 -27.47
C VAL G 727 -28.40 9.48 -26.11
N SER G 728 -27.13 9.49 -25.77
CA SER G 728 -26.67 8.85 -24.55
C SER G 728 -26.91 9.70 -23.32
N SER G 729 -27.00 11.02 -23.48
CA SER G 729 -27.06 11.91 -22.33
C SER G 729 -28.41 11.82 -21.64
N ALA G 730 -28.43 12.15 -20.36
CA ALA G 730 -29.60 11.98 -19.53
C ALA G 730 -30.65 13.04 -19.84
N LEU G 731 -31.91 12.67 -19.63
CA LEU G 731 -33.00 13.62 -19.80
C LEU G 731 -32.98 14.65 -18.70
N ILE G 732 -33.45 15.84 -19.03
CA ILE G 732 -33.64 16.88 -18.01
C ILE G 732 -35.10 16.88 -17.60
N GLY G 733 -35.95 17.01 -18.59
CA GLY G 733 -37.35 17.30 -18.39
C GLY G 733 -37.52 18.76 -18.70
N LEU G 734 -37.91 19.08 -19.94
CA LEU G 734 -38.23 20.43 -20.33
C LEU G 734 -39.70 20.74 -20.15
N ARG G 735 -40.47 19.71 -19.80
CA ARG G 735 -41.83 19.89 -19.33
C ARG G 735 -41.90 20.83 -18.14
N ASN G 736 -40.92 20.78 -17.26
CA ASN G 736 -40.87 21.70 -16.13
C ASN G 736 -40.42 23.09 -16.52
N LEU G 737 -40.02 23.30 -17.76
CA LEU G 737 -39.73 24.63 -18.28
C LEU G 737 -40.91 25.23 -19.00
N VAL G 738 -41.54 24.46 -19.88
CA VAL G 738 -42.63 24.98 -20.69
C VAL G 738 -43.91 25.17 -19.89
N MET G 739 -44.23 24.27 -18.95
CA MET G 739 -45.47 24.39 -18.18
C MET G 739 -45.59 25.68 -17.37
N PRO G 740 -44.61 26.13 -16.58
CA PRO G 740 -44.81 27.42 -15.91
C PRO G 740 -44.69 28.60 -16.85
N LEU G 741 -44.17 28.38 -18.05
CA LEU G 741 -44.05 29.48 -19.00
C LEU G 741 -45.32 29.60 -19.83
N ARG G 742 -46.16 28.56 -19.82
CA ARG G 742 -47.51 28.61 -20.38
C ARG G 742 -48.47 28.08 -19.33
N ALA G 743 -48.89 28.94 -18.42
CA ALA G 743 -49.56 28.51 -17.19
C ALA G 743 -51.01 28.98 -17.13
N SER G 744 -51.62 29.21 -18.29
CA SER G 744 -53.00 29.71 -18.44
C SER G 744 -53.29 31.01 -17.71
N ASN G 745 -52.24 31.72 -17.33
CA ASN G 745 -52.34 32.99 -16.66
C ASN G 745 -51.98 34.11 -17.62
N PHE G 746 -51.59 33.74 -18.82
CA PHE G 746 -51.28 34.66 -19.88
C PHE G 746 -52.31 34.49 -20.98
N HIS G 747 -52.51 35.55 -21.75
CA HIS G 747 -53.40 35.40 -22.88
C HIS G 747 -52.66 34.71 -24.03
N TYR G 748 -53.42 34.26 -25.02
CA TYR G 748 -52.85 33.44 -26.07
C TYR G 748 -51.97 34.26 -26.99
N HIS G 749 -52.21 35.56 -27.08
CA HIS G 749 -51.29 36.45 -27.76
C HIS G 749 -50.15 36.88 -26.86
N GLU G 750 -50.26 36.66 -25.55
CA GLU G 750 -49.24 37.05 -24.59
C GLU G 750 -48.18 35.96 -24.43
N LEU G 751 -48.46 34.74 -24.90
CA LEU G 751 -47.57 33.61 -24.73
C LEU G 751 -46.31 33.78 -25.56
N LYS G 752 -45.19 33.33 -25.00
CA LYS G 752 -43.91 33.40 -25.68
C LYS G 752 -43.63 32.11 -26.43
N HIS G 753 -43.04 32.25 -27.60
CA HIS G 753 -42.87 31.16 -28.54
C HIS G 753 -41.52 30.52 -28.28
N ILE G 754 -41.52 29.33 -27.68
CA ILE G 754 -40.27 28.65 -27.34
C ILE G 754 -39.73 27.97 -28.58
N VAL G 755 -38.46 28.25 -28.91
CA VAL G 755 -37.77 27.62 -30.02
C VAL G 755 -36.58 26.89 -29.44
N PHE G 756 -36.62 25.57 -29.42
CA PHE G 756 -35.46 24.84 -28.93
C PHE G 756 -34.38 24.77 -30.00
N VAL G 757 -33.14 24.91 -29.57
CA VAL G 757 -31.99 24.80 -30.44
C VAL G 757 -31.09 23.72 -29.85
N GLY G 758 -30.88 22.65 -30.60
CA GLY G 758 -30.04 21.57 -30.12
C GLY G 758 -30.13 20.38 -31.05
N SER G 759 -29.67 19.24 -30.54
CA SER G 759 -29.71 18.03 -31.33
C SER G 759 -31.12 17.47 -31.34
N ILE G 760 -31.59 17.10 -32.53
CA ILE G 760 -32.92 16.53 -32.64
C ILE G 760 -32.97 15.13 -32.06
N GLU G 761 -31.82 14.43 -32.03
CA GLU G 761 -31.78 13.10 -31.45
C GLU G 761 -31.98 13.11 -29.95
N TYR G 762 -31.72 14.23 -29.29
CA TYR G 762 -32.09 14.42 -27.91
C TYR G 762 -33.54 14.83 -27.74
N LEU G 763 -34.04 15.70 -28.61
CA LEU G 763 -35.37 16.25 -28.41
C LEU G 763 -36.47 15.29 -28.83
N LYS G 764 -36.17 14.33 -29.71
CA LYS G 764 -37.17 13.32 -30.06
C LYS G 764 -37.48 12.43 -28.86
N ARG G 765 -36.48 12.20 -28.02
CA ARG G 765 -36.66 11.35 -26.85
C ARG G 765 -37.48 12.04 -25.78
N GLU G 766 -37.55 13.37 -25.79
CA GLU G 766 -38.13 14.15 -24.72
C GLU G 766 -39.46 14.78 -25.12
N TRP G 767 -39.67 14.99 -26.42
CA TRP G 767 -40.79 15.73 -26.95
C TRP G 767 -42.14 15.06 -26.70
N GLU G 768 -42.15 13.78 -26.35
CA GLU G 768 -43.37 13.07 -25.97
C GLU G 768 -43.98 13.54 -24.66
N THR G 769 -43.35 14.48 -23.96
CA THR G 769 -43.98 15.15 -22.83
C THR G 769 -44.22 16.62 -23.08
N LEU G 770 -43.89 17.13 -24.27
CA LEU G 770 -44.06 18.54 -24.58
C LEU G 770 -44.96 18.72 -25.77
N HIS G 771 -45.68 17.68 -26.16
CA HIS G 771 -46.38 17.73 -27.43
C HIS G 771 -47.84 18.11 -27.23
N ASN G 772 -48.15 18.76 -26.11
CA ASN G 772 -49.50 19.23 -25.87
C ASN G 772 -49.55 20.72 -25.63
N PHE G 773 -48.63 21.46 -26.23
CA PHE G 773 -48.43 22.87 -25.92
C PHE G 773 -48.60 23.70 -27.18
N PRO G 774 -49.15 24.92 -27.07
CA PRO G 774 -49.72 25.57 -28.27
C PRO G 774 -48.71 26.09 -29.26
N LYS G 775 -47.56 26.58 -28.82
CA LYS G 775 -46.62 27.13 -29.79
C LYS G 775 -45.19 26.85 -29.35
N VAL G 776 -44.59 25.87 -30.01
CA VAL G 776 -43.22 25.49 -29.71
C VAL G 776 -42.54 25.07 -31.00
N SER G 777 -41.30 25.50 -31.19
CA SER G 777 -40.55 25.17 -32.39
C SER G 777 -39.28 24.43 -32.03
N ILE G 778 -38.75 23.68 -32.99
CA ILE G 778 -37.48 23.00 -32.86
C ILE G 778 -36.57 23.46 -33.98
N LEU G 779 -35.39 23.95 -33.65
CA LEU G 779 -34.37 24.20 -34.66
C LEU G 779 -33.26 23.20 -34.46
N PRO G 780 -33.24 22.11 -35.21
CA PRO G 780 -32.19 21.09 -35.02
C PRO G 780 -30.82 21.58 -35.47
N GLY G 781 -29.91 21.71 -34.50
CA GLY G 781 -28.60 22.21 -34.80
C GLY G 781 -27.68 22.18 -33.60
N THR G 782 -26.86 23.21 -33.45
CA THR G 782 -25.92 23.29 -32.37
C THR G 782 -25.99 24.73 -31.86
N PRO G 783 -26.00 24.94 -30.55
CA PRO G 783 -25.93 26.32 -30.05
C PRO G 783 -24.59 26.99 -30.32
N LEU G 784 -23.54 26.21 -30.53
CA LEU G 784 -22.25 26.78 -30.88
C LEU G 784 -22.27 27.25 -32.34
N SER G 785 -23.16 26.68 -33.14
CA SER G 785 -23.29 27.10 -34.53
C SER G 785 -23.92 28.48 -34.60
N ARG G 786 -23.12 29.47 -34.98
CA ARG G 786 -23.57 30.85 -34.95
C ARG G 786 -24.59 31.13 -36.05
N ALA G 787 -24.60 30.34 -37.12
CA ALA G 787 -25.59 30.53 -38.17
C ALA G 787 -26.98 30.15 -37.68
N ASP G 788 -27.06 29.13 -36.81
CA ASP G 788 -28.35 28.73 -36.26
C ASP G 788 -28.92 29.79 -35.35
N LEU G 789 -28.06 30.41 -34.54
CA LEU G 789 -28.52 31.51 -33.71
C LEU G 789 -28.78 32.75 -34.55
N ARG G 790 -28.14 32.86 -35.70
CA ARG G 790 -28.38 34.00 -36.57
C ARG G 790 -29.76 33.90 -37.20
N ALA G 791 -30.13 32.70 -37.65
CA ALA G 791 -31.46 32.50 -38.19
C ALA G 791 -32.43 31.99 -37.13
N VAL G 792 -32.44 32.61 -35.97
CA VAL G 792 -33.48 32.34 -34.99
C VAL G 792 -33.92 33.68 -34.42
N ASN G 793 -33.29 34.75 -34.92
CA ASN G 793 -33.43 36.12 -34.44
C ASN G 793 -33.08 36.23 -32.95
N ILE G 794 -31.81 35.94 -32.65
CA ILE G 794 -31.35 35.95 -31.28
C ILE G 794 -31.26 37.38 -30.75
N ASN G 795 -31.04 38.36 -31.62
CA ASN G 795 -30.83 39.73 -31.17
C ASN G 795 -32.14 40.39 -30.77
N LEU G 796 -33.23 40.05 -31.45
CA LEU G 796 -34.49 40.66 -31.05
C LEU G 796 -35.43 39.60 -30.49
N CYS G 797 -34.87 38.61 -29.78
CA CYS G 797 -35.67 37.68 -29.03
C CYS G 797 -36.03 38.32 -27.69
N ASP G 798 -36.69 37.55 -26.83
CA ASP G 798 -36.93 38.02 -25.47
C ASP G 798 -35.89 37.51 -24.50
N MET G 799 -35.59 36.21 -24.52
CA MET G 799 -34.52 35.69 -23.68
C MET G 799 -33.98 34.39 -24.26
N CYS G 800 -32.67 34.23 -24.19
CA CYS G 800 -32.01 32.96 -24.48
C CYS G 800 -31.75 32.21 -23.19
N VAL G 801 -31.85 30.89 -23.26
CA VAL G 801 -31.66 30.01 -22.12
C VAL G 801 -30.65 28.95 -22.52
N ILE G 802 -29.58 28.83 -21.74
CA ILE G 802 -28.53 27.84 -21.99
C ILE G 802 -28.58 26.80 -20.89
N LEU G 803 -28.78 25.56 -21.26
CA LEU G 803 -28.92 24.47 -20.30
C LEU G 803 -27.82 23.43 -20.51
N SER G 804 -27.36 22.86 -19.41
CA SER G 804 -26.33 21.84 -19.41
C SER G 804 -27.01 20.49 -19.28
N ALA G 805 -27.20 19.80 -20.39
CA ALA G 805 -27.77 18.47 -20.32
C ALA G 805 -26.72 17.39 -20.17
N ASN G 806 -25.52 17.60 -20.72
CA ASN G 806 -24.49 16.58 -20.71
C ASN G 806 -23.83 16.51 -19.33
N GLN G 807 -24.57 16.01 -18.35
CA GLN G 807 -24.14 16.02 -16.97
C GLN G 807 -23.64 14.61 -16.65
N ASN G 808 -22.41 14.33 -17.03
CA ASN G 808 -21.83 13.02 -16.80
C ASN G 808 -20.37 13.04 -16.36
N ASN G 809 -19.79 14.21 -16.10
CA ASN G 809 -18.37 14.26 -15.78
C ASN G 809 -18.12 13.74 -14.37
N ILE G 810 -17.23 12.77 -14.26
CA ILE G 810 -16.74 12.29 -12.97
C ILE G 810 -15.52 13.08 -12.54
N ASP G 811 -14.54 13.22 -13.43
CA ASP G 811 -13.37 14.04 -13.16
C ASP G 811 -13.72 15.52 -13.32
N ASP G 812 -12.75 16.36 -12.95
CA ASP G 812 -12.59 17.81 -13.17
C ASP G 812 -13.89 18.62 -13.18
N THR G 813 -14.64 18.55 -12.08
CA THR G 813 -16.01 19.06 -12.04
C THR G 813 -16.09 20.58 -12.15
N SER G 814 -14.97 21.27 -11.97
CA SER G 814 -14.92 22.70 -12.27
C SER G 814 -14.94 22.99 -13.76
N LEU G 815 -14.68 21.98 -14.58
CA LEU G 815 -14.68 22.09 -16.02
C LEU G 815 -15.94 21.48 -16.62
N GLN G 816 -16.93 21.18 -15.78
CA GLN G 816 -18.07 20.38 -16.22
C GLN G 816 -18.97 21.15 -17.17
N ASP G 817 -19.29 22.39 -16.83
CA ASP G 817 -20.17 23.22 -17.67
C ASP G 817 -19.34 24.02 -18.67
N LYS G 818 -18.60 23.28 -19.48
CA LYS G 818 -17.68 23.89 -20.42
C LYS G 818 -18.41 24.42 -21.65
N GLU G 819 -19.39 23.68 -22.17
CA GLU G 819 -20.17 24.24 -23.28
C GLU G 819 -21.42 24.92 -22.76
N CYS G 820 -21.30 25.74 -21.73
CA CYS G 820 -22.35 26.69 -21.40
C CYS G 820 -21.82 28.10 -21.38
N ILE G 821 -20.71 28.32 -20.66
CA ILE G 821 -20.13 29.67 -20.62
C ILE G 821 -19.49 29.98 -21.95
N LEU G 822 -19.03 28.95 -22.66
CA LEU G 822 -18.46 29.15 -23.98
C LEU G 822 -19.54 29.53 -24.99
N ALA G 823 -20.71 28.88 -24.89
CA ALA G 823 -21.81 29.24 -25.76
C ALA G 823 -22.36 30.61 -25.43
N SER G 824 -22.35 31.00 -24.15
CA SER G 824 -22.79 32.33 -23.77
C SER G 824 -21.86 33.40 -24.29
N LEU G 825 -20.55 33.15 -24.23
CA LEU G 825 -19.60 34.10 -24.79
C LEU G 825 -19.71 34.17 -26.31
N ASN G 826 -19.99 33.03 -26.96
CA ASN G 826 -20.28 33.01 -28.37
C ASN G 826 -21.49 33.84 -28.73
N ILE G 827 -22.53 33.82 -27.92
CA ILE G 827 -23.69 34.68 -28.12
C ILE G 827 -23.34 36.15 -27.91
N LYS G 828 -22.67 36.45 -26.80
CA LYS G 828 -22.41 37.84 -26.43
C LYS G 828 -21.46 38.54 -27.38
N SER G 829 -20.55 37.80 -28.02
CA SER G 829 -19.69 38.41 -29.02
C SER G 829 -20.24 38.16 -30.43
N MET G 830 -21.36 38.80 -30.71
CA MET G 830 -21.97 38.77 -32.03
C MET G 830 -22.36 40.17 -32.43
N GLN G 831 -22.26 40.46 -33.72
CA GLN G 831 -22.61 41.75 -34.27
C GLN G 831 -23.83 41.59 -35.19
N PHE G 832 -24.58 42.66 -35.35
CA PHE G 832 -25.80 42.62 -36.14
C PHE G 832 -25.97 43.91 -36.92
N ASP G 833 -27.00 43.94 -37.75
CA ASP G 833 -27.33 45.12 -38.55
C ASP G 833 -28.80 45.47 -38.33
N ASP G 834 -29.09 46.76 -38.34
CA ASP G 834 -30.43 47.25 -38.06
C ASP G 834 -31.37 46.99 -39.23
N THR G 871 -26.38 45.76 -34.30
CA THR G 871 -25.55 46.17 -33.18
C THR G 871 -24.79 44.98 -32.62
N THR G 872 -23.96 45.24 -31.60
CA THR G 872 -23.22 44.20 -30.94
C THR G 872 -24.11 43.53 -29.90
N GLY G 873 -24.14 42.20 -29.91
CA GLY G 873 -25.05 41.46 -29.06
C GLY G 873 -24.61 41.26 -27.63
N VAL G 874 -24.08 42.31 -26.99
CA VAL G 874 -23.82 42.24 -25.56
C VAL G 874 -25.08 42.53 -24.76
N ASN G 875 -26.11 43.06 -25.41
CA ASN G 875 -27.36 43.42 -24.76
C ASN G 875 -28.38 42.30 -24.79
N ILE G 876 -28.00 41.12 -25.24
CA ILE G 876 -28.97 40.03 -25.39
C ILE G 876 -29.26 39.44 -24.02
N PRO G 877 -30.52 39.31 -23.62
CA PRO G 877 -30.82 38.72 -22.32
C PRO G 877 -30.60 37.22 -22.34
N ILE G 878 -29.57 36.75 -21.66
CA ILE G 878 -29.30 35.33 -21.59
C ILE G 878 -29.29 34.90 -20.13
N ILE G 879 -29.69 33.65 -19.90
CA ILE G 879 -29.53 33.00 -18.61
C ILE G 879 -28.94 31.63 -18.86
N THR G 880 -27.80 31.36 -18.26
CA THR G 880 -27.10 30.11 -18.45
C THR G 880 -27.01 29.35 -17.14
N GLU G 881 -27.44 28.09 -17.18
CA GLU G 881 -27.31 27.22 -16.03
C GLU G 881 -25.85 26.90 -15.78
N LEU G 882 -25.39 27.17 -14.56
CA LEU G 882 -24.05 26.78 -14.17
C LEU G 882 -24.10 25.87 -12.97
N VAL G 883 -23.04 25.10 -12.78
CA VAL G 883 -23.01 24.06 -11.77
C VAL G 883 -21.97 24.34 -10.71
N ASN G 884 -21.14 25.36 -10.87
CA ASN G 884 -20.06 25.60 -9.93
C ASN G 884 -20.02 27.06 -9.54
N ASP G 885 -19.79 27.30 -8.26
CA ASP G 885 -19.79 28.66 -7.75
C ASP G 885 -18.53 29.41 -8.15
N THR G 886 -17.42 28.69 -8.31
CA THR G 886 -16.15 29.28 -8.73
C THR G 886 -16.05 29.41 -10.23
N ASN G 887 -17.18 29.35 -10.91
CA ASN G 887 -17.23 29.26 -12.35
C ASN G 887 -18.13 30.35 -12.92
N VAL G 888 -18.81 31.10 -12.05
CA VAL G 888 -19.89 31.97 -12.48
C VAL G 888 -19.37 33.33 -12.93
N GLN G 889 -18.16 33.70 -12.55
CA GLN G 889 -17.61 35.00 -12.89
C GLN G 889 -16.97 35.01 -14.26
N PHE G 890 -17.04 33.91 -15.00
CA PHE G 890 -16.48 33.89 -16.33
C PHE G 890 -17.42 34.52 -17.35
N LEU G 891 -18.67 34.73 -16.97
CA LEU G 891 -19.70 35.12 -17.93
C LEU G 891 -19.61 36.60 -18.27
N ASP G 892 -19.84 37.45 -17.29
CA ASP G 892 -19.83 38.88 -17.48
C ASP G 892 -18.61 39.42 -16.74
N GLN G 893 -17.57 39.72 -17.50
CA GLN G 893 -16.43 40.43 -16.93
C GLN G 893 -16.07 41.59 -17.84
N ASP G 894 -16.10 42.79 -17.27
CA ASP G 894 -15.50 43.97 -17.85
C ASP G 894 -14.73 44.67 -16.73
N ASP G 895 -15.17 44.43 -15.50
CA ASP G 895 -14.56 44.96 -14.29
C ASP G 895 -14.17 43.80 -13.41
N ASP G 896 -12.88 43.71 -13.09
CA ASP G 896 -12.40 42.71 -12.16
C ASP G 896 -12.87 43.05 -10.76
N ASP G 897 -13.82 42.27 -10.26
CA ASP G 897 -14.29 42.48 -8.89
C ASP G 897 -13.26 41.96 -7.90
N ASP G 898 -13.03 40.65 -7.93
CA ASP G 898 -12.14 39.91 -7.05
C ASP G 898 -12.11 38.52 -7.66
N PRO G 899 -10.95 37.87 -7.77
CA PRO G 899 -10.96 36.44 -8.17
C PRO G 899 -11.72 35.55 -7.20
N ASP G 900 -11.57 35.76 -5.90
CA ASP G 900 -12.42 35.07 -4.92
C ASP G 900 -13.54 36.00 -4.45
N THR G 901 -14.50 36.18 -5.33
CA THR G 901 -15.73 36.89 -4.99
C THR G 901 -16.73 35.87 -4.47
N GLU G 902 -17.53 36.29 -3.50
CA GLU G 902 -18.64 35.46 -3.07
C GLU G 902 -19.67 35.32 -4.19
N LEU G 903 -20.47 34.25 -4.10
CA LEU G 903 -21.40 33.91 -5.17
C LEU G 903 -22.49 34.96 -5.31
N TYR G 904 -22.99 35.49 -4.20
CA TYR G 904 -24.02 36.50 -4.32
C TYR G 904 -23.45 37.86 -4.66
N LEU G 905 -22.17 38.09 -4.40
CA LEU G 905 -21.61 39.41 -4.64
C LEU G 905 -21.15 39.62 -6.07
N THR G 906 -21.08 38.57 -6.88
CA THR G 906 -20.53 38.75 -8.20
C THR G 906 -21.55 39.37 -9.14
N GLN G 907 -21.06 39.90 -10.26
CA GLN G 907 -21.93 40.60 -11.20
C GLN G 907 -22.91 39.70 -11.96
N PRO G 908 -22.52 38.56 -12.57
CA PRO G 908 -23.53 37.82 -13.36
C PRO G 908 -24.60 37.17 -12.52
N PHE G 909 -24.33 36.87 -11.25
CA PHE G 909 -25.39 36.37 -10.39
C PHE G 909 -26.35 37.48 -10.03
N ALA G 910 -25.82 38.62 -9.61
CA ALA G 910 -26.65 39.74 -9.18
C ALA G 910 -27.45 40.35 -10.31
N CYS G 911 -26.97 40.22 -11.54
CA CYS G 911 -27.75 40.69 -12.67
C CYS G 911 -28.83 39.71 -13.08
N GLY G 912 -28.81 38.49 -12.55
CA GLY G 912 -29.78 37.49 -12.92
C GLY G 912 -29.47 36.75 -14.20
N THR G 913 -28.35 37.03 -14.85
CA THR G 913 -27.98 36.38 -16.09
C THR G 913 -27.19 35.11 -15.88
N ALA G 914 -27.22 34.55 -14.67
CA ALA G 914 -26.40 33.39 -14.36
C ALA G 914 -27.08 32.64 -13.22
N PHE G 915 -27.80 31.58 -13.54
CA PHE G 915 -28.45 30.77 -12.53
C PHE G 915 -27.50 29.66 -12.09
N ALA G 916 -26.94 29.81 -10.89
CA ALA G 916 -26.22 28.71 -10.30
C ALA G 916 -27.19 27.61 -9.86
N VAL G 917 -26.68 26.39 -9.78
CA VAL G 917 -27.50 25.27 -9.35
C VAL G 917 -27.29 24.99 -7.87
N SER G 918 -26.33 25.66 -7.23
CA SER G 918 -26.11 25.52 -5.79
C SER G 918 -27.23 26.12 -4.96
N VAL G 919 -28.06 26.95 -5.59
CA VAL G 919 -29.29 27.48 -5.02
C VAL G 919 -30.20 26.36 -4.50
N LEU G 920 -30.22 25.24 -5.22
CA LEU G 920 -31.08 24.12 -4.83
C LEU G 920 -30.59 23.45 -3.55
N ASP G 921 -29.29 23.28 -3.41
CA ASP G 921 -28.78 22.75 -2.15
C ASP G 921 -28.87 23.78 -1.04
N SER G 922 -28.95 25.07 -1.37
CA SER G 922 -29.26 26.06 -0.35
C SER G 922 -30.71 25.96 0.10
N LEU G 923 -31.60 25.47 -0.77
CA LEU G 923 -33.02 25.33 -0.41
C LEU G 923 -33.26 24.33 0.71
N MET G 924 -32.38 23.35 0.89
CA MET G 924 -32.68 22.29 1.84
C MET G 924 -32.58 22.77 3.28
N SER G 925 -31.67 23.70 3.56
CA SER G 925 -31.59 24.27 4.90
C SER G 925 -32.83 25.09 5.21
N ALA G 926 -33.27 25.92 4.28
CA ALA G 926 -34.47 26.72 4.49
C ALA G 926 -35.71 25.85 4.58
N THR G 927 -35.73 24.73 3.87
CA THR G 927 -36.81 23.78 4.03
C THR G 927 -36.76 23.10 5.39
N TYR G 928 -35.56 22.89 5.92
CA TYR G 928 -35.44 22.35 7.27
C TYR G 928 -35.95 23.30 8.33
N PHE G 929 -35.66 24.60 8.21
CA PHE G 929 -36.05 25.49 9.29
C PHE G 929 -37.49 25.96 9.15
N ASN G 930 -37.99 26.08 7.93
CA ASN G 930 -39.41 26.35 7.71
C ASN G 930 -39.94 25.39 6.68
N ASP G 931 -41.06 24.75 7.00
CA ASP G 931 -41.67 23.78 6.10
C ASP G 931 -42.48 24.42 4.99
N ASN G 932 -42.54 25.75 4.94
CA ASN G 932 -43.43 26.44 4.04
C ASN G 932 -42.68 27.29 3.02
N ILE G 933 -41.35 27.36 3.12
CA ILE G 933 -40.57 28.02 2.08
C ILE G 933 -40.70 27.25 0.77
N LEU G 934 -40.62 25.93 0.84
CA LEU G 934 -40.73 25.10 -0.36
C LEU G 934 -42.13 25.18 -0.95
N THR G 935 -43.15 25.22 -0.09
CA THR G 935 -44.52 25.31 -0.57
C THR G 935 -44.78 26.65 -1.25
N LEU G 936 -44.27 27.73 -0.65
CA LEU G 936 -44.42 29.06 -1.22
C LEU G 936 -43.70 29.17 -2.56
N ILE G 937 -42.45 28.71 -2.62
CA ILE G 937 -41.68 28.80 -3.84
C ILE G 937 -42.27 27.90 -4.93
N ARG G 938 -42.77 26.73 -4.55
CA ARG G 938 -43.33 25.81 -5.52
C ARG G 938 -44.65 26.31 -6.08
N THR G 939 -45.45 27.00 -5.27
CA THR G 939 -46.66 27.61 -5.82
C THR G 939 -46.34 28.87 -6.59
N LEU G 940 -45.25 29.56 -6.25
CA LEU G 940 -44.91 30.80 -6.93
C LEU G 940 -44.34 30.53 -8.31
N VAL G 941 -43.57 29.45 -8.44
CA VAL G 941 -42.69 29.27 -9.56
C VAL G 941 -43.28 28.32 -10.61
N THR G 942 -43.88 27.22 -10.17
CA THR G 942 -44.55 26.32 -11.12
C THR G 942 -45.80 26.98 -11.70
N GLY G 943 -46.39 27.92 -10.98
CA GLY G 943 -47.56 28.62 -11.47
C GLY G 943 -48.79 27.77 -11.34
N GLY G 944 -49.05 27.32 -10.11
CA GLY G 944 -50.15 26.42 -9.89
C GLY G 944 -49.68 24.98 -9.81
N ALA G 945 -49.66 24.43 -8.61
CA ALA G 945 -49.16 23.09 -8.34
C ALA G 945 -50.13 22.35 -7.44
N THR G 946 -51.40 22.33 -7.85
CA THR G 946 -52.43 21.66 -7.06
C THR G 946 -52.17 20.15 -7.04
N PRO G 947 -52.49 19.48 -5.93
CA PRO G 947 -52.26 18.03 -5.86
C PRO G 947 -53.16 17.22 -6.78
N GLU G 948 -54.29 17.78 -7.21
CA GLU G 948 -55.09 17.13 -8.23
C GLU G 948 -54.34 17.07 -9.56
N LEU G 949 -53.54 18.10 -9.86
CA LEU G 949 -52.71 18.08 -11.05
C LEU G 949 -51.62 17.02 -10.92
N GLU G 950 -51.02 16.92 -9.74
CA GLU G 950 -50.01 15.89 -9.49
C GLU G 950 -50.60 14.50 -9.60
N ALA G 951 -51.85 14.33 -9.17
CA ALA G 951 -52.50 13.03 -9.27
C ALA G 951 -52.86 12.70 -10.71
N LEU G 952 -53.28 13.69 -11.49
CA LEU G 952 -53.63 13.42 -12.88
C LEU G 952 -52.40 13.16 -13.74
N ILE G 953 -51.29 13.82 -13.44
CA ILE G 953 -50.04 13.48 -14.11
C ILE G 953 -49.54 12.14 -13.61
N ALA G 954 -49.81 11.80 -12.35
CA ALA G 954 -49.26 10.61 -11.72
C ALA G 954 -49.78 9.31 -12.32
N GLU G 955 -50.88 9.35 -13.06
CA GLU G 955 -51.45 8.11 -13.59
C GLU G 955 -51.12 7.87 -15.05
N GLU G 956 -50.78 8.91 -15.82
CA GLU G 956 -50.45 8.68 -17.22
C GLU G 956 -49.24 9.47 -17.72
N ASN G 957 -48.69 10.38 -16.92
CA ASN G 957 -47.54 11.24 -17.28
C ASN G 957 -47.83 12.04 -18.54
N ALA G 958 -49.05 12.55 -18.64
CA ALA G 958 -49.47 13.29 -19.82
C ALA G 958 -50.53 14.30 -19.39
N LEU G 959 -50.30 15.57 -19.70
CA LEU G 959 -51.23 16.63 -19.36
C LEU G 959 -52.38 16.58 -20.35
N ARG G 960 -53.40 15.80 -20.01
CA ARG G 960 -54.54 15.64 -20.89
C ARG G 960 -55.43 16.88 -20.85
N GLY G 961 -56.18 17.08 -21.93
CA GLY G 961 -57.01 18.26 -22.05
C GLY G 961 -58.41 18.05 -21.54
N GLY G 962 -59.10 19.17 -21.32
CA GLY G 962 -60.47 19.13 -20.85
C GLY G 962 -61.29 20.22 -21.50
N TYR G 963 -62.59 20.16 -21.26
CA TYR G 963 -63.49 21.20 -21.72
C TYR G 963 -63.44 22.39 -20.77
N SER G 964 -64.10 23.47 -21.18
CA SER G 964 -64.12 24.69 -20.40
C SER G 964 -65.48 24.87 -19.73
N THR G 965 -65.45 24.96 -18.41
CA THR G 965 -66.63 25.24 -17.59
C THR G 965 -66.41 26.57 -16.89
N PRO G 966 -67.44 27.18 -16.29
CA PRO G 966 -67.17 28.34 -15.42
C PRO G 966 -66.37 27.98 -14.18
N GLN G 967 -66.43 26.74 -13.72
CA GLN G 967 -65.50 26.29 -12.68
C GLN G 967 -64.08 26.24 -13.22
N THR G 968 -63.92 25.88 -14.50
CA THR G 968 -62.60 25.76 -15.09
C THR G 968 -61.93 27.12 -15.27
N LEU G 969 -62.65 28.09 -15.83
CA LEU G 969 -62.05 29.41 -16.05
C LEU G 969 -61.85 30.17 -14.77
N ALA G 970 -62.56 29.82 -13.70
CA ALA G 970 -62.30 30.45 -12.41
C ALA G 970 -60.98 29.98 -11.81
N ASN G 971 -60.45 28.85 -12.28
CA ASN G 971 -59.23 28.32 -11.72
C ASN G 971 -58.02 29.13 -12.14
N ARG G 972 -58.08 29.78 -13.29
CA ARG G 972 -56.96 30.61 -13.74
C ARG G 972 -57.08 32.06 -13.30
N ASP G 973 -57.36 32.25 -12.01
CA ASP G 973 -57.47 33.57 -11.43
C ASP G 973 -56.22 33.95 -10.66
N ARG G 974 -55.17 33.14 -10.75
CA ARG G 974 -53.91 33.40 -10.07
C ARG G 974 -53.22 34.62 -10.69
N CYS G 975 -52.27 35.18 -9.96
CA CYS G 975 -51.53 36.31 -10.47
C CYS G 975 -50.17 35.85 -10.96
N ARG G 976 -49.61 36.61 -11.90
CA ARG G 976 -48.39 36.24 -12.58
C ARG G 976 -47.25 37.11 -12.10
N VAL G 977 -46.09 36.92 -12.72
CA VAL G 977 -44.89 37.69 -12.40
C VAL G 977 -44.52 38.49 -13.64
N ALA G 978 -44.32 39.80 -13.48
CA ALA G 978 -43.96 40.64 -14.60
C ALA G 978 -43.12 41.80 -14.11
N GLN G 979 -42.55 42.52 -15.06
CA GLN G 979 -41.82 43.75 -14.81
C GLN G 979 -42.56 44.93 -15.41
N LEU G 980 -42.27 46.11 -14.87
CA LEU G 980 -43.02 47.34 -15.24
C LEU G 980 -42.02 48.45 -15.56
N ALA G 981 -42.13 49.04 -16.75
CA ALA G 981 -41.24 50.17 -17.10
C ALA G 981 -41.84 51.45 -16.51
N LEU G 982 -41.09 52.13 -15.64
CA LEU G 982 -41.58 53.37 -15.00
C LEU G 982 -41.78 54.46 -16.06
N LEU G 983 -40.90 54.55 -17.06
CA LEU G 983 -40.97 55.68 -18.03
C LEU G 983 -42.30 55.72 -18.77
N ASP G 984 -42.80 54.58 -19.27
CA ASP G 984 -44.04 54.62 -20.09
C ASP G 984 -45.25 54.28 -19.21
N GLY G 985 -45.01 53.97 -17.93
CA GLY G 985 -46.11 53.53 -17.04
C GLY G 985 -46.96 54.66 -16.50
N PRO G 986 -48.14 54.38 -15.91
CA PRO G 986 -48.96 55.42 -15.28
C PRO G 986 -48.18 55.98 -14.09
N PHE G 987 -47.22 55.22 -13.58
CA PHE G 987 -46.42 55.64 -12.40
C PHE G 987 -45.21 56.45 -12.88
N ALA G 988 -45.18 56.83 -14.16
CA ALA G 988 -44.06 57.61 -14.74
C ALA G 988 -43.91 58.92 -13.97
N ASP G 989 -45.04 59.53 -13.57
CA ASP G 989 -44.97 60.79 -12.77
C ASP G 989 -44.21 60.49 -11.49
N LEU G 990 -44.43 59.31 -10.89
CA LEU G 990 -43.66 58.90 -9.68
C LEU G 990 -42.33 58.32 -10.15
N GLY G 991 -42.13 58.23 -11.47
CA GLY G 991 -40.90 57.65 -12.02
C GLY G 991 -39.66 58.42 -11.60
N ASP G 992 -39.74 59.76 -11.54
CA ASP G 992 -38.51 60.52 -11.21
C ASP G 992 -38.52 60.90 -9.72
N GLY G 993 -37.62 60.31 -8.93
CA GLY G 993 -37.49 60.71 -7.51
C GLY G 993 -38.62 60.15 -6.65
N GLY G 994 -39.47 59.31 -7.22
CA GLY G 994 -40.63 58.80 -6.47
C GLY G 994 -40.22 57.90 -5.31
N CYS G 995 -40.85 58.06 -4.15
CA CYS G 995 -40.57 57.14 -3.03
C CYS G 995 -41.09 55.75 -3.40
N TYR G 996 -40.34 54.70 -3.06
CA TYR G 996 -40.75 53.33 -3.43
C TYR G 996 -42.08 53.03 -2.75
N GLY G 997 -42.25 53.50 -1.51
CA GLY G 997 -43.48 53.23 -0.76
C GLY G 997 -44.70 53.78 -1.46
N ASP G 998 -44.60 55.00 -2.00
CA ASP G 998 -45.74 55.63 -2.70
C ASP G 998 -46.09 54.76 -3.91
N LEU G 999 -45.07 54.32 -4.65
CA LEU G 999 -45.30 53.51 -5.87
C LEU G 999 -46.00 52.21 -5.47
N PHE G 1000 -45.53 51.58 -4.39
CA PHE G 1000 -46.11 50.29 -3.97
C PHE G 1000 -47.58 50.52 -3.59
N CYS G 1001 -47.84 51.56 -2.82
CA CYS G 1001 -49.23 51.78 -2.34
C CYS G 1001 -50.13 52.06 -3.54
N LYS G 1002 -49.69 52.91 -4.45
CA LYS G 1002 -50.58 53.28 -5.59
C LYS G 1002 -50.89 52.03 -6.40
N ALA G 1003 -49.86 51.22 -6.66
CA ALA G 1003 -50.08 50.03 -7.52
C ALA G 1003 -51.04 49.06 -6.83
N LEU G 1004 -50.81 48.79 -5.54
CA LEU G 1004 -51.66 47.79 -4.86
C LEU G 1004 -53.10 48.29 -4.84
N LYS G 1005 -53.28 49.57 -4.53
CA LYS G 1005 -54.66 50.15 -4.46
C LYS G 1005 -55.31 50.20 -5.85
N THR G 1006 -54.58 50.59 -6.89
CA THR G 1006 -55.26 50.80 -8.21
C THR G 1006 -55.30 49.55 -9.08
N TYR G 1007 -54.15 48.93 -9.33
CA TYR G 1007 -54.10 47.76 -10.24
C TYR G 1007 -53.98 46.46 -9.45
N ASN G 1008 -53.98 46.55 -8.12
CA ASN G 1008 -53.83 45.34 -7.27
C ASN G 1008 -52.54 44.60 -7.65
N MET G 1009 -51.46 45.34 -7.92
CA MET G 1009 -50.15 44.69 -8.24
C MET G 1009 -49.24 44.86 -7.02
N LEU G 1010 -48.76 43.74 -6.47
CA LEU G 1010 -47.84 43.82 -5.30
C LEU G 1010 -46.47 44.27 -5.82
N CYS G 1011 -46.07 45.50 -5.50
CA CYS G 1011 -44.71 45.90 -5.88
C CYS G 1011 -43.70 45.06 -5.11
N PHE G 1012 -42.79 44.47 -5.84
CA PHE G 1012 -42.12 43.26 -5.41
C PHE G 1012 -40.62 43.42 -5.27
N GLY G 1013 -40.03 44.41 -5.91
CA GLY G 1013 -38.60 44.65 -5.87
C GLY G 1013 -38.17 45.41 -7.10
N ILE G 1014 -37.12 46.20 -7.00
CA ILE G 1014 -36.72 47.11 -8.07
C ILE G 1014 -35.53 46.51 -8.80
N TYR G 1015 -35.64 46.40 -10.12
CA TYR G 1015 -34.59 45.84 -10.95
C TYR G 1015 -33.82 47.00 -11.58
N ARG G 1016 -32.88 47.52 -10.80
CA ARG G 1016 -32.23 48.79 -11.09
C ARG G 1016 -31.01 48.59 -11.99
N LEU G 1017 -30.81 49.53 -12.90
CA LEU G 1017 -29.66 49.50 -13.81
C LEU G 1017 -28.37 49.71 -13.03
N ARG G 1018 -27.28 49.15 -13.57
CA ARG G 1018 -26.03 49.09 -12.83
C ARG G 1018 -25.38 50.46 -12.75
N ASP G 1019 -25.18 51.12 -13.89
CA ASP G 1019 -24.57 52.45 -13.91
C ASP G 1019 -25.62 53.55 -13.87
N ALA G 1020 -26.54 53.45 -12.92
CA ALA G 1020 -27.55 54.48 -12.75
C ALA G 1020 -27.16 55.48 -11.67
N HIS G 1021 -26.48 55.00 -10.63
CA HIS G 1021 -26.01 55.89 -9.57
C HIS G 1021 -24.85 56.76 -10.04
N LEU G 1022 -24.17 56.38 -11.11
CA LEU G 1022 -23.13 57.22 -11.66
C LEU G 1022 -23.73 58.43 -12.38
N SER G 1023 -22.89 59.39 -12.68
CA SER G 1023 -23.30 60.57 -13.42
C SER G 1023 -22.99 60.48 -14.91
N THR G 1024 -21.92 59.78 -15.28
CA THR G 1024 -21.56 59.68 -16.69
C THR G 1024 -22.53 58.75 -17.41
N PRO G 1025 -23.13 59.19 -18.52
CA PRO G 1025 -24.04 58.31 -19.27
C PRO G 1025 -23.25 57.20 -19.96
N SER G 1026 -23.59 55.96 -19.64
CA SER G 1026 -22.90 54.80 -20.17
C SER G 1026 -23.83 54.01 -21.09
N GLN G 1027 -23.28 52.94 -21.66
CA GLN G 1027 -24.01 52.07 -22.55
C GLN G 1027 -24.35 50.73 -21.91
N CYS G 1028 -24.06 50.57 -20.62
CA CYS G 1028 -24.25 49.30 -19.94
C CYS G 1028 -25.74 49.10 -19.65
N THR G 1029 -26.35 48.15 -20.34
CA THR G 1029 -27.76 47.84 -20.12
C THR G 1029 -27.96 46.75 -19.07
N LYS G 1030 -26.89 46.29 -18.41
CA LYS G 1030 -27.02 45.28 -17.38
C LYS G 1030 -27.63 45.87 -16.14
N ARG G 1031 -28.63 45.19 -15.59
CA ARG G 1031 -29.33 45.70 -14.42
C ARG G 1031 -29.25 44.67 -13.30
N TYR G 1032 -29.17 45.16 -12.08
CA TYR G 1032 -29.10 44.29 -10.91
C TYR G 1032 -30.41 44.36 -10.13
N VAL G 1033 -30.48 43.58 -9.06
CA VAL G 1033 -31.73 43.27 -8.38
C VAL G 1033 -31.70 43.86 -6.98
N ILE G 1034 -32.75 44.59 -6.63
CA ILE G 1034 -32.91 45.16 -5.29
C ILE G 1034 -34.23 44.65 -4.73
N THR G 1035 -34.16 43.98 -3.59
CA THR G 1035 -35.31 43.28 -3.02
C THR G 1035 -35.80 44.03 -1.80
N ASN G 1036 -37.11 44.36 -1.80
CA ASN G 1036 -37.84 44.99 -0.71
C ASN G 1036 -37.18 46.27 -0.20
N PRO G 1037 -37.24 47.36 -0.94
CA PRO G 1037 -36.55 48.57 -0.52
C PRO G 1037 -37.39 49.37 0.47
N PRO G 1038 -36.76 50.20 1.30
CA PRO G 1038 -37.51 51.02 2.25
C PRO G 1038 -38.03 52.32 1.65
N TYR G 1039 -38.58 53.17 2.53
CA TYR G 1039 -39.18 54.44 2.11
C TYR G 1039 -38.16 55.44 1.61
N GLU G 1040 -37.00 55.54 2.26
CA GLU G 1040 -35.99 56.50 1.87
C GLU G 1040 -35.28 56.13 0.58
N PHE G 1041 -35.55 54.94 0.05
CA PHE G 1041 -34.92 54.53 -1.19
C PHE G 1041 -35.54 55.25 -2.37
N GLU G 1042 -34.71 55.98 -3.11
CA GLU G 1042 -35.12 56.81 -4.22
C GLU G 1042 -35.48 55.96 -5.44
N LEU G 1043 -35.76 56.62 -6.56
CA LEU G 1043 -36.24 55.91 -7.73
C LEU G 1043 -35.91 56.71 -8.98
N VAL G 1044 -35.03 56.18 -9.82
CA VAL G 1044 -34.73 56.80 -11.11
C VAL G 1044 -35.79 56.34 -12.09
N PRO G 1045 -36.05 57.05 -13.20
CA PRO G 1045 -37.08 56.57 -14.13
C PRO G 1045 -36.67 55.39 -14.99
N THR G 1046 -35.40 55.01 -15.00
CA THR G 1046 -34.93 53.91 -15.83
C THR G 1046 -34.91 52.59 -15.08
N ASP G 1047 -36.03 52.19 -14.49
CA ASP G 1047 -36.08 50.97 -13.71
C ASP G 1047 -37.18 50.05 -14.21
N LEU G 1048 -37.11 48.80 -13.76
CA LEU G 1048 -38.00 47.73 -14.18
C LEU G 1048 -38.49 46.95 -12.96
N ILE G 1049 -39.08 47.69 -12.01
CA ILE G 1049 -39.58 47.16 -10.73
C ILE G 1049 -40.46 45.93 -10.93
N PHE G 1050 -40.15 44.88 -10.17
CA PHE G 1050 -40.93 43.65 -10.20
C PHE G 1050 -42.31 43.88 -9.58
N CYS G 1051 -43.27 43.06 -10.00
CA CYS G 1051 -44.63 43.20 -9.53
C CYS G 1051 -45.34 41.86 -9.70
N LEU G 1052 -46.55 41.78 -9.15
CA LEU G 1052 -47.40 40.62 -9.26
C LEU G 1052 -48.72 41.07 -9.86
N MET G 1053 -48.80 41.07 -11.19
CA MET G 1053 -49.98 41.58 -11.86
C MET G 1053 -51.13 40.58 -11.76
N GLN G 1054 -52.30 41.10 -11.43
CA GLN G 1054 -53.52 40.30 -11.44
C GLN G 1054 -53.93 39.98 -12.87
N PHE G 1055 -54.94 39.14 -13.00
CA PHE G 1055 -55.42 38.69 -14.30
C PHE G 1055 -56.78 39.32 -14.57
N ASP G 1056 -56.85 40.23 -15.54
CA ASP G 1056 -58.11 40.83 -15.93
C ASP G 1056 -58.93 39.85 -16.75
N TYR H 8 7.32 -42.83 -1.94
CA TYR H 8 8.65 -42.46 -2.42
C TYR H 8 9.13 -41.17 -1.76
N GLU H 9 8.18 -40.35 -1.32
CA GLU H 9 8.51 -39.08 -0.71
C GLU H 9 8.97 -39.28 0.72
N TYR H 10 9.88 -38.42 1.18
CA TYR H 10 10.23 -38.35 2.59
C TYR H 10 9.02 -37.92 3.40
N THR H 11 8.54 -38.79 4.28
CA THR H 11 7.46 -38.38 5.16
C THR H 11 7.99 -37.46 6.25
N GLU H 12 7.06 -36.79 6.94
CA GLU H 12 7.46 -35.79 7.91
C GLU H 12 8.10 -36.40 9.15
N ALA H 13 7.78 -37.65 9.48
CA ALA H 13 8.55 -38.35 10.50
C ALA H 13 9.96 -38.63 10.01
N GLU H 14 10.09 -39.00 8.73
CA GLU H 14 11.41 -39.21 8.15
C GLU H 14 12.16 -37.90 7.99
N ASP H 15 11.44 -36.83 7.64
CA ASP H 15 12.10 -35.57 7.34
C ASP H 15 12.62 -34.88 8.59
N LYS H 16 11.85 -34.95 9.68
CA LYS H 16 12.30 -34.33 10.93
C LYS H 16 13.46 -35.09 11.53
N SER H 17 13.53 -36.41 11.29
CA SER H 17 14.70 -37.18 11.71
C SER H 17 15.94 -36.74 10.94
N ILE H 18 15.77 -36.38 9.67
CA ILE H 18 16.89 -35.84 8.90
C ILE H 18 17.27 -34.46 9.43
N ARG H 19 16.27 -33.64 9.75
CA ARG H 19 16.52 -32.32 10.31
C ARG H 19 17.15 -32.41 11.70
N LEU H 20 16.76 -33.41 12.48
CA LEU H 20 17.42 -33.63 13.76
C LEU H 20 18.80 -34.21 13.58
N GLY H 21 18.97 -35.07 12.57
CA GLY H 21 20.27 -35.69 12.35
C GLY H 21 21.31 -34.71 11.86
N LEU H 22 20.90 -33.76 11.01
CA LEU H 22 21.82 -32.72 10.59
C LEU H 22 22.11 -31.74 11.71
N PHE H 23 21.16 -31.56 12.63
CA PHE H 23 21.34 -30.64 13.74
C PHE H 23 22.41 -31.14 14.71
N LEU H 24 22.62 -32.45 14.76
CA LEU H 24 23.67 -33.01 15.60
C LEU H 24 25.00 -33.09 14.89
N ILE H 25 24.98 -33.26 13.57
CA ILE H 25 26.21 -33.22 12.80
C ILE H 25 26.82 -31.83 12.84
N ILE H 26 25.98 -30.80 12.75
CA ILE H 26 26.46 -29.43 12.85
C ILE H 26 26.95 -29.13 14.27
N SER H 27 26.13 -29.45 15.27
CA SER H 27 26.51 -29.18 16.65
C SER H 27 27.63 -30.09 17.13
N GLY H 28 27.83 -31.23 16.49
CA GLY H 28 29.01 -32.02 16.78
C GLY H 28 30.28 -31.35 16.31
N VAL H 29 30.20 -30.54 15.25
CA VAL H 29 31.35 -29.77 14.81
C VAL H 29 31.55 -28.56 15.70
N VAL H 30 30.46 -27.85 16.03
CA VAL H 30 30.54 -26.58 16.72
C VAL H 30 31.03 -26.76 18.15
N SER H 31 30.49 -27.76 18.85
CA SER H 31 30.96 -28.08 20.19
C SER H 31 32.42 -28.53 20.20
N LEU H 32 32.85 -29.25 19.17
CA LEU H 32 34.26 -29.46 18.94
C LEU H 32 34.99 -28.18 18.59
N PHE H 33 34.38 -27.30 17.80
CA PHE H 33 35.00 -26.04 17.43
C PHE H 33 35.08 -25.05 18.57
N ILE H 34 34.06 -25.00 19.44
CA ILE H 34 34.13 -24.13 20.61
C ILE H 34 35.22 -24.56 21.57
N PHE H 35 35.24 -25.82 21.97
CA PHE H 35 36.15 -26.31 23.00
C PHE H 35 37.61 -26.34 22.55
N GLY H 36 37.88 -26.13 21.25
CA GLY H 36 39.25 -26.12 20.79
C GLY H 36 40.06 -24.94 21.27
N PHE H 37 39.40 -23.81 21.53
CA PHE H 37 40.06 -22.63 22.06
C PHE H 37 39.35 -22.07 23.28
N CYS H 38 38.45 -22.84 23.88
CA CYS H 38 37.71 -22.35 25.03
C CYS H 38 37.94 -23.32 26.17
N TRP H 39 38.43 -24.50 25.81
CA TRP H 39 38.77 -25.56 26.74
C TRP H 39 40.19 -26.04 26.62
N LEU H 40 40.70 -26.23 25.40
CA LEU H 40 42.06 -26.69 25.14
C LEU H 40 43.10 -25.61 25.28
N SER H 41 42.79 -24.39 24.86
CA SER H 41 43.70 -23.26 25.03
C SER H 41 44.06 -22.96 26.49
N PRO H 42 43.17 -23.07 27.49
CA PRO H 42 43.69 -23.09 28.86
C PRO H 42 44.29 -24.42 29.26
N ALA H 43 43.97 -25.50 28.55
CA ALA H 43 44.46 -26.81 28.98
C ALA H 43 45.92 -27.03 28.59
N LEU H 44 46.25 -26.81 27.32
CA LEU H 44 47.59 -27.11 26.85
C LEU H 44 48.64 -26.14 27.38
N GLN H 45 48.23 -24.95 27.82
CA GLN H 45 49.16 -24.09 28.54
C GLN H 45 49.48 -24.66 29.91
N ASP H 46 48.51 -25.32 30.54
CA ASP H 46 48.78 -26.02 31.79
C ASP H 46 49.60 -27.28 31.57
N LEU H 47 49.46 -27.92 30.40
CA LEU H 47 50.26 -29.10 30.11
C LEU H 47 51.64 -28.74 29.57
N GLN H 48 51.96 -27.44 29.47
CA GLN H 48 53.27 -27.04 28.99
C GLN H 48 54.32 -27.18 30.09
N ALA H 49 53.93 -26.94 31.34
CA ALA H 49 54.84 -27.07 32.47
C ALA H 49 55.17 -28.54 32.72
N THR H 50 56.46 -28.85 32.77
CA THR H 50 56.89 -30.24 32.81
C THR H 50 57.12 -30.71 34.24
N GLU H 51 57.18 -32.02 34.43
CA GLU H 51 57.50 -32.57 35.74
C GLU H 51 58.99 -32.41 36.02
N ALA H 52 59.29 -31.66 37.07
CA ALA H 52 60.65 -31.58 37.57
C ALA H 52 60.77 -32.48 38.81
N ASN H 53 61.97 -32.58 39.35
CA ASN H 53 62.17 -33.33 40.58
C ASN H 53 62.99 -32.47 41.52
N CYS H 54 62.33 -31.60 42.27
CA CYS H 54 63.00 -30.50 42.94
C CYS H 54 63.06 -30.68 44.45
N THR H 55 63.99 -29.97 45.08
CA THR H 55 64.24 -30.09 46.49
C THR H 55 63.86 -28.82 47.24
N VAL H 56 63.46 -28.98 48.49
CA VAL H 56 63.02 -27.86 49.31
C VAL H 56 64.23 -27.04 49.73
N LEU H 57 64.25 -25.76 49.33
CA LEU H 57 65.33 -24.88 49.74
C LEU H 57 65.11 -24.32 51.14
N SER H 58 64.02 -23.55 51.32
CA SER H 58 63.80 -22.88 52.58
C SER H 58 62.32 -22.62 52.79
N VAL H 59 61.88 -22.71 54.04
CA VAL H 59 60.50 -22.47 54.43
C VAL H 59 60.49 -21.42 55.53
N GLN H 60 59.93 -20.26 55.25
CA GLN H 60 59.88 -19.19 56.23
C GLN H 60 58.49 -18.56 56.31
N GLN H 61 58.36 -17.52 57.11
CA GLN H 61 57.17 -16.70 57.16
C GLN H 61 57.55 -15.25 56.92
N ILE H 62 56.55 -14.38 56.82
CA ILE H 62 56.75 -12.97 56.51
C ILE H 62 56.23 -12.08 57.63
N GLY H 63 55.03 -12.36 58.12
CA GLY H 63 54.37 -11.50 59.06
C GLY H 63 53.27 -10.64 58.45
N GLU H 64 53.21 -10.57 57.13
CA GLU H 64 52.14 -9.85 56.45
C GLU H 64 50.88 -10.71 56.45
N VAL H 65 49.80 -10.16 56.98
CA VAL H 65 48.53 -10.86 56.96
C VAL H 65 47.90 -10.73 55.58
N PHE H 66 47.01 -11.65 55.27
CA PHE H 66 46.22 -11.60 54.06
C PHE H 66 44.79 -11.97 54.40
N GLU H 67 43.84 -11.24 53.83
CA GLU H 67 42.45 -11.33 54.26
C GLU H 67 41.74 -12.38 53.43
N CYS H 68 41.43 -13.51 54.06
CA CYS H 68 40.63 -14.56 53.43
C CYS H 68 39.15 -14.22 53.57
N THR H 69 38.28 -15.14 53.20
CA THR H 69 36.84 -14.91 53.29
C THR H 69 36.17 -16.23 53.64
N PHE H 70 35.72 -16.35 54.89
CA PHE H 70 34.98 -17.54 55.30
C PHE H 70 33.50 -17.30 55.08
N THR H 71 32.69 -18.28 55.47
CA THR H 71 31.25 -18.17 55.36
C THR H 71 30.59 -19.03 56.41
N CYS H 72 29.32 -18.73 56.67
CA CYS H 72 28.48 -19.54 57.53
C CYS H 72 27.71 -20.60 56.78
N GLY H 73 27.42 -20.35 55.50
CA GLY H 73 26.66 -21.25 54.68
C GLY H 73 25.45 -20.56 54.07
N ALA H 74 24.78 -19.73 54.86
CA ALA H 74 23.62 -18.98 54.39
C ALA H 74 24.02 -17.57 53.96
N ASP H 75 24.96 -17.53 53.01
CA ASP H 75 25.44 -16.30 52.36
C ASP H 75 26.03 -15.33 53.38
N CYS H 76 27.08 -15.78 54.06
CA CYS H 76 27.82 -14.93 54.97
C CYS H 76 29.14 -14.50 54.33
N ARG H 77 29.51 -13.24 54.55
CA ARG H 77 30.68 -12.64 53.94
C ARG H 77 31.74 -12.33 54.98
N GLY H 78 31.93 -13.26 55.93
CA GLY H 78 32.92 -13.06 56.97
C GLY H 78 34.32 -13.16 56.40
N THR H 79 35.16 -12.19 56.73
CA THR H 79 36.52 -12.11 56.22
C THR H 79 37.50 -12.14 57.38
N SER H 80 38.16 -13.27 57.56
CA SER H 80 39.23 -13.41 58.53
C SER H 80 40.57 -13.21 57.84
N GLN H 81 41.65 -13.49 58.54
CA GLN H 81 42.98 -13.27 58.00
C GLN H 81 43.88 -14.45 58.34
N TYR H 82 44.92 -14.64 57.52
CA TYR H 82 45.84 -15.74 57.67
C TYR H 82 47.26 -15.25 57.44
N PRO H 83 48.24 -15.79 58.16
CA PRO H 83 49.63 -15.44 57.91
C PRO H 83 50.14 -16.11 56.64
N CYS H 84 51.28 -15.62 56.17
CA CYS H 84 51.83 -16.08 54.90
C CYS H 84 53.08 -16.91 55.13
N VAL H 85 53.28 -17.89 54.24
CA VAL H 85 54.44 -18.78 54.28
C VAL H 85 55.02 -18.85 52.87
N GLN H 86 56.29 -18.48 52.73
CA GLN H 86 57.00 -18.58 51.47
C GLN H 86 57.90 -19.80 51.51
N VAL H 87 57.56 -20.82 50.74
CA VAL H 87 58.37 -22.03 50.62
C VAL H 87 59.16 -21.91 49.34
N TYR H 88 60.42 -21.51 49.47
CA TYR H 88 61.33 -21.51 48.33
C TYR H 88 61.90 -22.90 48.16
N VAL H 89 61.98 -23.35 46.90
CA VAL H 89 62.54 -24.66 46.60
C VAL H 89 63.67 -24.50 45.58
N ASN H 90 64.52 -25.52 45.56
CA ASN H 90 65.63 -25.59 44.63
C ASN H 90 65.23 -26.50 43.48
N ASN H 91 65.11 -25.94 42.29
CA ASN H 91 64.71 -26.73 41.14
C ASN H 91 65.85 -27.65 40.71
N SER H 92 65.48 -28.71 40.01
CA SER H 92 66.47 -29.58 39.38
C SER H 92 66.82 -29.12 37.98
N GLU H 93 65.82 -28.71 37.21
CA GLU H 93 66.02 -28.41 35.79
C GLU H 93 66.44 -26.96 35.58
N SER H 94 65.61 -26.02 36.02
CA SER H 94 65.95 -24.61 35.90
C SER H 94 66.74 -24.10 37.10
N ASN H 95 67.07 -24.99 38.05
CA ASN H 95 67.96 -24.86 39.21
C ASN H 95 68.00 -23.49 39.87
N SER H 96 66.82 -22.93 40.14
CA SER H 96 66.73 -21.58 40.66
C SER H 96 65.89 -21.56 41.93
N ARG H 97 65.84 -20.40 42.56
CA ARG H 97 65.10 -20.19 43.79
C ARG H 97 63.69 -19.72 43.44
N ALA H 98 62.71 -20.57 43.74
CA ALA H 98 61.34 -20.32 43.30
C ALA H 98 60.37 -20.86 44.34
N LEU H 99 59.18 -20.28 44.37
CA LEU H 99 58.18 -20.63 45.37
C LEU H 99 57.44 -21.91 44.98
N LEU H 100 56.77 -22.51 45.95
CA LEU H 100 55.77 -23.53 45.68
C LEU H 100 54.39 -22.91 45.65
N HIS H 101 53.49 -23.56 44.93
CA HIS H 101 52.11 -23.14 44.84
C HIS H 101 51.24 -24.37 44.72
N SER H 102 50.13 -24.37 45.46
CA SER H 102 49.26 -25.55 45.49
C SER H 102 48.59 -25.77 44.14
N ASP H 103 48.12 -24.69 43.52
CA ASP H 103 47.66 -24.70 42.14
C ASP H 103 47.77 -23.29 41.60
N GLU H 104 47.30 -23.10 40.36
CA GLU H 104 47.25 -21.76 39.80
C GLU H 104 46.24 -20.89 40.53
N HIS H 105 45.18 -21.51 41.07
CA HIS H 105 44.19 -20.76 41.82
C HIS H 105 44.76 -20.20 43.11
N GLN H 106 45.66 -20.96 43.75
CA GLN H 106 46.41 -20.39 44.85
C GLN H 106 47.43 -19.39 44.35
N LEU H 107 47.93 -19.59 43.13
CA LEU H 107 48.97 -18.72 42.59
C LEU H 107 48.39 -17.38 42.14
N LEU H 108 47.28 -17.41 41.41
CA LEU H 108 46.77 -16.17 40.80
C LEU H 108 46.16 -15.25 41.83
N THR H 109 45.59 -15.80 42.91
CA THR H 109 45.00 -14.95 43.93
C THR H 109 46.06 -14.34 44.84
N ASN H 110 46.96 -15.16 45.38
CA ASN H 110 48.07 -14.68 46.20
C ASN H 110 49.35 -15.34 45.74
N PRO H 111 50.11 -14.70 44.87
CA PRO H 111 51.42 -15.25 44.49
C PRO H 111 52.46 -15.11 45.59
N LYS H 112 52.27 -14.19 46.54
CA LYS H 112 53.25 -14.01 47.60
C LYS H 112 53.23 -15.12 48.62
N CYS H 113 52.18 -15.92 48.66
CA CYS H 113 52.10 -17.03 49.60
C CYS H 113 52.17 -18.35 48.85
N SER H 114 52.58 -19.39 49.57
CA SER H 114 52.63 -20.73 49.01
C SER H 114 51.38 -21.53 49.26
N TYR H 115 50.65 -21.24 50.34
CA TYR H 115 49.55 -22.09 50.76
C TYR H 115 48.46 -21.23 51.37
N ILE H 116 47.38 -21.02 50.62
CA ILE H 116 46.17 -20.39 51.14
C ILE H 116 45.40 -21.46 51.90
N PRO H 117 45.20 -21.32 53.20
CA PRO H 117 44.39 -22.29 53.94
C PRO H 117 42.92 -22.07 53.64
N PRO H 118 42.08 -23.08 53.86
CA PRO H 118 40.63 -22.85 53.78
C PRO H 118 40.20 -21.94 54.92
N CYS H 119 39.57 -20.82 54.55
CA CYS H 119 39.34 -19.74 55.50
C CYS H 119 38.24 -20.11 56.48
N LYS H 120 38.54 -19.96 57.76
CA LYS H 120 37.60 -20.23 58.84
C LYS H 120 37.29 -18.94 59.57
N ARG H 121 36.37 -19.04 60.53
CA ARG H 121 35.87 -17.85 61.22
C ARG H 121 36.92 -17.23 62.13
N GLU H 122 37.39 -18.00 63.10
CA GLU H 122 38.37 -17.50 64.05
C GLU H 122 39.74 -17.41 63.38
N ASN H 123 40.50 -16.37 63.75
CA ASN H 123 41.85 -16.22 63.23
C ASN H 123 42.77 -17.32 63.73
N GLN H 124 42.52 -17.81 64.94
CA GLN H 124 43.31 -18.90 65.50
C GLN H 124 43.07 -20.19 64.74
N LYS H 125 41.86 -20.40 64.24
CA LYS H 125 41.58 -21.55 63.39
C LYS H 125 42.36 -21.47 62.09
N ASN H 126 42.42 -20.28 61.49
CA ASN H 126 43.22 -20.10 60.30
C ASN H 126 44.71 -20.07 60.61
N LEU H 127 45.08 -19.70 61.84
CA LEU H 127 46.48 -19.72 62.23
C LEU H 127 47.02 -21.14 62.33
N GLU H 128 46.24 -22.03 62.95
CA GLU H 128 46.71 -23.40 63.17
C GLU H 128 46.76 -24.18 61.86
N SER H 129 45.89 -23.86 60.90
CA SER H 129 45.96 -24.50 59.59
C SER H 129 47.20 -24.10 58.83
N VAL H 130 47.78 -22.94 59.12
CA VAL H 130 49.04 -22.55 58.51
C VAL H 130 50.18 -23.38 59.07
N MET H 131 50.29 -23.40 60.41
CA MET H 131 51.45 -24.04 61.04
C MET H 131 51.37 -25.56 60.93
N ASN H 132 50.17 -26.13 60.85
CA ASN H 132 50.03 -27.55 60.58
C ASN H 132 50.53 -27.87 59.18
N TRP H 133 50.21 -27.02 58.21
CA TRP H 133 50.80 -27.15 56.89
C TRP H 133 52.28 -26.82 56.92
N GLN H 134 52.69 -25.88 57.77
CA GLN H 134 54.10 -25.52 57.84
C GLN H 134 54.92 -26.63 58.47
N GLN H 135 54.35 -27.34 59.44
CA GLN H 135 55.06 -28.44 60.10
C GLN H 135 55.35 -29.58 59.13
N TYR H 136 54.48 -29.79 58.15
CA TYR H 136 54.74 -30.76 57.09
C TYR H 136 55.92 -30.34 56.21
N TRP H 137 56.27 -29.07 56.20
CA TRP H 137 57.37 -28.60 55.38
C TRP H 137 58.56 -28.08 56.19
N LYS H 138 58.48 -28.13 57.51
CA LYS H 138 59.65 -27.85 58.35
C LYS H 138 60.35 -29.12 58.81
N ASP H 139 59.73 -30.28 58.65
CA ASP H 139 60.38 -31.54 59.00
C ASP H 139 60.98 -32.25 57.80
N GLU H 140 60.39 -32.06 56.62
CA GLU H 140 60.77 -32.78 55.42
C GLU H 140 61.37 -31.76 54.45
N ILE H 141 62.67 -31.49 54.64
CA ILE H 141 63.38 -30.46 53.91
C ILE H 141 64.56 -31.10 53.21
N GLY H 142 64.64 -30.92 51.89
CA GLY H 142 65.74 -31.52 51.13
C GLY H 142 65.60 -33.00 50.83
N SER H 143 65.35 -33.81 51.86
CA SER H 143 65.06 -35.22 51.69
C SER H 143 63.73 -35.41 50.94
N GLN H 144 63.60 -36.60 50.35
CA GLN H 144 62.56 -36.98 49.39
C GLN H 144 62.18 -35.87 48.38
N PRO H 145 63.05 -35.62 47.37
CA PRO H 145 62.70 -34.64 46.32
C PRO H 145 61.46 -35.05 45.55
N PHE H 146 60.52 -34.13 45.43
CA PHE H 146 59.18 -34.46 44.94
C PHE H 146 59.00 -34.01 43.50
N THR H 147 58.00 -34.60 42.85
CA THR H 147 57.58 -34.15 41.53
C THR H 147 56.95 -32.77 41.64
N CYS H 148 57.34 -31.87 40.74
CA CYS H 148 56.92 -30.48 40.84
C CYS H 148 56.88 -29.88 39.43
N TYR H 149 55.82 -29.15 39.14
CA TYR H 149 55.58 -28.63 37.81
C TYR H 149 56.11 -27.23 37.66
N PHE H 150 56.92 -27.00 36.62
CA PHE H 150 57.51 -25.69 36.37
C PHE H 150 57.47 -25.38 34.89
N ASN H 151 57.22 -24.11 34.57
CA ASN H 151 57.23 -23.62 33.21
C ASN H 151 58.35 -22.61 33.04
N GLN H 152 59.14 -22.79 32.00
CA GLN H 152 60.23 -21.86 31.68
C GLN H 152 59.82 -20.80 30.67
N HIS H 153 58.52 -20.66 30.44
CA HIS H 153 57.99 -19.66 29.51
C HIS H 153 57.21 -18.57 30.21
N GLN H 154 56.21 -18.94 31.00
CA GLN H 154 55.30 -17.96 31.60
C GLN H 154 55.80 -17.48 32.95
N ARG H 155 55.94 -18.38 33.91
CA ARG H 155 56.34 -18.02 35.27
C ARG H 155 57.78 -18.44 35.51
N PRO H 156 58.74 -17.51 35.47
CA PRO H 156 60.15 -17.90 35.63
C PRO H 156 60.52 -18.29 37.05
N ASP H 157 59.68 -18.00 38.05
CA ASP H 157 60.04 -18.24 39.43
C ASP H 157 58.90 -18.79 40.26
N ASP H 158 57.99 -19.55 39.65
CA ASP H 158 56.85 -20.10 40.35
C ASP H 158 56.69 -21.56 39.97
N VAL H 159 56.64 -22.44 40.98
CA VAL H 159 56.56 -23.88 40.77
C VAL H 159 55.22 -24.34 41.33
N LEU H 160 54.51 -25.15 40.56
CA LEU H 160 53.24 -25.69 41.01
C LEU H 160 53.43 -27.06 41.66
N LEU H 161 52.47 -27.42 42.51
CA LEU H 161 52.42 -28.74 43.13
C LEU H 161 51.52 -29.70 42.39
N HIS H 162 50.57 -29.19 41.61
CA HIS H 162 49.59 -30.03 40.93
C HIS H 162 49.36 -29.46 39.54
N ARG H 163 48.34 -29.97 38.86
CA ARG H 163 47.88 -29.38 37.62
C ARG H 163 46.49 -28.80 37.86
N THR H 164 46.04 -27.96 36.94
CA THR H 164 44.67 -27.50 36.99
C THR H 164 43.71 -28.59 36.51
N HIS H 165 44.23 -29.51 35.71
CA HIS H 165 43.38 -30.54 35.11
C HIS H 165 44.02 -31.91 35.22
N ASP H 166 43.46 -32.89 34.52
CA ASP H 166 43.90 -34.27 34.61
C ASP H 166 44.45 -34.65 33.24
N GLU H 167 44.83 -35.92 33.07
CA GLU H 167 45.07 -36.46 31.74
C GLU H 167 43.78 -36.55 30.94
N ILE H 168 42.64 -36.66 31.64
CA ILE H 168 41.35 -36.90 31.01
C ILE H 168 40.76 -35.63 30.40
N VAL H 169 41.42 -34.49 30.61
CA VAL H 169 40.91 -33.23 30.06
C VAL H 169 41.07 -33.18 28.55
N LEU H 170 41.99 -33.98 27.99
CA LEU H 170 42.10 -34.09 26.54
C LEU H 170 41.03 -35.00 25.97
N LEU H 171 40.44 -35.85 26.82
CA LEU H 171 39.51 -36.85 26.32
C LEU H 171 38.15 -36.25 26.01
N HIS H 172 37.50 -35.66 27.02
CA HIS H 172 36.10 -35.29 26.92
C HIS H 172 35.84 -34.11 26.00
N CYS H 173 36.86 -33.34 25.66
CA CYS H 173 36.69 -32.28 24.67
C CYS H 173 36.75 -32.80 23.25
N PHE H 174 37.45 -33.91 23.01
CA PHE H 174 37.43 -34.55 21.72
C PHE H 174 36.40 -35.67 21.62
N LEU H 175 36.00 -36.26 22.74
CA LEU H 175 35.14 -37.42 22.69
C LEU H 175 33.70 -37.04 22.37
N TRP H 176 33.08 -36.30 23.26
CA TRP H 176 31.63 -36.12 23.25
C TRP H 176 31.05 -35.27 22.12
N PRO H 177 31.73 -34.27 21.55
CA PRO H 177 31.26 -33.77 20.26
C PRO H 177 31.38 -34.81 19.15
N LEU H 178 32.42 -35.64 19.16
CA LEU H 178 32.51 -36.69 18.16
C LEU H 178 31.52 -37.81 18.45
N VAL H 179 31.18 -38.04 19.72
CA VAL H 179 30.07 -38.92 20.04
C VAL H 179 28.78 -38.34 19.50
N THR H 180 28.59 -37.04 19.67
CA THR H 180 27.44 -36.35 19.08
C THR H 180 27.50 -36.36 17.56
N PHE H 181 28.70 -36.36 17.00
CA PHE H 181 28.85 -36.36 15.56
C PHE H 181 28.47 -37.71 14.96
N VAL H 182 28.93 -38.81 15.56
CA VAL H 182 28.67 -40.13 15.01
C VAL H 182 27.19 -40.49 15.14
N VAL H 183 26.59 -40.18 16.29
CA VAL H 183 25.16 -40.42 16.50
C VAL H 183 24.34 -39.58 15.55
N GLY H 184 24.78 -38.35 15.27
CA GLY H 184 24.13 -37.54 14.26
C GLY H 184 24.24 -38.11 12.86
N VAL H 185 25.32 -38.85 12.59
CA VAL H 185 25.43 -39.54 11.31
C VAL H 185 24.53 -40.77 11.29
N LEU H 186 24.51 -41.53 12.40
CA LEU H 186 23.72 -42.75 12.47
C LEU H 186 22.22 -42.50 12.42
N ILE H 187 21.77 -41.30 12.76
CA ILE H 187 20.37 -40.95 12.54
C ILE H 187 20.11 -40.77 11.05
N VAL H 188 21.02 -40.09 10.36
CA VAL H 188 20.82 -39.80 8.94
C VAL H 188 20.99 -41.06 8.10
N VAL H 189 21.98 -41.88 8.42
CA VAL H 189 22.25 -43.09 7.64
C VAL H 189 21.12 -44.09 7.80
N LEU H 190 20.68 -44.34 9.03
CA LEU H 190 19.60 -45.29 9.24
C LEU H 190 18.25 -44.75 8.78
N THR H 191 18.10 -43.45 8.57
CA THR H 191 16.87 -42.95 7.98
C THR H 191 16.85 -43.24 6.49
N ILE H 192 17.98 -43.02 5.82
CA ILE H 192 18.07 -43.25 4.38
C ILE H 192 17.99 -44.73 4.07
N CYS H 193 18.69 -45.56 4.85
CA CYS H 193 18.74 -47.00 4.58
C CYS H 193 17.39 -47.67 4.83
N ALA H 194 16.71 -47.28 5.91
CA ALA H 194 15.41 -47.88 6.18
C ALA H 194 14.36 -47.38 5.20
N LYS H 195 14.49 -46.15 4.73
CA LYS H 195 13.59 -45.66 3.68
C LYS H 195 13.85 -46.40 2.38
N SER H 196 15.13 -46.62 2.04
CA SER H 196 15.46 -47.35 0.83
C SER H 196 15.05 -48.82 0.92
N LEU H 197 14.96 -49.36 2.13
CA LEU H 197 14.36 -50.68 2.30
C LEU H 197 12.83 -50.59 2.33
N ALA H 198 12.28 -49.40 2.56
CA ALA H 198 10.83 -49.24 2.55
C ALA H 198 10.29 -48.73 1.22
N VAL H 199 11.15 -48.41 0.27
CA VAL H 199 10.71 -47.97 -1.05
C VAL H 199 11.06 -48.98 -2.14
N LYS H 200 12.07 -49.83 -1.92
CA LYS H 200 12.46 -50.82 -2.91
C LYS H 200 11.87 -52.19 -2.65
N ALA H 201 11.83 -52.63 -1.39
CA ALA H 201 11.27 -53.93 -1.07
C ALA H 201 9.75 -53.95 -1.09
N GLU H 202 9.10 -52.79 -1.16
CA GLU H 202 7.66 -52.73 -1.34
C GLU H 202 7.23 -53.18 -2.73
N ALA H 203 8.08 -52.97 -3.73
CA ALA H 203 7.75 -53.28 -5.12
C ALA H 203 8.21 -54.68 -5.52
N MET H 204 8.20 -55.63 -4.60
CA MET H 204 8.58 -57.01 -4.90
C MET H 204 7.36 -57.85 -5.31
N LYS H 205 6.38 -57.20 -5.91
CA LYS H 205 5.13 -57.85 -6.31
C LYS H 205 5.19 -58.30 -7.76
#